data_2M5W
#
_entry.id   2M5W
#
_entity_poly.entity_id   1
_entity_poly.type   'polypeptide(L)'
_entity_poly.pdbx_seq_one_letter_code
;MSEETSTQILKQVEYYFSDSNFPRDKFLRSEAAKNVDNYISIDVIASFNRMKTISTDLQLITEALKKSTRLQVSEDGKMV
RRLDPLPENID
;
_entity_poly.pdbx_strand_id   A
#
# COMPACT_ATOMS: atom_id res chain seq x y z
N MET A 1 -3.63 -13.72 11.74
CA MET A 1 -4.78 -13.56 10.84
C MET A 1 -5.62 -12.40 11.36
N SER A 2 -6.85 -12.24 10.85
CA SER A 2 -7.79 -11.26 11.35
C SER A 2 -7.14 -9.87 11.43
N GLU A 3 -7.58 -9.03 12.36
CA GLU A 3 -7.11 -7.66 12.40
C GLU A 3 -5.66 -7.55 12.85
N GLU A 4 -5.06 -8.57 13.47
CA GLU A 4 -3.63 -8.52 13.75
C GLU A 4 -2.84 -8.49 12.46
N THR A 5 -2.91 -9.55 11.64
CA THR A 5 -2.12 -9.61 10.42
C THR A 5 -2.58 -8.56 9.42
N SER A 6 -3.89 -8.35 9.30
CA SER A 6 -4.40 -7.33 8.40
C SER A 6 -3.79 -5.98 8.78
N THR A 7 -3.81 -5.62 10.06
CA THR A 7 -3.26 -4.35 10.52
C THR A 7 -1.76 -4.31 10.42
N GLN A 8 -1.05 -5.42 10.63
CA GLN A 8 0.40 -5.46 10.41
C GLN A 8 0.70 -4.96 9.02
N ILE A 9 -0.04 -5.52 8.07
CA ILE A 9 0.19 -5.27 6.67
C ILE A 9 -0.22 -3.84 6.37
N LEU A 10 -1.30 -3.39 7.00
CA LEU A 10 -1.85 -2.06 6.80
C LEU A 10 -0.82 -1.00 7.14
N LYS A 11 -0.18 -1.14 8.30
CA LYS A 11 0.94 -0.29 8.68
C LYS A 11 2.03 -0.41 7.62
N GLN A 12 2.36 -1.64 7.23
CA GLN A 12 3.49 -1.92 6.37
C GLN A 12 3.29 -1.32 4.97
N VAL A 13 2.05 -1.23 4.51
CA VAL A 13 1.68 -0.70 3.22
C VAL A 13 1.90 0.80 3.27
N GLU A 14 1.27 1.47 4.24
CA GLU A 14 1.42 2.92 4.36
C GLU A 14 2.88 3.28 4.63
N TYR A 15 3.63 2.42 5.32
CA TYR A 15 4.99 2.65 5.73
C TYR A 15 5.85 2.95 4.51
N TYR A 16 5.71 2.20 3.41
CA TYR A 16 6.48 2.47 2.21
C TYR A 16 6.28 3.89 1.68
N PHE A 17 5.10 4.49 1.89
CA PHE A 17 4.85 5.88 1.53
C PHE A 17 5.37 6.83 2.62
N SER A 18 5.27 6.41 3.87
CA SER A 18 5.50 7.22 5.05
C SER A 18 6.98 7.43 5.32
N ASP A 19 7.81 6.49 4.88
CA ASP A 19 9.24 6.47 5.11
C ASP A 19 9.94 7.27 4.01
N SER A 20 9.24 8.27 3.47
CA SER A 20 9.51 8.98 2.24
C SER A 20 10.11 8.09 1.14
N ASN A 21 9.73 6.80 1.11
CA ASN A 21 10.44 5.87 0.26
C ASN A 21 9.81 5.78 -1.11
N PHE A 22 8.57 6.24 -1.33
CA PHE A 22 8.00 6.24 -2.68
C PHE A 22 8.84 7.05 -3.65
N PRO A 23 9.19 8.32 -3.37
CA PRO A 23 9.90 9.11 -4.35
C PRO A 23 11.28 8.52 -4.69
N ARG A 24 11.85 7.74 -3.76
CA ARG A 24 13.14 7.11 -3.91
C ARG A 24 13.04 5.84 -4.77
N ASP A 25 12.15 4.93 -4.38
CA ASP A 25 12.09 3.61 -4.97
C ASP A 25 11.31 3.70 -6.27
N LYS A 26 12.02 3.72 -7.39
CA LYS A 26 11.36 3.83 -8.69
C LYS A 26 10.44 2.65 -8.99
N PHE A 27 10.50 1.57 -8.22
CA PHE A 27 9.48 0.53 -8.23
C PHE A 27 8.10 1.12 -7.91
N LEU A 28 8.00 1.81 -6.77
CA LEU A 28 6.78 2.52 -6.41
C LEU A 28 6.49 3.54 -7.49
N ARG A 29 7.49 4.40 -7.73
CA ARG A 29 7.32 5.60 -8.53
C ARG A 29 6.88 5.30 -9.96
N SER A 30 7.26 4.16 -10.53
CA SER A 30 6.83 3.77 -11.87
C SER A 30 5.31 3.64 -11.88
N GLU A 31 4.77 3.05 -10.81
CA GLU A 31 3.35 2.83 -10.73
C GLU A 31 2.65 4.14 -10.44
N ALA A 32 3.16 4.90 -9.46
CA ALA A 32 2.64 6.19 -9.06
C ALA A 32 2.54 7.13 -10.27
N ALA A 33 3.52 7.05 -11.18
CA ALA A 33 3.63 7.87 -12.38
C ALA A 33 2.46 7.72 -13.35
N LYS A 34 1.49 6.85 -13.09
CA LYS A 34 0.31 6.74 -13.94
C LYS A 34 -0.67 7.85 -13.55
N ASN A 35 -0.66 8.32 -12.31
CA ASN A 35 -1.49 9.45 -11.90
C ASN A 35 -0.93 10.12 -10.66
N VAL A 36 0.29 10.63 -10.75
CA VAL A 36 0.99 11.30 -9.66
C VAL A 36 1.32 10.31 -8.53
N ASP A 37 0.32 9.90 -7.75
CA ASP A 37 0.41 8.85 -6.73
C ASP A 37 -1.01 8.35 -6.39
N ASN A 38 -1.89 8.35 -7.40
CA ASN A 38 -3.27 7.92 -7.27
C ASN A 38 -3.52 6.56 -7.91
N TYR A 39 -2.53 6.00 -8.60
CA TYR A 39 -2.64 4.75 -9.34
C TYR A 39 -1.49 3.88 -8.88
N ILE A 40 -1.82 2.80 -8.17
CA ILE A 40 -0.85 1.89 -7.62
C ILE A 40 -1.44 0.48 -7.78
N SER A 41 -1.07 -0.29 -8.80
CA SER A 41 -1.67 -1.60 -8.98
C SER A 41 -1.29 -2.50 -7.82
N ILE A 42 -2.24 -3.36 -7.42
CA ILE A 42 -1.94 -4.41 -6.46
C ILE A 42 -0.94 -5.42 -6.99
N ASP A 43 -0.58 -5.37 -8.28
CA ASP A 43 0.52 -6.18 -8.78
C ASP A 43 1.82 -5.76 -8.10
N VAL A 44 2.07 -4.44 -8.02
CA VAL A 44 3.26 -3.88 -7.41
C VAL A 44 3.24 -4.19 -5.92
N ILE A 45 2.09 -3.97 -5.26
CA ILE A 45 1.97 -4.08 -3.82
C ILE A 45 2.03 -5.55 -3.39
N ALA A 46 1.49 -6.44 -4.20
CA ALA A 46 1.67 -7.86 -4.00
C ALA A 46 3.14 -8.22 -4.24
N SER A 47 3.75 -7.60 -5.23
CA SER A 47 5.12 -7.89 -5.63
C SER A 47 6.14 -7.12 -4.78
N PHE A 48 5.71 -6.44 -3.70
CA PHE A 48 6.61 -5.69 -2.82
C PHE A 48 7.56 -6.57 -2.00
N ASN A 49 7.60 -7.89 -2.25
CA ASN A 49 8.37 -8.89 -1.52
C ASN A 49 7.94 -8.97 -0.06
N ARG A 50 8.36 -8.02 0.78
CA ARG A 50 8.02 -7.93 2.19
C ARG A 50 6.52 -8.07 2.42
N MET A 51 5.72 -7.42 1.57
CA MET A 51 4.28 -7.48 1.65
C MET A 51 3.81 -8.87 1.33
N LYS A 52 4.34 -9.50 0.28
CA LYS A 52 3.97 -10.85 -0.08
C LYS A 52 4.24 -11.80 1.06
N THR A 53 5.35 -11.63 1.77
CA THR A 53 5.72 -12.51 2.85
C THR A 53 4.79 -12.30 4.04
N ILE A 54 4.56 -11.04 4.45
CA ILE A 54 3.76 -10.80 5.65
C ILE A 54 2.31 -11.26 5.38
N SER A 55 1.84 -11.11 4.14
CA SER A 55 0.50 -11.54 3.76
C SER A 55 0.40 -13.03 3.58
N THR A 56 1.41 -13.62 2.96
CA THR A 56 1.40 -15.00 2.47
C THR A 56 0.34 -15.27 1.38
N ASP A 57 -0.71 -14.44 1.24
CA ASP A 57 -1.80 -14.64 0.31
C ASP A 57 -2.27 -13.25 -0.15
N LEU A 58 -2.56 -13.11 -1.44
CA LEU A 58 -3.11 -11.90 -2.04
C LEU A 58 -4.45 -11.52 -1.44
N GLN A 59 -5.15 -12.46 -0.82
CA GLN A 59 -6.40 -12.24 -0.11
C GLN A 59 -6.16 -11.22 0.99
N LEU A 60 -5.15 -11.47 1.85
CA LEU A 60 -4.82 -10.56 2.93
C LEU A 60 -4.32 -9.23 2.38
N ILE A 61 -3.62 -9.24 1.25
CA ILE A 61 -3.15 -7.98 0.69
C ILE A 61 -4.36 -7.16 0.20
N THR A 62 -5.34 -7.85 -0.35
CA THR A 62 -6.52 -7.19 -0.91
C THR A 62 -7.37 -6.65 0.23
N GLU A 63 -7.55 -7.40 1.32
CA GLU A 63 -8.32 -6.91 2.45
C GLU A 63 -7.59 -5.73 3.07
N ALA A 64 -6.27 -5.81 3.20
CA ALA A 64 -5.51 -4.73 3.81
C ALA A 64 -5.79 -3.42 3.09
N LEU A 65 -5.75 -3.46 1.75
CA LEU A 65 -6.06 -2.29 0.94
C LEU A 65 -7.52 -1.88 1.13
N LYS A 66 -8.45 -2.83 1.22
CA LYS A 66 -9.85 -2.51 1.43
C LYS A 66 -10.06 -1.78 2.77
N LYS A 67 -9.21 -2.05 3.76
CA LYS A 67 -9.27 -1.40 5.07
C LYS A 67 -8.22 -0.30 5.21
N SER A 68 -7.69 0.27 4.13
CA SER A 68 -6.53 1.16 4.20
C SER A 68 -6.70 2.31 5.20
N THR A 69 -5.60 2.67 5.87
CA THR A 69 -5.56 3.62 6.96
C THR A 69 -5.43 5.04 6.40
N ARG A 70 -4.30 5.36 5.76
CA ARG A 70 -4.13 6.65 5.09
C ARG A 70 -4.06 6.53 3.58
N LEU A 71 -4.49 5.40 3.06
CA LEU A 71 -4.70 5.26 1.64
C LEU A 71 -6.18 4.89 1.45
N GLN A 72 -6.68 4.98 0.23
CA GLN A 72 -8.02 4.60 -0.14
C GLN A 72 -7.89 3.79 -1.41
N VAL A 73 -8.37 2.55 -1.39
CA VAL A 73 -8.34 1.69 -2.56
C VAL A 73 -9.62 1.96 -3.33
N SER A 74 -9.52 2.00 -4.66
CA SER A 74 -10.68 2.06 -5.52
C SER A 74 -11.49 0.78 -5.35
N GLU A 75 -12.75 0.83 -5.79
CA GLU A 75 -13.63 -0.31 -5.84
C GLU A 75 -13.08 -1.39 -6.77
N ASP A 76 -12.19 -1.01 -7.70
CA ASP A 76 -11.59 -1.98 -8.61
C ASP A 76 -10.53 -2.81 -7.90
N GLY A 77 -10.02 -2.33 -6.75
CA GLY A 77 -8.96 -3.02 -6.03
C GLY A 77 -7.70 -3.16 -6.85
N LYS A 78 -7.48 -2.24 -7.79
CA LYS A 78 -6.27 -2.15 -8.60
C LYS A 78 -5.72 -0.73 -8.62
N MET A 79 -6.25 0.16 -7.79
CA MET A 79 -5.54 1.37 -7.46
C MET A 79 -5.77 1.68 -6.00
N VAL A 80 -4.86 2.43 -5.43
CA VAL A 80 -5.01 3.01 -4.12
C VAL A 80 -4.33 4.37 -4.19
N ARG A 81 -4.83 5.36 -3.44
CA ARG A 81 -4.17 6.66 -3.38
C ARG A 81 -3.91 7.01 -1.94
N ARG A 82 -2.81 7.69 -1.65
CA ARG A 82 -2.47 8.11 -0.30
C ARG A 82 -2.94 9.54 -0.07
N LEU A 83 -2.62 10.12 1.09
CA LEU A 83 -3.13 11.42 1.46
C LEU A 83 -2.24 12.50 0.87
N ASP A 84 -2.82 13.68 0.60
CA ASP A 84 -2.07 14.89 0.29
C ASP A 84 -1.04 15.19 1.40
N PRO A 85 -1.46 15.46 2.64
CA PRO A 85 -0.53 15.75 3.71
C PRO A 85 0.38 14.55 3.98
N LEU A 86 1.64 14.84 4.31
CA LEU A 86 2.59 13.80 4.67
C LEU A 86 2.11 13.09 5.93
N PRO A 87 2.39 11.78 6.07
CA PRO A 87 2.10 11.07 7.29
C PRO A 87 3.11 11.49 8.35
N GLU A 88 2.67 11.48 9.61
CA GLU A 88 3.50 11.85 10.75
C GLU A 88 3.29 10.80 11.83
N ASN A 89 4.24 9.86 11.97
CA ASN A 89 4.18 8.75 12.92
C ASN A 89 2.87 8.01 12.88
N ILE A 90 2.40 7.70 11.68
CA ILE A 90 1.13 7.03 11.57
C ILE A 90 1.37 5.53 11.70
N ASP A 91 0.39 4.89 12.33
CA ASP A 91 0.25 3.47 12.50
C ASP A 91 -1.27 3.27 12.62
N MET A 1 -3.35 -14.20 13.84
CA MET A 1 -4.79 -13.86 13.68
C MET A 1 -4.97 -13.10 12.38
N SER A 2 -6.19 -13.13 11.82
CA SER A 2 -6.50 -12.39 10.60
C SER A 2 -6.22 -10.91 10.79
N GLU A 3 -6.84 -10.26 11.77
CA GLU A 3 -6.67 -8.82 11.95
C GLU A 3 -5.28 -8.44 12.44
N GLU A 4 -4.57 -9.34 13.14
CA GLU A 4 -3.17 -9.10 13.46
C GLU A 4 -2.39 -8.93 12.17
N THR A 5 -2.43 -9.93 11.28
CA THR A 5 -1.66 -9.90 10.05
C THR A 5 -2.10 -8.72 9.19
N SER A 6 -3.41 -8.53 9.05
CA SER A 6 -3.98 -7.51 8.21
C SER A 6 -3.56 -6.13 8.71
N THR A 7 -3.48 -5.92 10.01
CA THR A 7 -3.06 -4.65 10.60
C THR A 7 -1.55 -4.47 10.52
N GLN A 8 -0.78 -5.54 10.67
CA GLN A 8 0.66 -5.50 10.51
C GLN A 8 0.97 -5.06 9.09
N ILE A 9 0.21 -5.58 8.14
CA ILE A 9 0.50 -5.32 6.74
C ILE A 9 -0.05 -3.97 6.38
N LEU A 10 -1.17 -3.58 6.99
CA LEU A 10 -1.75 -2.25 6.81
C LEU A 10 -0.71 -1.18 7.12
N LYS A 11 -0.11 -1.27 8.31
CA LYS A 11 0.90 -0.31 8.72
C LYS A 11 2.19 -0.47 7.93
N GLN A 12 2.38 -1.62 7.27
CA GLN A 12 3.46 -1.77 6.30
C GLN A 12 3.12 -1.16 4.93
N VAL A 13 1.84 -1.12 4.55
CA VAL A 13 1.37 -0.55 3.30
C VAL A 13 1.55 0.94 3.40
N GLU A 14 1.00 1.55 4.46
CA GLU A 14 1.15 2.97 4.66
C GLU A 14 2.62 3.32 4.73
N TYR A 15 3.44 2.48 5.36
CA TYR A 15 4.84 2.72 5.66
C TYR A 15 5.57 2.97 4.34
N TYR A 16 5.30 2.21 3.29
CA TYR A 16 5.95 2.48 2.01
C TYR A 16 5.65 3.90 1.49
N PHE A 17 4.48 4.45 1.82
CA PHE A 17 4.07 5.81 1.45
C PHE A 17 4.16 6.82 2.61
N SER A 18 4.70 6.40 3.76
CA SER A 18 4.80 7.20 4.97
C SER A 18 6.27 7.49 5.29
N ASP A 19 7.17 6.55 4.96
CA ASP A 19 8.60 6.55 5.23
C ASP A 19 9.35 7.36 4.16
N SER A 20 8.62 8.16 3.39
CA SER A 20 9.09 8.83 2.18
C SER A 20 9.90 7.89 1.28
N ASN A 21 9.59 6.59 1.25
CA ASN A 21 10.28 5.67 0.36
C ASN A 21 9.69 5.71 -1.05
N PHE A 22 8.39 6.00 -1.23
CA PHE A 22 7.82 6.00 -2.57
C PHE A 22 8.58 6.93 -3.53
N PRO A 23 8.88 8.19 -3.18
CA PRO A 23 9.54 9.07 -4.12
C PRO A 23 11.01 8.69 -4.33
N ARG A 24 11.57 7.83 -3.49
CA ARG A 24 12.95 7.39 -3.57
C ARG A 24 13.06 6.08 -4.34
N ASP A 25 12.01 5.28 -4.34
CA ASP A 25 12.04 3.93 -4.83
C ASP A 25 11.39 3.91 -6.20
N LYS A 26 12.23 3.79 -7.23
CA LYS A 26 11.80 3.74 -8.62
C LYS A 26 10.70 2.70 -8.85
N PHE A 27 10.67 1.63 -8.07
CA PHE A 27 9.63 0.62 -8.11
C PHE A 27 8.26 1.26 -7.92
N LEU A 28 8.10 2.01 -6.83
CA LEU A 28 6.84 2.67 -6.58
C LEU A 28 6.62 3.73 -7.64
N ARG A 29 7.59 4.62 -7.84
CA ARG A 29 7.48 5.69 -8.83
C ARG A 29 7.09 5.17 -10.21
N SER A 30 7.44 3.95 -10.61
CA SER A 30 7.00 3.43 -11.90
C SER A 30 5.48 3.32 -11.95
N GLU A 31 4.87 2.75 -10.90
CA GLU A 31 3.43 2.56 -10.92
C GLU A 31 2.73 3.88 -10.63
N ALA A 32 3.22 4.63 -9.64
CA ALA A 32 2.71 5.94 -9.28
C ALA A 32 2.76 6.88 -10.49
N ALA A 33 3.75 6.75 -11.36
CA ALA A 33 3.91 7.57 -12.55
C ALA A 33 2.76 7.41 -13.55
N LYS A 34 1.86 6.44 -13.38
CA LYS A 34 0.69 6.34 -14.24
C LYS A 34 -0.36 7.35 -13.79
N ASN A 35 -0.34 7.82 -12.54
CA ASN A 35 -1.20 8.91 -12.09
C ASN A 35 -0.60 9.65 -10.89
N VAL A 36 0.60 10.21 -11.04
CA VAL A 36 1.29 10.97 -10.00
C VAL A 36 1.66 10.08 -8.80
N ASP A 37 0.69 9.76 -7.94
CA ASP A 37 0.76 8.79 -6.82
C ASP A 37 -0.67 8.45 -6.38
N ASN A 38 -1.58 8.37 -7.36
CA ASN A 38 -3.01 8.17 -7.16
C ASN A 38 -3.46 6.79 -7.63
N TYR A 39 -2.70 6.18 -8.54
CA TYR A 39 -3.00 4.90 -9.17
C TYR A 39 -1.82 4.00 -8.91
N ILE A 40 -2.03 2.88 -8.21
CA ILE A 40 -0.96 1.96 -7.85
C ILE A 40 -1.56 0.55 -7.95
N SER A 41 -1.19 -0.23 -8.97
CA SER A 41 -1.71 -1.59 -9.12
C SER A 41 -1.36 -2.45 -7.91
N ILE A 42 -2.32 -3.28 -7.49
CA ILE A 42 -2.05 -4.33 -6.52
C ILE A 42 -1.03 -5.35 -7.05
N ASP A 43 -0.60 -5.27 -8.30
CA ASP A 43 0.54 -6.07 -8.76
C ASP A 43 1.80 -5.64 -8.03
N VAL A 44 2.05 -4.34 -7.90
CA VAL A 44 3.22 -3.83 -7.22
C VAL A 44 3.11 -4.16 -5.74
N ILE A 45 1.95 -3.90 -5.13
CA ILE A 45 1.78 -4.11 -3.70
C ILE A 45 1.82 -5.59 -3.38
N ALA A 46 1.28 -6.45 -4.23
CA ALA A 46 1.35 -7.88 -4.04
C ALA A 46 2.78 -8.37 -4.28
N SER A 47 3.49 -7.70 -5.19
CA SER A 47 4.87 -8.04 -5.54
C SER A 47 5.86 -7.23 -4.71
N PHE A 48 5.43 -6.57 -3.63
CA PHE A 48 6.29 -5.68 -2.86
C PHE A 48 7.29 -6.43 -1.96
N ASN A 49 7.48 -7.72 -2.19
CA ASN A 49 8.29 -8.67 -1.43
C ASN A 49 7.82 -8.75 0.02
N ARG A 50 8.17 -7.76 0.85
CA ARG A 50 7.75 -7.63 2.25
C ARG A 50 6.24 -7.77 2.40
N MET A 51 5.47 -7.26 1.44
CA MET A 51 4.03 -7.45 1.42
C MET A 51 3.71 -8.92 1.22
N LYS A 52 4.26 -9.51 0.16
CA LYS A 52 3.94 -10.88 -0.20
C LYS A 52 4.23 -11.83 0.95
N THR A 53 5.29 -11.57 1.71
CA THR A 53 5.67 -12.39 2.84
C THR A 53 4.77 -12.11 4.04
N ILE A 54 4.60 -10.85 4.44
CA ILE A 54 3.81 -10.54 5.63
C ILE A 54 2.38 -11.06 5.46
N SER A 55 1.83 -10.99 4.25
CA SER A 55 0.49 -11.45 3.98
C SER A 55 0.47 -12.95 3.75
N THR A 56 1.49 -13.46 3.05
CA THR A 56 1.55 -14.84 2.57
C THR A 56 0.42 -15.18 1.56
N ASP A 57 -0.57 -14.31 1.35
CA ASP A 57 -1.75 -14.59 0.55
C ASP A 57 -2.26 -13.27 -0.02
N LEU A 58 -2.63 -13.26 -1.30
CA LEU A 58 -3.22 -12.09 -1.95
C LEU A 58 -4.59 -11.75 -1.36
N GLN A 59 -5.24 -12.67 -0.67
CA GLN A 59 -6.51 -12.42 -0.04
C GLN A 59 -6.30 -11.40 1.08
N LEU A 60 -5.36 -11.64 1.98
CA LEU A 60 -5.05 -10.71 3.04
C LEU A 60 -4.44 -9.43 2.47
N ILE A 61 -3.68 -9.52 1.37
CA ILE A 61 -3.09 -8.31 0.79
C ILE A 61 -4.21 -7.42 0.23
N THR A 62 -5.20 -8.02 -0.42
CA THR A 62 -6.28 -7.28 -1.04
C THR A 62 -7.18 -6.71 0.05
N GLU A 63 -7.44 -7.46 1.12
CA GLU A 63 -8.26 -6.94 2.20
C GLU A 63 -7.52 -5.82 2.91
N ALA A 64 -6.20 -5.96 3.07
CA ALA A 64 -5.40 -4.95 3.74
C ALA A 64 -5.55 -3.62 3.03
N LEU A 65 -5.43 -3.65 1.71
CA LEU A 65 -5.67 -2.48 0.89
C LEU A 65 -7.10 -1.99 1.16
N LYS A 66 -8.09 -2.87 1.06
CA LYS A 66 -9.48 -2.45 1.20
C LYS A 66 -9.75 -1.77 2.54
N LYS A 67 -9.02 -2.14 3.60
CA LYS A 67 -9.14 -1.54 4.92
C LYS A 67 -8.07 -0.45 5.11
N SER A 68 -7.62 0.26 4.06
CA SER A 68 -6.49 1.15 4.15
C SER A 68 -6.71 2.24 5.18
N THR A 69 -5.60 2.77 5.70
CA THR A 69 -5.62 3.72 6.79
C THR A 69 -5.10 5.08 6.30
N ARG A 70 -3.83 5.20 5.90
CA ARG A 70 -3.33 6.47 5.38
C ARG A 70 -3.65 6.62 3.91
N LEU A 71 -4.16 5.59 3.23
CA LEU A 71 -4.38 5.62 1.79
C LEU A 71 -5.85 5.25 1.56
N GLN A 72 -6.35 5.42 0.33
CA GLN A 72 -7.71 5.04 -0.02
C GLN A 72 -7.67 4.28 -1.34
N VAL A 73 -8.17 3.05 -1.34
CA VAL A 73 -8.22 2.17 -2.49
C VAL A 73 -9.56 2.36 -3.18
N SER A 74 -9.55 2.40 -4.51
CA SER A 74 -10.77 2.45 -5.29
C SER A 74 -11.57 1.17 -5.16
N GLU A 75 -12.87 1.23 -5.50
CA GLU A 75 -13.72 0.05 -5.48
C GLU A 75 -13.25 -1.03 -6.46
N ASP A 76 -12.35 -0.71 -7.40
CA ASP A 76 -11.79 -1.71 -8.30
C ASP A 76 -10.84 -2.63 -7.54
N GLY A 77 -10.18 -2.09 -6.49
CA GLY A 77 -9.10 -2.81 -5.84
C GLY A 77 -7.95 -3.05 -6.83
N LYS A 78 -7.71 -2.06 -7.68
CA LYS A 78 -6.60 -2.01 -8.64
C LYS A 78 -5.81 -0.72 -8.46
N MET A 79 -6.26 0.21 -7.61
CA MET A 79 -5.53 1.42 -7.38
C MET A 79 -5.76 1.92 -5.97
N VAL A 80 -4.80 2.68 -5.46
CA VAL A 80 -4.84 3.31 -4.17
C VAL A 80 -4.15 4.67 -4.32
N ARG A 81 -4.59 5.63 -3.52
CA ARG A 81 -4.00 6.95 -3.48
C ARG A 81 -3.54 7.22 -2.06
N ARG A 82 -2.42 7.90 -1.91
CA ARG A 82 -2.00 8.35 -0.58
C ARG A 82 -2.87 9.52 -0.11
N LEU A 83 -2.58 9.99 1.10
CA LEU A 83 -3.17 11.18 1.67
C LEU A 83 -2.34 12.37 1.21
N ASP A 84 -3.01 13.40 0.66
CA ASP A 84 -2.42 14.66 0.22
C ASP A 84 -1.36 15.18 1.19
N PRO A 85 -1.69 15.44 2.47
CA PRO A 85 -0.73 15.97 3.42
C PRO A 85 0.35 14.94 3.74
N LEU A 86 1.53 15.46 4.08
CA LEU A 86 2.69 14.63 4.33
C LEU A 86 2.45 13.74 5.55
N PRO A 87 3.10 12.56 5.58
CA PRO A 87 2.95 11.61 6.66
C PRO A 87 3.60 12.14 7.94
N GLU A 88 2.86 12.15 9.04
CA GLU A 88 3.42 12.42 10.34
C GLU A 88 2.60 11.63 11.37
N ASN A 89 3.07 10.43 11.73
CA ASN A 89 2.47 9.57 12.74
C ASN A 89 0.97 9.41 12.57
N ILE A 90 0.53 9.11 11.35
CA ILE A 90 -0.88 8.88 11.13
C ILE A 90 -1.17 7.42 11.49
N ASP A 91 -2.44 7.12 11.80
CA ASP A 91 -2.90 5.77 12.08
C ASP A 91 -2.83 4.91 10.82
N MET A 1 -4.88 -14.63 9.91
CA MET A 1 -4.54 -13.22 9.73
C MET A 1 -5.77 -12.45 10.18
N SER A 2 -5.92 -12.28 11.49
CA SER A 2 -7.11 -11.66 12.08
C SER A 2 -7.00 -10.15 11.89
N GLU A 3 -7.82 -9.34 12.56
CA GLU A 3 -7.66 -7.90 12.45
C GLU A 3 -6.29 -7.44 12.96
N GLU A 4 -5.65 -8.23 13.82
CA GLU A 4 -4.25 -8.02 14.17
C GLU A 4 -3.40 -8.08 12.90
N THR A 5 -3.44 -9.18 12.14
CA THR A 5 -2.50 -9.29 11.03
C THR A 5 -2.87 -8.30 9.92
N SER A 6 -4.16 -8.12 9.66
CA SER A 6 -4.69 -7.18 8.69
C SER A 6 -4.14 -5.79 8.99
N THR A 7 -4.27 -5.32 10.22
CA THR A 7 -3.82 -4.00 10.59
C THR A 7 -2.30 -3.92 10.63
N GLN A 8 -1.61 -5.00 10.99
CA GLN A 8 -0.15 -5.06 10.93
C GLN A 8 0.35 -4.94 9.50
N ILE A 9 -0.40 -5.48 8.54
CA ILE A 9 0.02 -5.41 7.15
C ILE A 9 -0.37 -4.04 6.62
N LEU A 10 -1.47 -3.50 7.14
CA LEU A 10 -1.96 -2.20 6.72
C LEU A 10 -0.93 -1.12 7.04
N LYS A 11 -0.45 -1.09 8.27
CA LYS A 11 0.57 -0.11 8.63
C LYS A 11 1.89 -0.36 7.88
N GLN A 12 2.12 -1.59 7.45
CA GLN A 12 3.27 -1.86 6.60
C GLN A 12 3.01 -1.36 5.17
N VAL A 13 1.76 -1.26 4.73
CA VAL A 13 1.47 -0.78 3.40
C VAL A 13 1.70 0.73 3.41
N GLU A 14 1.15 1.44 4.40
CA GLU A 14 1.37 2.88 4.49
C GLU A 14 2.83 3.20 4.77
N TYR A 15 3.57 2.30 5.43
CA TYR A 15 4.98 2.49 5.75
C TYR A 15 5.74 2.77 4.45
N TYR A 16 5.51 2.00 3.39
CA TYR A 16 6.22 2.20 2.12
C TYR A 16 6.09 3.64 1.60
N PHE A 17 4.99 4.32 1.89
CA PHE A 17 4.79 5.70 1.50
C PHE A 17 5.29 6.68 2.57
N SER A 18 5.21 6.27 3.84
CA SER A 18 5.54 7.07 5.01
C SER A 18 7.05 7.26 5.14
N ASP A 19 7.81 6.27 4.69
CA ASP A 19 9.26 6.11 4.84
C ASP A 19 10.01 6.98 3.83
N SER A 20 9.33 7.96 3.22
CA SER A 20 9.75 8.68 2.03
C SER A 20 10.43 7.74 1.03
N ASN A 21 9.94 6.50 0.95
CA ASN A 21 10.51 5.50 0.07
C ASN A 21 9.82 5.53 -1.29
N PHE A 22 8.58 6.04 -1.37
CA PHE A 22 7.86 6.12 -2.63
C PHE A 22 8.68 6.87 -3.69
N PRO A 23 9.25 8.05 -3.42
CA PRO A 23 9.98 8.77 -4.43
C PRO A 23 11.38 8.16 -4.67
N ARG A 24 11.89 7.40 -3.70
CA ARG A 24 13.24 6.86 -3.73
C ARG A 24 13.28 5.55 -4.51
N ASP A 25 12.21 4.77 -4.47
CA ASP A 25 12.07 3.53 -5.20
C ASP A 25 11.45 3.85 -6.55
N LYS A 26 12.25 3.77 -7.61
CA LYS A 26 11.73 3.90 -8.98
C LYS A 26 10.59 2.91 -9.23
N PHE A 27 10.57 1.78 -8.54
CA PHE A 27 9.50 0.80 -8.59
C PHE A 27 8.18 1.46 -8.24
N LEU A 28 8.11 2.08 -7.05
CA LEU A 28 6.93 2.79 -6.60
C LEU A 28 6.60 3.90 -7.58
N ARG A 29 7.55 4.78 -7.89
CA ARG A 29 7.31 5.88 -8.83
C ARG A 29 6.86 5.41 -10.20
N SER A 30 7.20 4.19 -10.64
CA SER A 30 6.70 3.72 -11.91
C SER A 30 5.19 3.59 -11.84
N GLU A 31 4.68 3.07 -10.73
CA GLU A 31 3.26 2.83 -10.61
C GLU A 31 2.56 4.16 -10.34
N ALA A 32 3.11 4.94 -9.42
CA ALA A 32 2.57 6.23 -9.03
C ALA A 32 2.53 7.18 -10.23
N ALA A 33 3.50 7.07 -11.14
CA ALA A 33 3.57 7.88 -12.37
C ALA A 33 2.37 7.66 -13.28
N LYS A 34 1.52 6.67 -13.02
CA LYS A 34 0.32 6.46 -13.81
C LYS A 34 -0.78 7.42 -13.36
N ASN A 35 -0.74 7.92 -12.12
CA ASN A 35 -1.61 9.01 -11.70
C ASN A 35 -1.04 9.75 -10.49
N VAL A 36 0.12 10.40 -10.65
CA VAL A 36 0.79 11.15 -9.59
C VAL A 36 1.24 10.23 -8.44
N ASP A 37 0.30 9.81 -7.59
CA ASP A 37 0.49 8.82 -6.51
C ASP A 37 -0.89 8.31 -6.04
N ASN A 38 -1.83 8.25 -6.99
CA ASN A 38 -3.24 7.95 -6.76
C ASN A 38 -3.62 6.59 -7.34
N TYR A 39 -2.82 6.07 -8.27
CA TYR A 39 -3.07 4.82 -8.98
C TYR A 39 -1.83 3.98 -8.74
N ILE A 40 -1.97 2.84 -8.06
CA ILE A 40 -0.87 1.97 -7.69
C ILE A 40 -1.41 0.55 -7.84
N SER A 41 -0.95 -0.27 -8.80
CA SER A 41 -1.50 -1.60 -8.92
C SER A 41 -1.18 -2.41 -7.68
N ILE A 42 -2.15 -3.23 -7.28
CA ILE A 42 -1.91 -4.29 -6.32
C ILE A 42 -0.77 -5.18 -6.79
N ASP A 43 -0.46 -5.26 -8.08
CA ASP A 43 0.66 -6.05 -8.58
C ASP A 43 1.98 -5.61 -7.94
N VAL A 44 2.21 -4.30 -7.83
CA VAL A 44 3.43 -3.75 -7.25
C VAL A 44 3.52 -4.16 -5.80
N ILE A 45 2.41 -4.10 -5.08
CA ILE A 45 2.36 -4.34 -3.65
C ILE A 45 2.53 -5.84 -3.38
N ALA A 46 1.95 -6.68 -4.24
CA ALA A 46 2.15 -8.10 -4.21
C ALA A 46 3.57 -8.46 -4.68
N SER A 47 4.23 -7.55 -5.41
CA SER A 47 5.58 -7.75 -5.90
C SER A 47 6.60 -6.97 -5.07
N PHE A 48 6.20 -6.34 -3.96
CA PHE A 48 7.10 -5.63 -3.05
C PHE A 48 8.09 -6.57 -2.36
N ASN A 49 7.91 -7.88 -2.50
CA ASN A 49 8.52 -8.92 -1.70
C ASN A 49 7.97 -8.87 -0.28
N ARG A 50 8.34 -7.86 0.51
CA ARG A 50 8.00 -7.74 1.93
C ARG A 50 6.51 -7.95 2.18
N MET A 51 5.66 -7.28 1.41
CA MET A 51 4.22 -7.41 1.54
C MET A 51 3.78 -8.81 1.15
N LYS A 52 4.33 -9.37 0.08
CA LYS A 52 4.01 -10.73 -0.31
C LYS A 52 4.40 -11.72 0.78
N THR A 53 5.48 -11.48 1.51
CA THR A 53 5.96 -12.40 2.51
C THR A 53 5.13 -12.27 3.78
N ILE A 54 4.78 -11.04 4.18
CA ILE A 54 4.00 -10.83 5.40
C ILE A 54 2.55 -11.29 5.17
N SER A 55 2.06 -11.15 3.94
CA SER A 55 0.67 -11.47 3.60
C SER A 55 0.55 -12.93 3.24
N THR A 56 1.55 -13.43 2.52
CA THR A 56 1.59 -14.79 1.99
C THR A 56 0.43 -15.08 1.01
N ASP A 57 -0.46 -14.10 0.74
CA ASP A 57 -1.72 -14.34 0.07
C ASP A 57 -2.22 -12.98 -0.45
N LEU A 58 -2.63 -12.92 -1.71
CA LEU A 58 -3.18 -11.73 -2.34
C LEU A 58 -4.55 -11.37 -1.78
N GLN A 59 -5.21 -12.30 -1.10
CA GLN A 59 -6.48 -12.06 -0.46
C GLN A 59 -6.26 -11.08 0.69
N LEU A 60 -5.32 -11.38 1.58
CA LEU A 60 -5.06 -10.51 2.70
C LEU A 60 -4.45 -9.20 2.22
N ILE A 61 -3.68 -9.21 1.14
CA ILE A 61 -3.12 -7.97 0.61
C ILE A 61 -4.25 -7.08 0.09
N THR A 62 -5.19 -7.67 -0.67
CA THR A 62 -6.23 -6.86 -1.28
C THR A 62 -7.23 -6.41 -0.23
N GLU A 63 -7.45 -7.22 0.80
CA GLU A 63 -8.33 -6.90 1.90
C GLU A 63 -7.70 -5.81 2.76
N ALA A 64 -6.38 -5.86 2.94
CA ALA A 64 -5.68 -4.82 3.68
C ALA A 64 -5.94 -3.48 3.00
N LEU A 65 -5.79 -3.46 1.69
CA LEU A 65 -6.04 -2.27 0.89
C LEU A 65 -7.50 -1.86 1.03
N LYS A 66 -8.42 -2.83 0.97
CA LYS A 66 -9.86 -2.60 1.08
C LYS A 66 -10.18 -1.85 2.38
N LYS A 67 -9.46 -2.17 3.45
CA LYS A 67 -9.64 -1.60 4.77
C LYS A 67 -8.47 -0.66 5.11
N SER A 68 -7.95 0.10 4.14
CA SER A 68 -6.79 0.94 4.38
C SER A 68 -7.08 2.06 5.40
N THR A 69 -6.01 2.74 5.82
CA THR A 69 -6.03 3.69 6.93
C THR A 69 -5.52 5.05 6.44
N ARG A 70 -4.25 5.18 6.06
CA ARG A 70 -3.75 6.44 5.48
C ARG A 70 -3.99 6.56 3.98
N LEU A 71 -4.42 5.48 3.31
CA LEU A 71 -4.62 5.46 1.88
C LEU A 71 -6.03 4.92 1.64
N GLN A 72 -6.59 5.10 0.44
CA GLN A 72 -7.90 4.57 0.10
C GLN A 72 -7.79 3.82 -1.21
N VAL A 73 -8.22 2.56 -1.22
CA VAL A 73 -8.22 1.77 -2.44
C VAL A 73 -9.58 1.97 -3.12
N SER A 74 -9.57 1.91 -4.44
CA SER A 74 -10.78 1.86 -5.25
C SER A 74 -11.51 0.56 -4.99
N GLU A 75 -12.77 0.52 -5.40
CA GLU A 75 -13.59 -0.67 -5.36
C GLU A 75 -12.93 -1.79 -6.19
N ASP A 76 -12.09 -1.44 -7.16
CA ASP A 76 -11.42 -2.43 -7.99
C ASP A 76 -10.31 -3.15 -7.24
N GLY A 77 -9.78 -2.53 -6.17
CA GLY A 77 -8.62 -3.05 -5.46
C GLY A 77 -7.31 -2.78 -6.19
N LYS A 78 -7.35 -2.43 -7.48
CA LYS A 78 -6.16 -2.30 -8.28
C LYS A 78 -5.59 -0.88 -8.25
N MET A 79 -6.18 0.05 -7.52
CA MET A 79 -5.52 1.32 -7.32
C MET A 79 -5.77 1.83 -5.93
N VAL A 80 -4.78 2.46 -5.33
CA VAL A 80 -4.88 3.05 -4.01
C VAL A 80 -4.24 4.42 -4.07
N ARG A 81 -4.82 5.36 -3.33
CA ARG A 81 -4.36 6.74 -3.32
C ARG A 81 -3.90 7.12 -1.92
N ARG A 82 -2.74 7.75 -1.82
CA ARG A 82 -2.22 8.21 -0.53
C ARG A 82 -2.88 9.53 -0.13
N LEU A 83 -2.42 10.12 0.97
CA LEU A 83 -2.95 11.37 1.49
C LEU A 83 -2.18 12.53 0.86
N ASP A 84 -2.90 13.59 0.49
CA ASP A 84 -2.33 14.82 -0.04
C ASP A 84 -1.15 15.35 0.79
N PRO A 85 -1.32 15.64 2.09
CA PRO A 85 -0.23 16.13 2.90
C PRO A 85 0.79 15.01 3.13
N LEU A 86 2.08 15.37 3.19
CA LEU A 86 3.12 14.37 3.39
C LEU A 86 2.96 13.68 4.74
N PRO A 87 3.45 12.44 4.86
CA PRO A 87 3.39 11.67 6.08
C PRO A 87 4.38 12.22 7.10
N GLU A 88 4.05 12.06 8.39
CA GLU A 88 4.90 12.48 9.50
C GLU A 88 5.05 11.28 10.43
N ASN A 89 6.05 10.43 10.17
CA ASN A 89 6.39 9.26 10.99
C ASN A 89 5.16 8.42 11.31
N ILE A 90 4.50 7.91 10.28
CA ILE A 90 3.30 7.12 10.49
C ILE A 90 3.60 5.65 10.23
N ASP A 91 3.41 4.81 11.26
CA ASP A 91 3.58 3.37 11.23
C ASP A 91 2.87 2.81 12.46
N MET A 1 -5.72 -12.11 8.54
CA MET A 1 -6.99 -12.68 9.03
C MET A 1 -7.44 -11.93 10.27
N SER A 2 -6.75 -12.09 11.40
CA SER A 2 -7.09 -11.25 12.55
C SER A 2 -6.59 -9.83 12.29
N GLU A 3 -6.99 -8.90 13.14
CA GLU A 3 -6.62 -7.50 13.02
C GLU A 3 -5.12 -7.33 13.14
N GLU A 4 -4.43 -8.12 13.96
CA GLU A 4 -2.98 -8.01 14.06
C GLU A 4 -2.34 -8.25 12.69
N THR A 5 -2.73 -9.32 11.99
CA THR A 5 -2.16 -9.62 10.69
C THR A 5 -2.54 -8.55 9.67
N SER A 6 -3.83 -8.22 9.60
CA SER A 6 -4.32 -7.27 8.62
C SER A 6 -3.58 -5.94 8.81
N THR A 7 -3.48 -5.50 10.05
CA THR A 7 -2.82 -4.28 10.51
C THR A 7 -1.32 -4.30 10.31
N GLN A 8 -0.65 -5.44 10.41
CA GLN A 8 0.75 -5.52 10.01
C GLN A 8 0.88 -5.06 8.57
N ILE A 9 -0.01 -5.55 7.72
CA ILE A 9 0.10 -5.30 6.29
C ILE A 9 -0.34 -3.86 6.03
N LEU A 10 -1.38 -3.41 6.71
CA LEU A 10 -1.98 -2.09 6.58
C LEU A 10 -0.90 -1.04 6.86
N LYS A 11 -0.26 -1.18 8.01
CA LYS A 11 0.79 -0.28 8.48
C LYS A 11 2.04 -0.46 7.62
N GLN A 12 2.21 -1.61 6.97
CA GLN A 12 3.31 -1.76 6.01
C GLN A 12 3.01 -1.04 4.70
N VAL A 13 1.76 -0.99 4.26
CA VAL A 13 1.38 -0.31 3.05
C VAL A 13 1.57 1.18 3.28
N GLU A 14 1.03 1.72 4.38
CA GLU A 14 1.25 3.13 4.68
C GLU A 14 2.73 3.42 4.83
N TYR A 15 3.50 2.50 5.42
CA TYR A 15 4.90 2.69 5.71
C TYR A 15 5.64 3.03 4.42
N TYR A 16 5.39 2.31 3.32
CA TYR A 16 6.06 2.63 2.07
C TYR A 16 5.80 4.07 1.59
N PHE A 17 4.64 4.65 1.93
CA PHE A 17 4.30 6.04 1.60
C PHE A 17 4.55 6.99 2.79
N SER A 18 4.93 6.48 3.96
CA SER A 18 5.12 7.22 5.19
C SER A 18 6.58 7.28 5.63
N ASP A 19 7.44 6.51 4.97
CA ASP A 19 8.86 6.40 5.23
C ASP A 19 9.63 7.21 4.18
N SER A 20 8.90 8.03 3.42
CA SER A 20 9.35 8.68 2.21
C SER A 20 10.17 7.73 1.32
N ASN A 21 9.78 6.45 1.29
CA ASN A 21 10.43 5.50 0.41
C ASN A 21 9.83 5.60 -0.99
N PHE A 22 8.56 5.99 -1.16
CA PHE A 22 7.93 5.98 -2.48
C PHE A 22 8.71 6.77 -3.54
N PRO A 23 9.18 8.00 -3.28
CA PRO A 23 9.86 8.74 -4.31
C PRO A 23 11.26 8.17 -4.57
N ARG A 24 11.81 7.45 -3.59
CA ARG A 24 13.15 6.88 -3.59
C ARG A 24 13.17 5.51 -4.28
N ASP A 25 12.07 4.76 -4.19
CA ASP A 25 11.93 3.43 -4.72
C ASP A 25 11.25 3.57 -6.07
N LYS A 26 12.06 3.53 -7.13
CA LYS A 26 11.59 3.69 -8.50
C LYS A 26 10.52 2.66 -8.86
N PHE A 27 10.47 1.54 -8.13
CA PHE A 27 9.41 0.55 -8.20
C PHE A 27 8.06 1.20 -7.95
N LEU A 28 7.91 1.85 -6.80
CA LEU A 28 6.66 2.53 -6.46
C LEU A 28 6.43 3.62 -7.48
N ARG A 29 7.42 4.49 -7.68
CA ARG A 29 7.33 5.65 -8.54
C ARG A 29 6.91 5.28 -9.96
N SER A 30 7.26 4.09 -10.45
CA SER A 30 6.85 3.63 -11.76
C SER A 30 5.34 3.52 -11.83
N GLU A 31 4.74 2.90 -10.81
CA GLU A 31 3.30 2.65 -10.84
C GLU A 31 2.56 3.93 -10.51
N ALA A 32 3.08 4.68 -9.54
CA ALA A 32 2.58 5.98 -9.16
C ALA A 32 2.57 6.91 -10.37
N ALA A 33 3.57 6.80 -11.26
CA ALA A 33 3.67 7.59 -12.48
C ALA A 33 2.58 7.31 -13.51
N LYS A 34 1.60 6.43 -13.22
CA LYS A 34 0.38 6.36 -14.03
C LYS A 34 -0.61 7.43 -13.60
N ASN A 35 -0.62 7.83 -12.31
CA ASN A 35 -1.44 8.96 -11.86
C ASN A 35 -0.81 9.65 -10.66
N VAL A 36 0.37 10.25 -10.83
CA VAL A 36 1.08 10.99 -9.78
C VAL A 36 1.49 10.05 -8.64
N ASP A 37 0.54 9.70 -7.77
CA ASP A 37 0.69 8.74 -6.67
C ASP A 37 -0.70 8.30 -6.19
N ASN A 38 -1.66 8.24 -7.12
CA ASN A 38 -3.05 7.88 -6.84
C ASN A 38 -3.42 6.52 -7.43
N TYR A 39 -2.57 5.96 -8.30
CA TYR A 39 -2.81 4.73 -9.02
C TYR A 39 -1.63 3.85 -8.67
N ILE A 40 -1.89 2.73 -7.98
CA ILE A 40 -0.86 1.79 -7.57
C ILE A 40 -1.49 0.42 -7.75
N SER A 41 -1.04 -0.37 -8.72
CA SER A 41 -1.65 -1.67 -8.95
C SER A 41 -1.41 -2.59 -7.77
N ILE A 42 -2.42 -3.41 -7.47
CA ILE A 42 -2.25 -4.53 -6.57
C ILE A 42 -1.09 -5.42 -7.03
N ASP A 43 -0.72 -5.38 -8.31
CA ASP A 43 0.43 -6.14 -8.78
C ASP A 43 1.70 -5.66 -8.09
N VAL A 44 1.90 -4.34 -7.97
CA VAL A 44 3.09 -3.77 -7.35
C VAL A 44 3.08 -4.11 -5.87
N ILE A 45 1.96 -3.90 -5.18
CA ILE A 45 1.93 -4.11 -3.73
C ILE A 45 2.08 -5.60 -3.44
N ALA A 46 1.51 -6.46 -4.29
CA ALA A 46 1.69 -7.90 -4.18
C ALA A 46 3.10 -8.30 -4.56
N SER A 47 3.80 -7.47 -5.35
CA SER A 47 5.16 -7.73 -5.76
C SER A 47 6.15 -6.88 -4.95
N PHE A 48 5.72 -6.28 -3.83
CA PHE A 48 6.61 -5.51 -2.97
C PHE A 48 7.65 -6.38 -2.27
N ASN A 49 7.51 -7.71 -2.36
CA ASN A 49 8.27 -8.69 -1.60
C ASN A 49 7.83 -8.66 -0.14
N ARG A 50 8.15 -7.60 0.61
CA ARG A 50 7.79 -7.49 2.03
C ARG A 50 6.28 -7.62 2.26
N MET A 51 5.45 -7.08 1.37
CA MET A 51 4.01 -7.22 1.51
C MET A 51 3.60 -8.64 1.17
N LYS A 52 4.18 -9.24 0.12
CA LYS A 52 3.84 -10.62 -0.27
C LYS A 52 4.08 -11.57 0.89
N THR A 53 5.23 -11.42 1.54
CA THR A 53 5.68 -12.27 2.62
C THR A 53 4.83 -12.02 3.85
N ILE A 54 4.73 -10.77 4.30
CA ILE A 54 3.97 -10.46 5.52
C ILE A 54 2.51 -10.87 5.36
N SER A 55 1.97 -10.77 4.14
CA SER A 55 0.60 -11.20 3.88
C SER A 55 0.50 -12.71 3.74
N THR A 56 1.51 -13.35 3.16
CA THR A 56 1.52 -14.76 2.80
C THR A 56 0.45 -15.13 1.75
N ASP A 57 -0.50 -14.24 1.41
CA ASP A 57 -1.61 -14.54 0.54
C ASP A 57 -2.05 -13.23 -0.11
N LEU A 58 -2.40 -13.30 -1.39
CA LEU A 58 -3.01 -12.19 -2.13
C LEU A 58 -4.30 -11.74 -1.48
N GLN A 59 -5.02 -12.64 -0.83
CA GLN A 59 -6.27 -12.38 -0.13
C GLN A 59 -6.02 -11.35 0.98
N LEU A 60 -4.97 -11.57 1.76
CA LEU A 60 -4.55 -10.69 2.83
C LEU A 60 -4.05 -9.36 2.27
N ILE A 61 -3.44 -9.38 1.08
CA ILE A 61 -3.04 -8.11 0.47
C ILE A 61 -4.29 -7.33 0.03
N THR A 62 -5.28 -8.04 -0.50
CA THR A 62 -6.50 -7.42 -1.00
C THR A 62 -7.26 -6.83 0.17
N GLU A 63 -7.35 -7.57 1.28
CA GLU A 63 -8.02 -7.09 2.46
C GLU A 63 -7.30 -5.87 3.00
N ALA A 64 -5.96 -5.91 3.04
CA ALA A 64 -5.23 -4.77 3.60
C ALA A 64 -5.57 -3.49 2.84
N LEU A 65 -5.63 -3.58 1.51
CA LEU A 65 -5.98 -2.43 0.69
C LEU A 65 -7.43 -2.04 0.96
N LYS A 66 -8.32 -3.03 1.02
CA LYS A 66 -9.75 -2.81 1.24
C LYS A 66 -9.97 -2.00 2.51
N LYS A 67 -9.18 -2.27 3.54
CA LYS A 67 -9.36 -1.74 4.87
C LYS A 67 -8.32 -0.66 5.19
N SER A 68 -7.73 -0.04 4.18
CA SER A 68 -6.59 0.85 4.38
C SER A 68 -6.90 2.04 5.29
N THR A 69 -5.83 2.59 5.87
CA THR A 69 -5.86 3.62 6.90
C THR A 69 -5.46 4.96 6.27
N ARG A 70 -4.18 5.16 5.96
CA ARG A 70 -3.71 6.40 5.37
C ARG A 70 -3.89 6.43 3.85
N LEU A 71 -4.44 5.36 3.26
CA LEU A 71 -4.63 5.27 1.83
C LEU A 71 -6.09 4.88 1.59
N GLN A 72 -6.61 5.18 0.41
CA GLN A 72 -7.96 4.88 -0.03
C GLN A 72 -7.85 4.06 -1.30
N VAL A 73 -8.50 2.91 -1.34
CA VAL A 73 -8.49 2.02 -2.48
C VAL A 73 -9.66 2.41 -3.36
N SER A 74 -9.45 2.38 -4.68
CA SER A 74 -10.54 2.51 -5.64
C SER A 74 -11.46 1.30 -5.53
N GLU A 75 -12.70 1.45 -6.00
CA GLU A 75 -13.67 0.37 -6.04
C GLU A 75 -13.15 -0.80 -6.90
N ASP A 76 -12.22 -0.53 -7.83
CA ASP A 76 -11.60 -1.58 -8.64
C ASP A 76 -10.75 -2.51 -7.79
N GLY A 77 -10.07 -1.96 -6.78
CA GLY A 77 -9.06 -2.70 -6.03
C GLY A 77 -7.76 -2.88 -6.84
N LYS A 78 -7.64 -2.23 -8.01
CA LYS A 78 -6.38 -2.18 -8.75
C LYS A 78 -5.72 -0.82 -8.57
N MET A 79 -6.29 0.09 -7.77
CA MET A 79 -5.59 1.32 -7.47
C MET A 79 -5.84 1.69 -6.02
N VAL A 80 -4.93 2.46 -5.45
CA VAL A 80 -5.02 3.00 -4.11
C VAL A 80 -4.24 4.32 -4.10
N ARG A 81 -4.56 5.21 -3.16
CA ARG A 81 -4.00 6.56 -3.15
C ARG A 81 -3.73 6.97 -1.71
N ARG A 82 -2.53 7.43 -1.41
CA ARG A 82 -2.22 8.03 -0.12
C ARG A 82 -2.98 9.35 0.09
N LEU A 83 -2.70 10.00 1.21
CA LEU A 83 -3.20 11.32 1.56
C LEU A 83 -2.21 12.38 1.05
N ASP A 84 -2.72 13.58 0.77
CA ASP A 84 -1.91 14.68 0.27
C ASP A 84 -0.85 15.14 1.28
N PRO A 85 -1.22 15.58 2.50
CA PRO A 85 -0.24 16.01 3.48
C PRO A 85 0.56 14.81 4.00
N LEU A 86 1.71 15.07 4.63
CA LEU A 86 2.56 13.99 5.10
C LEU A 86 1.86 13.16 6.18
N PRO A 87 2.12 11.86 6.24
CA PRO A 87 1.53 10.97 7.22
C PRO A 87 2.14 11.20 8.61
N GLU A 88 1.33 11.61 9.58
CA GLU A 88 1.78 11.87 10.95
C GLU A 88 0.76 11.31 11.94
N ASN A 89 0.85 10.00 12.23
CA ASN A 89 -0.07 9.28 13.12
C ASN A 89 -1.53 9.58 12.83
N ILE A 90 -1.88 9.60 11.55
CA ILE A 90 -3.25 9.84 11.17
C ILE A 90 -3.95 8.49 11.25
N ASP A 91 -5.27 8.50 11.45
CA ASP A 91 -6.09 7.31 11.52
C ASP A 91 -7.48 7.67 11.00
N MET A 1 -4.07 -14.01 9.96
CA MET A 1 -5.35 -13.94 9.22
C MET A 1 -6.43 -13.38 10.15
N SER A 2 -6.28 -12.10 10.50
CA SER A 2 -7.04 -11.48 11.57
C SER A 2 -6.78 -9.98 11.49
N GLU A 3 -7.30 -9.20 12.45
CA GLU A 3 -6.89 -7.82 12.60
C GLU A 3 -5.38 -7.72 12.87
N GLU A 4 -4.75 -8.73 13.48
CA GLU A 4 -3.32 -8.66 13.74
C GLU A 4 -2.56 -8.60 12.43
N THR A 5 -2.76 -9.58 11.55
CA THR A 5 -2.05 -9.63 10.28
C THR A 5 -2.48 -8.47 9.40
N SER A 6 -3.78 -8.19 9.35
CA SER A 6 -4.32 -7.15 8.49
C SER A 6 -3.69 -5.82 8.85
N THR A 7 -3.61 -5.49 10.13
CA THR A 7 -3.07 -4.22 10.58
C THR A 7 -1.55 -4.20 10.61
N GLN A 8 -0.89 -5.35 10.77
CA GLN A 8 0.55 -5.42 10.61
C GLN A 8 0.90 -5.04 9.18
N ILE A 9 0.20 -5.63 8.23
CA ILE A 9 0.54 -5.45 6.83
C ILE A 9 0.09 -4.07 6.43
N LEU A 10 -1.00 -3.59 7.01
CA LEU A 10 -1.48 -2.25 6.76
C LEU A 10 -0.38 -1.26 7.13
N LYS A 11 0.16 -1.33 8.36
CA LYS A 11 1.23 -0.43 8.76
C LYS A 11 2.44 -0.57 7.84
N GLN A 12 2.64 -1.73 7.25
CA GLN A 12 3.74 -1.94 6.32
C GLN A 12 3.45 -1.38 4.93
N VAL A 13 2.18 -1.30 4.52
CA VAL A 13 1.78 -0.73 3.24
C VAL A 13 1.91 0.77 3.35
N GLU A 14 1.24 1.34 4.35
CA GLU A 14 1.26 2.76 4.62
C GLU A 14 2.69 3.25 4.84
N TYR A 15 3.54 2.43 5.45
CA TYR A 15 4.93 2.73 5.71
C TYR A 15 5.65 3.12 4.43
N TYR A 16 5.47 2.37 3.33
CA TYR A 16 6.18 2.69 2.09
C TYR A 16 5.91 4.13 1.64
N PHE A 17 4.74 4.67 1.94
CA PHE A 17 4.39 6.05 1.64
C PHE A 17 4.75 6.98 2.80
N SER A 18 4.75 6.48 4.03
CA SER A 18 4.90 7.25 5.26
C SER A 18 6.34 7.34 5.72
N ASP A 19 7.25 6.70 4.99
CA ASP A 19 8.68 6.68 5.23
C ASP A 19 9.37 7.51 4.14
N SER A 20 8.59 8.34 3.44
CA SER A 20 8.97 9.04 2.21
C SER A 20 9.79 8.14 1.28
N ASN A 21 9.44 6.85 1.20
CA ASN A 21 10.17 5.91 0.37
C ASN A 21 9.56 5.83 -1.02
N PHE A 22 8.31 6.27 -1.22
CA PHE A 22 7.65 6.26 -2.51
C PHE A 22 8.46 6.99 -3.58
N PRO A 23 8.91 8.25 -3.35
CA PRO A 23 9.57 8.99 -4.40
C PRO A 23 10.98 8.44 -4.66
N ARG A 24 11.55 7.78 -3.66
CA ARG A 24 12.90 7.23 -3.73
C ARG A 24 12.90 5.95 -4.54
N ASP A 25 11.93 5.07 -4.27
CA ASP A 25 11.99 3.72 -4.80
C ASP A 25 11.34 3.70 -6.17
N LYS A 26 12.17 3.58 -7.19
CA LYS A 26 11.74 3.55 -8.59
C LYS A 26 10.63 2.54 -8.84
N PHE A 27 10.56 1.46 -8.05
CA PHE A 27 9.51 0.46 -8.14
C PHE A 27 8.15 1.09 -7.87
N LEU A 28 8.03 1.78 -6.74
CA LEU A 28 6.80 2.50 -6.43
C LEU A 28 6.56 3.54 -7.50
N ARG A 29 7.55 4.41 -7.71
CA ARG A 29 7.44 5.57 -8.56
C ARG A 29 7.03 5.20 -9.98
N SER A 30 7.38 4.01 -10.47
CA SER A 30 6.89 3.53 -11.76
C SER A 30 5.37 3.46 -11.78
N GLU A 31 4.76 2.80 -10.80
CA GLU A 31 3.30 2.72 -10.82
C GLU A 31 2.70 4.08 -10.50
N ALA A 32 3.29 4.83 -9.57
CA ALA A 32 2.82 6.14 -9.22
C ALA A 32 2.76 7.05 -10.46
N ALA A 33 3.75 6.91 -11.35
CA ALA A 33 3.87 7.66 -12.60
C ALA A 33 2.74 7.38 -13.60
N LYS A 34 1.79 6.49 -13.28
CA LYS A 34 0.60 6.32 -14.09
C LYS A 34 -0.42 7.39 -13.72
N ASN A 35 -0.47 7.84 -12.47
CA ASN A 35 -1.28 9.00 -12.10
C ASN A 35 -0.76 9.68 -10.84
N VAL A 36 0.44 10.27 -10.91
CA VAL A 36 1.08 10.99 -9.81
C VAL A 36 1.40 10.05 -8.64
N ASP A 37 0.40 9.66 -7.87
CA ASP A 37 0.47 8.72 -6.75
C ASP A 37 -0.93 8.18 -6.43
N ASN A 38 -1.79 8.12 -7.46
CA ASN A 38 -3.21 7.76 -7.36
C ASN A 38 -3.52 6.40 -7.96
N TYR A 39 -2.78 6.01 -9.01
CA TYR A 39 -2.89 4.69 -9.60
C TYR A 39 -1.69 3.92 -9.05
N ILE A 40 -1.94 2.86 -8.30
CA ILE A 40 -0.89 1.99 -7.82
C ILE A 40 -1.47 0.58 -7.87
N SER A 41 -1.06 -0.23 -8.85
CA SER A 41 -1.60 -1.56 -8.98
C SER A 41 -1.28 -2.39 -7.76
N ILE A 42 -2.24 -3.22 -7.37
CA ILE A 42 -2.01 -4.22 -6.34
C ILE A 42 -0.94 -5.22 -6.76
N ASP A 43 -0.51 -5.22 -8.02
CA ASP A 43 0.57 -6.07 -8.47
C ASP A 43 1.89 -5.61 -7.85
N VAL A 44 2.13 -4.30 -7.75
CA VAL A 44 3.34 -3.75 -7.16
C VAL A 44 3.36 -4.13 -5.68
N ILE A 45 2.22 -3.94 -5.01
CA ILE A 45 2.11 -4.11 -3.57
C ILE A 45 2.18 -5.60 -3.23
N ALA A 46 1.57 -6.44 -4.06
CA ALA A 46 1.71 -7.87 -3.95
C ALA A 46 3.15 -8.28 -4.22
N SER A 47 3.87 -7.51 -5.04
CA SER A 47 5.25 -7.80 -5.39
C SER A 47 6.22 -6.95 -4.56
N PHE A 48 5.80 -6.36 -3.44
CA PHE A 48 6.69 -5.60 -2.57
C PHE A 48 7.69 -6.50 -1.82
N ASN A 49 7.66 -7.82 -2.03
CA ASN A 49 8.38 -8.82 -1.27
C ASN A 49 7.80 -8.94 0.13
N ARG A 50 8.07 -7.96 1.00
CA ARG A 50 7.63 -7.94 2.39
C ARG A 50 6.12 -8.04 2.52
N MET A 51 5.36 -7.41 1.63
CA MET A 51 3.91 -7.57 1.63
C MET A 51 3.53 -8.95 1.11
N LYS A 52 4.27 -9.50 0.14
CA LYS A 52 3.98 -10.82 -0.39
C LYS A 52 4.13 -11.86 0.73
N THR A 53 5.14 -11.73 1.56
CA THR A 53 5.43 -12.66 2.64
C THR A 53 4.43 -12.45 3.77
N ILE A 54 4.27 -11.21 4.24
CA ILE A 54 3.40 -10.96 5.39
C ILE A 54 1.95 -11.32 5.05
N SER A 55 1.55 -11.15 3.79
CA SER A 55 0.21 -11.57 3.37
C SER A 55 0.16 -13.07 3.18
N THR A 56 1.19 -13.60 2.53
CA THR A 56 1.21 -14.92 1.92
C THR A 56 0.13 -15.10 0.84
N ASP A 57 -0.77 -14.13 0.61
CA ASP A 57 -1.95 -14.32 -0.18
C ASP A 57 -2.46 -12.95 -0.67
N LEU A 58 -2.81 -12.88 -1.96
CA LEU A 58 -3.41 -11.72 -2.59
C LEU A 58 -4.69 -11.30 -1.88
N GLN A 59 -5.37 -12.22 -1.22
CA GLN A 59 -6.57 -11.95 -0.47
C GLN A 59 -6.24 -11.03 0.70
N LEU A 60 -5.27 -11.38 1.53
CA LEU A 60 -4.88 -10.53 2.65
C LEU A 60 -4.33 -9.20 2.13
N ILE A 61 -3.66 -9.21 0.99
CA ILE A 61 -3.16 -7.96 0.39
C ILE A 61 -4.33 -7.08 -0.03
N THR A 62 -5.39 -7.69 -0.59
CA THR A 62 -6.53 -6.92 -1.08
C THR A 62 -7.33 -6.40 0.12
N GLU A 63 -7.48 -7.20 1.17
CA GLU A 63 -8.20 -6.77 2.35
C GLU A 63 -7.44 -5.62 3.00
N ALA A 64 -6.11 -5.75 3.09
CA ALA A 64 -5.30 -4.71 3.70
C ALA A 64 -5.59 -3.36 3.06
N LEU A 65 -5.61 -3.35 1.72
CA LEU A 65 -5.89 -2.15 0.96
C LEU A 65 -7.32 -1.68 1.25
N LYS A 66 -8.27 -2.60 1.25
CA LYS A 66 -9.67 -2.28 1.53
C LYS A 66 -9.84 -1.63 2.90
N LYS A 67 -9.01 -2.03 3.87
CA LYS A 67 -9.04 -1.52 5.23
C LYS A 67 -7.80 -0.66 5.48
N SER A 68 -7.46 0.22 4.54
CA SER A 68 -6.28 1.06 4.71
C SER A 68 -6.47 2.12 5.80
N THR A 69 -5.37 2.79 6.15
CA THR A 69 -5.25 3.77 7.23
C THR A 69 -4.84 5.11 6.62
N ARG A 70 -3.78 5.11 5.80
CA ARG A 70 -3.18 6.32 5.28
C ARG A 70 -3.45 6.49 3.78
N LEU A 71 -3.99 5.46 3.14
CA LEU A 71 -4.29 5.42 1.73
C LEU A 71 -5.73 4.91 1.59
N GLN A 72 -6.27 4.90 0.38
CA GLN A 72 -7.66 4.59 0.07
C GLN A 72 -7.67 3.83 -1.25
N VAL A 73 -8.11 2.57 -1.24
CA VAL A 73 -8.18 1.77 -2.45
C VAL A 73 -9.54 1.99 -3.08
N SER A 74 -9.56 2.00 -4.40
CA SER A 74 -10.82 2.02 -5.13
C SER A 74 -11.50 0.67 -4.97
N GLU A 75 -12.80 0.63 -5.24
CA GLU A 75 -13.59 -0.59 -5.26
C GLU A 75 -13.04 -1.59 -6.29
N ASP A 76 -12.23 -1.13 -7.24
CA ASP A 76 -11.63 -2.00 -8.23
C ASP A 76 -10.58 -2.90 -7.58
N GLY A 77 -9.92 -2.40 -6.53
CA GLY A 77 -8.77 -3.11 -5.96
C GLY A 77 -7.68 -3.28 -7.00
N LYS A 78 -7.53 -2.28 -7.86
CA LYS A 78 -6.45 -2.16 -8.83
C LYS A 78 -5.76 -0.81 -8.69
N MET A 79 -6.21 0.07 -7.78
CA MET A 79 -5.50 1.30 -7.51
C MET A 79 -5.80 1.81 -6.12
N VAL A 80 -4.85 2.51 -5.53
CA VAL A 80 -4.94 3.10 -4.22
C VAL A 80 -4.29 4.47 -4.28
N ARG A 81 -4.84 5.44 -3.54
CA ARG A 81 -4.29 6.79 -3.47
C ARG A 81 -3.99 7.12 -2.02
N ARG A 82 -2.86 7.76 -1.79
CA ARG A 82 -2.45 8.27 -0.48
C ARG A 82 -3.30 9.47 -0.07
N LEU A 83 -2.93 10.12 1.03
CA LEU A 83 -3.41 11.44 1.37
C LEU A 83 -2.46 12.48 0.79
N ASP A 84 -2.99 13.68 0.55
CA ASP A 84 -2.24 14.80 -0.04
C ASP A 84 -1.24 15.39 0.96
N PRO A 85 -1.64 15.76 2.20
CA PRO A 85 -0.69 16.22 3.19
C PRO A 85 0.29 15.10 3.60
N LEU A 86 1.27 15.45 4.43
CA LEU A 86 2.26 14.47 4.86
C LEU A 86 1.59 13.49 5.83
N PRO A 87 2.01 12.21 5.80
CA PRO A 87 1.43 11.17 6.62
C PRO A 87 1.95 11.26 8.06
N GLU A 88 1.08 11.60 9.00
CA GLU A 88 1.41 11.67 10.41
C GLU A 88 0.20 11.19 11.22
N ASN A 89 0.26 9.95 11.74
CA ASN A 89 -0.80 9.31 12.53
C ASN A 89 -2.18 9.47 11.89
N ILE A 90 -2.31 9.17 10.60
CA ILE A 90 -3.58 9.35 9.93
C ILE A 90 -4.32 8.02 9.92
N ASP A 91 -5.58 8.03 10.33
CA ASP A 91 -6.53 6.94 10.26
C ASP A 91 -7.93 7.55 10.12
N MET A 1 -4.64 -13.38 8.08
CA MET A 1 -5.66 -14.34 8.53
C MET A 1 -6.49 -13.81 9.71
N SER A 2 -6.09 -12.71 10.37
CA SER A 2 -6.90 -12.06 11.38
C SER A 2 -6.61 -10.56 11.32
N GLU A 3 -7.25 -9.76 12.18
CA GLU A 3 -7.00 -8.31 12.25
C GLU A 3 -5.53 -8.03 12.56
N GLU A 4 -4.84 -8.88 13.30
CA GLU A 4 -3.41 -8.71 13.49
C GLU A 4 -2.69 -8.76 12.14
N THR A 5 -3.00 -9.73 11.30
CA THR A 5 -2.35 -9.83 10.00
C THR A 5 -2.71 -8.64 9.13
N SER A 6 -4.01 -8.35 9.02
CA SER A 6 -4.50 -7.27 8.17
C SER A 6 -3.79 -5.99 8.58
N THR A 7 -3.72 -5.71 9.87
CA THR A 7 -3.06 -4.56 10.47
C THR A 7 -1.56 -4.53 10.23
N GLN A 8 -0.88 -5.68 10.30
CA GLN A 8 0.54 -5.75 10.00
C GLN A 8 0.77 -5.26 8.58
N ILE A 9 -0.10 -5.68 7.66
CA ILE A 9 0.08 -5.36 6.26
C ILE A 9 -0.40 -3.93 6.02
N LEU A 10 -1.39 -3.48 6.80
CA LEU A 10 -1.99 -2.16 6.69
C LEU A 10 -0.91 -1.13 6.90
N LYS A 11 -0.24 -1.28 8.03
CA LYS A 11 0.85 -0.42 8.40
C LYS A 11 2.02 -0.62 7.46
N GLN A 12 2.25 -1.84 6.98
CA GLN A 12 3.35 -2.03 6.04
C GLN A 12 3.06 -1.27 4.73
N VAL A 13 1.80 -1.22 4.31
CA VAL A 13 1.37 -0.57 3.09
C VAL A 13 1.57 0.93 3.27
N GLU A 14 1.03 1.51 4.34
CA GLU A 14 1.20 2.93 4.56
C GLU A 14 2.67 3.28 4.75
N TYR A 15 3.46 2.39 5.35
CA TYR A 15 4.87 2.57 5.66
C TYR A 15 5.63 2.82 4.37
N TYR A 16 5.44 2.02 3.32
CA TYR A 16 6.15 2.24 2.06
C TYR A 16 5.88 3.66 1.53
N PHE A 17 4.69 4.19 1.80
CA PHE A 17 4.32 5.54 1.38
C PHE A 17 4.59 6.60 2.45
N SER A 18 4.89 6.21 3.69
CA SER A 18 5.05 7.06 4.87
C SER A 18 6.50 7.20 5.28
N ASP A 19 7.38 6.40 4.68
CA ASP A 19 8.80 6.31 4.99
C ASP A 19 9.58 7.01 3.87
N SER A 20 8.92 7.97 3.21
CA SER A 20 9.39 8.64 2.02
C SER A 20 10.04 7.67 1.03
N ASN A 21 9.50 6.46 0.92
CA ASN A 21 10.11 5.43 0.08
C ASN A 21 9.61 5.57 -1.36
N PHE A 22 8.43 6.13 -1.60
CA PHE A 22 7.89 6.29 -2.95
C PHE A 22 8.86 7.06 -3.86
N PRO A 23 9.38 8.23 -3.47
CA PRO A 23 10.25 8.97 -4.36
C PRO A 23 11.63 8.30 -4.46
N ARG A 24 11.99 7.44 -3.49
CA ARG A 24 13.32 6.86 -3.38
C ARG A 24 13.39 5.47 -4.00
N ASP A 25 12.25 4.86 -4.29
CA ASP A 25 12.18 3.56 -4.92
C ASP A 25 11.53 3.73 -6.29
N LYS A 26 12.33 3.63 -7.34
CA LYS A 26 11.87 3.79 -8.71
C LYS A 26 10.74 2.82 -9.06
N PHE A 27 10.59 1.71 -8.34
CA PHE A 27 9.44 0.82 -8.47
C PHE A 27 8.18 1.62 -8.20
N LEU A 28 8.07 2.19 -6.99
CA LEU A 28 6.92 2.99 -6.58
C LEU A 28 6.77 4.22 -7.44
N ARG A 29 7.87 4.83 -7.87
CA ARG A 29 7.79 5.98 -8.74
C ARG A 29 7.23 5.56 -10.09
N SER A 30 7.54 4.36 -10.57
CA SER A 30 7.06 3.89 -11.85
C SER A 30 5.56 3.67 -11.78
N GLU A 31 5.07 3.00 -10.73
CA GLU A 31 3.64 2.73 -10.64
C GLU A 31 2.90 4.04 -10.42
N ALA A 32 3.38 4.85 -9.48
CA ALA A 32 2.77 6.12 -9.12
C ALA A 32 2.68 7.02 -10.34
N ALA A 33 3.71 7.02 -11.19
CA ALA A 33 3.79 7.82 -12.42
C ALA A 33 2.80 7.36 -13.51
N LYS A 34 1.79 6.54 -13.21
CA LYS A 34 0.62 6.45 -14.08
C LYS A 34 -0.30 7.62 -13.77
N ASN A 35 -0.45 8.01 -12.50
CA ASN A 35 -1.35 9.10 -12.15
C ASN A 35 -0.89 9.83 -10.90
N VAL A 36 0.28 10.47 -10.95
CA VAL A 36 0.90 11.17 -9.82
C VAL A 36 1.27 10.17 -8.73
N ASP A 37 0.28 9.72 -7.96
CA ASP A 37 0.45 8.71 -6.90
C ASP A 37 -0.92 8.12 -6.53
N ASN A 38 -1.81 8.07 -7.52
CA ASN A 38 -3.20 7.65 -7.35
C ASN A 38 -3.47 6.31 -8.03
N TYR A 39 -2.52 5.81 -8.82
CA TYR A 39 -2.64 4.60 -9.61
C TYR A 39 -1.50 3.70 -9.16
N ILE A 40 -1.84 2.62 -8.44
CA ILE A 40 -0.87 1.74 -7.83
C ILE A 40 -1.44 0.33 -7.94
N SER A 41 -1.00 -0.48 -8.91
CA SER A 41 -1.50 -1.82 -9.12
C SER A 41 -1.25 -2.66 -7.87
N ILE A 42 -2.30 -3.32 -7.38
CA ILE A 42 -2.18 -4.32 -6.35
C ILE A 42 -1.27 -5.46 -6.78
N ASP A 43 -0.97 -5.55 -8.07
CA ASP A 43 -0.08 -6.55 -8.62
C ASP A 43 1.34 -6.30 -8.09
N VAL A 44 1.80 -5.04 -8.05
CA VAL A 44 3.06 -4.68 -7.46
C VAL A 44 2.99 -4.87 -5.96
N ILE A 45 1.95 -4.37 -5.31
CA ILE A 45 1.87 -4.36 -3.85
C ILE A 45 1.86 -5.79 -3.33
N ALA A 46 1.22 -6.70 -4.07
CA ALA A 46 1.28 -8.12 -3.81
C ALA A 46 2.69 -8.63 -4.04
N SER A 47 3.34 -8.14 -5.10
CA SER A 47 4.68 -8.55 -5.50
C SER A 47 5.77 -7.78 -4.75
N PHE A 48 5.46 -6.99 -3.72
CA PHE A 48 6.41 -6.08 -3.08
C PHE A 48 7.52 -6.79 -2.27
N ASN A 49 7.63 -8.11 -2.38
CA ASN A 49 8.41 -9.00 -1.52
C ASN A 49 7.92 -8.91 -0.08
N ARG A 50 8.26 -7.84 0.64
CA ARG A 50 7.91 -7.64 2.04
C ARG A 50 6.43 -7.85 2.32
N MET A 51 5.56 -7.28 1.48
CA MET A 51 4.13 -7.49 1.60
C MET A 51 3.78 -8.94 1.35
N LYS A 52 4.35 -9.57 0.32
CA LYS A 52 4.03 -10.96 0.04
C LYS A 52 4.36 -11.82 1.25
N THR A 53 5.44 -11.52 1.97
CA THR A 53 5.87 -12.30 3.11
C THR A 53 4.99 -11.99 4.31
N ILE A 54 4.80 -10.71 4.65
CA ILE A 54 4.08 -10.30 5.85
C ILE A 54 2.61 -10.72 5.74
N SER A 55 2.09 -10.72 4.51
CA SER A 55 0.71 -11.06 4.22
C SER A 55 0.56 -12.55 4.01
N THR A 56 1.56 -13.14 3.35
CA THR A 56 1.56 -14.53 2.91
C THR A 56 0.51 -14.84 1.82
N ASP A 57 -0.52 -14.01 1.63
CA ASP A 57 -1.64 -14.28 0.73
C ASP A 57 -2.06 -12.95 0.10
N LEU A 58 -2.37 -12.98 -1.20
CA LEU A 58 -2.85 -11.84 -1.95
C LEU A 58 -4.24 -11.41 -1.46
N GLN A 59 -4.99 -12.31 -0.84
CA GLN A 59 -6.28 -12.03 -0.26
C GLN A 59 -6.10 -10.99 0.82
N LEU A 60 -5.25 -11.28 1.81
CA LEU A 60 -4.97 -10.38 2.91
C LEU A 60 -4.30 -9.10 2.41
N ILE A 61 -3.53 -9.16 1.32
CA ILE A 61 -2.93 -7.93 0.79
C ILE A 61 -4.02 -7.04 0.20
N THR A 62 -4.98 -7.66 -0.51
CA THR A 62 -6.03 -6.90 -1.17
C THR A 62 -6.96 -6.31 -0.12
N GLU A 63 -7.27 -7.09 0.91
CA GLU A 63 -8.08 -6.65 2.02
C GLU A 63 -7.39 -5.50 2.74
N ALA A 64 -6.08 -5.59 2.95
CA ALA A 64 -5.36 -4.52 3.63
C ALA A 64 -5.57 -3.21 2.89
N LEU A 65 -5.45 -3.24 1.57
CA LEU A 65 -5.71 -2.06 0.77
C LEU A 65 -7.15 -1.61 0.96
N LYS A 66 -8.10 -2.54 0.93
CA LYS A 66 -9.52 -2.21 1.12
C LYS A 66 -9.79 -1.58 2.48
N LYS A 67 -8.97 -1.89 3.48
CA LYS A 67 -9.15 -1.46 4.85
C LYS A 67 -8.10 -0.41 5.23
N SER A 68 -7.52 0.31 4.26
CA SER A 68 -6.35 1.15 4.48
C SER A 68 -6.59 2.27 5.49
N THR A 69 -5.50 2.90 5.91
CA THR A 69 -5.46 3.84 7.02
C THR A 69 -4.97 5.22 6.55
N ARG A 70 -3.73 5.36 6.08
CA ARG A 70 -3.28 6.60 5.45
C ARG A 70 -3.58 6.65 3.96
N LEU A 71 -3.96 5.54 3.34
CA LEU A 71 -4.25 5.48 1.92
C LEU A 71 -5.69 5.04 1.76
N GLN A 72 -6.22 5.09 0.54
CA GLN A 72 -7.58 4.69 0.23
C GLN A 72 -7.52 3.97 -1.12
N VAL A 73 -7.97 2.72 -1.19
CA VAL A 73 -7.99 1.98 -2.43
C VAL A 73 -9.34 2.25 -3.08
N SER A 74 -9.37 2.26 -4.40
CA SER A 74 -10.60 2.34 -5.15
C SER A 74 -11.40 1.07 -4.98
N GLU A 75 -12.68 1.11 -5.36
CA GLU A 75 -13.56 -0.05 -5.32
C GLU A 75 -13.12 -1.12 -6.32
N ASP A 76 -12.26 -0.77 -7.29
CA ASP A 76 -11.69 -1.75 -8.20
C ASP A 76 -10.69 -2.63 -7.46
N GLY A 77 -10.07 -2.12 -6.39
CA GLY A 77 -8.96 -2.80 -5.75
C GLY A 77 -7.82 -3.00 -6.75
N LYS A 78 -7.60 -2.01 -7.62
CA LYS A 78 -6.54 -2.00 -8.62
C LYS A 78 -5.76 -0.68 -8.56
N MET A 79 -6.16 0.26 -7.71
CA MET A 79 -5.38 1.45 -7.47
C MET A 79 -5.64 1.98 -6.07
N VAL A 80 -4.68 2.70 -5.50
CA VAL A 80 -4.81 3.33 -4.19
C VAL A 80 -4.21 4.72 -4.30
N ARG A 81 -4.66 5.63 -3.44
CA ARG A 81 -4.12 6.98 -3.34
C ARG A 81 -3.76 7.25 -1.89
N ARG A 82 -2.73 8.05 -1.65
CA ARG A 82 -2.37 8.50 -0.31
C ARG A 82 -3.42 9.52 0.16
N LEU A 83 -3.26 10.03 1.37
CA LEU A 83 -4.08 11.12 1.89
C LEU A 83 -3.47 12.45 1.46
N ASP A 84 -4.23 13.53 1.63
CA ASP A 84 -3.82 14.89 1.25
C ASP A 84 -2.55 15.33 1.97
N PRO A 85 -2.54 15.44 3.32
CA PRO A 85 -1.33 15.86 4.02
C PRO A 85 -0.25 14.79 3.91
N LEU A 86 1.00 15.23 3.84
CA LEU A 86 2.13 14.32 3.76
C LEU A 86 2.23 13.50 5.05
N PRO A 87 2.80 12.29 4.97
CA PRO A 87 2.92 11.41 6.10
C PRO A 87 4.01 11.90 7.04
N GLU A 88 3.91 11.55 8.31
CA GLU A 88 4.86 11.98 9.33
C GLU A 88 5.08 10.82 10.31
N ASN A 89 5.93 9.86 9.91
CA ASN A 89 6.30 8.69 10.70
C ASN A 89 5.09 7.95 11.27
N ILE A 90 4.13 7.58 10.42
CA ILE A 90 2.98 6.84 10.88
C ILE A 90 3.23 5.35 10.62
N ASP A 91 2.94 4.50 11.61
CA ASP A 91 3.10 3.05 11.54
C ASP A 91 2.24 2.44 12.66
N MET A 1 -3.52 -13.25 8.08
CA MET A 1 -4.60 -14.15 8.52
C MET A 1 -5.46 -13.42 9.56
N SER A 2 -5.02 -13.35 10.82
CA SER A 2 -5.74 -12.62 11.85
C SER A 2 -5.62 -11.12 11.58
N GLU A 3 -6.37 -10.32 12.35
CA GLU A 3 -6.27 -8.87 12.35
C GLU A 3 -4.87 -8.42 12.78
N GLU A 4 -4.16 -9.26 13.53
CA GLU A 4 -2.76 -8.99 13.81
C GLU A 4 -2.01 -8.82 12.49
N THR A 5 -2.21 -9.75 11.55
CA THR A 5 -1.58 -9.66 10.24
C THR A 5 -2.14 -8.47 9.47
N SER A 6 -3.46 -8.36 9.38
CA SER A 6 -4.07 -7.38 8.48
C SER A 6 -3.69 -5.96 8.90
N THR A 7 -3.62 -5.70 10.19
CA THR A 7 -3.21 -4.44 10.77
C THR A 7 -1.71 -4.23 10.62
N GLN A 8 -0.90 -5.28 10.84
CA GLN A 8 0.54 -5.18 10.63
C GLN A 8 0.79 -4.72 9.20
N ILE A 9 0.09 -5.32 8.24
CA ILE A 9 0.39 -5.10 6.85
C ILE A 9 -0.18 -3.76 6.43
N LEU A 10 -1.28 -3.36 7.06
CA LEU A 10 -1.90 -2.06 6.88
C LEU A 10 -0.85 -0.96 7.10
N LYS A 11 -0.26 -0.96 8.29
CA LYS A 11 0.75 0.03 8.63
C LYS A 11 1.95 -0.15 7.71
N GLN A 12 2.28 -1.41 7.38
CA GLN A 12 3.44 -1.70 6.55
C GLN A 12 3.22 -1.23 5.10
N VAL A 13 1.98 -1.09 4.63
CA VAL A 13 1.75 -0.65 3.27
C VAL A 13 2.05 0.83 3.23
N GLU A 14 1.47 1.57 4.18
CA GLU A 14 1.66 2.99 4.22
C GLU A 14 3.09 3.37 4.55
N TYR A 15 3.81 2.50 5.25
CA TYR A 15 5.19 2.71 5.61
C TYR A 15 5.99 3.02 4.35
N TYR A 16 5.77 2.28 3.25
CA TYR A 16 6.46 2.57 2.00
C TYR A 16 6.21 3.99 1.49
N PHE A 17 5.02 4.56 1.76
CA PHE A 17 4.66 5.92 1.37
C PHE A 17 4.94 6.95 2.47
N SER A 18 5.26 6.50 3.68
CA SER A 18 5.34 7.30 4.90
C SER A 18 6.77 7.46 5.37
N ASP A 19 7.67 6.66 4.83
CA ASP A 19 9.09 6.67 5.09
C ASP A 19 9.81 7.52 4.04
N SER A 20 9.04 8.31 3.28
CA SER A 20 9.49 9.02 2.09
C SER A 20 10.26 8.13 1.12
N ASN A 21 10.01 6.81 1.14
CA ASN A 21 10.76 5.89 0.31
C ASN A 21 10.12 5.75 -1.08
N PHE A 22 8.83 6.09 -1.25
CA PHE A 22 8.18 6.03 -2.55
C PHE A 22 8.88 6.87 -3.62
N PRO A 23 9.21 8.15 -3.39
CA PRO A 23 9.81 8.94 -4.45
C PRO A 23 11.18 8.38 -4.86
N ARG A 24 11.86 7.73 -3.93
CA ARG A 24 13.18 7.16 -4.12
C ARG A 24 13.07 5.87 -4.92
N ASP A 25 12.13 5.02 -4.55
CA ASP A 25 12.03 3.67 -5.03
C ASP A 25 11.24 3.72 -6.34
N LYS A 26 11.98 3.77 -7.43
CA LYS A 26 11.43 3.91 -8.78
C LYS A 26 10.44 2.80 -9.11
N PHE A 27 10.49 1.68 -8.39
CA PHE A 27 9.47 0.64 -8.43
C PHE A 27 8.10 1.21 -8.12
N LEU A 28 7.96 1.84 -6.94
CA LEU A 28 6.69 2.49 -6.58
C LEU A 28 6.39 3.55 -7.61
N ARG A 29 7.35 4.44 -7.83
CA ARG A 29 7.15 5.60 -8.69
C ARG A 29 6.70 5.20 -10.09
N SER A 30 7.11 4.03 -10.61
CA SER A 30 6.70 3.61 -11.94
C SER A 30 5.19 3.38 -11.98
N GLU A 31 4.59 2.85 -10.91
CA GLU A 31 3.14 2.75 -10.87
C GLU A 31 2.51 4.09 -10.58
N ALA A 32 3.03 4.81 -9.58
CA ALA A 32 2.50 6.11 -9.17
C ALA A 32 2.38 7.05 -10.37
N ALA A 33 3.37 6.97 -11.28
CA ALA A 33 3.50 7.79 -12.47
C ALA A 33 2.34 7.67 -13.47
N LYS A 34 1.35 6.80 -13.24
CA LYS A 34 0.17 6.76 -14.07
C LYS A 34 -0.78 7.87 -13.64
N ASN A 35 -0.86 8.16 -12.33
CA ASN A 35 -1.75 9.18 -11.82
C ASN A 35 -1.13 9.86 -10.61
N VAL A 36 0.08 10.40 -10.77
CA VAL A 36 0.81 11.13 -9.74
C VAL A 36 1.21 10.19 -8.59
N ASP A 37 0.25 9.83 -7.73
CA ASP A 37 0.40 8.82 -6.68
C ASP A 37 -0.98 8.36 -6.20
N ASN A 38 -1.91 8.28 -7.16
CA ASN A 38 -3.31 7.94 -6.94
C ASN A 38 -3.63 6.53 -7.45
N TYR A 39 -2.79 5.99 -8.34
CA TYR A 39 -2.97 4.70 -8.98
C TYR A 39 -1.73 3.88 -8.60
N ILE A 40 -1.94 2.75 -7.93
CA ILE A 40 -0.87 1.86 -7.50
C ILE A 40 -1.42 0.44 -7.68
N SER A 41 -0.98 -0.32 -8.70
CA SER A 41 -1.55 -1.64 -8.88
C SER A 41 -1.13 -2.61 -7.79
N ILE A 42 -2.05 -3.50 -7.43
CA ILE A 42 -1.75 -4.62 -6.55
C ILE A 42 -0.68 -5.53 -7.13
N ASP A 43 -0.28 -5.39 -8.41
CA ASP A 43 0.88 -6.12 -8.89
C ASP A 43 2.13 -5.66 -8.15
N VAL A 44 2.33 -4.35 -8.00
CA VAL A 44 3.48 -3.78 -7.32
C VAL A 44 3.42 -4.18 -5.85
N ILE A 45 2.25 -4.04 -5.22
CA ILE A 45 2.11 -4.25 -3.79
C ILE A 45 2.25 -5.74 -3.48
N ALA A 46 1.72 -6.61 -4.33
CA ALA A 46 1.94 -8.04 -4.21
C ALA A 46 3.40 -8.36 -4.49
N SER A 47 4.07 -7.57 -5.33
CA SER A 47 5.46 -7.78 -5.69
C SER A 47 6.40 -6.97 -4.79
N PHE A 48 5.92 -6.41 -3.68
CA PHE A 48 6.79 -5.67 -2.75
C PHE A 48 7.76 -6.58 -1.98
N ASN A 49 7.69 -7.90 -2.19
CA ASN A 49 8.30 -8.95 -1.38
C ASN A 49 7.69 -8.96 0.02
N ARG A 50 7.97 -7.95 0.84
CA ARG A 50 7.59 -7.90 2.24
C ARG A 50 6.07 -7.98 2.43
N MET A 51 5.30 -7.36 1.54
CA MET A 51 3.85 -7.48 1.58
C MET A 51 3.45 -8.90 1.20
N LYS A 52 4.11 -9.50 0.20
CA LYS A 52 3.78 -10.86 -0.20
C LYS A 52 3.94 -11.80 0.98
N THR A 53 5.04 -11.67 1.71
CA THR A 53 5.34 -12.55 2.82
C THR A 53 4.39 -12.29 3.98
N ILE A 54 4.26 -11.02 4.41
CA ILE A 54 3.41 -10.71 5.56
C ILE A 54 1.97 -11.16 5.28
N SER A 55 1.50 -11.00 4.05
CA SER A 55 0.14 -11.38 3.71
C SER A 55 0.01 -12.89 3.65
N THR A 56 1.01 -13.52 3.02
CA THR A 56 0.99 -14.88 2.58
C THR A 56 -0.09 -15.16 1.51
N ASP A 57 -0.98 -14.20 1.21
CA ASP A 57 -2.13 -14.44 0.36
C ASP A 57 -2.62 -13.09 -0.18
N LEU A 58 -2.92 -13.04 -1.47
CA LEU A 58 -3.47 -11.87 -2.13
C LEU A 58 -4.82 -11.48 -1.54
N GLN A 59 -5.52 -12.40 -0.90
CA GLN A 59 -6.78 -12.15 -0.23
C GLN A 59 -6.53 -11.19 0.91
N LEU A 60 -5.49 -11.46 1.71
CA LEU A 60 -5.17 -10.64 2.88
C LEU A 60 -4.55 -9.34 2.42
N ILE A 61 -3.78 -9.34 1.33
CA ILE A 61 -3.28 -8.09 0.77
C ILE A 61 -4.45 -7.21 0.31
N THR A 62 -5.46 -7.83 -0.29
CA THR A 62 -6.60 -7.11 -0.83
C THR A 62 -7.46 -6.62 0.32
N GLU A 63 -7.61 -7.41 1.38
CA GLU A 63 -8.36 -6.95 2.54
C GLU A 63 -7.65 -5.77 3.15
N ALA A 64 -6.33 -5.84 3.29
CA ALA A 64 -5.58 -4.76 3.92
C ALA A 64 -5.85 -3.47 3.17
N LEU A 65 -5.80 -3.52 1.84
CA LEU A 65 -6.07 -2.35 1.03
C LEU A 65 -7.51 -1.90 1.23
N LYS A 66 -8.45 -2.83 1.29
CA LYS A 66 -9.86 -2.51 1.52
C LYS A 66 -10.08 -1.89 2.89
N LYS A 67 -9.17 -2.14 3.84
CA LYS A 67 -9.21 -1.61 5.20
C LYS A 67 -8.18 -0.50 5.41
N SER A 68 -7.59 0.06 4.34
CA SER A 68 -6.47 0.99 4.48
C SER A 68 -6.77 2.11 5.47
N THR A 69 -5.76 2.48 6.27
CA THR A 69 -5.93 3.39 7.37
C THR A 69 -5.59 4.81 6.90
N ARG A 70 -4.44 5.01 6.26
CA ARG A 70 -4.06 6.32 5.76
C ARG A 70 -4.35 6.48 4.26
N LEU A 71 -4.67 5.42 3.52
CA LEU A 71 -4.88 5.48 2.09
C LEU A 71 -6.33 5.07 1.81
N GLN A 72 -6.77 5.08 0.55
CA GLN A 72 -8.04 4.47 0.17
C GLN A 72 -7.86 3.71 -1.15
N VAL A 73 -8.30 2.46 -1.19
CA VAL A 73 -8.29 1.63 -2.40
C VAL A 73 -9.62 1.80 -3.11
N SER A 74 -9.59 1.72 -4.44
CA SER A 74 -10.79 1.74 -5.26
C SER A 74 -10.48 1.27 -6.67
N GLU A 75 -11.30 1.71 -7.63
CA GLU A 75 -11.40 1.31 -9.03
C GLU A 75 -11.85 -0.15 -9.11
N ASP A 76 -10.96 -1.04 -8.69
CA ASP A 76 -11.14 -2.49 -8.79
C ASP A 76 -10.33 -3.17 -7.68
N GLY A 77 -9.97 -2.45 -6.62
CA GLY A 77 -8.96 -2.97 -5.71
C GLY A 77 -7.61 -3.11 -6.41
N LYS A 78 -7.39 -2.37 -7.50
CA LYS A 78 -6.13 -2.35 -8.24
C LYS A 78 -5.55 -0.94 -8.25
N MET A 79 -6.08 -0.04 -7.44
CA MET A 79 -5.47 1.24 -7.24
C MET A 79 -5.73 1.65 -5.82
N VAL A 80 -4.76 2.32 -5.21
CA VAL A 80 -4.93 2.95 -3.92
C VAL A 80 -4.31 4.32 -4.06
N ARG A 81 -4.86 5.28 -3.33
CA ARG A 81 -4.43 6.65 -3.39
C ARG A 81 -3.97 7.07 -2.00
N ARG A 82 -2.79 7.67 -1.91
CA ARG A 82 -2.32 8.15 -0.62
C ARG A 82 -2.87 9.56 -0.36
N LEU A 83 -2.62 10.06 0.83
CA LEU A 83 -3.19 11.31 1.31
C LEU A 83 -2.30 12.50 0.95
N ASP A 84 -2.89 13.69 0.87
CA ASP A 84 -2.18 14.93 0.54
C ASP A 84 -1.15 15.31 1.60
N PRO A 85 -1.55 15.61 2.86
CA PRO A 85 -0.61 16.01 3.89
C PRO A 85 0.22 14.81 4.35
N LEU A 86 1.35 15.06 5.01
CA LEU A 86 2.28 13.98 5.33
C LEU A 86 1.67 12.95 6.27
N PRO A 87 1.99 11.66 6.09
CA PRO A 87 1.42 10.58 6.88
C PRO A 87 1.99 10.55 8.30
N GLU A 88 1.28 11.11 9.27
CA GLU A 88 1.72 11.16 10.66
C GLU A 88 0.59 10.68 11.56
N ASN A 89 0.55 9.37 11.85
CA ASN A 89 -0.46 8.70 12.69
C ASN A 89 -1.89 9.05 12.29
N ILE A 90 -2.16 9.17 11.00
CA ILE A 90 -3.49 9.51 10.54
C ILE A 90 -4.32 8.23 10.44
N ASP A 91 -5.65 8.39 10.47
CA ASP A 91 -6.67 7.37 10.25
C ASP A 91 -7.88 8.07 9.62
N MET A 1 -3.25 -13.74 13.13
CA MET A 1 -4.69 -14.04 13.23
C MET A 1 -5.39 -13.53 11.97
N SER A 2 -6.10 -12.40 12.04
CA SER A 2 -6.77 -11.81 10.90
C SER A 2 -6.53 -10.31 11.00
N GLU A 3 -7.16 -9.65 11.98
CA GLU A 3 -6.96 -8.21 12.19
C GLU A 3 -5.55 -7.87 12.61
N GLU A 4 -4.85 -8.72 13.37
CA GLU A 4 -3.46 -8.47 13.71
C GLU A 4 -2.62 -8.36 12.44
N THR A 5 -2.64 -9.40 11.62
CA THR A 5 -1.83 -9.52 10.43
C THR A 5 -2.22 -8.43 9.44
N SER A 6 -3.51 -8.25 9.21
CA SER A 6 -4.07 -7.26 8.31
C SER A 6 -3.64 -5.86 8.76
N THR A 7 -3.69 -5.55 10.05
CA THR A 7 -3.27 -4.24 10.53
C THR A 7 -1.76 -4.07 10.50
N GLN A 8 -1.01 -5.13 10.77
CA GLN A 8 0.44 -5.09 10.65
C GLN A 8 0.81 -4.77 9.22
N ILE A 9 0.11 -5.40 8.27
CA ILE A 9 0.45 -5.26 6.88
C ILE A 9 0.02 -3.88 6.43
N LEU A 10 -1.15 -3.44 6.87
CA LEU A 10 -1.74 -2.17 6.49
C LEU A 10 -0.79 -1.04 6.88
N LYS A 11 -0.34 -1.00 8.14
CA LYS A 11 0.68 -0.02 8.52
C LYS A 11 1.88 -0.16 7.59
N GLN A 12 2.28 -1.39 7.33
CA GLN A 12 3.41 -1.65 6.45
C GLN A 12 3.17 -1.26 5.00
N VAL A 13 1.92 -1.07 4.54
CA VAL A 13 1.64 -0.56 3.21
C VAL A 13 1.93 0.93 3.24
N GLU A 14 1.31 1.65 4.18
CA GLU A 14 1.50 3.09 4.30
C GLU A 14 2.98 3.42 4.50
N TYR A 15 3.72 2.55 5.18
CA TYR A 15 5.11 2.73 5.51
C TYR A 15 5.90 3.07 4.25
N TYR A 16 5.68 2.35 3.15
CA TYR A 16 6.42 2.61 1.93
C TYR A 16 6.22 4.04 1.44
N PHE A 17 5.02 4.57 1.61
CA PHE A 17 4.67 5.91 1.19
C PHE A 17 5.05 6.97 2.23
N SER A 18 5.25 6.54 3.47
CA SER A 18 5.43 7.39 4.65
C SER A 18 6.89 7.57 5.01
N ASP A 19 7.73 6.62 4.64
CA ASP A 19 9.14 6.57 4.95
C ASP A 19 9.91 7.30 3.84
N SER A 20 9.21 8.19 3.13
CA SER A 20 9.61 8.81 1.88
C SER A 20 10.31 7.82 0.94
N ASN A 21 9.89 6.55 0.94
CA ASN A 21 10.51 5.56 0.09
C ASN A 21 9.79 5.44 -1.25
N PHE A 22 8.57 5.99 -1.40
CA PHE A 22 7.89 6.06 -2.68
C PHE A 22 8.73 6.80 -3.72
N PRO A 23 9.21 8.02 -3.46
CA PRO A 23 9.95 8.76 -4.47
C PRO A 23 11.37 8.19 -4.64
N ARG A 24 11.82 7.36 -3.71
CA ARG A 24 13.13 6.74 -3.83
C ARG A 24 13.05 5.52 -4.75
N ASP A 25 12.05 4.68 -4.53
CA ASP A 25 11.95 3.39 -5.19
C ASP A 25 11.34 3.59 -6.56
N LYS A 26 12.15 3.47 -7.61
CA LYS A 26 11.64 3.54 -8.97
C LYS A 26 10.49 2.57 -9.23
N PHE A 27 10.43 1.46 -8.48
CA PHE A 27 9.36 0.48 -8.50
C PHE A 27 8.04 1.17 -8.23
N LEU A 28 7.95 1.85 -7.09
CA LEU A 28 6.73 2.57 -6.73
C LEU A 28 6.46 3.63 -7.78
N ARG A 29 7.44 4.48 -8.07
CA ARG A 29 7.29 5.55 -9.04
C ARG A 29 6.83 5.04 -10.41
N SER A 30 7.13 3.82 -10.81
CA SER A 30 6.65 3.35 -12.11
C SER A 30 5.13 3.28 -12.12
N GLU A 31 4.56 2.79 -11.03
CA GLU A 31 3.11 2.65 -10.93
C GLU A 31 2.50 4.01 -10.67
N ALA A 32 3.04 4.73 -9.68
CA ALA A 32 2.58 6.05 -9.29
C ALA A 32 2.58 6.98 -10.50
N ALA A 33 3.54 6.82 -11.42
CA ALA A 33 3.65 7.61 -12.64
C ALA A 33 2.61 7.23 -13.71
N LYS A 34 1.51 6.56 -13.36
CA LYS A 34 0.31 6.56 -14.19
C LYS A 34 -0.61 7.69 -13.72
N ASN A 35 -0.53 8.09 -12.45
CA ASN A 35 -1.42 9.10 -11.91
C ASN A 35 -0.85 9.76 -10.66
N VAL A 36 0.33 10.39 -10.78
CA VAL A 36 1.02 11.08 -9.70
C VAL A 36 1.44 10.11 -8.58
N ASP A 37 0.50 9.68 -7.74
CA ASP A 37 0.65 8.64 -6.72
C ASP A 37 -0.75 8.19 -6.28
N ASN A 38 -1.66 8.07 -7.26
CA ASN A 38 -3.03 7.61 -7.13
C ASN A 38 -3.20 6.22 -7.74
N TYR A 39 -2.54 5.98 -8.88
CA TYR A 39 -2.58 4.68 -9.51
C TYR A 39 -1.44 3.84 -8.94
N ILE A 40 -1.77 2.76 -8.26
CA ILE A 40 -0.81 1.82 -7.71
C ILE A 40 -1.40 0.43 -7.88
N SER A 41 -0.92 -0.34 -8.85
CA SER A 41 -1.47 -1.66 -9.10
C SER A 41 -1.21 -2.56 -7.91
N ILE A 42 -2.21 -3.37 -7.54
CA ILE A 42 -2.04 -4.38 -6.51
C ILE A 42 -0.97 -5.41 -6.88
N ASP A 43 -0.49 -5.44 -8.12
CA ASP A 43 0.64 -6.30 -8.49
C ASP A 43 1.92 -5.80 -7.85
N VAL A 44 2.16 -4.49 -7.82
CA VAL A 44 3.34 -3.90 -7.19
C VAL A 44 3.27 -4.21 -5.71
N ILE A 45 2.11 -3.98 -5.11
CA ILE A 45 1.94 -4.06 -3.67
C ILE A 45 1.98 -5.51 -3.23
N ALA A 46 1.46 -6.43 -4.04
CA ALA A 46 1.62 -7.85 -3.77
C ALA A 46 3.10 -8.20 -3.89
N SER A 47 3.76 -7.62 -4.88
CA SER A 47 5.14 -7.96 -5.21
C SER A 47 6.14 -7.14 -4.36
N PHE A 48 5.68 -6.41 -3.33
CA PHE A 48 6.54 -5.62 -2.46
C PHE A 48 7.51 -6.45 -1.61
N ASN A 49 7.49 -7.78 -1.74
CA ASN A 49 8.38 -8.72 -1.04
C ASN A 49 7.96 -8.84 0.42
N ARG A 50 8.21 -7.82 1.23
CA ARG A 50 7.71 -7.76 2.61
C ARG A 50 6.20 -7.95 2.64
N MET A 51 5.47 -7.37 1.68
CA MET A 51 4.03 -7.59 1.55
C MET A 51 3.74 -9.05 1.32
N LYS A 52 4.32 -9.67 0.30
CA LYS A 52 4.06 -11.08 -0.03
C LYS A 52 4.27 -11.96 1.20
N THR A 53 5.31 -11.68 1.97
CA THR A 53 5.66 -12.49 3.13
C THR A 53 4.63 -12.27 4.25
N ILE A 54 4.34 -11.01 4.60
CA ILE A 54 3.46 -10.73 5.73
C ILE A 54 2.04 -11.19 5.41
N SER A 55 1.63 -11.11 4.14
CA SER A 55 0.28 -11.51 3.76
C SER A 55 0.22 -13.02 3.63
N THR A 56 1.28 -13.58 3.05
CA THR A 56 1.33 -14.96 2.59
C THR A 56 0.27 -15.27 1.51
N ASP A 57 -0.53 -14.30 1.09
CA ASP A 57 -1.62 -14.48 0.13
C ASP A 57 -1.99 -13.11 -0.42
N LEU A 58 -2.37 -13.05 -1.70
CA LEU A 58 -2.92 -11.86 -2.34
C LEU A 58 -4.27 -11.49 -1.74
N GLN A 59 -4.96 -12.43 -1.11
CA GLN A 59 -6.25 -12.21 -0.47
C GLN A 59 -6.07 -11.23 0.68
N LEU A 60 -5.12 -11.51 1.58
CA LEU A 60 -4.81 -10.63 2.70
C LEU A 60 -4.27 -9.30 2.19
N ILE A 61 -3.52 -9.31 1.09
CA ILE A 61 -2.99 -8.06 0.53
C ILE A 61 -4.14 -7.21 0.00
N THR A 62 -5.14 -7.84 -0.62
CA THR A 62 -6.25 -7.12 -1.21
C THR A 62 -7.13 -6.58 -0.09
N GLU A 63 -7.38 -7.38 0.94
CA GLU A 63 -8.21 -6.93 2.04
C GLU A 63 -7.51 -5.82 2.81
N ALA A 64 -6.18 -5.90 2.95
CA ALA A 64 -5.41 -4.85 3.61
C ALA A 64 -5.70 -3.50 2.97
N LEU A 65 -5.63 -3.43 1.64
CA LEU A 65 -5.96 -2.22 0.91
C LEU A 65 -7.41 -1.83 1.15
N LYS A 66 -8.32 -2.80 1.09
CA LYS A 66 -9.75 -2.56 1.32
C LYS A 66 -10.00 -1.96 2.70
N LYS A 67 -9.15 -2.29 3.68
CA LYS A 67 -9.24 -1.77 5.03
C LYS A 67 -8.10 -0.76 5.24
N SER A 68 -7.87 0.14 4.29
CA SER A 68 -6.80 1.10 4.42
C SER A 68 -7.02 2.03 5.62
N THR A 69 -5.95 2.71 6.03
CA THR A 69 -5.93 3.61 7.19
C THR A 69 -5.59 5.01 6.71
N ARG A 70 -4.44 5.15 6.05
CA ARG A 70 -3.92 6.42 5.59
C ARG A 70 -3.91 6.53 4.06
N LEU A 71 -4.38 5.49 3.36
CA LEU A 71 -4.52 5.50 1.93
C LEU A 71 -5.98 5.17 1.63
N GLN A 72 -6.37 5.18 0.37
CA GLN A 72 -7.71 4.85 -0.08
C GLN A 72 -7.59 4.07 -1.36
N VAL A 73 -8.18 2.88 -1.41
CA VAL A 73 -8.16 2.03 -2.58
C VAL A 73 -9.42 2.33 -3.38
N SER A 74 -9.33 2.33 -4.70
CA SER A 74 -10.51 2.44 -5.53
C SER A 74 -11.38 1.21 -5.35
N GLU A 75 -12.64 1.32 -5.75
CA GLU A 75 -13.56 0.20 -5.74
C GLU A 75 -13.10 -0.88 -6.74
N ASP A 76 -12.17 -0.54 -7.65
CA ASP A 76 -11.65 -1.50 -8.62
C ASP A 76 -10.57 -2.37 -7.99
N GLY A 77 -10.00 -1.94 -6.85
CA GLY A 77 -8.96 -2.72 -6.18
C GLY A 77 -7.73 -2.92 -7.07
N LYS A 78 -7.44 -1.91 -7.91
CA LYS A 78 -6.25 -1.86 -8.75
C LYS A 78 -5.53 -0.52 -8.59
N MET A 79 -6.00 0.36 -7.71
CA MET A 79 -5.30 1.61 -7.49
C MET A 79 -5.54 2.15 -6.09
N VAL A 80 -4.61 2.98 -5.60
CA VAL A 80 -4.56 3.38 -4.22
C VAL A 80 -3.93 4.76 -4.15
N ARG A 81 -4.52 5.67 -3.38
CA ARG A 81 -4.02 7.02 -3.25
C ARG A 81 -3.73 7.25 -1.78
N ARG A 82 -2.61 7.88 -1.45
CA ARG A 82 -2.33 8.26 -0.06
C ARG A 82 -3.37 9.27 0.41
N LEU A 83 -3.20 9.77 1.62
CA LEU A 83 -3.91 10.95 2.03
C LEU A 83 -3.14 12.17 1.52
N ASP A 84 -3.70 13.36 1.72
CA ASP A 84 -3.06 14.62 1.38
C ASP A 84 -2.15 15.09 2.52
N PRO A 85 -2.61 15.17 3.79
CA PRO A 85 -1.70 15.45 4.88
C PRO A 85 -0.69 14.32 5.02
N LEU A 86 0.44 14.62 5.69
CA LEU A 86 1.53 13.67 5.82
C LEU A 86 1.08 12.43 6.61
N PRO A 87 1.64 11.26 6.30
CA PRO A 87 1.34 10.04 7.03
C PRO A 87 1.89 10.12 8.45
N GLU A 88 1.22 9.43 9.38
CA GLU A 88 1.49 9.54 10.81
C GLU A 88 0.68 8.46 11.53
N ASN A 89 1.05 8.15 12.78
CA ASN A 89 0.56 7.04 13.59
C ASN A 89 0.89 5.70 12.96
N ILE A 90 2.17 5.52 12.63
CA ILE A 90 2.64 4.29 12.05
C ILE A 90 3.93 3.89 12.78
N ASP A 91 4.33 2.63 12.67
CA ASP A 91 5.40 1.98 13.41
C ASP A 91 6.27 1.23 12.43
N MET A 1 -3.40 -12.41 14.55
CA MET A 1 -4.66 -13.14 14.71
C MET A 1 -5.81 -12.47 13.94
N SER A 2 -5.86 -12.62 12.60
CA SER A 2 -6.85 -11.93 11.78
C SER A 2 -6.59 -10.43 11.80
N GLU A 3 -7.02 -9.69 12.84
CA GLU A 3 -6.79 -8.26 12.95
C GLU A 3 -5.30 -7.96 12.92
N GLU A 4 -4.46 -8.57 13.76
CA GLU A 4 -3.04 -8.25 13.66
C GLU A 4 -2.48 -8.53 12.27
N THR A 5 -3.04 -9.50 11.55
CA THR A 5 -2.52 -9.91 10.27
C THR A 5 -2.84 -8.84 9.24
N SER A 6 -4.13 -8.50 9.09
CA SER A 6 -4.57 -7.45 8.20
C SER A 6 -3.81 -6.18 8.57
N THR A 7 -3.85 -5.81 9.84
CA THR A 7 -3.26 -4.61 10.41
C THR A 7 -1.75 -4.55 10.30
N GLN A 8 -1.05 -5.68 10.33
CA GLN A 8 0.39 -5.72 10.03
C GLN A 8 0.59 -5.16 8.63
N ILE A 9 -0.22 -5.64 7.70
CA ILE A 9 -0.05 -5.31 6.29
C ILE A 9 -0.54 -3.89 6.07
N LEU A 10 -1.55 -3.47 6.83
CA LEU A 10 -2.21 -2.19 6.76
C LEU A 10 -1.19 -1.12 7.11
N LYS A 11 -0.51 -1.29 8.24
CA LYS A 11 0.56 -0.41 8.66
C LYS A 11 1.75 -0.53 7.71
N GLN A 12 1.95 -1.71 7.14
CA GLN A 12 3.02 -1.90 6.16
C GLN A 12 2.72 -1.08 4.89
N VAL A 13 1.44 -0.96 4.51
CA VAL A 13 1.05 -0.28 3.29
C VAL A 13 1.25 1.22 3.49
N GLU A 14 0.85 1.74 4.65
CA GLU A 14 1.09 3.14 4.92
C GLU A 14 2.58 3.41 5.05
N TYR A 15 3.35 2.48 5.62
CA TYR A 15 4.79 2.54 5.76
C TYR A 15 5.43 2.74 4.39
N TYR A 16 5.04 1.99 3.36
CA TYR A 16 5.60 2.14 2.02
C TYR A 16 5.53 3.59 1.50
N PHE A 17 4.50 4.35 1.89
CA PHE A 17 4.32 5.72 1.43
C PHE A 17 4.59 6.74 2.54
N SER A 18 4.94 6.28 3.74
CA SER A 18 5.20 7.08 4.93
C SER A 18 6.71 7.23 5.15
N ASP A 19 7.49 6.21 4.77
CA ASP A 19 8.92 6.05 4.99
C ASP A 19 9.74 6.88 4.01
N SER A 20 9.08 7.80 3.30
CA SER A 20 9.62 8.53 2.16
C SER A 20 10.36 7.63 1.16
N ASN A 21 10.02 6.34 1.10
CA ASN A 21 10.63 5.45 0.12
C ASN A 21 9.89 5.55 -1.21
N PHE A 22 8.62 5.98 -1.26
CA PHE A 22 7.90 6.08 -2.51
C PHE A 22 8.65 6.96 -3.51
N PRO A 23 9.07 8.19 -3.18
CA PRO A 23 9.71 9.04 -4.16
C PRO A 23 11.10 8.53 -4.56
N ARG A 24 11.73 7.74 -3.68
CA ARG A 24 13.08 7.24 -3.85
C ARG A 24 13.11 5.95 -4.67
N ASP A 25 12.05 5.15 -4.59
CA ASP A 25 12.00 3.84 -5.20
C ASP A 25 11.28 3.97 -6.53
N LYS A 26 12.06 3.93 -7.61
CA LYS A 26 11.56 4.02 -8.97
C LYS A 26 10.47 2.99 -9.26
N PHE A 27 10.49 1.86 -8.55
CA PHE A 27 9.46 0.84 -8.59
C PHE A 27 8.11 1.46 -8.27
N LEU A 28 7.99 2.07 -7.08
CA LEU A 28 6.73 2.70 -6.70
C LEU A 28 6.38 3.79 -7.68
N ARG A 29 7.33 4.69 -7.95
CA ARG A 29 7.14 5.81 -8.86
C ARG A 29 6.70 5.36 -10.25
N SER A 30 7.03 4.16 -10.71
CA SER A 30 6.53 3.69 -11.99
C SER A 30 5.01 3.66 -11.95
N GLU A 31 4.45 2.99 -10.94
CA GLU A 31 3.01 2.80 -10.97
C GLU A 31 2.33 4.09 -10.55
N ALA A 32 2.89 4.77 -9.55
CA ALA A 32 2.40 6.05 -9.09
C ALA A 32 2.38 7.08 -10.23
N ALA A 33 3.34 7.02 -11.15
CA ALA A 33 3.45 7.91 -12.29
C ALA A 33 2.23 7.84 -13.22
N LYS A 34 1.31 6.89 -13.05
CA LYS A 34 0.11 6.84 -13.88
C LYS A 34 -0.95 7.82 -13.38
N ASN A 35 -0.82 8.39 -12.17
CA ASN A 35 -1.54 9.59 -11.73
C ASN A 35 -0.91 10.12 -10.45
N VAL A 36 0.29 10.69 -10.54
CA VAL A 36 1.06 11.25 -9.43
C VAL A 36 1.43 10.15 -8.43
N ASP A 37 0.47 9.66 -7.66
CA ASP A 37 0.50 8.56 -6.74
C ASP A 37 -0.93 8.16 -6.32
N ASN A 38 -1.84 8.19 -7.31
CA ASN A 38 -3.23 7.76 -7.22
C ASN A 38 -3.45 6.42 -7.93
N TYR A 39 -2.44 5.92 -8.65
CA TYR A 39 -2.52 4.67 -9.40
C TYR A 39 -1.40 3.81 -8.83
N ILE A 40 -1.73 2.73 -8.16
CA ILE A 40 -0.73 1.83 -7.61
C ILE A 40 -1.32 0.43 -7.79
N SER A 41 -0.73 -0.39 -8.65
CA SER A 41 -1.30 -1.70 -8.90
C SER A 41 -1.07 -2.59 -7.68
N ILE A 42 -2.09 -3.35 -7.30
CA ILE A 42 -1.93 -4.40 -6.31
C ILE A 42 -0.94 -5.46 -6.79
N ASP A 43 -0.58 -5.47 -8.07
CA ASP A 43 0.44 -6.39 -8.56
C ASP A 43 1.79 -6.01 -7.97
N VAL A 44 2.12 -4.72 -7.97
CA VAL A 44 3.37 -4.21 -7.44
C VAL A 44 3.39 -4.42 -5.93
N ILE A 45 2.30 -4.07 -5.25
CA ILE A 45 2.23 -4.18 -3.80
C ILE A 45 2.30 -5.66 -3.40
N ALA A 46 1.67 -6.55 -4.17
CA ALA A 46 1.79 -7.96 -3.93
C ALA A 46 3.23 -8.41 -4.17
N SER A 47 3.90 -7.78 -5.14
CA SER A 47 5.27 -8.12 -5.51
C SER A 47 6.30 -7.31 -4.72
N PHE A 48 5.91 -6.59 -3.66
CA PHE A 48 6.83 -5.76 -2.88
C PHE A 48 7.81 -6.57 -2.03
N ASN A 49 7.81 -7.90 -2.15
CA ASN A 49 8.46 -8.86 -1.27
C ASN A 49 7.90 -8.80 0.15
N ARG A 50 8.18 -7.74 0.92
CA ARG A 50 7.71 -7.60 2.30
C ARG A 50 6.21 -7.84 2.41
N MET A 51 5.41 -7.33 1.47
CA MET A 51 3.98 -7.56 1.50
C MET A 51 3.65 -9.00 1.20
N LYS A 52 4.31 -9.62 0.23
CA LYS A 52 4.07 -11.00 -0.12
C LYS A 52 4.30 -11.85 1.13
N THR A 53 5.33 -11.54 1.90
CA THR A 53 5.68 -12.33 3.07
C THR A 53 4.75 -12.04 4.25
N ILE A 54 4.55 -10.77 4.59
CA ILE A 54 3.77 -10.38 5.76
C ILE A 54 2.31 -10.80 5.55
N SER A 55 1.83 -10.73 4.31
CA SER A 55 0.47 -11.16 3.99
C SER A 55 0.41 -12.65 3.80
N THR A 56 1.45 -13.23 3.19
CA THR A 56 1.50 -14.60 2.75
C THR A 56 0.50 -14.93 1.62
N ASP A 57 -0.56 -14.12 1.41
CA ASP A 57 -1.57 -14.37 0.43
C ASP A 57 -2.14 -13.06 -0.10
N LEU A 58 -2.63 -13.11 -1.33
CA LEU A 58 -3.20 -12.01 -2.09
C LEU A 58 -4.50 -11.51 -1.49
N GLN A 59 -5.24 -12.36 -0.79
CA GLN A 59 -6.51 -11.99 -0.19
C GLN A 59 -6.26 -10.99 0.91
N LEU A 60 -5.27 -11.27 1.76
CA LEU A 60 -4.87 -10.39 2.83
C LEU A 60 -4.29 -9.09 2.27
N ILE A 61 -3.61 -9.14 1.13
CA ILE A 61 -3.12 -7.91 0.51
C ILE A 61 -4.32 -7.08 0.02
N THR A 62 -5.33 -7.76 -0.53
CA THR A 62 -6.52 -7.08 -1.02
C THR A 62 -7.25 -6.43 0.14
N GLU A 63 -7.39 -7.15 1.25
CA GLU A 63 -8.10 -6.59 2.40
C GLU A 63 -7.30 -5.45 3.00
N ALA A 64 -5.97 -5.58 3.03
CA ALA A 64 -5.12 -4.54 3.62
C ALA A 64 -5.39 -3.21 2.94
N LEU A 65 -5.44 -3.22 1.61
CA LEU A 65 -5.79 -2.05 0.84
C LEU A 65 -7.24 -1.65 1.09
N LYS A 66 -8.15 -2.61 1.14
CA LYS A 66 -9.58 -2.35 1.32
C LYS A 66 -9.88 -1.70 2.67
N LYS A 67 -9.02 -1.90 3.68
CA LYS A 67 -9.14 -1.25 4.97
C LYS A 67 -8.03 -0.21 5.13
N SER A 68 -7.60 0.44 4.04
CA SER A 68 -6.51 1.40 4.12
C SER A 68 -6.82 2.51 5.13
N THR A 69 -5.76 3.01 5.75
CA THR A 69 -5.83 3.97 6.85
C THR A 69 -5.41 5.33 6.33
N ARG A 70 -4.17 5.45 5.86
CA ARG A 70 -3.65 6.69 5.31
C ARG A 70 -3.82 6.73 3.80
N LEU A 71 -4.17 5.61 3.17
CA LEU A 71 -4.33 5.55 1.73
C LEU A 71 -5.82 5.25 1.48
N GLN A 72 -6.25 5.19 0.23
CA GLN A 72 -7.62 4.83 -0.12
C GLN A 72 -7.58 3.98 -1.37
N VAL A 73 -8.10 2.76 -1.33
CA VAL A 73 -8.15 1.91 -2.51
C VAL A 73 -9.49 2.14 -3.20
N SER A 74 -9.47 2.11 -4.53
CA SER A 74 -10.70 2.03 -5.31
C SER A 74 -11.37 0.69 -5.07
N GLU A 75 -12.66 0.62 -5.38
CA GLU A 75 -13.43 -0.61 -5.35
C GLU A 75 -12.86 -1.65 -6.31
N ASP A 76 -12.04 -1.24 -7.28
CA ASP A 76 -11.39 -2.18 -8.18
C ASP A 76 -10.33 -2.96 -7.41
N GLY A 77 -9.61 -2.29 -6.51
CA GLY A 77 -8.49 -2.92 -5.83
C GLY A 77 -7.25 -3.02 -6.73
N LYS A 78 -7.24 -2.36 -7.90
CA LYS A 78 -6.04 -2.26 -8.74
C LYS A 78 -5.46 -0.86 -8.65
N MET A 79 -6.02 0.02 -7.82
CA MET A 79 -5.43 1.32 -7.63
C MET A 79 -5.74 1.83 -6.24
N VAL A 80 -4.78 2.50 -5.62
CA VAL A 80 -4.90 3.11 -4.31
C VAL A 80 -4.22 4.48 -4.41
N ARG A 81 -4.63 5.42 -3.57
CA ARG A 81 -4.04 6.76 -3.51
C ARG A 81 -3.49 6.97 -2.12
N ARG A 82 -2.35 7.66 -2.01
CA ARG A 82 -1.72 7.91 -0.71
C ARG A 82 -2.50 8.96 0.10
N LEU A 83 -1.87 9.50 1.13
CA LEU A 83 -2.39 10.62 1.90
C LEU A 83 -1.91 11.92 1.25
N ASP A 84 -2.79 12.93 1.22
CA ASP A 84 -2.50 14.26 0.72
C ASP A 84 -1.40 14.95 1.55
N PRO A 85 -1.57 15.13 2.88
CA PRO A 85 -0.55 15.75 3.70
C PRO A 85 0.68 14.83 3.80
N LEU A 86 1.84 15.39 4.15
CA LEU A 86 3.03 14.56 4.27
C LEU A 86 2.91 13.61 5.47
N PRO A 87 3.57 12.45 5.43
CA PRO A 87 3.59 11.51 6.53
C PRO A 87 4.57 11.97 7.62
N GLU A 88 4.36 11.51 8.84
CA GLU A 88 5.22 11.86 9.98
C GLU A 88 5.36 10.63 10.86
N ASN A 89 6.31 9.75 10.54
CA ASN A 89 6.58 8.49 11.24
C ASN A 89 5.33 7.67 11.48
N ILE A 90 4.42 7.67 10.50
CA ILE A 90 3.15 7.00 10.70
C ILE A 90 3.36 5.52 10.34
N ASP A 91 3.03 4.62 11.26
CA ASP A 91 3.23 3.18 11.13
C ASP A 91 2.33 2.49 12.14
N MET A 1 -6.75 -12.19 8.12
CA MET A 1 -6.33 -13.32 8.99
C MET A 1 -6.21 -12.78 10.42
N SER A 2 -7.36 -12.51 11.03
CA SER A 2 -7.45 -11.63 12.18
C SER A 2 -6.92 -10.22 11.87
N GLU A 3 -7.18 -9.28 12.78
CA GLU A 3 -6.64 -7.94 12.65
C GLU A 3 -5.14 -7.93 12.92
N GLU A 4 -4.57 -8.92 13.61
CA GLU A 4 -3.11 -8.96 13.71
C GLU A 4 -2.49 -9.03 12.32
N THR A 5 -2.84 -10.02 11.50
CA THR A 5 -2.20 -10.13 10.21
C THR A 5 -2.62 -8.96 9.32
N SER A 6 -3.91 -8.60 9.33
CA SER A 6 -4.40 -7.51 8.49
C SER A 6 -3.57 -6.26 8.77
N THR A 7 -3.43 -5.89 10.05
CA THR A 7 -2.67 -4.75 10.54
C THR A 7 -1.18 -4.90 10.30
N GLN A 8 -0.61 -6.10 10.33
CA GLN A 8 0.80 -6.28 9.99
C GLN A 8 1.06 -5.83 8.57
N ILE A 9 0.11 -6.07 7.68
CA ILE A 9 0.25 -5.66 6.31
C ILE A 9 -0.07 -4.18 6.24
N LEU A 10 -1.08 -3.73 6.99
CA LEU A 10 -1.63 -2.39 6.92
C LEU A 10 -0.57 -1.36 7.27
N LYS A 11 0.06 -1.58 8.41
CA LYS A 11 1.16 -0.73 8.89
C LYS A 11 2.27 -0.72 7.85
N GLN A 12 2.43 -1.83 7.12
CA GLN A 12 3.50 -1.94 6.16
C GLN A 12 3.17 -1.14 4.90
N VAL A 13 1.94 -1.20 4.41
CA VAL A 13 1.50 -0.43 3.26
C VAL A 13 1.68 1.04 3.59
N GLU A 14 1.12 1.47 4.72
CA GLU A 14 1.17 2.86 5.12
C GLU A 14 2.61 3.30 5.29
N TYR A 15 3.47 2.45 5.86
CA TYR A 15 4.89 2.68 6.00
C TYR A 15 5.51 2.97 4.63
N TYR A 16 5.25 2.16 3.60
CA TYR A 16 5.88 2.36 2.29
C TYR A 16 5.59 3.77 1.74
N PHE A 17 4.43 4.34 2.06
CA PHE A 17 4.06 5.67 1.59
C PHE A 17 4.25 6.75 2.66
N SER A 18 4.60 6.38 3.89
CA SER A 18 4.73 7.28 5.02
C SER A 18 6.20 7.51 5.38
N ASP A 19 7.08 6.62 4.93
CA ASP A 19 8.52 6.66 5.18
C ASP A 19 9.20 7.48 4.08
N SER A 20 8.42 8.30 3.36
CA SER A 20 8.81 8.98 2.13
C SER A 20 9.63 8.10 1.19
N ASN A 21 9.32 6.79 1.14
CA ASN A 21 9.98 5.90 0.20
C ASN A 21 9.35 6.00 -1.18
N PHE A 22 8.09 6.44 -1.33
CA PHE A 22 7.47 6.50 -2.65
C PHE A 22 8.30 7.32 -3.64
N PRO A 23 8.74 8.56 -3.32
CA PRO A 23 9.49 9.34 -4.27
C PRO A 23 10.91 8.79 -4.47
N ARG A 24 11.45 8.08 -3.48
CA ARG A 24 12.84 7.66 -3.40
C ARG A 24 13.06 6.30 -4.08
N ASP A 25 12.04 5.46 -4.08
CA ASP A 25 12.09 4.11 -4.61
C ASP A 25 11.50 4.15 -6.01
N LYS A 26 12.37 4.06 -7.02
CA LYS A 26 11.94 4.01 -8.41
C LYS A 26 10.88 2.94 -8.63
N PHE A 27 10.87 1.85 -7.86
CA PHE A 27 9.85 0.81 -7.92
C PHE A 27 8.48 1.42 -7.71
N LEU A 28 8.29 2.11 -6.58
CA LEU A 28 7.03 2.77 -6.27
C LEU A 28 6.73 3.79 -7.35
N ARG A 29 7.67 4.70 -7.57
CA ARG A 29 7.53 5.79 -8.52
C ARG A 29 7.15 5.28 -9.90
N SER A 30 7.56 4.07 -10.30
CA SER A 30 7.24 3.56 -11.63
C SER A 30 5.75 3.30 -11.76
N GLU A 31 5.12 2.80 -10.71
CA GLU A 31 3.68 2.61 -10.77
C GLU A 31 2.96 3.92 -10.53
N ALA A 32 3.38 4.68 -9.51
CA ALA A 32 2.80 5.96 -9.16
C ALA A 32 2.81 6.90 -10.37
N ALA A 33 3.83 6.82 -11.21
CA ALA A 33 4.01 7.62 -12.42
C ALA A 33 2.87 7.45 -13.43
N LYS A 34 1.93 6.52 -13.24
CA LYS A 34 0.79 6.42 -14.13
C LYS A 34 -0.23 7.49 -13.77
N ASN A 35 -0.31 7.92 -12.50
CA ASN A 35 -1.21 9.00 -12.11
C ASN A 35 -0.69 9.76 -10.90
N VAL A 36 0.56 10.25 -10.97
CA VAL A 36 1.23 10.98 -9.91
C VAL A 36 1.55 10.05 -8.72
N ASP A 37 0.53 9.66 -7.96
CA ASP A 37 0.57 8.62 -6.94
C ASP A 37 -0.86 8.22 -6.55
N ASN A 38 -1.76 8.20 -7.54
CA ASN A 38 -3.17 7.90 -7.32
C ASN A 38 -3.55 6.50 -7.82
N TYR A 39 -2.74 5.93 -8.71
CA TYR A 39 -3.05 4.71 -9.42
C TYR A 39 -1.86 3.79 -9.20
N ILE A 40 -2.05 2.71 -8.44
CA ILE A 40 -0.99 1.81 -8.03
C ILE A 40 -1.58 0.40 -8.09
N SER A 41 -1.26 -0.40 -9.11
CA SER A 41 -1.79 -1.73 -9.28
C SER A 41 -1.43 -2.60 -8.07
N ILE A 42 -2.39 -3.41 -7.63
CA ILE A 42 -2.11 -4.37 -6.58
C ILE A 42 -1.09 -5.41 -7.02
N ASP A 43 -0.69 -5.44 -8.31
CA ASP A 43 0.41 -6.28 -8.75
C ASP A 43 1.72 -5.83 -8.10
N VAL A 44 1.99 -4.53 -8.07
CA VAL A 44 3.19 -3.97 -7.48
C VAL A 44 3.19 -4.24 -5.98
N ILE A 45 2.06 -4.02 -5.33
CA ILE A 45 1.94 -4.11 -3.89
C ILE A 45 1.99 -5.58 -3.47
N ALA A 46 1.37 -6.46 -4.23
CA ALA A 46 1.51 -7.89 -4.00
C ALA A 46 2.94 -8.33 -4.27
N SER A 47 3.60 -7.69 -5.24
CA SER A 47 4.96 -8.02 -5.61
C SER A 47 5.97 -7.17 -4.83
N PHE A 48 5.58 -6.53 -3.73
CA PHE A 48 6.51 -5.72 -2.94
C PHE A 48 7.57 -6.55 -2.23
N ASN A 49 7.51 -7.88 -2.35
CA ASN A 49 8.26 -8.84 -1.55
C ASN A 49 7.71 -8.83 -0.13
N ARG A 50 8.02 -7.79 0.65
CA ARG A 50 7.62 -7.65 2.05
C ARG A 50 6.12 -7.83 2.23
N MET A 51 5.30 -7.28 1.34
CA MET A 51 3.86 -7.46 1.42
C MET A 51 3.50 -8.90 1.15
N LYS A 52 4.11 -9.53 0.15
CA LYS A 52 3.83 -10.92 -0.19
C LYS A 52 4.08 -11.80 1.02
N THR A 53 5.18 -11.55 1.74
CA THR A 53 5.57 -12.34 2.88
C THR A 53 4.63 -12.06 4.06
N ILE A 54 4.37 -10.79 4.35
CA ILE A 54 3.61 -10.42 5.54
C ILE A 54 2.13 -10.79 5.37
N SER A 55 1.64 -10.82 4.13
CA SER A 55 0.27 -11.22 3.83
C SER A 55 0.18 -12.72 3.69
N THR A 56 1.16 -13.33 3.04
CA THR A 56 1.17 -14.74 2.67
C THR A 56 0.03 -15.11 1.70
N ASP A 57 -0.91 -14.22 1.38
CA ASP A 57 -2.08 -14.51 0.59
C ASP A 57 -2.54 -13.20 -0.07
N LEU A 58 -2.95 -13.28 -1.33
CA LEU A 58 -3.50 -12.16 -2.10
C LEU A 58 -4.81 -11.68 -1.50
N GLN A 59 -5.52 -12.53 -0.78
CA GLN A 59 -6.74 -12.18 -0.08
C GLN A 59 -6.40 -11.18 0.99
N LEU A 60 -5.29 -11.42 1.71
CA LEU A 60 -4.86 -10.55 2.78
C LEU A 60 -4.25 -9.28 2.22
N ILE A 61 -3.60 -9.33 1.05
CA ILE A 61 -3.08 -8.11 0.46
C ILE A 61 -4.24 -7.22 0.03
N THR A 62 -5.29 -7.84 -0.53
CA THR A 62 -6.46 -7.11 -0.99
C THR A 62 -7.22 -6.55 0.19
N GLU A 63 -7.37 -7.34 1.25
CA GLU A 63 -8.02 -6.88 2.47
C GLU A 63 -7.26 -5.72 3.06
N ALA A 64 -5.93 -5.80 3.07
CA ALA A 64 -5.12 -4.75 3.68
C ALA A 64 -5.44 -3.43 2.99
N LEU A 65 -5.49 -3.46 1.66
CA LEU A 65 -5.76 -2.26 0.90
C LEU A 65 -7.18 -1.78 1.13
N LYS A 66 -8.13 -2.71 1.20
CA LYS A 66 -9.53 -2.40 1.49
C LYS A 66 -9.64 -1.65 2.82
N LYS A 67 -8.79 -1.98 3.78
CA LYS A 67 -8.88 -1.44 5.13
C LYS A 67 -7.79 -0.39 5.39
N SER A 68 -7.23 0.25 4.35
CA SER A 68 -6.08 1.13 4.49
C SER A 68 -6.32 2.32 5.43
N THR A 69 -5.22 2.99 5.77
CA THR A 69 -5.13 4.03 6.78
C THR A 69 -4.58 5.30 6.15
N ARG A 70 -3.33 5.30 5.65
CA ARG A 70 -2.77 6.46 4.98
C ARG A 70 -3.10 6.47 3.48
N LEU A 71 -3.56 5.35 2.92
CA LEU A 71 -3.98 5.29 1.54
C LEU A 71 -5.45 4.89 1.53
N GLN A 72 -6.12 5.04 0.38
CA GLN A 72 -7.48 4.57 0.16
C GLN A 72 -7.50 3.85 -1.18
N VAL A 73 -8.02 2.64 -1.19
CA VAL A 73 -8.13 1.83 -2.40
C VAL A 73 -9.47 2.15 -3.04
N SER A 74 -9.48 2.22 -4.37
CA SER A 74 -10.71 2.29 -5.12
C SER A 74 -11.53 1.02 -4.89
N GLU A 75 -12.83 1.10 -5.16
CA GLU A 75 -13.72 -0.04 -5.11
C GLU A 75 -13.29 -1.13 -6.10
N ASP A 76 -12.49 -0.78 -7.11
CA ASP A 76 -12.00 -1.79 -8.04
C ASP A 76 -10.98 -2.69 -7.34
N GLY A 77 -10.23 -2.14 -6.40
CA GLY A 77 -9.08 -2.85 -5.84
C GLY A 77 -8.07 -3.17 -6.93
N LYS A 78 -7.87 -2.23 -7.85
CA LYS A 78 -6.74 -2.18 -8.78
C LYS A 78 -5.94 -0.90 -8.57
N MET A 79 -6.39 0.03 -7.72
CA MET A 79 -5.59 1.22 -7.46
C MET A 79 -5.81 1.70 -6.04
N VAL A 80 -4.81 2.39 -5.48
CA VAL A 80 -4.87 3.01 -4.18
C VAL A 80 -4.15 4.35 -4.28
N ARG A 81 -4.49 5.30 -3.42
CA ARG A 81 -3.90 6.65 -3.42
C ARG A 81 -3.55 7.07 -2.02
N ARG A 82 -2.54 7.92 -1.84
CA ARG A 82 -2.23 8.49 -0.53
C ARG A 82 -3.10 9.71 -0.23
N LEU A 83 -2.87 10.31 0.93
CA LEU A 83 -3.45 11.58 1.32
C LEU A 83 -2.56 12.68 0.73
N ASP A 84 -3.13 13.85 0.43
CA ASP A 84 -2.40 14.92 -0.24
C ASP A 84 -1.26 15.43 0.65
N PRO A 85 -1.53 15.91 1.88
CA PRO A 85 -0.47 16.42 2.75
C PRO A 85 0.47 15.30 3.18
N LEU A 86 1.64 15.66 3.74
CA LEU A 86 2.59 14.66 4.20
C LEU A 86 2.01 13.90 5.41
N PRO A 87 2.49 12.67 5.68
CA PRO A 87 2.12 11.99 6.90
C PRO A 87 2.78 12.69 8.09
N GLU A 88 2.17 12.56 9.27
CA GLU A 88 2.67 13.22 10.47
C GLU A 88 3.06 12.11 11.44
N ASN A 89 4.25 11.55 11.24
CA ASN A 89 4.80 10.43 11.99
C ASN A 89 3.78 9.30 12.13
N ILE A 90 3.46 8.63 11.03
CA ILE A 90 2.53 7.52 11.09
C ILE A 90 3.29 6.24 10.78
N ASP A 91 3.15 5.24 11.65
CA ASP A 91 3.76 3.92 11.59
C ASP A 91 2.85 2.93 12.30
N MET A 1 -9.41 -10.22 15.25
CA MET A 1 -8.25 -10.99 14.78
C MET A 1 -7.96 -10.70 13.32
N SER A 2 -8.94 -10.84 12.41
CA SER A 2 -8.73 -10.58 11.00
C SER A 2 -8.28 -9.15 10.76
N GLU A 3 -8.90 -8.18 11.46
CA GLU A 3 -8.46 -6.80 11.42
C GLU A 3 -7.02 -6.70 11.86
N GLU A 4 -6.64 -7.14 13.06
CA GLU A 4 -5.26 -6.96 13.53
C GLU A 4 -4.28 -7.52 12.51
N THR A 5 -4.60 -8.67 11.92
CA THR A 5 -3.68 -9.29 10.97
C THR A 5 -3.57 -8.44 9.72
N SER A 6 -4.68 -8.20 9.02
CA SER A 6 -4.69 -7.47 7.76
C SER A 6 -4.04 -6.10 7.98
N THR A 7 -4.39 -5.44 9.07
CA THR A 7 -3.91 -4.14 9.50
C THR A 7 -2.42 -4.12 9.86
N GLN A 8 -1.83 -5.21 10.33
CA GLN A 8 -0.37 -5.27 10.41
C GLN A 8 0.22 -5.04 9.02
N ILE A 9 -0.35 -5.72 8.03
CA ILE A 9 0.18 -5.67 6.68
C ILE A 9 -0.12 -4.30 6.08
N LEU A 10 -1.29 -3.73 6.37
CA LEU A 10 -1.75 -2.47 5.81
C LEU A 10 -0.92 -1.32 6.33
N LYS A 11 -0.62 -1.35 7.64
CA LYS A 11 0.37 -0.45 8.20
C LYS A 11 1.63 -0.54 7.35
N GLN A 12 2.06 -1.77 7.05
CA GLN A 12 3.24 -1.97 6.22
C GLN A 12 3.12 -1.37 4.82
N VAL A 13 1.91 -1.25 4.25
CA VAL A 13 1.74 -0.57 2.96
C VAL A 13 2.05 0.90 3.16
N GLU A 14 1.44 1.50 4.19
CA GLU A 14 1.57 2.92 4.45
C GLU A 14 3.04 3.25 4.68
N TYR A 15 3.76 2.39 5.39
CA TYR A 15 5.14 2.58 5.77
C TYR A 15 6.00 2.84 4.52
N TYR A 16 5.80 2.09 3.44
CA TYR A 16 6.58 2.29 2.22
C TYR A 16 6.50 3.74 1.73
N PHE A 17 5.36 4.40 1.97
CA PHE A 17 5.21 5.81 1.70
C PHE A 17 5.74 6.70 2.82
N SER A 18 5.45 6.38 4.08
CA SER A 18 5.85 7.18 5.23
C SER A 18 7.35 7.22 5.46
N ASP A 19 8.09 6.31 4.83
CA ASP A 19 9.53 6.20 4.89
C ASP A 19 10.18 7.11 3.83
N SER A 20 9.37 7.96 3.18
CA SER A 20 9.73 8.71 1.98
C SER A 20 10.50 7.85 0.98
N ASN A 21 10.23 6.55 0.94
CA ASN A 21 10.93 5.67 0.03
C ASN A 21 10.23 5.68 -1.32
N PHE A 22 8.93 6.04 -1.38
CA PHE A 22 8.16 5.99 -2.61
C PHE A 22 8.85 6.77 -3.74
N PRO A 23 9.19 8.06 -3.56
CA PRO A 23 9.73 8.84 -4.66
C PRO A 23 11.14 8.37 -5.03
N ARG A 24 11.81 7.68 -4.11
CA ARG A 24 13.17 7.18 -4.28
C ARG A 24 13.16 5.81 -4.95
N ASP A 25 12.11 5.03 -4.75
CA ASP A 25 11.99 3.66 -5.23
C ASP A 25 11.35 3.72 -6.62
N LYS A 26 12.16 3.54 -7.65
CA LYS A 26 11.70 3.49 -9.03
C LYS A 26 10.56 2.48 -9.22
N PHE A 27 10.53 1.44 -8.39
CA PHE A 27 9.45 0.47 -8.32
C PHE A 27 8.13 1.18 -8.05
N LEU A 28 8.00 1.87 -6.91
CA LEU A 28 6.74 2.52 -6.61
C LEU A 28 6.48 3.59 -7.64
N ARG A 29 7.48 4.43 -7.92
CA ARG A 29 7.37 5.50 -8.90
C ARG A 29 6.90 5.01 -10.26
N SER A 30 7.13 3.75 -10.63
CA SER A 30 6.58 3.25 -11.89
C SER A 30 5.06 3.28 -11.81
N GLU A 31 4.49 2.71 -10.75
CA GLU A 31 3.05 2.62 -10.60
C GLU A 31 2.45 4.00 -10.37
N ALA A 32 3.07 4.78 -9.48
CA ALA A 32 2.64 6.12 -9.14
C ALA A 32 2.69 7.02 -10.36
N ALA A 33 3.67 6.83 -11.25
CA ALA A 33 3.78 7.59 -12.50
C ALA A 33 2.58 7.38 -13.43
N LYS A 34 1.67 6.44 -13.12
CA LYS A 34 0.47 6.27 -13.91
C LYS A 34 -0.59 7.31 -13.53
N ASN A 35 -0.46 7.95 -12.36
CA ASN A 35 -1.36 9.04 -11.96
C ASN A 35 -0.74 9.90 -10.87
N VAL A 36 0.48 10.42 -11.09
CA VAL A 36 1.28 11.16 -10.11
C VAL A 36 1.64 10.28 -8.91
N ASP A 37 0.67 10.01 -8.03
CA ASP A 37 0.76 9.16 -6.86
C ASP A 37 -0.66 8.87 -6.35
N ASN A 38 -1.60 8.70 -7.27
CA ASN A 38 -2.98 8.34 -6.96
C ASN A 38 -3.33 6.92 -7.41
N TYR A 39 -2.53 6.36 -8.33
CA TYR A 39 -2.76 5.04 -8.87
C TYR A 39 -1.61 4.16 -8.44
N ILE A 40 -1.90 3.05 -7.79
CA ILE A 40 -0.90 2.09 -7.34
C ILE A 40 -1.54 0.71 -7.56
N SER A 41 -1.11 -0.01 -8.60
CA SER A 41 -1.67 -1.30 -8.93
C SER A 41 -1.35 -2.27 -7.81
N ILE A 42 -2.31 -3.12 -7.45
CA ILE A 42 -2.11 -4.13 -6.42
C ILE A 42 -1.01 -5.11 -6.84
N ASP A 43 -0.59 -5.10 -8.10
CA ASP A 43 0.48 -5.92 -8.62
C ASP A 43 1.79 -5.56 -7.94
N VAL A 44 2.09 -4.26 -7.82
CA VAL A 44 3.29 -3.76 -7.18
C VAL A 44 3.27 -4.14 -5.71
N ILE A 45 2.11 -3.95 -5.08
CA ILE A 45 1.94 -4.10 -3.64
C ILE A 45 1.98 -5.60 -3.29
N ALA A 46 1.45 -6.44 -4.17
CA ALA A 46 1.52 -7.88 -4.02
C ALA A 46 2.90 -8.40 -4.39
N SER A 47 3.64 -7.65 -5.21
CA SER A 47 4.98 -8.00 -5.63
C SER A 47 6.00 -7.19 -4.83
N PHE A 48 5.62 -6.57 -3.70
CA PHE A 48 6.50 -5.65 -2.98
C PHE A 48 7.63 -6.36 -2.21
N ASN A 49 7.82 -7.66 -2.45
CA ASN A 49 8.64 -8.58 -1.67
C ASN A 49 8.19 -8.65 -0.23
N ARG A 50 8.51 -7.64 0.60
CA ARG A 50 8.16 -7.59 2.02
C ARG A 50 6.68 -7.84 2.23
N MET A 51 5.83 -7.21 1.42
CA MET A 51 4.39 -7.39 1.50
C MET A 51 4.03 -8.84 1.22
N LYS A 52 4.61 -9.45 0.19
CA LYS A 52 4.29 -10.83 -0.16
C LYS A 52 4.71 -11.76 0.97
N THR A 53 5.80 -11.47 1.66
CA THR A 53 6.29 -12.33 2.73
C THR A 53 5.49 -12.11 4.01
N ILE A 54 5.09 -10.86 4.30
CA ILE A 54 4.36 -10.52 5.52
C ILE A 54 2.91 -10.96 5.39
N SER A 55 2.35 -10.96 4.18
CA SER A 55 0.98 -11.42 3.95
C SER A 55 0.95 -12.92 3.76
N THR A 56 1.93 -13.41 3.01
CA THR A 56 1.96 -14.77 2.51
C THR A 56 0.75 -15.12 1.63
N ASP A 57 -0.16 -14.19 1.35
CA ASP A 57 -1.39 -14.52 0.65
C ASP A 57 -1.98 -13.24 0.05
N LEU A 58 -2.36 -13.27 -1.22
CA LEU A 58 -3.04 -12.18 -1.90
C LEU A 58 -4.40 -11.88 -1.30
N GLN A 59 -4.97 -12.82 -0.55
CA GLN A 59 -6.20 -12.61 0.20
C GLN A 59 -5.96 -11.50 1.20
N LEU A 60 -4.98 -11.70 2.09
CA LEU A 60 -4.69 -10.75 3.16
C LEU A 60 -4.10 -9.46 2.59
N ILE A 61 -3.40 -9.53 1.46
CA ILE A 61 -2.86 -8.35 0.79
C ILE A 61 -4.01 -7.51 0.23
N THR A 62 -5.02 -8.16 -0.37
CA THR A 62 -6.11 -7.43 -0.97
C THR A 62 -6.99 -6.84 0.14
N GLU A 63 -7.25 -7.63 1.18
CA GLU A 63 -8.04 -7.16 2.29
C GLU A 63 -7.32 -6.02 2.99
N ALA A 64 -5.99 -6.07 3.07
CA ALA A 64 -5.23 -4.99 3.67
C ALA A 64 -5.59 -3.68 2.99
N LEU A 65 -5.53 -3.63 1.66
CA LEU A 65 -5.87 -2.43 0.93
C LEU A 65 -7.30 -2.00 1.23
N LYS A 66 -8.23 -2.96 1.31
CA LYS A 66 -9.61 -2.67 1.64
C LYS A 66 -9.73 -2.06 3.04
N LYS A 67 -8.91 -2.49 4.01
CA LYS A 67 -8.88 -1.97 5.38
C LYS A 67 -7.81 -0.88 5.47
N SER A 68 -7.73 -0.02 4.47
CA SER A 68 -6.73 1.04 4.45
C SER A 68 -6.90 2.03 5.61
N THR A 69 -5.81 2.72 5.95
CA THR A 69 -5.70 3.56 7.15
C THR A 69 -5.47 5.02 6.76
N ARG A 70 -4.39 5.30 6.02
CA ARG A 70 -4.12 6.64 5.49
C ARG A 70 -4.29 6.68 3.98
N LEU A 71 -4.76 5.58 3.38
CA LEU A 71 -4.87 5.47 1.95
C LEU A 71 -6.33 5.12 1.67
N GLN A 72 -6.79 5.24 0.43
CA GLN A 72 -8.11 4.84 0.02
C GLN A 72 -7.95 4.07 -1.29
N VAL A 73 -8.39 2.82 -1.30
CA VAL A 73 -8.36 1.96 -2.47
C VAL A 73 -9.68 2.17 -3.21
N SER A 74 -9.62 2.23 -4.53
CA SER A 74 -10.81 2.27 -5.35
C SER A 74 -11.58 0.96 -5.22
N GLU A 75 -12.86 1.02 -5.60
CA GLU A 75 -13.73 -0.13 -5.66
C GLU A 75 -13.22 -1.17 -6.66
N ASP A 76 -12.34 -0.78 -7.58
CA ASP A 76 -11.79 -1.73 -8.54
C ASP A 76 -10.75 -2.61 -7.84
N GLY A 77 -10.08 -2.08 -6.82
CA GLY A 77 -8.97 -2.79 -6.19
C GLY A 77 -7.83 -3.01 -7.18
N LYS A 78 -7.57 -2.01 -8.04
CA LYS A 78 -6.34 -1.89 -8.81
C LYS A 78 -5.72 -0.51 -8.59
N MET A 79 -6.22 0.29 -7.65
CA MET A 79 -5.52 1.52 -7.33
C MET A 79 -5.80 1.94 -5.91
N VAL A 80 -4.83 2.62 -5.29
CA VAL A 80 -4.97 3.20 -3.98
C VAL A 80 -4.20 4.51 -3.98
N ARG A 81 -4.69 5.47 -3.21
CA ARG A 81 -4.12 6.81 -3.09
C ARG A 81 -3.79 7.05 -1.63
N ARG A 82 -2.73 7.77 -1.28
CA ARG A 82 -2.47 8.06 0.12
C ARG A 82 -3.31 9.27 0.53
N LEU A 83 -2.92 9.94 1.63
CA LEU A 83 -3.59 11.14 2.08
C LEU A 83 -3.00 12.34 1.34
N ASP A 84 -3.70 13.47 1.44
CA ASP A 84 -3.24 14.75 0.89
C ASP A 84 -1.99 15.24 1.63
N PRO A 85 -2.03 15.46 2.95
CA PRO A 85 -0.85 15.86 3.69
C PRO A 85 0.17 14.72 3.71
N LEU A 86 1.46 15.09 3.73
CA LEU A 86 2.54 14.10 3.72
C LEU A 86 2.51 13.28 5.01
N PRO A 87 3.06 12.06 5.00
CA PRO A 87 3.13 11.24 6.19
C PRO A 87 4.17 11.81 7.18
N GLU A 88 4.02 11.49 8.46
CA GLU A 88 4.86 12.05 9.52
C GLU A 88 5.05 10.95 10.57
N ASN A 89 6.00 10.04 10.32
CA ASN A 89 6.29 8.87 11.15
C ASN A 89 5.03 8.13 11.53
N ILE A 90 4.17 7.82 10.56
CA ILE A 90 2.94 7.13 10.89
C ILE A 90 3.24 5.63 10.91
N ASP A 91 2.38 4.87 11.59
CA ASP A 91 2.47 3.43 11.71
C ASP A 91 1.58 2.78 10.65
N MET A 1 -2.82 -13.83 8.13
CA MET A 1 -4.10 -14.56 8.25
C MET A 1 -5.05 -13.95 9.27
N SER A 2 -4.57 -13.28 10.33
CA SER A 2 -5.43 -12.76 11.38
C SER A 2 -5.45 -11.23 11.33
N GLU A 3 -6.13 -10.58 12.28
CA GLU A 3 -6.09 -9.13 12.43
C GLU A 3 -4.66 -8.68 12.66
N GLU A 4 -3.85 -9.39 13.45
CA GLU A 4 -2.46 -9.01 13.61
C GLU A 4 -1.79 -8.92 12.24
N THR A 5 -2.05 -9.87 11.34
CA THR A 5 -1.45 -9.81 10.03
C THR A 5 -1.98 -8.64 9.22
N SER A 6 -3.31 -8.51 9.13
CA SER A 6 -3.94 -7.52 8.28
C SER A 6 -3.45 -6.14 8.70
N THR A 7 -3.42 -5.86 10.00
CA THR A 7 -3.01 -4.60 10.55
C THR A 7 -1.50 -4.38 10.44
N GLN A 8 -0.70 -5.42 10.61
CA GLN A 8 0.74 -5.32 10.41
C GLN A 8 1.00 -4.87 8.98
N ILE A 9 0.25 -5.45 8.05
CA ILE A 9 0.48 -5.20 6.65
C ILE A 9 -0.08 -3.84 6.29
N LEU A 10 -1.19 -3.45 6.92
CA LEU A 10 -1.85 -2.17 6.71
C LEU A 10 -0.87 -1.04 6.99
N LYS A 11 -0.28 -1.08 8.18
CA LYS A 11 0.67 -0.06 8.59
C LYS A 11 1.94 -0.19 7.75
N GLN A 12 2.25 -1.39 7.25
CA GLN A 12 3.36 -1.55 6.31
C GLN A 12 3.06 -0.91 4.95
N VAL A 13 1.81 -0.91 4.49
CA VAL A 13 1.43 -0.29 3.23
C VAL A 13 1.67 1.21 3.38
N GLU A 14 1.19 1.80 4.48
CA GLU A 14 1.47 3.19 4.78
C GLU A 14 2.98 3.45 4.83
N TYR A 15 3.72 2.58 5.50
CA TYR A 15 5.11 2.76 5.83
C TYR A 15 5.93 2.99 4.57
N TYR A 16 5.69 2.22 3.50
CA TYR A 16 6.46 2.37 2.26
C TYR A 16 6.42 3.82 1.75
N PHE A 17 5.32 4.52 1.98
CA PHE A 17 5.21 5.94 1.66
C PHE A 17 5.64 6.84 2.81
N SER A 18 5.39 6.41 4.04
CA SER A 18 5.59 7.18 5.26
C SER A 18 7.07 7.48 5.47
N ASP A 19 7.91 6.54 5.07
CA ASP A 19 9.35 6.55 5.20
C ASP A 19 9.97 7.36 4.07
N SER A 20 9.15 8.18 3.39
CA SER A 20 9.48 8.92 2.19
C SER A 20 10.27 8.07 1.19
N ASN A 21 10.01 6.76 1.17
CA ASN A 21 10.79 5.86 0.34
C ASN A 21 10.12 5.69 -1.02
N PHE A 22 8.82 5.98 -1.16
CA PHE A 22 8.14 5.89 -2.44
C PHE A 22 8.85 6.71 -3.53
N PRO A 23 9.15 8.00 -3.33
CA PRO A 23 9.70 8.81 -4.39
C PRO A 23 11.13 8.39 -4.73
N ARG A 24 11.76 7.60 -3.85
CA ARG A 24 13.13 7.13 -3.98
C ARG A 24 13.17 5.78 -4.69
N ASP A 25 12.15 4.95 -4.46
CA ASP A 25 12.10 3.59 -4.95
C ASP A 25 11.32 3.59 -6.26
N LYS A 26 12.07 3.48 -7.35
CA LYS A 26 11.60 3.48 -8.72
C LYS A 26 10.50 2.44 -8.96
N PHE A 27 10.46 1.39 -8.14
CA PHE A 27 9.38 0.42 -8.13
C PHE A 27 8.06 1.12 -7.90
N LEU A 28 7.91 1.86 -6.79
CA LEU A 28 6.67 2.55 -6.53
C LEU A 28 6.48 3.61 -7.58
N ARG A 29 7.47 4.49 -7.79
CA ARG A 29 7.37 5.57 -8.75
C ARG A 29 6.95 5.11 -10.13
N SER A 30 7.29 3.89 -10.56
CA SER A 30 6.85 3.43 -11.87
C SER A 30 5.32 3.38 -11.91
N GLU A 31 4.71 2.84 -10.87
CA GLU A 31 3.27 2.69 -10.84
C GLU A 31 2.59 4.01 -10.50
N ALA A 32 3.10 4.72 -9.51
CA ALA A 32 2.62 6.04 -9.14
C ALA A 32 2.69 6.99 -10.34
N ALA A 33 3.68 6.82 -11.23
CA ALA A 33 3.83 7.65 -12.42
C ALA A 33 2.67 7.53 -13.40
N LYS A 34 1.72 6.60 -13.21
CA LYS A 34 0.55 6.53 -14.07
C LYS A 34 -0.48 7.59 -13.63
N ASN A 35 -0.40 8.12 -12.41
CA ASN A 35 -1.14 9.32 -11.98
C ASN A 35 -0.50 9.92 -10.73
N VAL A 36 0.69 10.54 -10.85
CA VAL A 36 1.40 11.20 -9.76
C VAL A 36 1.72 10.25 -8.60
N ASP A 37 0.73 9.96 -7.75
CA ASP A 37 0.78 8.95 -6.69
C ASP A 37 -0.64 8.54 -6.27
N ASN A 38 -1.55 8.52 -7.25
CA ASN A 38 -2.96 8.25 -7.07
C ASN A 38 -3.36 6.93 -7.72
N TYR A 39 -2.40 6.20 -8.29
CA TYR A 39 -2.66 4.94 -8.96
C TYR A 39 -1.51 4.00 -8.62
N ILE A 40 -1.81 2.90 -7.93
CA ILE A 40 -0.80 1.94 -7.52
C ILE A 40 -1.45 0.56 -7.66
N SER A 41 -1.09 -0.20 -8.69
CA SER A 41 -1.64 -1.52 -8.95
C SER A 41 -1.38 -2.45 -7.78
N ILE A 42 -2.37 -3.28 -7.47
CA ILE A 42 -2.21 -4.35 -6.50
C ILE A 42 -1.12 -5.33 -6.94
N ASP A 43 -0.65 -5.27 -8.18
CA ASP A 43 0.44 -6.10 -8.64
C ASP A 43 1.72 -5.68 -7.91
N VAL A 44 1.97 -4.38 -7.80
CA VAL A 44 3.16 -3.84 -7.15
C VAL A 44 3.08 -4.15 -5.67
N ILE A 45 1.93 -3.90 -5.03
CA ILE A 45 1.82 -4.08 -3.59
C ILE A 45 1.87 -5.57 -3.26
N ALA A 46 1.25 -6.42 -4.08
CA ALA A 46 1.34 -7.86 -3.91
C ALA A 46 2.75 -8.36 -4.21
N SER A 47 3.49 -7.65 -5.05
CA SER A 47 4.84 -8.01 -5.42
C SER A 47 5.85 -7.15 -4.65
N PHE A 48 5.45 -6.56 -3.51
CA PHE A 48 6.36 -5.69 -2.76
C PHE A 48 7.34 -6.47 -1.88
N ASN A 49 7.56 -7.76 -2.17
CA ASN A 49 8.29 -8.74 -1.36
C ASN A 49 7.76 -8.82 0.07
N ARG A 50 8.11 -7.86 0.93
CA ARG A 50 7.71 -7.82 2.33
C ARG A 50 6.20 -8.01 2.48
N MET A 51 5.43 -7.39 1.58
CA MET A 51 3.99 -7.58 1.49
C MET A 51 3.66 -9.04 1.29
N LYS A 52 4.18 -9.64 0.22
CA LYS A 52 3.87 -11.03 -0.11
C LYS A 52 4.17 -11.95 1.06
N THR A 53 5.23 -11.67 1.81
CA THR A 53 5.61 -12.50 2.95
C THR A 53 4.71 -12.26 4.16
N ILE A 54 4.44 -11.01 4.53
CA ILE A 54 3.64 -10.74 5.72
C ILE A 54 2.23 -11.27 5.48
N SER A 55 1.70 -11.08 4.28
CA SER A 55 0.36 -11.49 3.95
C SER A 55 0.31 -12.99 3.77
N THR A 56 1.33 -13.54 3.10
CA THR A 56 1.38 -14.91 2.66
C THR A 56 0.27 -15.26 1.64
N ASP A 57 -0.64 -14.32 1.32
CA ASP A 57 -1.79 -14.58 0.47
C ASP A 57 -2.24 -13.24 -0.13
N LEU A 58 -2.61 -13.25 -1.42
CA LEU A 58 -3.21 -12.12 -2.10
C LEU A 58 -4.55 -11.72 -1.48
N GLN A 59 -5.19 -12.61 -0.74
CA GLN A 59 -6.44 -12.34 -0.06
C GLN A 59 -6.19 -11.33 1.05
N LEU A 60 -5.23 -11.58 1.94
CA LEU A 60 -4.92 -10.64 2.99
C LEU A 60 -4.35 -9.35 2.41
N ILE A 61 -3.69 -9.42 1.27
CA ILE A 61 -3.13 -8.24 0.61
C ILE A 61 -4.27 -7.37 0.06
N THR A 62 -5.28 -8.00 -0.55
CA THR A 62 -6.37 -7.22 -1.13
C THR A 62 -7.21 -6.64 0.00
N GLU A 63 -7.46 -7.42 1.05
CA GLU A 63 -8.24 -6.93 2.17
C GLU A 63 -7.49 -5.83 2.90
N ALA A 64 -6.16 -5.91 2.99
CA ALA A 64 -5.38 -4.86 3.61
C ALA A 64 -5.69 -3.52 2.94
N LEU A 65 -5.62 -3.49 1.61
CA LEU A 65 -5.95 -2.28 0.86
C LEU A 65 -7.42 -1.91 1.08
N LYS A 66 -8.32 -2.89 1.14
CA LYS A 66 -9.73 -2.65 1.39
C LYS A 66 -9.98 -2.04 2.77
N LYS A 67 -9.08 -2.24 3.73
CA LYS A 67 -9.19 -1.59 5.03
C LYS A 67 -8.16 -0.46 5.16
N SER A 68 -7.72 0.17 4.07
CA SER A 68 -6.60 1.10 4.12
C SER A 68 -6.84 2.23 5.11
N THR A 69 -5.81 2.54 5.90
CA THR A 69 -5.81 3.69 6.78
C THR A 69 -5.44 4.96 6.00
N ARG A 70 -4.17 5.05 5.61
CA ARG A 70 -3.58 6.29 5.10
C ARG A 70 -3.60 6.35 3.59
N LEU A 71 -4.26 5.38 2.95
CA LEU A 71 -4.52 5.40 1.54
C LEU A 71 -6.02 5.10 1.40
N GLN A 72 -6.56 5.19 0.20
CA GLN A 72 -7.90 4.70 -0.11
C GLN A 72 -7.79 3.86 -1.36
N VAL A 73 -8.45 2.72 -1.37
CA VAL A 73 -8.54 1.85 -2.51
C VAL A 73 -9.76 2.26 -3.32
N SER A 74 -9.63 2.25 -4.64
CA SER A 74 -10.77 2.36 -5.54
C SER A 74 -11.62 1.10 -5.43
N GLU A 75 -12.85 1.19 -5.89
CA GLU A 75 -13.78 0.07 -5.98
C GLU A 75 -13.24 -1.00 -6.92
N ASP A 76 -12.29 -0.65 -7.82
CA ASP A 76 -11.70 -1.64 -8.72
C ASP A 76 -10.69 -2.52 -7.97
N GLY A 77 -10.15 -2.03 -6.84
CA GLY A 77 -9.12 -2.76 -6.11
C GLY A 77 -7.91 -3.07 -7.00
N LYS A 78 -7.62 -2.14 -7.92
CA LYS A 78 -6.46 -2.15 -8.80
C LYS A 78 -5.76 -0.81 -8.73
N MET A 79 -6.23 0.09 -7.87
CA MET A 79 -5.47 1.29 -7.57
C MET A 79 -5.84 1.79 -6.20
N VAL A 80 -4.88 2.44 -5.54
CA VAL A 80 -5.06 3.11 -4.28
C VAL A 80 -4.42 4.48 -4.40
N ARG A 81 -4.78 5.38 -3.50
CA ARG A 81 -4.34 6.78 -3.53
C ARG A 81 -3.92 7.23 -2.14
N ARG A 82 -2.99 8.17 -2.05
CA ARG A 82 -2.57 8.74 -0.77
C ARG A 82 -3.64 9.65 -0.19
N LEU A 83 -3.33 10.21 0.99
CA LEU A 83 -3.98 11.36 1.57
C LEU A 83 -3.22 12.59 1.10
N ASP A 84 -3.89 13.74 1.01
CA ASP A 84 -3.31 15.02 0.59
C ASP A 84 -2.09 15.43 1.44
N PRO A 85 -2.24 15.60 2.76
CA PRO A 85 -1.12 16.02 3.59
C PRO A 85 -0.07 14.91 3.65
N LEU A 86 1.18 15.25 4.00
CA LEU A 86 2.25 14.27 4.08
C LEU A 86 1.97 13.22 5.17
N PRO A 87 2.63 12.06 5.15
CA PRO A 87 2.44 11.06 6.20
C PRO A 87 3.16 11.48 7.48
N GLU A 88 2.69 10.97 8.62
CA GLU A 88 3.30 11.23 9.91
C GLU A 88 2.96 10.06 10.84
N ASN A 89 3.41 8.85 10.50
CA ASN A 89 3.16 7.64 11.28
C ASN A 89 1.69 7.48 11.62
N ILE A 90 0.81 7.53 10.62
CA ILE A 90 -0.62 7.47 10.91
C ILE A 90 -1.05 6.01 10.75
N ASP A 91 -1.61 5.44 11.82
CA ASP A 91 -2.10 4.08 11.86
C ASP A 91 -3.56 4.03 11.43
N MET A 1 -6.23 -14.23 13.87
CA MET A 1 -5.27 -13.18 13.47
C MET A 1 -5.72 -12.48 12.18
N SER A 2 -7.01 -12.23 11.99
CA SER A 2 -7.47 -11.48 10.83
C SER A 2 -6.97 -10.04 10.96
N GLU A 3 -7.49 -9.31 11.95
CA GLU A 3 -7.10 -7.93 12.16
C GLU A 3 -5.67 -7.81 12.70
N GLU A 4 -5.12 -8.84 13.33
CA GLU A 4 -3.70 -8.80 13.66
C GLU A 4 -2.86 -8.71 12.38
N THR A 5 -2.97 -9.68 11.48
CA THR A 5 -2.13 -9.70 10.28
C THR A 5 -2.48 -8.50 9.40
N SER A 6 -3.77 -8.25 9.20
CA SER A 6 -4.28 -7.19 8.36
C SER A 6 -3.73 -5.86 8.84
N THR A 7 -3.75 -5.55 10.14
CA THR A 7 -3.19 -4.31 10.65
C THR A 7 -1.66 -4.32 10.60
N GLN A 8 -1.03 -5.47 10.82
CA GLN A 8 0.42 -5.59 10.77
C GLN A 8 0.94 -5.35 9.36
N ILE A 9 0.12 -5.61 8.35
CA ILE A 9 0.50 -5.32 6.98
C ILE A 9 0.09 -3.88 6.68
N LEU A 10 -1.03 -3.44 7.24
CA LEU A 10 -1.58 -2.12 6.96
C LEU A 10 -0.57 -1.04 7.32
N LYS A 11 -0.08 -1.08 8.56
CA LYS A 11 0.94 -0.13 9.02
C LYS A 11 2.17 -0.19 8.11
N GLN A 12 2.48 -1.39 7.62
CA GLN A 12 3.62 -1.63 6.76
C GLN A 12 3.38 -1.09 5.34
N VAL A 13 2.13 -1.03 4.89
CA VAL A 13 1.76 -0.45 3.61
C VAL A 13 1.93 1.05 3.76
N GLU A 14 1.41 1.62 4.85
CA GLU A 14 1.57 3.02 5.16
C GLU A 14 3.04 3.42 5.13
N TYR A 15 3.89 2.60 5.76
CA TYR A 15 5.30 2.82 5.93
C TYR A 15 5.98 3.00 4.57
N TYR A 16 5.67 2.15 3.58
CA TYR A 16 6.25 2.29 2.25
C TYR A 16 5.95 3.67 1.66
N PHE A 17 4.82 4.26 2.03
CA PHE A 17 4.42 5.58 1.56
C PHE A 17 4.72 6.68 2.57
N SER A 18 5.18 6.35 3.79
CA SER A 18 5.46 7.30 4.85
C SER A 18 6.94 7.45 5.14
N ASP A 19 7.77 6.58 4.56
CA ASP A 19 9.21 6.66 4.65
C ASP A 19 9.75 7.63 3.58
N SER A 20 8.84 8.43 2.99
CA SER A 20 9.04 9.21 1.79
C SER A 20 9.81 8.41 0.74
N ASN A 21 9.58 7.09 0.67
CA ASN A 21 10.35 6.23 -0.21
C ASN A 21 9.66 6.06 -1.56
N PHE A 22 8.37 6.38 -1.70
CA PHE A 22 7.68 6.27 -2.99
C PHE A 22 8.40 7.04 -4.10
N PRO A 23 8.79 8.31 -3.91
CA PRO A 23 9.37 9.08 -4.98
C PRO A 23 10.80 8.64 -5.28
N ARG A 24 11.43 7.91 -4.36
CA ARG A 24 12.83 7.51 -4.46
C ARG A 24 12.96 6.08 -4.99
N ASP A 25 11.95 5.24 -4.75
CA ASP A 25 11.94 3.85 -5.17
C ASP A 25 11.38 3.82 -6.59
N LYS A 26 12.22 3.61 -7.60
CA LYS A 26 11.78 3.60 -9.00
C LYS A 26 10.63 2.62 -9.23
N PHE A 27 10.59 1.52 -8.47
CA PHE A 27 9.53 0.55 -8.45
C PHE A 27 8.19 1.21 -8.15
N LEU A 28 8.09 1.85 -6.99
CA LEU A 28 6.86 2.53 -6.58
C LEU A 28 6.53 3.59 -7.61
N ARG A 29 7.50 4.46 -7.88
CA ARG A 29 7.41 5.59 -8.78
C ARG A 29 6.87 5.16 -10.15
N SER A 30 7.20 3.97 -10.65
CA SER A 30 6.70 3.50 -11.93
C SER A 30 5.18 3.37 -11.91
N GLU A 31 4.63 2.74 -10.86
CA GLU A 31 3.19 2.56 -10.82
C GLU A 31 2.54 3.89 -10.49
N ALA A 32 3.09 4.61 -9.51
CA ALA A 32 2.60 5.91 -9.10
C ALA A 32 2.50 6.84 -10.31
N ALA A 33 3.47 6.76 -11.23
CA ALA A 33 3.52 7.53 -12.46
C ALA A 33 2.41 7.21 -13.45
N LYS A 34 1.39 6.41 -13.11
CA LYS A 34 0.19 6.33 -13.92
C LYS A 34 -0.70 7.52 -13.54
N ASN A 35 -0.74 7.90 -12.26
CA ASN A 35 -1.51 9.07 -11.83
C ASN A 35 -0.89 9.70 -10.59
N VAL A 36 0.28 10.34 -10.74
CA VAL A 36 1.02 10.97 -9.66
C VAL A 36 1.47 9.93 -8.63
N ASP A 37 0.55 9.50 -7.76
CA ASP A 37 0.69 8.41 -6.80
C ASP A 37 -0.70 8.05 -6.27
N ASN A 38 -1.69 8.02 -7.16
CA ASN A 38 -3.06 7.64 -6.83
C ASN A 38 -3.42 6.28 -7.44
N TYR A 39 -2.55 5.73 -8.28
CA TYR A 39 -2.79 4.50 -8.99
C TYR A 39 -1.59 3.64 -8.65
N ILE A 40 -1.82 2.53 -7.94
CA ILE A 40 -0.78 1.58 -7.58
C ILE A 40 -1.41 0.20 -7.70
N SER A 41 -1.00 -0.59 -8.68
CA SER A 41 -1.56 -1.91 -8.86
C SER A 41 -1.29 -2.77 -7.63
N ILE A 42 -2.29 -3.59 -7.28
CA ILE A 42 -2.11 -4.73 -6.40
C ILE A 42 -1.01 -5.65 -6.92
N ASP A 43 -0.62 -5.57 -8.19
CA ASP A 43 0.54 -6.30 -8.70
C ASP A 43 1.82 -5.82 -8.02
N VAL A 44 2.05 -4.50 -7.90
CA VAL A 44 3.23 -3.94 -7.27
C VAL A 44 3.20 -4.31 -5.79
N ILE A 45 2.06 -4.12 -5.14
CA ILE A 45 1.95 -4.28 -3.70
C ILE A 45 2.06 -5.78 -3.36
N ALA A 46 1.54 -6.64 -4.22
CA ALA A 46 1.71 -8.08 -4.07
C ALA A 46 3.12 -8.50 -4.44
N SER A 47 3.83 -7.69 -5.24
CA SER A 47 5.21 -7.97 -5.62
C SER A 47 6.19 -7.18 -4.74
N PHE A 48 5.72 -6.56 -3.66
CA PHE A 48 6.56 -5.68 -2.84
C PHE A 48 7.56 -6.42 -1.94
N ASN A 49 7.75 -7.73 -2.16
CA ASN A 49 8.42 -8.68 -1.29
C ASN A 49 7.84 -8.69 0.13
N ARG A 50 8.12 -7.67 0.94
CA ARG A 50 7.64 -7.56 2.32
C ARG A 50 6.12 -7.73 2.43
N MET A 51 5.33 -7.16 1.53
CA MET A 51 3.88 -7.34 1.58
C MET A 51 3.53 -8.77 1.20
N LYS A 52 4.15 -9.32 0.16
CA LYS A 52 3.85 -10.67 -0.30
C LYS A 52 4.09 -11.67 0.83
N THR A 53 5.16 -11.46 1.59
CA THR A 53 5.53 -12.34 2.68
C THR A 53 4.60 -12.14 3.87
N ILE A 54 4.38 -10.90 4.30
CA ILE A 54 3.53 -10.66 5.48
C ILE A 54 2.10 -11.12 5.20
N SER A 55 1.62 -10.99 3.97
CA SER A 55 0.27 -11.43 3.62
C SER A 55 0.23 -12.92 3.48
N THR A 56 1.25 -13.47 2.82
CA THR A 56 1.29 -14.82 2.33
C THR A 56 0.19 -15.13 1.30
N ASP A 57 -0.75 -14.22 1.02
CA ASP A 57 -1.88 -14.49 0.17
C ASP A 57 -2.43 -13.16 -0.37
N LEU A 58 -2.84 -13.16 -1.64
CA LEU A 58 -3.50 -12.04 -2.29
C LEU A 58 -4.81 -11.66 -1.59
N GLN A 59 -5.37 -12.57 -0.80
CA GLN A 59 -6.53 -12.33 0.03
C GLN A 59 -6.15 -11.32 1.11
N LEU A 60 -5.11 -11.58 1.89
CA LEU A 60 -4.75 -10.67 2.96
C LEU A 60 -4.26 -9.36 2.36
N ILE A 61 -3.60 -9.40 1.20
CA ILE A 61 -3.14 -8.20 0.54
C ILE A 61 -4.33 -7.35 0.09
N THR A 62 -5.33 -7.97 -0.53
CA THR A 62 -6.43 -7.21 -1.12
C THR A 62 -7.33 -6.71 -0.01
N GLU A 63 -7.52 -7.50 1.05
CA GLU A 63 -8.32 -7.07 2.18
C GLU A 63 -7.61 -5.92 2.88
N ALA A 64 -6.30 -6.04 3.08
CA ALA A 64 -5.56 -5.01 3.79
C ALA A 64 -5.72 -3.67 3.09
N LEU A 65 -5.62 -3.70 1.75
CA LEU A 65 -5.85 -2.53 0.94
C LEU A 65 -7.29 -2.06 1.13
N LYS A 66 -8.26 -2.97 1.07
CA LYS A 66 -9.67 -2.62 1.21
C LYS A 66 -9.95 -1.95 2.57
N LYS A 67 -9.21 -2.33 3.61
CA LYS A 67 -9.25 -1.76 4.94
C LYS A 67 -8.04 -0.84 5.10
N SER A 68 -7.79 0.03 4.11
CA SER A 68 -6.69 0.97 4.22
C SER A 68 -6.92 1.95 5.37
N THR A 69 -5.85 2.65 5.78
CA THR A 69 -5.86 3.59 6.89
C THR A 69 -5.45 4.96 6.37
N ARG A 70 -4.16 5.15 6.07
CA ARG A 70 -3.62 6.40 5.60
C ARG A 70 -3.76 6.50 4.07
N LEU A 71 -4.34 5.50 3.41
CA LEU A 71 -4.59 5.56 1.99
C LEU A 71 -6.06 5.18 1.77
N GLN A 72 -6.51 5.21 0.53
CA GLN A 72 -7.87 4.89 0.14
C GLN A 72 -7.77 4.08 -1.15
N VAL A 73 -8.32 2.88 -1.13
CA VAL A 73 -8.30 1.95 -2.25
C VAL A 73 -9.59 2.10 -3.04
N SER A 74 -9.47 2.19 -4.36
CA SER A 74 -10.62 2.37 -5.22
C SER A 74 -10.33 1.85 -6.62
N GLU A 75 -11.16 2.27 -7.58
CA GLU A 75 -11.17 1.90 -8.99
C GLU A 75 -11.71 0.48 -9.13
N ASP A 76 -10.94 -0.50 -8.63
CA ASP A 76 -11.29 -1.92 -8.65
C ASP A 76 -10.45 -2.66 -7.59
N GLY A 77 -10.04 -1.98 -6.52
CA GLY A 77 -9.08 -2.58 -5.60
C GLY A 77 -7.72 -2.80 -6.25
N LYS A 78 -7.48 -2.17 -7.40
CA LYS A 78 -6.23 -2.24 -8.14
C LYS A 78 -5.53 -0.88 -8.09
N MET A 79 -6.02 0.05 -7.27
CA MET A 79 -5.38 1.34 -7.09
C MET A 79 -5.61 1.85 -5.67
N VAL A 80 -4.71 2.72 -5.20
CA VAL A 80 -4.73 3.24 -3.86
C VAL A 80 -4.09 4.63 -3.87
N ARG A 81 -4.61 5.55 -3.06
CA ARG A 81 -4.08 6.91 -2.96
C ARG A 81 -3.80 7.23 -1.50
N ARG A 82 -2.61 7.75 -1.17
CA ARG A 82 -2.33 8.25 0.17
C ARG A 82 -3.25 9.41 0.53
N LEU A 83 -2.99 10.00 1.69
CA LEU A 83 -3.57 11.26 2.08
C LEU A 83 -2.70 12.36 1.47
N ASP A 84 -3.35 13.46 1.08
CA ASP A 84 -2.71 14.67 0.58
C ASP A 84 -1.60 15.15 1.54
N PRO A 85 -1.91 15.40 2.82
CA PRO A 85 -0.89 15.84 3.75
C PRO A 85 0.16 14.74 4.00
N LEU A 86 1.36 15.18 4.36
CA LEU A 86 2.46 14.29 4.68
C LEU A 86 2.08 13.44 5.89
N PRO A 87 2.53 12.18 5.94
CA PRO A 87 2.22 11.30 7.05
C PRO A 87 3.03 11.70 8.27
N GLU A 88 2.48 11.40 9.45
CA GLU A 88 3.14 11.63 10.72
C GLU A 88 2.99 10.37 11.55
N ASN A 89 3.69 9.31 11.16
CA ASN A 89 3.72 8.01 11.84
C ASN A 89 2.31 7.47 12.06
N ILE A 90 1.61 7.07 11.00
CA ILE A 90 0.24 6.62 11.15
C ILE A 90 0.22 5.10 11.02
N ASP A 91 -0.77 4.45 11.64
CA ASP A 91 -0.93 2.99 11.69
C ASP A 91 -2.29 2.67 11.09
N MET A 1 -6.26 -13.01 8.13
CA MET A 1 -6.75 -11.62 8.10
C MET A 1 -7.31 -11.23 9.48
N SER A 2 -6.77 -11.79 10.56
CA SER A 2 -7.07 -11.30 11.89
C SER A 2 -6.53 -9.87 11.98
N GLU A 3 -7.00 -9.08 12.93
CA GLU A 3 -6.56 -7.69 13.05
C GLU A 3 -5.05 -7.60 13.19
N GLU A 4 -4.40 -8.61 13.76
CA GLU A 4 -2.95 -8.69 13.79
C GLU A 4 -2.37 -8.64 12.37
N THR A 5 -2.73 -9.56 11.47
CA THR A 5 -2.12 -9.57 10.15
C THR A 5 -2.52 -8.32 9.38
N SER A 6 -3.80 -7.97 9.48
CA SER A 6 -4.38 -6.85 8.77
C SER A 6 -3.57 -5.60 9.07
N THR A 7 -3.40 -5.33 10.35
CA THR A 7 -2.75 -4.14 10.87
C THR A 7 -1.24 -4.21 10.68
N GLN A 8 -0.64 -5.39 10.74
CA GLN A 8 0.78 -5.52 10.46
C GLN A 8 1.02 -5.02 9.04
N ILE A 9 0.17 -5.43 8.10
CA ILE A 9 0.43 -5.17 6.71
C ILE A 9 -0.07 -3.78 6.34
N LEU A 10 -1.10 -3.31 7.03
CA LEU A 10 -1.60 -1.95 6.89
C LEU A 10 -0.50 -0.97 7.22
N LYS A 11 0.08 -1.09 8.42
CA LYS A 11 1.19 -0.23 8.83
C LYS A 11 2.31 -0.37 7.81
N GLN A 12 2.57 -1.58 7.34
CA GLN A 12 3.71 -1.79 6.45
C GLN A 12 3.46 -1.17 5.08
N VAL A 13 2.22 -1.14 4.59
CA VAL A 13 1.93 -0.58 3.27
C VAL A 13 2.02 0.94 3.38
N GLU A 14 1.43 1.51 4.43
CA GLU A 14 1.56 2.94 4.67
C GLU A 14 3.01 3.31 4.85
N TYR A 15 3.81 2.45 5.48
CA TYR A 15 5.21 2.70 5.73
C TYR A 15 5.93 2.98 4.41
N TYR A 16 5.66 2.22 3.35
CA TYR A 16 6.31 2.46 2.07
C TYR A 16 6.08 3.88 1.54
N PHE A 17 4.96 4.51 1.88
CA PHE A 17 4.67 5.89 1.51
C PHE A 17 5.10 6.88 2.61
N SER A 18 5.12 6.43 3.87
CA SER A 18 5.27 7.25 5.06
C SER A 18 6.73 7.36 5.49
N ASP A 19 7.60 6.54 4.91
CA ASP A 19 9.04 6.51 5.13
C ASP A 19 9.73 7.40 4.09
N SER A 20 8.96 8.28 3.45
CA SER A 20 9.34 9.04 2.27
C SER A 20 10.06 8.16 1.24
N ASN A 21 9.67 6.89 1.17
CA ASN A 21 10.40 5.91 0.37
C ASN A 21 9.81 5.84 -1.05
N PHE A 22 8.50 6.08 -1.21
CA PHE A 22 7.86 5.98 -2.52
C PHE A 22 8.54 6.85 -3.58
N PRO A 23 8.89 8.13 -3.34
CA PRO A 23 9.44 8.95 -4.40
C PRO A 23 10.88 8.54 -4.72
N ARG A 24 11.52 7.73 -3.87
CA ARG A 24 12.92 7.36 -3.94
C ARG A 24 13.08 6.03 -4.65
N ASP A 25 12.21 5.07 -4.33
CA ASP A 25 12.22 3.76 -4.97
C ASP A 25 11.47 3.85 -6.30
N LYS A 26 12.24 3.77 -7.38
CA LYS A 26 11.74 3.80 -8.75
C LYS A 26 10.64 2.76 -8.99
N PHE A 27 10.63 1.65 -8.26
CA PHE A 27 9.58 0.64 -8.33
C PHE A 27 8.23 1.30 -8.03
N LEU A 28 8.11 1.94 -6.88
CA LEU A 28 6.87 2.60 -6.50
C LEU A 28 6.59 3.70 -7.50
N ARG A 29 7.54 4.61 -7.65
CA ARG A 29 7.40 5.81 -8.46
C ARG A 29 6.98 5.48 -9.89
N SER A 30 7.41 4.35 -10.46
CA SER A 30 7.05 3.98 -11.82
C SER A 30 5.56 3.69 -11.93
N GLU A 31 4.96 3.10 -10.90
CA GLU A 31 3.52 2.87 -10.91
C GLU A 31 2.79 4.16 -10.55
N ALA A 32 3.24 4.84 -9.50
CA ALA A 32 2.66 6.08 -9.03
C ALA A 32 2.55 7.11 -10.17
N ALA A 33 3.55 7.11 -11.06
CA ALA A 33 3.69 8.02 -12.19
C ALA A 33 2.51 7.97 -13.16
N LYS A 34 1.57 7.04 -13.04
CA LYS A 34 0.44 7.01 -13.92
C LYS A 34 -0.60 8.04 -13.48
N ASN A 35 -0.67 8.39 -12.19
CA ASN A 35 -1.42 9.53 -11.71
C ASN A 35 -0.83 10.06 -10.41
N VAL A 36 0.38 10.65 -10.50
CA VAL A 36 1.12 11.25 -9.39
C VAL A 36 1.47 10.21 -8.33
N ASP A 37 0.50 9.81 -7.51
CA ASP A 37 0.57 8.66 -6.61
C ASP A 37 -0.84 8.26 -6.16
N ASN A 38 -1.77 8.27 -7.13
CA ASN A 38 -3.17 7.92 -6.92
C ASN A 38 -3.49 6.57 -7.53
N TYR A 39 -2.56 5.98 -8.28
CA TYR A 39 -2.76 4.77 -9.06
C TYR A 39 -1.56 3.89 -8.78
N ILE A 40 -1.76 2.78 -8.07
CA ILE A 40 -0.71 1.83 -7.69
C ILE A 40 -1.32 0.43 -7.85
N SER A 41 -0.97 -0.33 -8.89
CA SER A 41 -1.51 -1.68 -9.01
C SER A 41 -1.20 -2.54 -7.80
N ILE A 42 -2.20 -3.34 -7.40
CA ILE A 42 -2.00 -4.41 -6.43
C ILE A 42 -1.00 -5.43 -6.92
N ASP A 43 -0.62 -5.38 -8.20
CA ASP A 43 0.41 -6.25 -8.74
C ASP A 43 1.77 -5.80 -8.19
N VAL A 44 2.01 -4.50 -8.07
CA VAL A 44 3.20 -3.94 -7.42
C VAL A 44 3.15 -4.26 -5.93
N ILE A 45 2.01 -3.99 -5.28
CA ILE A 45 1.90 -4.10 -3.83
C ILE A 45 2.02 -5.57 -3.42
N ALA A 46 1.45 -6.48 -4.18
CA ALA A 46 1.65 -7.90 -3.94
C ALA A 46 3.12 -8.22 -4.17
N SER A 47 3.70 -7.67 -5.25
CA SER A 47 5.08 -7.94 -5.61
C SER A 47 6.07 -7.15 -4.76
N PHE A 48 5.65 -6.48 -3.68
CA PHE A 48 6.56 -5.72 -2.83
C PHE A 48 7.57 -6.59 -2.08
N ASN A 49 7.45 -7.92 -2.17
CA ASN A 49 8.25 -8.90 -1.45
C ASN A 49 7.80 -8.95 0.01
N ARG A 50 8.05 -7.89 0.78
CA ARG A 50 7.64 -7.78 2.17
C ARG A 50 6.14 -8.00 2.35
N MET A 51 5.33 -7.49 1.43
CA MET A 51 3.90 -7.75 1.40
C MET A 51 3.64 -9.22 1.10
N LYS A 52 4.32 -9.81 0.11
CA LYS A 52 4.12 -11.22 -0.19
C LYS A 52 4.34 -12.06 1.05
N THR A 53 5.32 -11.72 1.88
CA THR A 53 5.61 -12.46 3.08
C THR A 53 4.56 -12.19 4.16
N ILE A 54 4.32 -10.93 4.52
CA ILE A 54 3.46 -10.60 5.65
C ILE A 54 2.02 -11.05 5.35
N SER A 55 1.64 -10.99 4.08
CA SER A 55 0.31 -11.37 3.64
C SER A 55 0.21 -12.85 3.44
N THR A 56 1.26 -13.44 2.85
CA THR A 56 1.30 -14.83 2.42
C THR A 56 0.33 -15.15 1.26
N ASP A 57 -0.83 -14.49 1.14
CA ASP A 57 -1.82 -14.71 0.11
C ASP A 57 -2.38 -13.33 -0.27
N LEU A 58 -2.71 -13.16 -1.55
CA LEU A 58 -3.21 -11.92 -2.12
C LEU A 58 -4.55 -11.51 -1.52
N GLN A 59 -5.32 -12.44 -0.99
CA GLN A 59 -6.61 -12.23 -0.35
C GLN A 59 -6.42 -11.23 0.77
N LEU A 60 -5.47 -11.51 1.66
CA LEU A 60 -5.18 -10.67 2.80
C LEU A 60 -4.61 -9.34 2.34
N ILE A 61 -3.91 -9.29 1.20
CA ILE A 61 -3.39 -8.04 0.68
C ILE A 61 -4.56 -7.20 0.19
N THR A 62 -5.54 -7.82 -0.47
CA THR A 62 -6.66 -7.10 -1.05
C THR A 62 -7.51 -6.55 0.08
N GLU A 63 -7.75 -7.36 1.11
CA GLU A 63 -8.55 -6.92 2.24
C GLU A 63 -7.82 -5.85 3.04
N ALA A 64 -6.49 -5.95 3.18
CA ALA A 64 -5.73 -4.88 3.84
C ALA A 64 -5.93 -3.56 3.12
N LEU A 65 -5.86 -3.57 1.79
CA LEU A 65 -6.06 -2.37 1.00
C LEU A 65 -7.48 -1.86 1.20
N LYS A 66 -8.46 -2.78 1.20
CA LYS A 66 -9.87 -2.47 1.46
C LYS A 66 -10.08 -1.85 2.83
N LYS A 67 -9.22 -2.17 3.80
CA LYS A 67 -9.28 -1.61 5.15
C LYS A 67 -8.13 -0.63 5.41
N SER A 68 -7.58 0.02 4.38
CA SER A 68 -6.39 0.85 4.56
C SER A 68 -6.63 2.01 5.53
N THR A 69 -5.51 2.45 6.13
CA THR A 69 -5.47 3.57 7.04
C THR A 69 -5.51 4.86 6.21
N ARG A 70 -4.38 5.50 5.94
CA ARG A 70 -4.35 6.80 5.28
C ARG A 70 -4.39 6.72 3.76
N LEU A 71 -4.55 5.53 3.18
CA LEU A 71 -4.67 5.35 1.75
C LEU A 71 -6.05 4.76 1.49
N GLN A 72 -6.59 4.93 0.29
CA GLN A 72 -7.93 4.45 -0.01
C GLN A 72 -7.92 3.76 -1.38
N VAL A 73 -8.52 2.57 -1.45
CA VAL A 73 -8.53 1.70 -2.61
C VAL A 73 -9.74 2.01 -3.47
N SER A 74 -9.54 1.96 -4.79
CA SER A 74 -10.61 2.00 -5.75
C SER A 74 -11.52 0.80 -5.54
N GLU A 75 -12.77 0.91 -5.99
CA GLU A 75 -13.70 -0.21 -5.99
C GLU A 75 -13.17 -1.33 -6.90
N ASP A 76 -12.25 -1.01 -7.80
CA ASP A 76 -11.64 -1.97 -8.72
C ASP A 76 -10.63 -2.86 -8.00
N GLY A 77 -10.05 -2.38 -6.89
CA GLY A 77 -8.99 -3.11 -6.20
C GLY A 77 -7.77 -3.33 -7.10
N LYS A 78 -7.56 -2.43 -8.06
CA LYS A 78 -6.35 -2.36 -8.87
C LYS A 78 -5.64 -1.05 -8.63
N MET A 79 -6.14 -0.14 -7.77
CA MET A 79 -5.34 1.01 -7.37
C MET A 79 -5.69 1.44 -5.95
N VAL A 80 -4.76 2.11 -5.27
CA VAL A 80 -5.05 2.92 -4.11
C VAL A 80 -4.48 4.31 -4.34
N ARG A 81 -4.94 5.28 -3.54
CA ARG A 81 -4.37 6.62 -3.55
C ARG A 81 -3.83 6.96 -2.18
N ARG A 82 -2.68 7.66 -2.12
CA ARG A 82 -2.09 8.03 -0.83
C ARG A 82 -2.70 9.33 -0.31
N LEU A 83 -2.16 9.87 0.79
CA LEU A 83 -2.71 11.04 1.45
C LEU A 83 -2.08 12.32 0.86
N ASP A 84 -2.88 13.36 0.65
CA ASP A 84 -2.41 14.61 0.05
C ASP A 84 -1.28 15.27 0.87
N PRO A 85 -1.48 15.61 2.15
CA PRO A 85 -0.42 16.18 2.95
C PRO A 85 0.65 15.10 3.22
N LEU A 86 1.90 15.52 3.46
CA LEU A 86 2.96 14.55 3.67
C LEU A 86 2.69 13.75 4.94
N PRO A 87 3.00 12.44 4.92
CA PRO A 87 2.83 11.57 6.06
C PRO A 87 3.93 11.84 7.09
N GLU A 88 3.59 11.79 8.37
CA GLU A 88 4.55 11.93 9.45
C GLU A 88 3.98 11.19 10.66
N ASN A 89 4.78 10.40 11.36
CA ASN A 89 4.38 9.68 12.59
C ASN A 89 3.06 8.92 12.42
N ILE A 90 2.82 8.31 11.26
CA ILE A 90 1.48 7.86 10.94
C ILE A 90 1.19 6.48 11.53
N ASP A 91 -0.09 6.16 11.72
CA ASP A 91 -0.61 4.83 11.95
C ASP A 91 -1.93 4.75 11.19
N MET A 1 -7.09 -10.31 6.75
CA MET A 1 -8.02 -11.31 7.30
C MET A 1 -8.18 -11.04 8.78
N SER A 2 -7.38 -11.67 9.65
CA SER A 2 -7.37 -11.30 11.05
C SER A 2 -6.87 -9.86 11.17
N GLU A 3 -7.45 -9.09 12.09
CA GLU A 3 -7.16 -7.68 12.25
C GLU A 3 -5.71 -7.45 12.65
N GLU A 4 -5.09 -8.33 13.42
CA GLU A 4 -3.68 -8.19 13.75
C GLU A 4 -2.85 -8.13 12.47
N THR A 5 -3.00 -9.12 11.59
CA THR A 5 -2.25 -9.18 10.35
C THR A 5 -2.61 -8.01 9.45
N SER A 6 -3.91 -7.71 9.35
CA SER A 6 -4.41 -6.68 8.47
C SER A 6 -3.78 -5.36 8.82
N THR A 7 -3.76 -5.02 10.10
CA THR A 7 -3.13 -3.82 10.65
C THR A 7 -1.62 -3.86 10.44
N GLN A 8 -0.99 -5.00 10.72
CA GLN A 8 0.44 -5.11 10.60
C GLN A 8 0.92 -4.90 9.17
N ILE A 9 0.07 -5.21 8.20
CA ILE A 9 0.42 -4.98 6.82
C ILE A 9 0.00 -3.57 6.45
N LEU A 10 -1.11 -3.11 7.00
CA LEU A 10 -1.65 -1.79 6.68
C LEU A 10 -0.64 -0.72 6.98
N LYS A 11 -0.16 -0.68 8.23
CA LYS A 11 0.86 0.26 8.65
C LYS A 11 2.09 0.14 7.76
N GLN A 12 2.38 -1.07 7.27
CA GLN A 12 3.52 -1.32 6.41
C GLN A 12 3.29 -0.83 4.97
N VAL A 13 2.05 -0.86 4.48
CA VAL A 13 1.71 -0.40 3.15
C VAL A 13 1.79 1.13 3.16
N GLU A 14 1.24 1.75 4.19
CA GLU A 14 1.33 3.18 4.41
C GLU A 14 2.79 3.60 4.54
N TYR A 15 3.60 2.81 5.24
CA TYR A 15 4.98 3.10 5.55
C TYR A 15 5.76 3.32 4.26
N TYR A 16 5.53 2.53 3.21
CA TYR A 16 6.26 2.73 1.96
C TYR A 16 6.13 4.15 1.40
N PHE A 17 4.98 4.80 1.60
CA PHE A 17 4.77 6.17 1.18
C PHE A 17 5.25 7.16 2.24
N SER A 18 5.09 6.80 3.51
CA SER A 18 5.29 7.70 4.65
C SER A 18 6.78 7.82 5.03
N ASP A 19 7.58 6.81 4.69
CA ASP A 19 9.02 6.68 4.94
C ASP A 19 9.81 7.41 3.85
N SER A 20 9.15 8.29 3.08
CA SER A 20 9.67 8.86 1.84
C SER A 20 10.38 7.82 0.97
N ASN A 21 9.87 6.58 0.97
CA ASN A 21 10.50 5.53 0.19
C ASN A 21 9.93 5.50 -1.23
N PHE A 22 8.71 5.99 -1.44
CA PHE A 22 8.11 6.11 -2.76
C PHE A 22 8.99 6.94 -3.69
N PRO A 23 9.44 8.17 -3.33
CA PRO A 23 10.26 8.92 -4.25
C PRO A 23 11.65 8.30 -4.47
N ARG A 24 12.07 7.41 -3.58
CA ARG A 24 13.36 6.75 -3.73
C ARG A 24 13.25 5.59 -4.70
N ASP A 25 12.25 4.73 -4.52
CA ASP A 25 12.22 3.48 -5.22
C ASP A 25 11.50 3.63 -6.56
N LYS A 26 12.29 3.50 -7.62
CA LYS A 26 11.85 3.45 -9.00
C LYS A 26 10.69 2.47 -9.21
N PHE A 27 10.61 1.42 -8.40
CA PHE A 27 9.50 0.48 -8.39
C PHE A 27 8.19 1.21 -8.14
N LEU A 28 8.11 1.93 -7.02
CA LEU A 28 6.91 2.67 -6.67
C LEU A 28 6.65 3.71 -7.76
N ARG A 29 7.67 4.49 -8.12
CA ARG A 29 7.55 5.55 -9.11
C ARG A 29 7.02 5.04 -10.44
N SER A 30 7.36 3.82 -10.85
CA SER A 30 6.84 3.26 -12.10
C SER A 30 5.32 3.16 -12.05
N GLU A 31 4.78 2.71 -10.93
CA GLU A 31 3.34 2.54 -10.83
C GLU A 31 2.68 3.90 -10.62
N ALA A 32 3.26 4.71 -9.74
CA ALA A 32 2.80 6.05 -9.42
C ALA A 32 2.71 6.89 -10.70
N ALA A 33 3.66 6.70 -11.62
CA ALA A 33 3.75 7.42 -12.88
C ALA A 33 2.53 7.21 -13.79
N LYS A 34 1.63 6.27 -13.48
CA LYS A 34 0.41 6.13 -14.26
C LYS A 34 -0.61 7.18 -13.84
N ASN A 35 -0.53 7.72 -12.62
CA ASN A 35 -1.38 8.84 -12.22
C ASN A 35 -0.69 9.71 -11.17
N VAL A 36 0.53 10.20 -11.42
CA VAL A 36 1.33 10.97 -10.47
C VAL A 36 1.74 10.12 -9.26
N ASP A 37 0.79 9.83 -8.36
CA ASP A 37 0.92 8.88 -7.26
C ASP A 37 -0.49 8.53 -6.74
N ASN A 38 -1.48 8.53 -7.63
CA ASN A 38 -2.88 8.36 -7.22
C ASN A 38 -3.41 6.97 -7.56
N TYR A 39 -2.72 6.21 -8.40
CA TYR A 39 -3.14 4.87 -8.76
C TYR A 39 -1.91 3.99 -8.60
N ILE A 40 -2.03 2.90 -7.85
CA ILE A 40 -0.94 1.99 -7.54
C ILE A 40 -1.55 0.58 -7.63
N SER A 41 -1.09 -0.25 -8.55
CA SER A 41 -1.64 -1.59 -8.71
C SER A 41 -1.33 -2.46 -7.51
N ILE A 42 -2.32 -3.25 -7.11
CA ILE A 42 -2.14 -4.39 -6.23
C ILE A 42 -1.10 -5.35 -6.77
N ASP A 43 -0.75 -5.33 -8.07
CA ASP A 43 0.34 -6.16 -8.56
C ASP A 43 1.66 -5.76 -7.92
N VAL A 44 1.97 -4.47 -7.90
CA VAL A 44 3.19 -3.91 -7.36
C VAL A 44 3.20 -4.14 -5.86
N ILE A 45 2.09 -3.82 -5.20
CA ILE A 45 1.96 -3.92 -3.75
C ILE A 45 2.03 -5.38 -3.33
N ALA A 46 1.48 -6.29 -4.13
CA ALA A 46 1.57 -7.72 -3.87
C ALA A 46 3.00 -8.18 -4.05
N SER A 47 3.69 -7.61 -5.04
CA SER A 47 5.04 -8.03 -5.39
C SER A 47 6.08 -7.43 -4.43
N PHE A 48 5.70 -6.38 -3.68
CA PHE A 48 6.58 -5.41 -3.02
C PHE A 48 7.79 -5.99 -2.29
N ASN A 49 7.60 -7.08 -1.53
CA ASN A 49 8.50 -7.77 -0.61
C ASN A 49 7.78 -7.88 0.73
N ARG A 50 7.87 -6.87 1.59
CA ARG A 50 7.27 -6.90 2.93
C ARG A 50 5.77 -7.18 2.89
N MET A 51 5.05 -6.66 1.90
CA MET A 51 3.65 -6.99 1.70
C MET A 51 3.54 -8.46 1.30
N LYS A 52 4.30 -8.88 0.30
CA LYS A 52 4.23 -10.23 -0.25
C LYS A 52 4.41 -11.27 0.86
N THR A 53 5.28 -10.97 1.81
CA THR A 53 5.61 -11.86 2.91
C THR A 53 4.58 -11.75 4.03
N ILE A 54 4.33 -10.53 4.54
CA ILE A 54 3.41 -10.37 5.67
C ILE A 54 2.02 -10.91 5.31
N SER A 55 1.61 -10.75 4.05
CA SER A 55 0.32 -11.27 3.60
C SER A 55 0.42 -12.72 3.20
N THR A 56 1.53 -13.12 2.57
CA THR A 56 1.71 -14.45 1.98
C THR A 56 0.74 -14.74 0.81
N ASP A 57 -0.32 -13.94 0.61
CA ASP A 57 -1.39 -14.20 -0.33
C ASP A 57 -1.94 -12.86 -0.79
N LEU A 58 -2.23 -12.73 -2.08
CA LEU A 58 -2.81 -11.54 -2.68
C LEU A 58 -4.18 -11.24 -2.10
N GLN A 59 -4.87 -12.24 -1.54
CA GLN A 59 -6.18 -12.08 -0.96
C GLN A 59 -6.08 -11.20 0.27
N LEU A 60 -5.14 -11.52 1.19
CA LEU A 60 -4.93 -10.73 2.38
C LEU A 60 -4.42 -9.34 2.01
N ILE A 61 -3.63 -9.21 0.93
CA ILE A 61 -3.16 -7.90 0.51
C ILE A 61 -4.32 -7.07 -0.02
N THR A 62 -5.23 -7.70 -0.76
CA THR A 62 -6.37 -7.01 -1.34
C THR A 62 -7.33 -6.59 -0.24
N GLU A 63 -7.52 -7.43 0.77
CA GLU A 63 -8.37 -7.08 1.90
C GLU A 63 -7.72 -5.94 2.66
N ALA A 64 -6.41 -6.02 2.86
CA ALA A 64 -5.70 -4.97 3.60
C ALA A 64 -5.93 -3.61 2.93
N LEU A 65 -5.83 -3.58 1.60
CA LEU A 65 -6.10 -2.38 0.83
C LEU A 65 -7.54 -1.95 1.01
N LYS A 66 -8.49 -2.90 1.00
CA LYS A 66 -9.91 -2.60 1.17
C LYS A 66 -10.18 -1.96 2.54
N LYS A 67 -9.43 -2.37 3.56
CA LYS A 67 -9.51 -1.85 4.91
C LYS A 67 -8.41 -0.79 5.08
N SER A 68 -8.20 0.08 4.09
CA SER A 68 -7.14 1.08 4.16
C SER A 68 -7.34 2.07 5.32
N THR A 69 -6.27 2.79 5.65
CA THR A 69 -6.15 3.63 6.84
C THR A 69 -5.96 5.08 6.42
N ARG A 70 -4.74 5.46 6.02
CA ARG A 70 -4.45 6.78 5.50
C ARG A 70 -4.53 6.78 3.97
N LEU A 71 -4.95 5.66 3.36
CA LEU A 71 -5.06 5.57 1.93
C LEU A 71 -6.49 5.12 1.65
N GLN A 72 -6.86 4.98 0.39
CA GLN A 72 -8.21 4.67 0.02
C GLN A 72 -8.12 3.92 -1.31
N VAL A 73 -8.59 2.68 -1.33
CA VAL A 73 -8.55 1.83 -2.52
C VAL A 73 -9.89 1.97 -3.25
N SER A 74 -9.82 2.00 -4.58
CA SER A 74 -11.00 1.81 -5.42
C SER A 74 -11.60 0.44 -5.14
N GLU A 75 -12.88 0.31 -5.48
CA GLU A 75 -13.66 -0.90 -5.34
C GLU A 75 -13.04 -2.05 -6.14
N ASP A 76 -12.30 -1.74 -7.21
CA ASP A 76 -11.69 -2.78 -8.03
C ASP A 76 -10.52 -3.43 -7.28
N GLY A 77 -9.93 -2.71 -6.32
CA GLY A 77 -8.75 -3.21 -5.63
C GLY A 77 -7.50 -3.12 -6.49
N LYS A 78 -7.57 -2.42 -7.63
CA LYS A 78 -6.46 -2.27 -8.57
C LYS A 78 -5.81 -0.91 -8.44
N MET A 79 -6.39 0.01 -7.69
CA MET A 79 -5.73 1.28 -7.46
C MET A 79 -6.00 1.74 -6.04
N VAL A 80 -5.01 2.35 -5.41
CA VAL A 80 -5.12 2.96 -4.10
C VAL A 80 -4.40 4.30 -4.17
N ARG A 81 -4.82 5.25 -3.34
CA ARG A 81 -4.12 6.52 -3.20
C ARG A 81 -4.04 6.94 -1.76
N ARG A 82 -3.07 7.78 -1.42
CA ARG A 82 -2.82 8.25 -0.07
C ARG A 82 -2.93 9.76 -0.06
N LEU A 83 -3.29 10.33 1.09
CA LEU A 83 -3.33 11.76 1.30
C LEU A 83 -2.47 12.03 2.51
N ASP A 84 -1.33 12.70 2.31
CA ASP A 84 -0.30 13.06 3.28
C ASP A 84 -0.33 12.18 4.53
N PRO A 85 0.23 10.97 4.39
CA PRO A 85 0.29 9.99 5.45
C PRO A 85 1.36 10.40 6.48
N LEU A 86 1.14 10.06 7.75
CA LEU A 86 2.07 10.34 8.84
C LEU A 86 2.67 9.03 9.32
N PRO A 87 4.00 8.89 9.36
CA PRO A 87 4.62 7.60 9.66
C PRO A 87 4.46 7.27 11.14
N GLU A 88 4.10 6.02 11.42
CA GLU A 88 3.78 5.52 12.76
C GLU A 88 2.44 6.11 13.25
N ASN A 89 2.00 5.75 14.46
CA ASN A 89 0.69 6.13 14.99
C ASN A 89 -0.44 5.86 14.00
N ILE A 90 -0.37 4.73 13.30
CA ILE A 90 -1.32 4.46 12.24
C ILE A 90 -1.84 3.03 12.42
N ASP A 91 -3.15 2.84 12.22
CA ASP A 91 -3.75 1.51 12.11
C ASP A 91 -3.27 0.91 10.80
N MET A 1 -5.27 -12.59 15.80
CA MET A 1 -4.72 -13.15 14.57
C MET A 1 -5.19 -12.37 13.36
N SER A 2 -6.43 -12.54 12.87
CA SER A 2 -6.89 -11.90 11.63
C SER A 2 -6.53 -10.41 11.58
N GLU A 3 -6.97 -9.63 12.56
CA GLU A 3 -6.69 -8.20 12.59
C GLU A 3 -5.21 -7.91 12.87
N GLU A 4 -4.48 -8.78 13.57
CA GLU A 4 -3.06 -8.53 13.81
C GLU A 4 -2.31 -8.58 12.49
N THR A 5 -2.48 -9.66 11.72
CA THR A 5 -1.81 -9.83 10.45
C THR A 5 -2.29 -8.78 9.46
N SER A 6 -3.60 -8.57 9.35
CA SER A 6 -4.14 -7.58 8.45
C SER A 6 -3.51 -6.23 8.75
N THR A 7 -3.49 -5.82 10.03
CA THR A 7 -3.00 -4.53 10.46
C THR A 7 -1.47 -4.44 10.40
N GLN A 8 -0.74 -5.55 10.50
CA GLN A 8 0.68 -5.54 10.20
C GLN A 8 0.87 -5.09 8.76
N ILE A 9 0.11 -5.69 7.85
CA ILE A 9 0.29 -5.41 6.45
C ILE A 9 -0.21 -4.01 6.17
N LEU A 10 -1.26 -3.57 6.88
CA LEU A 10 -1.91 -2.30 6.69
C LEU A 10 -0.96 -1.17 7.04
N LYS A 11 -0.31 -1.28 8.20
CA LYS A 11 0.70 -0.33 8.60
C LYS A 11 1.85 -0.40 7.60
N GLN A 12 2.25 -1.60 7.16
CA GLN A 12 3.31 -1.75 6.17
C GLN A 12 2.96 -1.02 4.87
N VAL A 13 1.71 -1.07 4.44
CA VAL A 13 1.24 -0.44 3.21
C VAL A 13 1.44 1.07 3.36
N GLU A 14 0.95 1.68 4.44
CA GLU A 14 1.16 3.10 4.67
C GLU A 14 2.65 3.42 4.81
N TYR A 15 3.44 2.51 5.39
CA TYR A 15 4.85 2.69 5.65
C TYR A 15 5.58 3.00 4.34
N TYR A 16 5.31 2.28 3.26
CA TYR A 16 6.00 2.56 2.01
C TYR A 16 5.72 3.99 1.50
N PHE A 17 4.58 4.59 1.85
CA PHE A 17 4.23 5.95 1.46
C PHE A 17 4.55 6.98 2.56
N SER A 18 5.05 6.53 3.72
CA SER A 18 5.29 7.32 4.91
C SER A 18 6.77 7.52 5.19
N ASP A 19 7.56 6.49 4.94
CA ASP A 19 8.99 6.41 5.15
C ASP A 19 9.76 7.12 4.02
N SER A 20 9.06 7.99 3.27
CA SER A 20 9.48 8.58 2.02
C SER A 20 10.17 7.56 1.09
N ASN A 21 9.80 6.28 1.18
CA ASN A 21 10.41 5.28 0.32
C ASN A 21 9.66 5.19 -1.00
N PHE A 22 8.41 5.68 -1.10
CA PHE A 22 7.70 5.69 -2.36
C PHE A 22 8.46 6.48 -3.43
N PRO A 23 8.85 7.74 -3.19
CA PRO A 23 9.53 8.49 -4.23
C PRO A 23 10.92 7.93 -4.52
N ARG A 24 11.51 7.24 -3.55
CA ARG A 24 12.85 6.68 -3.66
C ARG A 24 12.81 5.43 -4.53
N ASP A 25 11.79 4.59 -4.36
CA ASP A 25 11.76 3.30 -5.00
C ASP A 25 11.16 3.45 -6.39
N LYS A 26 11.99 3.35 -7.42
CA LYS A 26 11.46 3.42 -8.78
C LYS A 26 10.42 2.33 -9.06
N PHE A 27 10.35 1.26 -8.25
CA PHE A 27 9.27 0.30 -8.32
C PHE A 27 7.93 1.01 -8.09
N LEU A 28 7.82 1.72 -6.97
CA LEU A 28 6.61 2.45 -6.64
C LEU A 28 6.40 3.54 -7.66
N ARG A 29 7.39 4.41 -7.84
CA ARG A 29 7.32 5.59 -8.70
C ARG A 29 6.89 5.21 -10.11
N SER A 30 7.31 4.06 -10.64
CA SER A 30 6.87 3.62 -11.95
C SER A 30 5.36 3.47 -11.99
N GLU A 31 4.77 2.81 -10.99
CA GLU A 31 3.34 2.56 -11.05
C GLU A 31 2.62 3.88 -10.78
N ALA A 32 3.06 4.59 -9.74
CA ALA A 32 2.55 5.87 -9.30
C ALA A 32 2.59 6.90 -10.43
N ALA A 33 3.56 6.80 -11.35
CA ALA A 33 3.74 7.73 -12.46
C ALA A 33 2.55 7.73 -13.42
N LYS A 34 1.62 6.78 -13.33
CA LYS A 34 0.43 6.78 -14.17
C LYS A 34 -0.60 7.76 -13.59
N ASN A 35 -0.47 8.17 -12.32
CA ASN A 35 -1.34 9.20 -11.76
C ASN A 35 -0.76 9.88 -10.54
N VAL A 36 0.47 10.41 -10.64
CA VAL A 36 1.19 11.08 -9.57
C VAL A 36 1.55 10.06 -8.48
N ASP A 37 0.57 9.64 -7.69
CA ASP A 37 0.61 8.60 -6.69
C ASP A 37 -0.78 8.08 -6.33
N ASN A 38 -1.73 8.17 -7.28
CA ASN A 38 -3.10 7.70 -7.12
C ASN A 38 -3.33 6.37 -7.85
N TYR A 39 -2.41 5.93 -8.70
CA TYR A 39 -2.54 4.70 -9.46
C TYR A 39 -1.40 3.81 -9.03
N ILE A 40 -1.70 2.77 -8.24
CA ILE A 40 -0.71 1.85 -7.75
C ILE A 40 -1.35 0.46 -7.82
N SER A 41 -0.99 -0.30 -8.86
CA SER A 41 -1.43 -1.66 -9.10
C SER A 41 -1.26 -2.52 -7.85
N ILE A 42 -2.29 -3.31 -7.54
CA ILE A 42 -2.13 -4.42 -6.63
C ILE A 42 -1.04 -5.39 -7.09
N ASP A 43 -0.58 -5.34 -8.33
CA ASP A 43 0.56 -6.14 -8.74
C ASP A 43 1.81 -5.71 -7.99
N VAL A 44 2.09 -4.40 -7.90
CA VAL A 44 3.24 -3.87 -7.21
C VAL A 44 3.12 -4.22 -5.73
N ILE A 45 1.95 -3.97 -5.14
CA ILE A 45 1.78 -4.07 -3.70
C ILE A 45 1.75 -5.54 -3.29
N ALA A 46 1.21 -6.41 -4.13
CA ALA A 46 1.28 -7.85 -3.92
C ALA A 46 2.71 -8.33 -4.11
N SER A 47 3.44 -7.70 -5.05
CA SER A 47 4.80 -8.08 -5.39
C SER A 47 5.80 -7.24 -4.61
N PHE A 48 5.41 -6.61 -3.51
CA PHE A 48 6.29 -5.69 -2.79
C PHE A 48 7.41 -6.38 -1.99
N ASN A 49 7.67 -7.67 -2.25
CA ASN A 49 8.42 -8.62 -1.44
C ASN A 49 7.91 -8.65 -0.01
N ARG A 50 8.21 -7.64 0.81
CA ARG A 50 7.80 -7.54 2.21
C ARG A 50 6.31 -7.80 2.39
N MET A 51 5.47 -7.32 1.47
CA MET A 51 4.04 -7.58 1.51
C MET A 51 3.78 -9.05 1.26
N LYS A 52 4.35 -9.62 0.20
CA LYS A 52 4.08 -11.01 -0.14
C LYS A 52 4.48 -11.92 1.01
N THR A 53 5.56 -11.60 1.73
CA THR A 53 6.04 -12.39 2.83
C THR A 53 5.15 -12.20 4.06
N ILE A 54 4.86 -10.94 4.44
CA ILE A 54 4.13 -10.69 5.68
C ILE A 54 2.68 -11.16 5.54
N SER A 55 2.14 -11.11 4.32
CA SER A 55 0.80 -11.60 4.06
C SER A 55 0.79 -13.10 3.91
N THR A 56 1.78 -13.61 3.17
CA THR A 56 1.79 -14.97 2.66
C THR A 56 0.57 -15.29 1.78
N ASP A 57 -0.35 -14.35 1.51
CA ASP A 57 -1.58 -14.65 0.79
C ASP A 57 -2.09 -13.35 0.15
N LEU A 58 -2.49 -13.43 -1.11
CA LEU A 58 -3.05 -12.29 -1.83
C LEU A 58 -4.42 -11.91 -1.27
N GLN A 59 -5.06 -12.78 -0.52
CA GLN A 59 -6.31 -12.49 0.15
C GLN A 59 -6.05 -11.42 1.20
N LEU A 60 -5.10 -11.67 2.10
CA LEU A 60 -4.73 -10.73 3.14
C LEU A 60 -4.11 -9.47 2.53
N ILE A 61 -3.39 -9.57 1.42
CA ILE A 61 -2.80 -8.39 0.79
C ILE A 61 -3.91 -7.50 0.20
N THR A 62 -4.88 -8.12 -0.47
CA THR A 62 -5.93 -7.34 -1.11
C THR A 62 -6.82 -6.73 -0.04
N GLU A 63 -7.13 -7.47 1.02
CA GLU A 63 -7.94 -6.96 2.10
C GLU A 63 -7.19 -5.88 2.85
N ALA A 64 -5.86 -6.01 2.98
CA ALA A 64 -5.06 -5.01 3.67
C ALA A 64 -5.26 -3.65 3.02
N LEU A 65 -5.19 -3.62 1.69
CA LEU A 65 -5.46 -2.40 0.97
C LEU A 65 -6.90 -1.98 1.21
N LYS A 66 -7.84 -2.91 1.06
CA LYS A 66 -9.26 -2.58 1.10
C LYS A 66 -9.67 -1.96 2.45
N LYS A 67 -8.93 -2.22 3.52
CA LYS A 67 -9.16 -1.64 4.84
C LYS A 67 -8.20 -0.45 5.08
N SER A 68 -7.80 0.29 4.03
CA SER A 68 -6.69 1.24 4.14
C SER A 68 -6.86 2.27 5.25
N THR A 69 -5.74 2.60 5.89
CA THR A 69 -5.68 3.54 7.01
C THR A 69 -5.55 4.96 6.49
N ARG A 70 -4.39 5.31 5.90
CA ARG A 70 -4.11 6.67 5.45
C ARG A 70 -4.09 6.74 3.93
N LEU A 71 -4.51 5.69 3.22
CA LEU A 71 -4.66 5.71 1.78
C LEU A 71 -6.12 5.35 1.50
N GLN A 72 -6.56 5.45 0.25
CA GLN A 72 -7.94 5.21 -0.15
C GLN A 72 -7.91 4.44 -1.46
N VAL A 73 -8.57 3.28 -1.48
CA VAL A 73 -8.53 2.35 -2.59
C VAL A 73 -9.70 2.66 -3.50
N SER A 74 -9.45 2.64 -4.81
CA SER A 74 -10.51 2.83 -5.77
C SER A 74 -11.47 1.66 -5.73
N GLU A 75 -12.65 1.82 -6.33
CA GLU A 75 -13.63 0.74 -6.39
C GLU A 75 -13.09 -0.44 -7.20
N ASP A 76 -12.07 -0.19 -8.03
CA ASP A 76 -11.38 -1.24 -8.79
C ASP A 76 -10.65 -2.19 -7.84
N GLY A 77 -10.08 -1.66 -6.76
CA GLY A 77 -9.14 -2.43 -5.94
C GLY A 77 -7.90 -2.81 -6.73
N LYS A 78 -7.53 -1.96 -7.70
CA LYS A 78 -6.30 -2.06 -8.47
C LYS A 78 -5.52 -0.76 -8.39
N MET A 79 -6.05 0.25 -7.67
CA MET A 79 -5.33 1.47 -7.42
C MET A 79 -5.68 1.98 -6.03
N VAL A 80 -4.80 2.82 -5.48
CA VAL A 80 -4.97 3.43 -4.18
C VAL A 80 -4.30 4.79 -4.24
N ARG A 81 -4.71 5.72 -3.38
CA ARG A 81 -4.12 7.05 -3.31
C ARG A 81 -3.85 7.42 -1.86
N ARG A 82 -2.76 8.15 -1.60
CA ARG A 82 -2.51 8.69 -0.28
C ARG A 82 -3.27 10.00 -0.10
N LEU A 83 -3.24 10.58 1.11
CA LEU A 83 -3.88 11.87 1.37
C LEU A 83 -2.87 12.97 1.08
N ASP A 84 -3.36 14.20 0.87
CA ASP A 84 -2.52 15.38 0.67
C ASP A 84 -1.51 15.55 1.81
N PRO A 85 -1.95 15.72 3.07
CA PRO A 85 -1.03 15.86 4.18
C PRO A 85 -0.32 14.54 4.43
N LEU A 86 0.88 14.62 5.02
CA LEU A 86 1.75 13.47 5.22
C LEU A 86 1.08 12.44 6.14
N PRO A 87 1.50 11.17 6.04
CA PRO A 87 1.05 10.11 6.92
C PRO A 87 1.56 10.33 8.34
N GLU A 88 0.84 9.76 9.30
CA GLU A 88 0.98 10.07 10.72
C GLU A 88 0.16 9.03 11.47
N ASN A 89 0.45 8.81 12.75
CA ASN A 89 -0.12 7.74 13.55
C ASN A 89 0.11 6.39 12.88
N ILE A 90 1.35 6.14 12.46
CA ILE A 90 1.69 4.91 11.79
C ILE A 90 2.97 4.39 12.41
N ASP A 91 3.07 3.07 12.57
CA ASP A 91 4.07 2.38 13.38
C ASP A 91 3.95 2.81 14.84
N MET A 1 -7.65 -14.23 10.43
CA MET A 1 -6.29 -13.91 10.92
C MET A 1 -6.33 -12.79 11.96
N SER A 2 -7.52 -12.36 12.40
CA SER A 2 -7.71 -11.23 13.30
C SER A 2 -7.19 -9.92 12.72
N GLU A 3 -7.65 -8.81 13.30
CA GLU A 3 -7.25 -7.51 12.82
C GLU A 3 -5.79 -7.24 13.17
N GLU A 4 -5.16 -8.04 14.03
CA GLU A 4 -3.71 -8.02 14.18
C GLU A 4 -3.04 -8.32 12.85
N THR A 5 -3.41 -9.41 12.15
CA THR A 5 -2.65 -9.73 10.96
C THR A 5 -3.01 -8.74 9.86
N SER A 6 -4.29 -8.40 9.69
CA SER A 6 -4.69 -7.42 8.69
C SER A 6 -3.89 -6.13 8.91
N THR A 7 -3.85 -5.63 10.15
CA THR A 7 -3.10 -4.45 10.56
C THR A 7 -1.61 -4.61 10.37
N GLN A 8 -1.03 -5.80 10.54
CA GLN A 8 0.39 -5.98 10.24
C GLN A 8 0.68 -5.63 8.80
N ILE A 9 -0.22 -5.95 7.88
CA ILE A 9 0.01 -5.58 6.50
C ILE A 9 -0.34 -4.10 6.35
N LEU A 10 -1.39 -3.65 7.03
CA LEU A 10 -1.94 -2.31 6.86
C LEU A 10 -0.89 -1.26 7.17
N LYS A 11 -0.24 -1.42 8.33
CA LYS A 11 0.84 -0.56 8.78
C LYS A 11 2.05 -0.68 7.86
N GLN A 12 2.18 -1.80 7.17
CA GLN A 12 3.23 -2.02 6.20
C GLN A 12 2.93 -1.31 4.89
N VAL A 13 1.66 -1.23 4.50
CA VAL A 13 1.24 -0.54 3.30
C VAL A 13 1.48 0.94 3.53
N GLU A 14 0.96 1.50 4.62
CA GLU A 14 1.18 2.91 4.91
C GLU A 14 2.67 3.20 5.03
N TYR A 15 3.47 2.27 5.56
CA TYR A 15 4.88 2.44 5.81
C TYR A 15 5.59 2.80 4.51
N TYR A 16 5.33 2.10 3.39
CA TYR A 16 6.02 2.38 2.14
C TYR A 16 5.88 3.84 1.69
N PHE A 17 4.83 4.53 2.13
CA PHE A 17 4.61 5.92 1.81
C PHE A 17 5.13 6.82 2.93
N SER A 18 4.94 6.39 4.18
CA SER A 18 5.27 7.12 5.39
C SER A 18 6.77 7.19 5.63
N ASP A 19 7.53 6.29 5.03
CA ASP A 19 8.96 6.15 5.19
C ASP A 19 9.70 7.04 4.18
N SER A 20 8.95 7.89 3.47
CA SER A 20 9.40 8.57 2.27
C SER A 20 10.13 7.60 1.32
N ASN A 21 9.70 6.34 1.29
CA ASN A 21 10.32 5.36 0.42
C ASN A 21 9.76 5.51 -1.00
N PHE A 22 8.50 5.94 -1.18
CA PHE A 22 7.90 6.01 -2.51
C PHE A 22 8.71 6.85 -3.49
N PRO A 23 9.17 8.06 -3.15
CA PRO A 23 9.90 8.84 -4.13
C PRO A 23 11.29 8.24 -4.38
N ARG A 24 11.81 7.49 -3.41
CA ARG A 24 13.14 6.91 -3.46
C ARG A 24 13.16 5.61 -4.25
N ASP A 25 12.05 4.86 -4.23
CA ASP A 25 11.97 3.55 -4.84
C ASP A 25 11.31 3.73 -6.20
N LYS A 26 12.12 3.68 -7.25
CA LYS A 26 11.65 3.85 -8.63
C LYS A 26 10.56 2.83 -8.97
N PHE A 27 10.52 1.69 -8.27
CA PHE A 27 9.44 0.72 -8.34
C PHE A 27 8.11 1.39 -8.04
N LEU A 28 7.97 1.97 -6.85
CA LEU A 28 6.77 2.67 -6.43
C LEU A 28 6.48 3.78 -7.42
N ARG A 29 7.46 4.65 -7.64
CA ARG A 29 7.33 5.84 -8.47
C ARG A 29 6.89 5.49 -9.88
N SER A 30 7.27 4.33 -10.41
CA SER A 30 6.87 3.92 -11.75
C SER A 30 5.36 3.72 -11.80
N GLU A 31 4.77 3.11 -10.77
CA GLU A 31 3.35 2.87 -10.82
C GLU A 31 2.61 4.15 -10.45
N ALA A 32 3.11 4.88 -9.45
CA ALA A 32 2.55 6.16 -9.04
C ALA A 32 2.46 7.11 -10.24
N ALA A 33 3.48 7.09 -11.11
CA ALA A 33 3.59 7.92 -12.30
C ALA A 33 2.45 7.70 -13.31
N LYS A 34 1.55 6.74 -13.11
CA LYS A 34 0.39 6.58 -13.99
C LYS A 34 -0.66 7.61 -13.60
N ASN A 35 -0.71 8.07 -12.34
CA ASN A 35 -1.60 9.15 -11.95
C ASN A 35 -1.06 9.91 -10.74
N VAL A 36 0.15 10.47 -10.85
CA VAL A 36 0.86 11.16 -9.78
C VAL A 36 1.23 10.19 -8.65
N ASP A 37 0.24 9.79 -7.86
CA ASP A 37 0.35 8.85 -6.75
C ASP A 37 -1.06 8.39 -6.33
N ASN A 38 -1.96 8.30 -7.32
CA ASN A 38 -3.35 7.91 -7.14
C ASN A 38 -3.62 6.51 -7.66
N TYR A 39 -2.83 6.06 -8.63
CA TYR A 39 -3.03 4.80 -9.33
C TYR A 39 -1.81 3.95 -8.99
N ILE A 40 -2.03 2.86 -8.25
CA ILE A 40 -0.97 1.97 -7.80
C ILE A 40 -1.53 0.55 -7.89
N SER A 41 -1.12 -0.24 -8.90
CA SER A 41 -1.61 -1.59 -9.06
C SER A 41 -1.30 -2.44 -7.84
N ILE A 42 -2.27 -3.27 -7.45
CA ILE A 42 -2.01 -4.34 -6.50
C ILE A 42 -0.96 -5.32 -7.00
N ASP A 43 -0.54 -5.27 -8.26
CA ASP A 43 0.56 -6.09 -8.74
C ASP A 43 1.85 -5.66 -8.04
N VAL A 44 2.09 -4.34 -7.96
CA VAL A 44 3.29 -3.78 -7.36
C VAL A 44 3.28 -4.12 -5.88
N ILE A 45 2.14 -3.90 -5.22
CA ILE A 45 2.04 -4.03 -3.78
C ILE A 45 2.08 -5.51 -3.40
N ALA A 46 1.48 -6.38 -4.20
CA ALA A 46 1.62 -7.81 -4.01
C ALA A 46 3.06 -8.23 -4.28
N SER A 47 3.76 -7.54 -5.17
CA SER A 47 5.12 -7.86 -5.55
C SER A 47 6.14 -7.07 -4.72
N PHE A 48 5.74 -6.42 -3.62
CA PHE A 48 6.65 -5.62 -2.79
C PHE A 48 7.67 -6.43 -2.00
N ASN A 49 7.84 -7.73 -2.28
CA ASN A 49 8.64 -8.71 -1.53
C ASN A 49 8.16 -8.82 -0.08
N ARG A 50 8.53 -7.86 0.77
CA ARG A 50 8.13 -7.88 2.18
C ARG A 50 6.61 -8.00 2.28
N MET A 51 5.86 -7.36 1.40
CA MET A 51 4.41 -7.49 1.41
C MET A 51 4.00 -8.92 1.08
N LYS A 52 4.62 -9.54 0.07
CA LYS A 52 4.26 -10.88 -0.33
C LYS A 52 4.50 -11.86 0.80
N THR A 53 5.59 -11.67 1.54
CA THR A 53 5.95 -12.52 2.66
C THR A 53 4.99 -12.30 3.84
N ILE A 54 4.76 -11.03 4.20
CA ILE A 54 3.95 -10.68 5.37
C ILE A 54 2.49 -11.06 5.15
N SER A 55 2.03 -10.99 3.91
CA SER A 55 0.66 -11.38 3.60
C SER A 55 0.56 -12.88 3.46
N THR A 56 1.55 -13.46 2.79
CA THR A 56 1.52 -14.82 2.28
C THR A 56 0.32 -15.08 1.33
N ASP A 57 -0.52 -14.09 1.00
CA ASP A 57 -1.71 -14.31 0.23
C ASP A 57 -2.19 -12.98 -0.34
N LEU A 58 -2.52 -12.96 -1.63
CA LEU A 58 -3.07 -11.78 -2.30
C LEU A 58 -4.44 -11.41 -1.73
N GLN A 59 -5.12 -12.34 -1.07
CA GLN A 59 -6.39 -12.12 -0.41
C GLN A 59 -6.17 -11.13 0.71
N LEU A 60 -5.18 -11.40 1.57
CA LEU A 60 -4.84 -10.55 2.70
C LEU A 60 -4.30 -9.22 2.20
N ILE A 61 -3.59 -9.19 1.07
CA ILE A 61 -3.12 -7.92 0.53
C ILE A 61 -4.31 -7.10 0.05
N THR A 62 -5.30 -7.76 -0.55
CA THR A 62 -6.46 -7.07 -1.08
C THR A 62 -7.28 -6.52 0.08
N GLU A 63 -7.46 -7.28 1.17
CA GLU A 63 -8.18 -6.78 2.32
C GLU A 63 -7.39 -5.63 2.94
N ALA A 64 -6.07 -5.77 3.02
CA ALA A 64 -5.24 -4.75 3.65
C ALA A 64 -5.49 -3.40 2.99
N LEU A 65 -5.54 -3.39 1.66
CA LEU A 65 -5.84 -2.18 0.92
C LEU A 65 -7.29 -1.77 1.12
N LYS A 66 -8.23 -2.71 1.19
CA LYS A 66 -9.64 -2.39 1.40
C LYS A 66 -9.82 -1.57 2.68
N LYS A 67 -9.11 -1.93 3.74
CA LYS A 67 -9.18 -1.25 5.02
C LYS A 67 -8.07 -0.19 5.12
N SER A 68 -7.57 0.38 4.01
CA SER A 68 -6.41 1.24 4.06
C SER A 68 -6.62 2.41 5.00
N THR A 69 -5.58 2.72 5.76
CA THR A 69 -5.60 3.77 6.76
C THR A 69 -5.10 5.08 6.13
N ARG A 70 -3.81 5.18 5.79
CA ARG A 70 -3.30 6.42 5.18
C ARG A 70 -3.51 6.44 3.68
N LEU A 71 -4.01 5.36 3.05
CA LEU A 71 -4.27 5.37 1.63
C LEU A 71 -5.77 5.06 1.47
N GLN A 72 -6.29 5.10 0.25
CA GLN A 72 -7.68 4.78 -0.03
C GLN A 72 -7.75 3.98 -1.33
N VAL A 73 -8.15 2.72 -1.27
CA VAL A 73 -8.22 1.90 -2.47
C VAL A 73 -9.57 2.14 -3.14
N SER A 74 -9.60 1.95 -4.45
CA SER A 74 -10.83 1.89 -5.22
C SER A 74 -11.54 0.57 -4.94
N GLU A 75 -12.83 0.53 -5.26
CA GLU A 75 -13.67 -0.65 -5.14
C GLU A 75 -13.16 -1.81 -6.01
N ASP A 76 -12.35 -1.51 -7.03
CA ASP A 76 -11.79 -2.55 -7.89
C ASP A 76 -10.68 -3.29 -7.15
N GLY A 77 -9.99 -2.60 -6.23
CA GLY A 77 -8.81 -3.18 -5.61
C GLY A 77 -7.73 -3.41 -6.67
N LYS A 78 -7.54 -2.43 -7.56
CA LYS A 78 -6.39 -2.33 -8.46
C LYS A 78 -5.76 -0.95 -8.39
N MET A 79 -6.32 0.03 -7.68
CA MET A 79 -5.66 1.32 -7.55
C MET A 79 -5.90 1.86 -6.17
N VAL A 80 -4.96 2.65 -5.63
CA VAL A 80 -5.06 3.22 -4.30
C VAL A 80 -4.37 4.57 -4.33
N ARG A 81 -4.94 5.57 -3.65
CA ARG A 81 -4.35 6.91 -3.59
C ARG A 81 -3.78 7.14 -2.21
N ARG A 82 -2.75 7.97 -2.10
CA ARG A 82 -2.28 8.44 -0.80
C ARG A 82 -2.84 9.82 -0.52
N LEU A 83 -2.51 10.39 0.65
CA LEU A 83 -3.06 11.67 1.09
C LEU A 83 -2.17 12.76 0.53
N ASP A 84 -2.74 13.90 0.13
CA ASP A 84 -2.01 15.04 -0.38
C ASP A 84 -0.89 15.50 0.56
N PRO A 85 -1.20 15.85 1.83
CA PRO A 85 -0.18 16.29 2.78
C PRO A 85 0.71 15.11 3.19
N LEU A 86 1.89 15.44 3.74
CA LEU A 86 2.88 14.42 4.08
C LEU A 86 2.35 13.49 5.19
N PRO A 87 2.82 12.24 5.20
CA PRO A 87 2.37 11.23 6.15
C PRO A 87 2.99 11.46 7.53
N GLU A 88 2.19 11.85 8.53
CA GLU A 88 2.71 12.14 9.86
C GLU A 88 1.78 11.53 10.92
N ASN A 89 1.98 10.24 11.23
CA ASN A 89 1.19 9.48 12.20
C ASN A 89 -0.31 9.63 11.97
N ILE A 90 -0.72 9.61 10.71
CA ILE A 90 -2.13 9.66 10.40
C ILE A 90 -2.61 8.21 10.44
N ASP A 91 -3.79 7.94 10.98
CA ASP A 91 -4.42 6.65 10.83
C ASP A 91 -5.94 6.80 10.81
N MET A 1 -3.32 -13.70 7.71
CA MET A 1 -4.56 -14.49 7.67
C MET A 1 -5.32 -14.29 8.99
N SER A 2 -5.78 -13.05 9.27
CA SER A 2 -6.49 -12.62 10.48
C SER A 2 -6.34 -11.10 10.59
N GLU A 3 -7.06 -10.45 11.51
CA GLU A 3 -6.93 -9.01 11.71
C GLU A 3 -5.54 -8.64 12.23
N GLU A 4 -4.84 -9.53 12.94
CA GLU A 4 -3.46 -9.27 13.30
C GLU A 4 -2.63 -9.05 12.04
N THR A 5 -2.65 -9.99 11.10
CA THR A 5 -1.89 -9.87 9.87
C THR A 5 -2.36 -8.65 9.07
N SER A 6 -3.68 -8.49 8.95
CA SER A 6 -4.27 -7.45 8.13
C SER A 6 -3.79 -6.11 8.64
N THR A 7 -3.83 -5.90 9.94
CA THR A 7 -3.43 -4.64 10.57
C THR A 7 -1.93 -4.44 10.51
N GLN A 8 -1.15 -5.51 10.69
CA GLN A 8 0.29 -5.43 10.55
C GLN A 8 0.60 -4.89 9.17
N ILE A 9 -0.03 -5.47 8.16
CA ILE A 9 0.32 -5.19 6.77
C ILE A 9 -0.29 -3.87 6.36
N LEU A 10 -1.38 -3.48 7.01
CA LEU A 10 -2.03 -2.20 6.81
C LEU A 10 -1.06 -1.07 7.09
N LYS A 11 -0.49 -1.10 8.30
CA LYS A 11 0.50 -0.12 8.67
C LYS A 11 1.70 -0.23 7.75
N GLN A 12 2.10 -1.46 7.42
CA GLN A 12 3.24 -1.70 6.56
C GLN A 12 3.01 -1.08 5.18
N VAL A 13 1.79 -1.13 4.67
CA VAL A 13 1.42 -0.56 3.38
C VAL A 13 1.65 0.93 3.47
N GLU A 14 1.20 1.54 4.56
CA GLU A 14 1.42 2.95 4.79
C GLU A 14 2.92 3.27 4.85
N TYR A 15 3.73 2.42 5.47
CA TYR A 15 5.16 2.61 5.67
C TYR A 15 5.88 2.86 4.34
N TYR A 16 5.52 2.13 3.28
CA TYR A 16 6.13 2.29 1.96
C TYR A 16 5.83 3.66 1.31
N PHE A 17 4.95 4.44 1.91
CA PHE A 17 4.73 5.85 1.59
C PHE A 17 5.24 6.76 2.70
N SER A 18 5.32 6.26 3.93
CA SER A 18 5.61 7.01 5.14
C SER A 18 7.06 7.42 5.19
N ASP A 19 7.95 6.53 4.76
CA ASP A 19 9.40 6.71 4.85
C ASP A 19 9.92 7.61 3.72
N SER A 20 9.00 8.31 3.03
CA SER A 20 9.28 9.10 1.83
C SER A 20 10.13 8.30 0.84
N ASN A 21 9.95 6.99 0.84
CA ASN A 21 10.63 6.07 -0.05
C ASN A 21 9.80 5.82 -1.30
N PHE A 22 8.51 6.16 -1.34
CA PHE A 22 7.74 6.05 -2.59
C PHE A 22 8.38 6.84 -3.71
N PRO A 23 8.68 8.14 -3.55
CA PRO A 23 9.18 8.93 -4.65
C PRO A 23 10.62 8.54 -5.01
N ARG A 24 11.34 7.90 -4.07
CA ARG A 24 12.74 7.54 -4.23
C ARG A 24 12.89 6.13 -4.77
N ASP A 25 11.89 5.27 -4.60
CA ASP A 25 11.93 3.92 -5.10
C ASP A 25 11.25 3.92 -6.46
N LYS A 26 12.04 3.72 -7.51
CA LYS A 26 11.60 3.65 -8.89
C LYS A 26 10.43 2.69 -9.08
N PHE A 27 10.35 1.63 -8.28
CA PHE A 27 9.24 0.68 -8.28
C PHE A 27 7.93 1.42 -8.03
N LEU A 28 7.84 2.08 -6.88
CA LEU A 28 6.62 2.80 -6.47
C LEU A 28 6.40 4.01 -7.35
N ARG A 29 7.46 4.70 -7.75
CA ARG A 29 7.33 5.85 -8.61
C ARG A 29 6.81 5.41 -9.97
N SER A 30 7.10 4.19 -10.42
CA SER A 30 6.60 3.68 -11.69
C SER A 30 5.09 3.49 -11.62
N GLU A 31 4.58 2.85 -10.56
CA GLU A 31 3.13 2.68 -10.46
C GLU A 31 2.48 4.04 -10.30
N ALA A 32 3.04 4.85 -9.41
CA ALA A 32 2.49 6.12 -9.00
C ALA A 32 2.41 7.06 -10.20
N ALA A 33 3.39 6.97 -11.12
CA ALA A 33 3.45 7.76 -12.33
C ALA A 33 2.30 7.47 -13.31
N LYS A 34 1.34 6.61 -13.00
CA LYS A 34 0.13 6.49 -13.79
C LYS A 34 -0.87 7.59 -13.38
N ASN A 35 -0.82 8.13 -12.15
CA ASN A 35 -1.52 9.34 -11.74
C ASN A 35 -0.91 9.94 -10.47
N VAL A 36 0.29 10.53 -10.56
CA VAL A 36 1.02 11.15 -9.44
C VAL A 36 1.36 10.15 -8.33
N ASP A 37 0.35 9.76 -7.53
CA ASP A 37 0.36 8.63 -6.59
C ASP A 37 -1.09 8.25 -6.24
N ASN A 38 -1.95 8.24 -7.26
CA ASN A 38 -3.34 7.82 -7.14
C ASN A 38 -3.58 6.48 -7.85
N TYR A 39 -2.52 5.86 -8.37
CA TYR A 39 -2.62 4.59 -9.06
C TYR A 39 -1.48 3.74 -8.53
N ILE A 40 -1.83 2.66 -7.83
CA ILE A 40 -0.92 1.77 -7.16
C ILE A 40 -1.49 0.38 -7.40
N SER A 41 -0.85 -0.42 -8.22
CA SER A 41 -1.42 -1.70 -8.63
C SER A 41 -1.20 -2.68 -7.50
N ILE A 42 -2.20 -3.49 -7.18
CA ILE A 42 -2.04 -4.49 -6.13
C ILE A 42 -0.93 -5.49 -6.46
N ASP A 43 -0.50 -5.54 -7.72
CA ASP A 43 0.61 -6.32 -8.21
C ASP A 43 1.92 -5.89 -7.56
N VAL A 44 2.19 -4.58 -7.48
CA VAL A 44 3.40 -4.06 -6.87
C VAL A 44 3.41 -4.46 -5.40
N ILE A 45 2.27 -4.28 -4.74
CA ILE A 45 2.14 -4.57 -3.33
C ILE A 45 2.30 -6.08 -3.12
N ALA A 46 1.83 -6.90 -4.06
CA ALA A 46 2.02 -8.33 -4.00
C ALA A 46 3.48 -8.70 -4.31
N SER A 47 4.19 -7.84 -5.04
CA SER A 47 5.58 -8.04 -5.41
C SER A 47 6.52 -7.27 -4.49
N PHE A 48 6.02 -6.63 -3.42
CA PHE A 48 6.84 -5.84 -2.50
C PHE A 48 7.79 -6.68 -1.64
N ASN A 49 7.83 -8.00 -1.85
CA ASN A 49 8.63 -8.97 -1.13
C ASN A 49 8.15 -9.11 0.31
N ARG A 50 8.43 -8.12 1.16
CA ARG A 50 7.95 -8.11 2.53
C ARG A 50 6.43 -8.26 2.58
N MET A 51 5.66 -7.60 1.72
CA MET A 51 4.22 -7.80 1.71
C MET A 51 3.87 -9.21 1.29
N LYS A 52 4.51 -9.76 0.25
CA LYS A 52 4.18 -11.10 -0.18
C LYS A 52 4.34 -12.09 0.96
N THR A 53 5.36 -11.87 1.80
CA THR A 53 5.70 -12.79 2.86
C THR A 53 4.82 -12.57 4.08
N ILE A 54 4.55 -11.31 4.43
CA ILE A 54 3.77 -10.93 5.61
C ILE A 54 2.30 -11.29 5.40
N SER A 55 1.81 -11.13 4.18
CA SER A 55 0.44 -11.46 3.85
C SER A 55 0.32 -12.93 3.50
N THR A 56 1.33 -13.45 2.81
CA THR A 56 1.33 -14.82 2.30
C THR A 56 0.25 -15.06 1.23
N ASP A 57 -0.65 -14.10 0.96
CA ASP A 57 -1.82 -14.28 0.14
C ASP A 57 -2.23 -12.92 -0.43
N LEU A 58 -2.54 -12.87 -1.72
CA LEU A 58 -3.04 -11.67 -2.38
C LEU A 58 -4.38 -11.22 -1.80
N GLN A 59 -5.14 -12.12 -1.20
CA GLN A 59 -6.41 -11.89 -0.56
C GLN A 59 -6.21 -10.88 0.56
N LEU A 60 -5.26 -11.16 1.46
CA LEU A 60 -4.97 -10.30 2.60
C LEU A 60 -4.35 -8.99 2.12
N ILE A 61 -3.60 -9.00 1.01
CA ILE A 61 -3.12 -7.76 0.40
C ILE A 61 -4.30 -6.89 -0.03
N THR A 62 -5.26 -7.48 -0.74
CA THR A 62 -6.38 -6.74 -1.31
C THR A 62 -7.24 -6.20 -0.17
N GLU A 63 -7.48 -7.03 0.83
CA GLU A 63 -8.28 -6.65 1.97
C GLU A 63 -7.57 -5.58 2.78
N ALA A 64 -6.24 -5.65 2.88
CA ALA A 64 -5.50 -4.65 3.62
C ALA A 64 -5.75 -3.28 3.01
N LEU A 65 -5.68 -3.20 1.68
CA LEU A 65 -5.96 -1.95 0.98
C LEU A 65 -7.41 -1.55 1.21
N LYS A 66 -8.34 -2.51 1.21
CA LYS A 66 -9.75 -2.22 1.45
C LYS A 66 -9.97 -1.63 2.84
N LYS A 67 -9.15 -2.00 3.82
CA LYS A 67 -9.22 -1.45 5.17
C LYS A 67 -8.18 -0.33 5.38
N SER A 68 -7.68 0.33 4.32
CA SER A 68 -6.57 1.26 4.43
C SER A 68 -6.79 2.36 5.46
N THR A 69 -5.67 2.87 5.99
CA THR A 69 -5.66 3.82 7.11
C THR A 69 -5.38 5.24 6.62
N ARG A 70 -4.30 5.46 5.88
CA ARG A 70 -3.95 6.77 5.32
C ARG A 70 -4.11 6.79 3.81
N LEU A 71 -4.46 5.65 3.20
CA LEU A 71 -4.62 5.52 1.77
C LEU A 71 -6.08 5.16 1.51
N GLN A 72 -6.52 5.18 0.26
CA GLN A 72 -7.90 4.86 -0.11
C GLN A 72 -7.87 4.09 -1.42
N VAL A 73 -8.47 2.89 -1.43
CA VAL A 73 -8.50 2.02 -2.60
C VAL A 73 -9.80 2.24 -3.35
N SER A 74 -9.71 2.25 -4.67
CA SER A 74 -10.87 2.20 -5.52
C SER A 74 -11.55 0.85 -5.41
N GLU A 75 -12.82 0.78 -5.79
CA GLU A 75 -13.59 -0.47 -5.82
C GLU A 75 -13.01 -1.46 -6.81
N ASP A 76 -12.11 -1.03 -7.70
CA ASP A 76 -11.38 -1.93 -8.59
C ASP A 76 -10.44 -2.82 -7.79
N GLY A 77 -9.91 -2.31 -6.66
CA GLY A 77 -8.83 -3.01 -5.97
C GLY A 77 -7.64 -3.22 -6.91
N LYS A 78 -7.39 -2.21 -7.74
CA LYS A 78 -6.25 -2.15 -8.65
C LYS A 78 -5.61 -0.77 -8.64
N MET A 79 -6.12 0.14 -7.82
CA MET A 79 -5.46 1.41 -7.61
C MET A 79 -5.88 2.02 -6.30
N VAL A 80 -4.92 2.66 -5.65
CA VAL A 80 -5.04 3.23 -4.32
C VAL A 80 -4.37 4.59 -4.38
N ARG A 81 -4.80 5.50 -3.51
CA ARG A 81 -4.20 6.83 -3.42
C ARG A 81 -3.76 7.07 -1.99
N ARG A 82 -2.58 7.67 -1.81
CA ARG A 82 -2.16 8.11 -0.49
C ARG A 82 -2.94 9.36 -0.06
N LEU A 83 -2.53 9.93 1.07
CA LEU A 83 -3.00 11.22 1.54
C LEU A 83 -2.05 12.25 0.95
N ASP A 84 -2.59 13.37 0.47
CA ASP A 84 -1.79 14.48 -0.07
C ASP A 84 -0.67 14.90 0.88
N PRO A 85 -0.97 15.36 2.11
CA PRO A 85 0.04 15.87 3.02
C PRO A 85 1.03 14.79 3.43
N LEU A 86 2.14 15.19 4.04
CA LEU A 86 3.11 14.21 4.51
C LEU A 86 2.50 13.35 5.63
N PRO A 87 2.84 12.06 5.68
CA PRO A 87 2.35 11.16 6.71
C PRO A 87 3.04 11.46 8.03
N GLU A 88 2.37 11.12 9.14
CA GLU A 88 2.75 11.58 10.46
C GLU A 88 3.66 10.55 11.13
N ASN A 89 4.72 10.15 10.43
CA ASN A 89 5.64 9.08 10.84
C ASN A 89 4.87 7.82 11.24
N ILE A 90 4.01 7.31 10.36
CA ILE A 90 3.22 6.14 10.70
C ILE A 90 3.92 4.91 10.11
N ASP A 91 3.95 3.81 10.87
CA ASP A 91 4.48 2.52 10.46
C ASP A 91 3.85 1.45 11.35
N MET A 1 -2.96 -15.56 11.54
CA MET A 1 -3.88 -14.57 12.13
C MET A 1 -4.70 -13.93 11.01
N SER A 2 -5.74 -13.17 11.34
CA SER A 2 -6.53 -12.43 10.38
C SER A 2 -6.28 -10.94 10.61
N GLU A 3 -6.90 -10.36 11.63
CA GLU A 3 -6.83 -8.93 11.92
C GLU A 3 -5.45 -8.52 12.40
N GLU A 4 -4.75 -9.40 13.11
CA GLU A 4 -3.37 -9.12 13.53
C GLU A 4 -2.52 -8.96 12.28
N THR A 5 -2.55 -9.94 11.37
CA THR A 5 -1.77 -9.91 10.14
C THR A 5 -2.14 -8.69 9.30
N SER A 6 -3.44 -8.47 9.14
CA SER A 6 -3.98 -7.43 8.27
C SER A 6 -3.55 -6.08 8.81
N THR A 7 -3.55 -5.90 10.12
CA THR A 7 -3.09 -4.66 10.73
C THR A 7 -1.57 -4.49 10.64
N GLN A 8 -0.82 -5.57 10.82
CA GLN A 8 0.64 -5.56 10.70
C GLN A 8 1.00 -5.11 9.29
N ILE A 9 0.27 -5.64 8.31
CA ILE A 9 0.60 -5.35 6.93
C ILE A 9 0.13 -3.96 6.61
N LEU A 10 -1.00 -3.56 7.18
CA LEU A 10 -1.54 -2.23 6.96
C LEU A 10 -0.48 -1.19 7.34
N LYS A 11 0.06 -1.30 8.55
CA LYS A 11 1.10 -0.39 9.02
C LYS A 11 2.31 -0.45 8.10
N GLN A 12 2.58 -1.61 7.52
CA GLN A 12 3.68 -1.71 6.59
C GLN A 12 3.37 -1.09 5.23
N VAL A 13 2.12 -1.05 4.79
CA VAL A 13 1.78 -0.42 3.53
C VAL A 13 1.95 1.08 3.74
N GLU A 14 1.36 1.62 4.80
CA GLU A 14 1.47 3.04 5.07
C GLU A 14 2.92 3.46 5.28
N TYR A 15 3.72 2.62 5.93
CA TYR A 15 5.13 2.85 6.16
C TYR A 15 5.84 3.06 4.81
N TYR A 16 5.64 2.18 3.82
CA TYR A 16 6.27 2.38 2.51
C TYR A 16 5.89 3.75 1.91
N PHE A 17 4.65 4.18 2.14
CA PHE A 17 4.18 5.43 1.57
C PHE A 17 4.61 6.64 2.41
N SER A 18 5.02 6.42 3.66
CA SER A 18 5.17 7.44 4.69
C SER A 18 6.63 7.76 4.96
N ASP A 19 7.51 6.77 4.83
CA ASP A 19 8.93 6.79 5.19
C ASP A 19 9.76 7.48 4.11
N SER A 20 9.14 8.39 3.35
CA SER A 20 9.68 9.01 2.15
C SER A 20 10.34 8.02 1.19
N ASN A 21 9.97 6.73 1.25
CA ASN A 21 10.50 5.78 0.29
C ASN A 21 9.91 6.07 -1.08
N PHE A 22 8.69 6.60 -1.17
CA PHE A 22 8.01 6.78 -2.45
C PHE A 22 8.85 7.51 -3.51
N PRO A 23 9.42 8.70 -3.26
CA PRO A 23 10.26 9.36 -4.25
C PRO A 23 11.49 8.53 -4.62
N ARG A 24 12.04 7.80 -3.66
CA ARG A 24 13.28 7.05 -3.78
C ARG A 24 13.07 5.74 -4.56
N ASP A 25 11.90 5.12 -4.39
CA ASP A 25 11.67 3.74 -4.77
C ASP A 25 11.07 3.74 -6.16
N LYS A 26 11.93 3.57 -7.16
CA LYS A 26 11.52 3.41 -8.55
C LYS A 26 10.47 2.30 -8.72
N PHE A 27 10.43 1.33 -7.80
CA PHE A 27 9.38 0.32 -7.74
C PHE A 27 8.01 0.97 -7.61
N LEU A 28 7.81 1.77 -6.55
CA LEU A 28 6.53 2.43 -6.34
C LEU A 28 6.28 3.38 -7.51
N ARG A 29 7.28 4.22 -7.79
CA ARG A 29 7.24 5.28 -8.77
C ARG A 29 6.84 4.76 -10.14
N SER A 30 7.26 3.56 -10.51
CA SER A 30 6.95 2.97 -11.81
C SER A 30 5.45 2.77 -11.94
N GLU A 31 4.76 2.33 -10.88
CA GLU A 31 3.33 2.16 -10.97
C GLU A 31 2.62 3.51 -10.83
N ALA A 32 3.06 4.33 -9.88
CA ALA A 32 2.52 5.66 -9.66
C ALA A 32 2.57 6.50 -10.94
N ALA A 33 3.59 6.29 -11.77
CA ALA A 33 3.84 7.00 -13.02
C ALA A 33 2.69 6.88 -14.03
N LYS A 34 1.67 6.06 -13.78
CA LYS A 34 0.52 5.99 -14.66
C LYS A 34 -0.40 7.16 -14.32
N ASN A 35 -0.56 7.50 -13.03
CA ASN A 35 -1.40 8.63 -12.62
C ASN A 35 -0.77 9.35 -11.46
N VAL A 36 0.45 9.87 -11.67
CA VAL A 36 1.21 10.68 -10.72
C VAL A 36 1.53 9.90 -9.45
N ASP A 37 0.55 9.73 -8.57
CA ASP A 37 0.65 9.03 -7.30
C ASP A 37 -0.76 8.62 -6.82
N ASN A 38 -1.67 8.37 -7.77
CA ASN A 38 -3.06 8.06 -7.45
C ASN A 38 -3.43 6.60 -7.67
N TYR A 39 -2.89 5.99 -8.72
CA TYR A 39 -3.25 4.63 -9.13
C TYR A 39 -2.02 3.76 -8.99
N ILE A 40 -2.14 2.68 -8.21
CA ILE A 40 -1.07 1.78 -7.83
C ILE A 40 -1.67 0.38 -7.85
N SER A 41 -1.31 -0.48 -8.81
CA SER A 41 -1.89 -1.81 -8.92
C SER A 41 -1.57 -2.67 -7.71
N ILE A 42 -2.55 -3.49 -7.32
CA ILE A 42 -2.32 -4.60 -6.41
C ILE A 42 -1.29 -5.57 -6.93
N ASP A 43 -0.96 -5.56 -8.22
CA ASP A 43 0.13 -6.38 -8.72
C ASP A 43 1.43 -5.93 -8.06
N VAL A 44 1.70 -4.63 -8.03
CA VAL A 44 2.92 -4.07 -7.45
C VAL A 44 2.89 -4.25 -5.93
N ILE A 45 1.77 -3.95 -5.29
CA ILE A 45 1.67 -3.99 -3.83
C ILE A 45 1.75 -5.46 -3.35
N ALA A 46 1.24 -6.39 -4.15
CA ALA A 46 1.42 -7.80 -3.88
C ALA A 46 2.88 -8.19 -4.11
N SER A 47 3.50 -7.60 -5.13
CA SER A 47 4.86 -7.95 -5.53
C SER A 47 5.91 -7.27 -4.64
N PHE A 48 5.52 -6.31 -3.81
CA PHE A 48 6.35 -5.35 -3.09
C PHE A 48 7.63 -5.91 -2.47
N ASN A 49 7.53 -7.13 -1.92
CA ASN A 49 8.47 -7.91 -1.11
C ASN A 49 7.85 -8.11 0.24
N ARG A 50 8.04 -7.16 1.16
CA ARG A 50 7.65 -7.31 2.55
C ARG A 50 6.14 -7.54 2.69
N MET A 51 5.34 -6.90 1.85
CA MET A 51 3.91 -7.17 1.76
C MET A 51 3.67 -8.60 1.29
N LYS A 52 4.37 -9.04 0.23
CA LYS A 52 4.20 -10.39 -0.28
C LYS A 52 4.39 -11.39 0.85
N THR A 53 5.40 -11.17 1.70
CA THR A 53 5.72 -12.08 2.77
C THR A 53 4.72 -12.00 3.90
N ILE A 54 4.37 -10.80 4.38
CA ILE A 54 3.50 -10.69 5.55
C ILE A 54 2.12 -11.24 5.21
N SER A 55 1.66 -11.01 3.99
CA SER A 55 0.34 -11.50 3.60
C SER A 55 0.41 -12.96 3.20
N THR A 56 1.46 -13.35 2.49
CA THR A 56 1.60 -14.65 1.85
C THR A 56 0.51 -14.94 0.80
N ASP A 57 -0.55 -14.13 0.68
CA ASP A 57 -1.68 -14.36 -0.21
C ASP A 57 -2.22 -12.99 -0.61
N LEU A 58 -2.53 -12.83 -1.90
CA LEU A 58 -3.13 -11.64 -2.48
C LEU A 58 -4.48 -11.32 -1.87
N GLN A 59 -5.12 -12.28 -1.23
CA GLN A 59 -6.38 -12.10 -0.56
C GLN A 59 -6.20 -11.22 0.66
N LEU A 60 -5.22 -11.53 1.52
CA LEU A 60 -4.95 -10.70 2.67
C LEU A 60 -4.34 -9.37 2.23
N ILE A 61 -3.57 -9.34 1.16
CA ILE A 61 -2.99 -8.07 0.71
C ILE A 61 -4.11 -7.16 0.20
N THR A 62 -5.04 -7.71 -0.57
CA THR A 62 -6.08 -6.89 -1.18
C THR A 62 -7.08 -6.48 -0.12
N GLU A 63 -7.31 -7.33 0.89
CA GLU A 63 -8.15 -6.95 2.00
C GLU A 63 -7.49 -5.84 2.81
N ALA A 64 -6.17 -5.93 3.01
CA ALA A 64 -5.46 -4.90 3.77
C ALA A 64 -5.69 -3.54 3.12
N LEU A 65 -5.58 -3.49 1.80
CA LEU A 65 -5.91 -2.30 1.04
C LEU A 65 -7.36 -1.89 1.31
N LYS A 66 -8.28 -2.86 1.25
CA LYS A 66 -9.70 -2.61 1.43
C LYS A 66 -10.03 -2.00 2.80
N LYS A 67 -9.28 -2.33 3.84
CA LYS A 67 -9.41 -1.70 5.16
C LYS A 67 -8.21 -0.78 5.43
N SER A 68 -7.76 0.02 4.47
CA SER A 68 -6.58 0.85 4.70
C SER A 68 -6.83 2.02 5.68
N THR A 69 -5.75 2.72 6.02
CA THR A 69 -5.68 3.62 7.17
C THR A 69 -5.13 4.99 6.77
N ARG A 70 -4.00 5.04 6.07
CA ARG A 70 -3.41 6.27 5.54
C ARG A 70 -3.64 6.41 4.04
N LEU A 71 -4.13 5.36 3.38
CA LEU A 71 -4.42 5.34 1.97
C LEU A 71 -5.84 4.81 1.84
N GLN A 72 -6.43 5.01 0.66
CA GLN A 72 -7.77 4.58 0.34
C GLN A 72 -7.67 3.84 -0.98
N VAL A 73 -8.09 2.58 -1.00
CA VAL A 73 -8.16 1.81 -2.23
C VAL A 73 -9.55 2.03 -2.81
N SER A 74 -9.63 2.13 -4.13
CA SER A 74 -10.88 2.28 -4.82
C SER A 74 -10.71 1.85 -6.26
N GLU A 75 -11.60 2.33 -7.13
CA GLU A 75 -11.60 2.15 -8.58
C GLU A 75 -12.13 0.76 -8.88
N ASP A 76 -11.37 -0.25 -8.46
CA ASP A 76 -11.71 -1.67 -8.53
C ASP A 76 -10.85 -2.46 -7.53
N GLY A 77 -10.39 -1.82 -6.44
CA GLY A 77 -9.43 -2.48 -5.57
C GLY A 77 -8.09 -2.75 -6.27
N LYS A 78 -7.82 -2.10 -7.40
CA LYS A 78 -6.55 -2.17 -8.09
C LYS A 78 -5.85 -0.82 -8.09
N MET A 79 -6.32 0.13 -7.27
CA MET A 79 -5.69 1.42 -7.19
C MET A 79 -5.86 1.95 -5.78
N VAL A 80 -4.84 2.62 -5.24
CA VAL A 80 -4.88 3.13 -3.89
C VAL A 80 -4.12 4.44 -3.88
N ARG A 81 -4.57 5.39 -3.05
CA ARG A 81 -3.91 6.68 -2.94
C ARG A 81 -3.80 7.10 -1.48
N ARG A 82 -2.63 7.64 -1.08
CA ARG A 82 -2.43 8.19 0.27
C ARG A 82 -3.38 9.38 0.51
N LEU A 83 -3.21 10.00 1.67
CA LEU A 83 -3.83 11.26 1.99
C LEU A 83 -2.93 12.35 1.41
N ASP A 84 -3.52 13.48 1.01
CA ASP A 84 -2.81 14.64 0.49
C ASP A 84 -1.73 15.13 1.46
N PRO A 85 -2.06 15.47 2.71
CA PRO A 85 -1.08 15.95 3.66
C PRO A 85 -0.13 14.81 4.07
N LEU A 86 1.15 15.15 4.25
CA LEU A 86 2.18 14.20 4.62
C LEU A 86 1.91 13.60 6.00
N PRO A 87 2.31 12.34 6.23
CA PRO A 87 2.03 11.64 7.47
C PRO A 87 2.88 12.18 8.62
N GLU A 88 2.24 12.46 9.76
CA GLU A 88 2.93 12.90 10.97
C GLU A 88 3.56 11.70 11.66
N ASN A 89 4.74 11.26 11.18
CA ASN A 89 5.54 10.19 11.78
C ASN A 89 4.72 8.91 11.98
N ILE A 90 4.30 8.27 10.90
CA ILE A 90 3.48 7.07 11.00
C ILE A 90 4.25 5.90 10.38
N ASP A 91 4.22 4.74 11.02
CA ASP A 91 4.88 3.51 10.59
C ASP A 91 4.08 2.31 11.09
N MET A 1 -3.99 -13.05 8.74
CA MET A 1 -4.35 -13.84 9.93
C MET A 1 -4.96 -12.90 10.97
N SER A 2 -6.29 -12.80 10.96
CA SER A 2 -7.01 -11.83 11.76
C SER A 2 -6.58 -10.39 11.47
N GLU A 3 -7.20 -9.44 12.17
CA GLU A 3 -6.89 -8.03 12.02
C GLU A 3 -5.52 -7.68 12.60
N GLU A 4 -4.88 -8.62 13.32
CA GLU A 4 -3.47 -8.50 13.65
C GLU A 4 -2.65 -8.40 12.38
N THR A 5 -2.70 -9.40 11.50
CA THR A 5 -1.90 -9.31 10.29
C THR A 5 -2.42 -8.17 9.42
N SER A 6 -3.74 -8.06 9.25
CA SER A 6 -4.26 -7.06 8.34
C SER A 6 -3.84 -5.66 8.75
N THR A 7 -3.75 -5.35 10.04
CA THR A 7 -3.30 -4.04 10.49
C THR A 7 -1.78 -3.94 10.43
N GLN A 8 -1.05 -5.01 10.76
CA GLN A 8 0.40 -5.00 10.66
C GLN A 8 0.81 -4.67 9.23
N ILE A 9 0.11 -5.26 8.28
CA ILE A 9 0.47 -5.12 6.89
C ILE A 9 0.01 -3.76 6.42
N LEU A 10 -1.15 -3.32 6.90
CA LEU A 10 -1.70 -2.02 6.51
C LEU A 10 -0.72 -0.91 6.84
N LYS A 11 -0.24 -0.92 8.08
CA LYS A 11 0.83 -0.03 8.50
C LYS A 11 1.97 -0.11 7.50
N GLN A 12 2.36 -1.34 7.19
CA GLN A 12 3.49 -1.57 6.30
C GLN A 12 3.23 -1.11 4.86
N VAL A 13 1.97 -1.02 4.41
CA VAL A 13 1.67 -0.50 3.08
C VAL A 13 1.94 1.00 3.11
N GLU A 14 1.47 1.67 4.16
CA GLU A 14 1.64 3.10 4.31
C GLU A 14 3.13 3.42 4.43
N TYR A 15 3.86 2.60 5.17
CA TYR A 15 5.27 2.78 5.49
C TYR A 15 6.09 2.96 4.21
N TYR A 16 5.81 2.18 3.15
CA TYR A 16 6.56 2.30 1.91
C TYR A 16 6.60 3.74 1.37
N PHE A 17 5.56 4.52 1.63
CA PHE A 17 5.50 5.92 1.25
C PHE A 17 6.08 6.81 2.33
N SER A 18 5.65 6.55 3.57
CA SER A 18 5.96 7.35 4.76
C SER A 18 7.46 7.47 4.99
N ASP A 19 8.19 6.41 4.66
CA ASP A 19 9.61 6.25 4.87
C ASP A 19 10.40 6.95 3.76
N SER A 20 9.75 7.86 3.03
CA SER A 20 10.28 8.54 1.86
C SER A 20 10.87 7.55 0.85
N ASN A 21 10.41 6.29 0.86
CA ASN A 21 10.95 5.30 -0.05
C ASN A 21 10.15 5.25 -1.35
N PHE A 22 8.99 5.92 -1.43
CA PHE A 22 8.25 6.09 -2.67
C PHE A 22 9.09 6.82 -3.73
N PRO A 23 9.62 8.03 -3.48
CA PRO A 23 10.34 8.75 -4.51
C PRO A 23 11.67 8.08 -4.87
N ARG A 24 12.13 7.17 -4.03
CA ARG A 24 13.39 6.47 -4.17
C ARG A 24 13.21 5.24 -5.06
N ASP A 25 12.19 4.44 -4.77
CA ASP A 25 11.98 3.17 -5.44
C ASP A 25 11.32 3.44 -6.77
N LYS A 26 12.09 3.31 -7.84
CA LYS A 26 11.57 3.38 -9.21
C LYS A 26 10.36 2.44 -9.42
N PHE A 27 10.28 1.36 -8.64
CA PHE A 27 9.15 0.45 -8.61
C PHE A 27 7.88 1.18 -8.22
N LEU A 28 7.87 1.87 -7.07
CA LEU A 28 6.69 2.62 -6.66
C LEU A 28 6.43 3.71 -7.68
N ARG A 29 7.43 4.52 -7.98
CA ARG A 29 7.33 5.67 -8.87
C ARG A 29 6.77 5.31 -10.23
N SER A 30 7.04 4.11 -10.75
CA SER A 30 6.41 3.67 -11.99
C SER A 30 4.91 3.73 -11.86
N GLU A 31 4.39 3.11 -10.80
CA GLU A 31 2.97 2.96 -10.66
C GLU A 31 2.35 4.31 -10.34
N ALA A 32 2.97 5.02 -9.39
CA ALA A 32 2.56 6.34 -8.95
C ALA A 32 2.46 7.29 -10.15
N ALA A 33 3.41 7.17 -11.10
CA ALA A 33 3.51 8.01 -12.28
C ALA A 33 2.33 7.88 -13.24
N LYS A 34 1.30 7.08 -12.94
CA LYS A 34 0.08 7.10 -13.73
C LYS A 34 -0.76 8.29 -13.30
N ASN A 35 -0.82 8.60 -12.00
CA ASN A 35 -1.46 9.84 -11.54
C ASN A 35 -0.80 10.34 -10.27
N VAL A 36 0.41 10.90 -10.41
CA VAL A 36 1.20 11.50 -9.35
C VAL A 36 1.58 10.47 -8.29
N ASP A 37 0.63 10.10 -7.42
CA ASP A 37 0.76 9.00 -6.47
C ASP A 37 -0.65 8.57 -6.00
N ASN A 38 -1.59 8.56 -6.94
CA ASN A 38 -2.98 8.17 -6.74
C ASN A 38 -3.29 6.82 -7.38
N TYR A 39 -2.38 6.26 -8.18
CA TYR A 39 -2.63 5.07 -8.95
C TYR A 39 -1.50 4.11 -8.56
N ILE A 40 -1.85 2.97 -7.95
CA ILE A 40 -0.88 2.00 -7.48
C ILE A 40 -1.46 0.62 -7.76
N SER A 41 -0.92 -0.07 -8.78
CA SER A 41 -1.28 -1.43 -9.13
C SER A 41 -1.12 -2.33 -7.91
N ILE A 42 -2.15 -3.12 -7.62
CA ILE A 42 -2.02 -4.19 -6.65
C ILE A 42 -0.96 -5.20 -7.08
N ASP A 43 -0.48 -5.17 -8.33
CA ASP A 43 0.64 -6.02 -8.72
C ASP A 43 1.90 -5.62 -7.96
N VAL A 44 2.18 -4.32 -7.87
CA VAL A 44 3.36 -3.79 -7.22
C VAL A 44 3.28 -4.16 -5.73
N ILE A 45 2.14 -3.89 -5.11
CA ILE A 45 1.96 -4.06 -3.68
C ILE A 45 1.99 -5.55 -3.34
N ALA A 46 1.39 -6.41 -4.16
CA ALA A 46 1.49 -7.84 -3.96
C ALA A 46 2.92 -8.31 -4.14
N SER A 47 3.62 -7.71 -5.12
CA SER A 47 4.96 -8.10 -5.51
C SER A 47 5.99 -7.65 -4.45
N PHE A 48 5.66 -6.64 -3.65
CA PHE A 48 6.57 -6.16 -2.61
C PHE A 48 6.95 -7.33 -1.69
N ASN A 49 8.24 -7.63 -1.54
CA ASN A 49 8.67 -8.76 -0.72
C ASN A 49 8.06 -8.70 0.68
N ARG A 50 8.11 -7.55 1.37
CA ARG A 50 7.52 -7.43 2.71
C ARG A 50 6.02 -7.70 2.69
N MET A 51 5.31 -7.30 1.63
CA MET A 51 3.89 -7.50 1.52
C MET A 51 3.60 -8.97 1.35
N LYS A 52 4.21 -9.62 0.36
CA LYS A 52 4.03 -11.05 0.11
C LYS A 52 4.30 -11.85 1.37
N THR A 53 5.34 -11.52 2.11
CA THR A 53 5.70 -12.28 3.31
C THR A 53 4.70 -12.03 4.42
N ILE A 54 4.49 -10.77 4.79
CA ILE A 54 3.63 -10.43 5.92
C ILE A 54 2.20 -10.93 5.67
N SER A 55 1.76 -10.91 4.42
CA SER A 55 0.43 -11.42 4.07
C SER A 55 0.41 -12.92 4.05
N THR A 56 1.46 -13.50 3.45
CA THR A 56 1.50 -14.88 3.02
C THR A 56 0.40 -15.21 1.99
N ASP A 57 -0.45 -14.26 1.57
CA ASP A 57 -1.59 -14.55 0.74
C ASP A 57 -2.09 -13.27 0.07
N LEU A 58 -2.37 -13.35 -1.23
CA LEU A 58 -2.99 -12.29 -2.03
C LEU A 58 -4.32 -11.85 -1.41
N GLN A 59 -4.98 -12.75 -0.70
CA GLN A 59 -6.26 -12.51 -0.04
C GLN A 59 -6.05 -11.44 1.02
N LEU A 60 -5.07 -11.63 1.89
CA LEU A 60 -4.73 -10.68 2.94
C LEU A 60 -4.23 -9.38 2.33
N ILE A 61 -3.48 -9.46 1.25
CA ILE A 61 -2.96 -8.25 0.60
C ILE A 61 -4.13 -7.44 0.02
N THR A 62 -5.14 -8.13 -0.50
CA THR A 62 -6.28 -7.44 -1.09
C THR A 62 -7.14 -6.86 0.03
N GLU A 63 -7.33 -7.60 1.12
CA GLU A 63 -8.16 -7.11 2.22
C GLU A 63 -7.49 -5.89 2.83
N ALA A 64 -6.16 -5.92 2.98
CA ALA A 64 -5.41 -4.83 3.58
C ALA A 64 -5.76 -3.52 2.89
N LEU A 65 -5.74 -3.53 1.55
CA LEU A 65 -6.12 -2.38 0.76
C LEU A 65 -7.59 -2.03 0.98
N LYS A 66 -8.46 -3.03 0.93
CA LYS A 66 -9.91 -2.83 1.07
C LYS A 66 -10.28 -2.21 2.42
N LYS A 67 -9.47 -2.40 3.46
CA LYS A 67 -9.70 -1.82 4.77
C LYS A 67 -8.69 -0.69 5.03
N SER A 68 -8.32 0.11 4.02
CA SER A 68 -7.20 1.02 4.14
C SER A 68 -7.36 2.05 5.27
N THR A 69 -6.23 2.46 5.86
CA THR A 69 -6.19 3.30 7.06
C THR A 69 -5.77 4.74 6.73
N ARG A 70 -4.71 4.91 5.93
CA ARG A 70 -4.28 6.22 5.44
C ARG A 70 -4.45 6.34 3.93
N LEU A 71 -4.82 5.26 3.24
CA LEU A 71 -4.92 5.25 1.80
C LEU A 71 -6.39 4.96 1.48
N GLN A 72 -6.76 4.95 0.20
CA GLN A 72 -8.11 4.65 -0.23
C GLN A 72 -8.00 3.85 -1.52
N VAL A 73 -8.54 2.63 -1.54
CA VAL A 73 -8.51 1.80 -2.74
C VAL A 73 -9.77 2.09 -3.55
N SER A 74 -9.63 2.09 -4.87
CA SER A 74 -10.74 2.08 -5.79
C SER A 74 -11.53 0.79 -5.60
N GLU A 75 -12.81 0.83 -6.00
CA GLU A 75 -13.63 -0.37 -6.12
C GLU A 75 -13.00 -1.34 -7.12
N ASP A 76 -12.15 -0.86 -8.04
CA ASP A 76 -11.52 -1.72 -9.02
C ASP A 76 -10.48 -2.62 -8.35
N GLY A 77 -9.97 -2.22 -7.18
CA GLY A 77 -8.92 -2.96 -6.48
C GLY A 77 -7.69 -3.12 -7.35
N LYS A 78 -7.41 -2.09 -8.16
CA LYS A 78 -6.21 -1.99 -9.00
C LYS A 78 -5.50 -0.69 -8.75
N MET A 79 -6.10 0.28 -8.04
CA MET A 79 -5.40 1.48 -7.69
C MET A 79 -5.82 1.98 -6.33
N VAL A 80 -4.94 2.78 -5.73
CA VAL A 80 -5.01 3.20 -4.34
C VAL A 80 -4.41 4.61 -4.31
N ARG A 81 -4.99 5.51 -3.51
CA ARG A 81 -4.43 6.85 -3.35
C ARG A 81 -4.00 7.02 -1.91
N ARG A 82 -2.95 7.81 -1.68
CA ARG A 82 -2.55 8.18 -0.33
C ARG A 82 -3.45 9.29 0.19
N LEU A 83 -3.11 9.83 1.36
CA LEU A 83 -3.74 11.01 1.90
C LEU A 83 -2.96 12.23 1.41
N ASP A 84 -3.63 13.38 1.43
CA ASP A 84 -3.02 14.68 1.13
C ASP A 84 -1.88 15.01 2.10
N PRO A 85 -2.14 15.09 3.42
CA PRO A 85 -1.09 15.39 4.38
C PRO A 85 -0.09 14.24 4.45
N LEU A 86 1.20 14.59 4.58
CA LEU A 86 2.25 13.58 4.72
C LEU A 86 2.07 12.82 6.04
N PRO A 87 2.53 11.57 6.09
CA PRO A 87 2.33 10.71 7.24
C PRO A 87 3.28 11.06 8.38
N GLU A 88 2.75 11.20 9.59
CA GLU A 88 3.55 11.55 10.76
C GLU A 88 4.15 10.28 11.37
N ASN A 89 5.32 9.87 10.86
CA ASN A 89 6.07 8.71 11.34
C ASN A 89 5.21 7.45 11.38
N ILE A 90 4.40 7.23 10.34
CA ILE A 90 3.46 6.13 10.41
C ILE A 90 4.16 4.86 9.95
N ASP A 91 4.10 3.86 10.83
CA ASP A 91 4.13 2.43 10.56
C ASP A 91 3.29 1.82 11.69
N MET A 1 -4.12 -14.36 13.95
CA MET A 1 -4.97 -13.19 14.19
C MET A 1 -5.68 -12.82 12.90
N SER A 2 -6.60 -11.86 12.97
CA SER A 2 -7.38 -11.37 11.85
C SER A 2 -7.01 -9.89 11.66
N GLU A 3 -7.55 -9.00 12.47
CA GLU A 3 -7.24 -7.58 12.44
C GLU A 3 -5.77 -7.33 12.74
N GLU A 4 -5.12 -8.10 13.61
CA GLU A 4 -3.72 -7.84 13.89
C GLU A 4 -2.88 -8.12 12.65
N THR A 5 -3.10 -9.27 12.00
CA THR A 5 -2.36 -9.66 10.81
C THR A 5 -2.59 -8.62 9.72
N SER A 6 -3.85 -8.35 9.40
CA SER A 6 -4.22 -7.37 8.40
C SER A 6 -3.56 -6.04 8.71
N THR A 7 -3.63 -5.61 9.98
CA THR A 7 -3.04 -4.36 10.46
C THR A 7 -1.52 -4.32 10.35
N GLN A 8 -0.81 -5.43 10.49
CA GLN A 8 0.61 -5.43 10.17
C GLN A 8 0.79 -5.02 8.72
N ILE A 9 -0.01 -5.61 7.83
CA ILE A 9 0.17 -5.37 6.42
C ILE A 9 -0.25 -3.93 6.14
N LEU A 10 -1.28 -3.44 6.82
CA LEU A 10 -1.85 -2.12 6.65
C LEU A 10 -0.78 -1.07 6.98
N LYS A 11 -0.12 -1.23 8.12
CA LYS A 11 0.95 -0.34 8.53
C LYS A 11 2.17 -0.54 7.64
N GLN A 12 2.43 -1.72 7.10
CA GLN A 12 3.54 -1.88 6.16
C GLN A 12 3.23 -1.19 4.83
N VAL A 13 1.97 -1.16 4.41
CA VAL A 13 1.54 -0.54 3.16
C VAL A 13 1.69 0.97 3.32
N GLU A 14 1.09 1.55 4.36
CA GLU A 14 1.24 2.98 4.61
C GLU A 14 2.70 3.34 4.75
N TYR A 15 3.50 2.49 5.40
CA TYR A 15 4.90 2.68 5.66
C TYR A 15 5.65 2.97 4.36
N TYR A 16 5.42 2.21 3.28
CA TYR A 16 6.12 2.49 2.02
C TYR A 16 5.84 3.92 1.50
N PHE A 17 4.66 4.48 1.75
CA PHE A 17 4.32 5.84 1.34
C PHE A 17 4.53 6.86 2.46
N SER A 18 4.91 6.42 3.65
CA SER A 18 4.90 7.21 4.87
C SER A 18 6.33 7.51 5.31
N ASP A 19 7.23 6.57 5.02
CA ASP A 19 8.68 6.61 5.26
C ASP A 19 9.39 7.39 4.16
N SER A 20 8.64 8.19 3.39
CA SER A 20 9.09 8.84 2.17
C SER A 20 9.91 7.91 1.27
N ASN A 21 9.61 6.60 1.28
CA ASN A 21 10.35 5.68 0.45
C ASN A 21 9.75 5.60 -0.95
N PHE A 22 8.46 5.90 -1.13
CA PHE A 22 7.82 5.82 -2.44
C PHE A 22 8.54 6.68 -3.49
N PRO A 23 8.85 7.96 -3.23
CA PRO A 23 9.47 8.76 -4.27
C PRO A 23 10.91 8.29 -4.55
N ARG A 24 11.53 7.62 -3.57
CA ARG A 24 12.90 7.12 -3.64
C ARG A 24 12.95 5.83 -4.46
N ASP A 25 11.95 4.98 -4.31
CA ASP A 25 11.87 3.65 -4.89
C ASP A 25 11.20 3.77 -6.25
N LYS A 26 11.99 3.74 -7.31
CA LYS A 26 11.46 3.81 -8.67
C LYS A 26 10.44 2.70 -8.97
N PHE A 27 10.45 1.59 -8.22
CA PHE A 27 9.42 0.57 -8.28
C PHE A 27 8.06 1.18 -8.03
N LEU A 28 7.90 1.87 -6.89
CA LEU A 28 6.64 2.51 -6.57
C LEU A 28 6.40 3.60 -7.59
N ARG A 29 7.35 4.52 -7.74
CA ARG A 29 7.23 5.71 -8.57
C ARG A 29 6.86 5.35 -10.02
N SER A 30 7.22 4.17 -10.52
CA SER A 30 6.79 3.72 -11.84
C SER A 30 5.27 3.58 -11.90
N GLU A 31 4.67 2.89 -10.94
CA GLU A 31 3.21 2.76 -10.96
C GLU A 31 2.57 4.10 -10.63
N ALA A 32 3.11 4.79 -9.62
CA ALA A 32 2.59 6.06 -9.15
C ALA A 32 2.55 7.06 -10.32
N ALA A 33 3.52 7.01 -11.22
CA ALA A 33 3.65 7.86 -12.40
C ALA A 33 2.50 7.70 -13.41
N LYS A 34 1.48 6.87 -13.15
CA LYS A 34 0.29 6.84 -13.97
C LYS A 34 -0.67 7.97 -13.53
N ASN A 35 -0.64 8.41 -12.26
CA ASN A 35 -1.31 9.64 -11.82
C ASN A 35 -0.75 10.10 -10.48
N VAL A 36 0.48 10.61 -10.46
CA VAL A 36 1.20 11.08 -9.28
C VAL A 36 1.44 9.94 -8.29
N ASP A 37 0.39 9.48 -7.62
CA ASP A 37 0.32 8.40 -6.66
C ASP A 37 -1.13 7.93 -6.45
N ASN A 38 -1.99 8.09 -7.46
CA ASN A 38 -3.40 7.73 -7.41
C ASN A 38 -3.66 6.41 -8.11
N TYR A 39 -2.71 5.95 -8.92
CA TYR A 39 -2.80 4.70 -9.65
C TYR A 39 -1.62 3.87 -9.16
N ILE A 40 -1.93 2.82 -8.40
CA ILE A 40 -0.92 1.95 -7.83
C ILE A 40 -1.51 0.54 -7.91
N SER A 41 -1.10 -0.27 -8.89
CA SER A 41 -1.65 -1.59 -9.01
C SER A 41 -1.27 -2.45 -7.82
N ILE A 42 -2.21 -3.30 -7.39
CA ILE A 42 -1.94 -4.30 -6.38
C ILE A 42 -0.92 -5.33 -6.86
N ASP A 43 -0.50 -5.31 -8.13
CA ASP A 43 0.61 -6.13 -8.59
C ASP A 43 1.90 -5.69 -7.90
N VAL A 44 2.15 -4.39 -7.80
CA VAL A 44 3.35 -3.85 -7.16
C VAL A 44 3.29 -4.18 -5.68
N ILE A 45 2.12 -3.99 -5.08
CA ILE A 45 1.93 -4.08 -3.64
C ILE A 45 1.94 -5.53 -3.20
N ALA A 46 1.44 -6.44 -4.04
CA ALA A 46 1.56 -7.86 -3.81
C ALA A 46 3.01 -8.27 -4.02
N SER A 47 3.65 -7.70 -5.03
CA SER A 47 5.02 -8.04 -5.38
C SER A 47 6.02 -7.17 -4.61
N PHE A 48 5.60 -6.55 -3.51
CA PHE A 48 6.47 -5.65 -2.73
C PHE A 48 7.54 -6.39 -1.93
N ASN A 49 7.74 -7.69 -2.18
CA ASN A 49 8.48 -8.65 -1.37
C ASN A 49 7.91 -8.71 0.04
N ARG A 50 8.19 -7.72 0.88
CA ARG A 50 7.75 -7.66 2.28
C ARG A 50 6.25 -7.88 2.44
N MET A 51 5.44 -7.41 1.49
CA MET A 51 4.00 -7.64 1.55
C MET A 51 3.68 -9.07 1.18
N LYS A 52 4.32 -9.63 0.16
CA LYS A 52 4.09 -11.01 -0.24
C LYS A 52 4.42 -11.95 0.91
N THR A 53 5.48 -11.66 1.66
CA THR A 53 5.92 -12.50 2.75
C THR A 53 5.01 -12.30 3.96
N ILE A 54 4.83 -11.06 4.43
CA ILE A 54 4.05 -10.80 5.63
C ILE A 54 2.59 -11.23 5.41
N SER A 55 2.07 -11.09 4.20
CA SER A 55 0.71 -11.53 3.90
C SER A 55 0.66 -13.02 3.70
N THR A 56 1.66 -13.54 2.98
CA THR A 56 1.67 -14.88 2.42
C THR A 56 0.55 -15.13 1.39
N ASP A 57 -0.44 -14.23 1.24
CA ASP A 57 -1.61 -14.45 0.43
C ASP A 57 -2.04 -13.10 -0.15
N LEU A 58 -2.48 -13.13 -1.40
CA LEU A 58 -3.06 -11.98 -2.10
C LEU A 58 -4.40 -11.58 -1.48
N GLN A 59 -5.06 -12.49 -0.79
CA GLN A 59 -6.33 -12.25 -0.13
C GLN A 59 -6.12 -11.20 0.94
N LEU A 60 -5.22 -11.46 1.89
CA LEU A 60 -4.91 -10.52 2.96
C LEU A 60 -4.34 -9.23 2.40
N ILE A 61 -3.60 -9.28 1.29
CA ILE A 61 -3.07 -8.06 0.69
C ILE A 61 -4.21 -7.22 0.12
N THR A 62 -5.18 -7.89 -0.51
CA THR A 62 -6.29 -7.19 -1.15
C THR A 62 -7.18 -6.59 -0.07
N GLU A 63 -7.44 -7.33 1.02
CA GLU A 63 -8.26 -6.80 2.09
C GLU A 63 -7.53 -5.66 2.79
N ALA A 64 -6.21 -5.77 2.95
CA ALA A 64 -5.45 -4.68 3.57
C ALA A 64 -5.70 -3.39 2.82
N LEU A 65 -5.60 -3.44 1.48
CA LEU A 65 -5.87 -2.27 0.67
C LEU A 65 -7.32 -1.82 0.85
N LYS A 66 -8.26 -2.76 0.84
CA LYS A 66 -9.68 -2.45 0.97
C LYS A 66 -10.00 -1.80 2.31
N LYS A 67 -9.22 -2.10 3.35
CA LYS A 67 -9.44 -1.63 4.70
C LYS A 67 -8.34 -0.64 5.08
N SER A 68 -7.83 0.15 4.12
CA SER A 68 -6.64 0.96 4.33
C SER A 68 -6.84 2.02 5.42
N THR A 69 -5.71 2.52 5.94
CA THR A 69 -5.64 3.52 7.00
C THR A 69 -5.22 4.85 6.39
N ARG A 70 -4.02 4.91 5.83
CA ARG A 70 -3.42 6.16 5.40
C ARG A 70 -3.57 6.37 3.89
N LEU A 71 -4.01 5.35 3.17
CA LEU A 71 -4.26 5.41 1.75
C LEU A 71 -5.73 5.01 1.58
N GLN A 72 -6.24 4.97 0.36
CA GLN A 72 -7.64 4.69 0.10
C GLN A 72 -7.72 3.99 -1.26
N VAL A 73 -8.26 2.78 -1.31
CA VAL A 73 -8.30 1.99 -2.55
C VAL A 73 -9.64 2.21 -3.24
N SER A 74 -9.60 2.28 -4.56
CA SER A 74 -10.79 2.25 -5.39
C SER A 74 -11.51 0.92 -5.23
N GLU A 75 -12.77 0.91 -5.63
CA GLU A 75 -13.63 -0.26 -5.52
C GLU A 75 -13.17 -1.37 -6.47
N ASP A 76 -12.32 -1.05 -7.45
CA ASP A 76 -11.78 -2.05 -8.36
C ASP A 76 -10.66 -2.83 -7.68
N GLY A 77 -10.09 -2.26 -6.60
CA GLY A 77 -8.99 -2.90 -5.90
C GLY A 77 -7.79 -3.11 -6.82
N LYS A 78 -7.58 -2.17 -7.74
CA LYS A 78 -6.41 -2.12 -8.63
C LYS A 78 -5.76 -0.75 -8.58
N MET A 79 -6.22 0.14 -7.70
CA MET A 79 -5.51 1.38 -7.50
C MET A 79 -5.81 1.91 -6.11
N VAL A 80 -4.80 2.52 -5.48
CA VAL A 80 -4.91 3.11 -4.17
C VAL A 80 -4.24 4.48 -4.26
N ARG A 81 -4.69 5.43 -3.44
CA ARG A 81 -4.09 6.77 -3.40
C ARG A 81 -3.76 7.11 -1.97
N ARG A 82 -2.63 7.78 -1.77
CA ARG A 82 -2.19 8.19 -0.44
C ARG A 82 -2.91 9.47 -0.04
N LEU A 83 -2.36 10.18 0.94
CA LEU A 83 -2.79 11.51 1.35
C LEU A 83 -1.72 12.50 0.91
N ASP A 84 -2.14 13.70 0.54
CA ASP A 84 -1.24 14.82 0.24
C ASP A 84 -0.34 15.13 1.43
N PRO A 85 -0.89 15.51 2.60
CA PRO A 85 -0.08 15.88 3.74
C PRO A 85 0.65 14.65 4.30
N LEU A 86 1.74 14.90 5.03
CA LEU A 86 2.51 13.81 5.61
C LEU A 86 1.69 13.07 6.66
N PRO A 87 1.98 11.77 6.84
CA PRO A 87 1.24 10.90 7.74
C PRO A 87 1.56 11.21 9.19
N GLU A 88 0.54 11.51 9.99
CA GLU A 88 0.69 11.63 11.43
C GLU A 88 -0.58 11.06 12.06
N ASN A 89 -0.52 9.81 12.54
CA ASN A 89 -1.61 9.13 13.23
C ASN A 89 -2.94 9.20 12.48
N ILE A 90 -2.91 9.03 11.17
CA ILE A 90 -4.13 9.15 10.39
C ILE A 90 -4.80 7.79 10.35
N ASP A 91 -6.09 7.71 10.68
CA ASP A 91 -6.91 6.51 10.57
C ASP A 91 -8.27 6.96 10.05
N MET A 1 -4.01 -13.11 15.48
CA MET A 1 -5.33 -13.33 14.86
C MET A 1 -5.34 -12.63 13.50
N SER A 2 -6.40 -12.84 12.71
CA SER A 2 -6.56 -12.24 11.39
C SER A 2 -6.42 -10.72 11.43
N GLU A 3 -6.82 -10.08 12.53
CA GLU A 3 -6.64 -8.64 12.70
C GLU A 3 -5.17 -8.29 12.82
N GLU A 4 -4.36 -9.08 13.55
CA GLU A 4 -2.94 -8.81 13.62
C GLU A 4 -2.33 -8.93 12.23
N THR A 5 -2.72 -9.93 11.45
CA THR A 5 -2.18 -10.13 10.11
C THR A 5 -2.55 -8.96 9.20
N SER A 6 -3.84 -8.66 9.12
CA SER A 6 -4.36 -7.57 8.30
C SER A 6 -3.62 -6.31 8.68
N THR A 7 -3.58 -5.98 9.97
CA THR A 7 -2.96 -4.78 10.52
C THR A 7 -1.45 -4.72 10.29
N GLN A 8 -0.75 -5.86 10.31
CA GLN A 8 0.67 -5.88 9.98
C GLN A 8 0.86 -5.31 8.58
N ILE A 9 -0.03 -5.69 7.67
CA ILE A 9 0.09 -5.34 6.28
C ILE A 9 -0.44 -3.92 6.10
N LEU A 10 -1.47 -3.56 6.88
CA LEU A 10 -2.17 -2.29 6.84
C LEU A 10 -1.16 -1.18 7.11
N LYS A 11 -0.43 -1.35 8.21
CA LYS A 11 0.61 -0.41 8.57
C LYS A 11 1.81 -0.53 7.64
N GLN A 12 2.00 -1.69 6.99
CA GLN A 12 3.06 -1.83 5.99
C GLN A 12 2.75 -0.94 4.80
N VAL A 13 1.49 -0.88 4.39
CA VAL A 13 1.02 -0.12 3.25
C VAL A 13 1.30 1.35 3.55
N GLU A 14 0.86 1.86 4.69
CA GLU A 14 1.12 3.26 4.99
C GLU A 14 2.62 3.52 5.17
N TYR A 15 3.37 2.56 5.71
CA TYR A 15 4.80 2.66 5.93
C TYR A 15 5.51 2.93 4.60
N TYR A 16 5.22 2.17 3.54
CA TYR A 16 5.89 2.39 2.26
C TYR A 16 5.66 3.80 1.71
N PHE A 17 4.57 4.45 2.12
CA PHE A 17 4.22 5.78 1.66
C PHE A 17 4.67 6.84 2.67
N SER A 18 5.09 6.43 3.86
CA SER A 18 5.36 7.32 4.98
C SER A 18 6.84 7.43 5.32
N ASP A 19 7.60 6.40 4.99
CA ASP A 19 9.02 6.22 5.29
C ASP A 19 9.88 7.00 4.30
N SER A 20 9.29 7.97 3.59
CA SER A 20 9.85 8.61 2.42
C SER A 20 10.44 7.59 1.44
N ASN A 21 9.95 6.34 1.44
CA ASN A 21 10.48 5.34 0.52
C ASN A 21 9.99 5.66 -0.90
N PHE A 22 8.84 6.33 -1.06
CA PHE A 22 8.26 6.63 -2.36
C PHE A 22 9.22 7.34 -3.33
N PRO A 23 9.82 8.48 -2.99
CA PRO A 23 10.79 9.12 -3.89
C PRO A 23 12.00 8.22 -4.14
N ARG A 24 12.35 7.37 -3.19
CA ARG A 24 13.54 6.54 -3.25
C ARG A 24 13.32 5.28 -4.08
N ASP A 25 12.08 4.77 -4.14
CA ASP A 25 11.78 3.46 -4.70
C ASP A 25 11.13 3.66 -6.06
N LYS A 26 11.95 3.55 -7.12
CA LYS A 26 11.47 3.64 -8.48
C LYS A 26 10.36 2.62 -8.79
N PHE A 27 10.28 1.53 -8.01
CA PHE A 27 9.22 0.56 -8.06
C PHE A 27 7.87 1.23 -7.82
N LEU A 28 7.73 1.97 -6.73
CA LEU A 28 6.50 2.67 -6.41
C LEU A 28 6.21 3.72 -7.49
N ARG A 29 7.21 4.55 -7.79
CA ARG A 29 7.07 5.62 -8.78
C ARG A 29 6.71 5.10 -10.16
N SER A 30 7.12 3.89 -10.53
CA SER A 30 6.71 3.30 -11.81
C SER A 30 5.20 3.30 -11.86
N GLU A 31 4.57 2.84 -10.79
CA GLU A 31 3.14 2.66 -10.85
C GLU A 31 2.48 4.02 -10.75
N ALA A 32 2.96 4.86 -9.81
CA ALA A 32 2.44 6.21 -9.68
C ALA A 32 2.66 7.04 -10.94
N ALA A 33 3.55 6.63 -11.86
CA ALA A 33 3.76 7.32 -13.12
C ALA A 33 2.49 7.35 -13.98
N LYS A 34 1.44 6.61 -13.64
CA LYS A 34 0.16 6.71 -14.30
C LYS A 34 -0.63 7.88 -13.72
N ASN A 35 -0.57 8.13 -12.41
CA ASN A 35 -1.12 9.34 -11.80
C ASN A 35 -0.40 9.59 -10.49
N VAL A 36 0.17 10.80 -10.35
CA VAL A 36 0.68 11.45 -9.15
C VAL A 36 1.09 10.47 -8.05
N ASP A 37 0.09 9.98 -7.32
CA ASP A 37 0.22 8.95 -6.29
C ASP A 37 -1.17 8.31 -6.08
N ASN A 38 -1.95 8.26 -7.18
CA ASN A 38 -3.33 7.81 -7.21
C ASN A 38 -3.53 6.51 -8.00
N TYR A 39 -2.52 6.06 -8.73
CA TYR A 39 -2.62 4.89 -9.58
C TYR A 39 -1.52 3.95 -9.15
N ILE A 40 -1.86 2.91 -8.41
CA ILE A 40 -0.88 1.98 -7.88
C ILE A 40 -1.49 0.59 -7.96
N SER A 41 -1.08 -0.20 -8.95
CA SER A 41 -1.61 -1.52 -9.17
C SER A 41 -1.34 -2.40 -7.96
N ILE A 42 -2.37 -3.13 -7.52
CA ILE A 42 -2.20 -4.15 -6.49
C ILE A 42 -1.20 -5.20 -6.93
N ASP A 43 -0.85 -5.24 -8.21
CA ASP A 43 0.12 -6.14 -8.78
C ASP A 43 1.50 -5.79 -8.21
N VAL A 44 1.84 -4.51 -8.11
CA VAL A 44 3.08 -4.03 -7.50
C VAL A 44 3.07 -4.31 -6.01
N ILE A 45 1.97 -3.98 -5.34
CA ILE A 45 1.87 -4.01 -3.88
C ILE A 45 1.88 -5.47 -3.42
N ALA A 46 1.25 -6.35 -4.19
CA ALA A 46 1.36 -7.77 -3.97
C ALA A 46 2.81 -8.19 -4.17
N SER A 47 3.44 -7.66 -5.22
CA SER A 47 4.81 -8.01 -5.56
C SER A 47 5.85 -7.23 -4.75
N PHE A 48 5.48 -6.55 -3.65
CA PHE A 48 6.43 -5.74 -2.89
C PHE A 48 7.49 -6.57 -2.15
N ASN A 49 7.51 -7.89 -2.28
CA ASN A 49 8.27 -8.84 -1.46
C ASN A 49 7.80 -8.79 0.00
N ARG A 50 8.16 -7.76 0.76
CA ARG A 50 7.81 -7.58 2.17
C ARG A 50 6.30 -7.75 2.42
N MET A 51 5.48 -7.30 1.49
CA MET A 51 4.04 -7.50 1.53
C MET A 51 3.74 -8.97 1.31
N LYS A 52 4.30 -9.57 0.26
CA LYS A 52 4.03 -10.95 -0.10
C LYS A 52 4.35 -11.88 1.06
N THR A 53 5.42 -11.60 1.81
CA THR A 53 5.85 -12.40 2.93
C THR A 53 4.95 -12.16 4.12
N ILE A 54 4.82 -10.89 4.55
CA ILE A 54 4.06 -10.58 5.77
C ILE A 54 2.61 -11.06 5.62
N SER A 55 2.05 -10.98 4.41
CA SER A 55 0.71 -11.46 4.14
C SER A 55 0.68 -12.95 3.91
N THR A 56 1.68 -13.49 3.22
CA THR A 56 1.73 -14.85 2.73
C THR A 56 0.70 -15.15 1.62
N ASP A 57 -0.43 -14.43 1.54
CA ASP A 57 -1.50 -14.65 0.60
C ASP A 57 -2.05 -13.29 0.19
N LEU A 58 -2.34 -13.16 -1.10
CA LEU A 58 -2.89 -11.98 -1.74
C LEU A 58 -4.27 -11.63 -1.20
N GLN A 59 -4.97 -12.56 -0.57
CA GLN A 59 -6.25 -12.30 0.06
C GLN A 59 -6.07 -11.31 1.20
N LEU A 60 -5.00 -11.48 1.97
CA LEU A 60 -4.64 -10.57 3.05
C LEU A 60 -4.04 -9.29 2.49
N ILE A 61 -3.32 -9.35 1.37
CA ILE A 61 -2.79 -8.12 0.75
C ILE A 61 -3.93 -7.26 0.23
N THR A 62 -4.93 -7.90 -0.35
CA THR A 62 -6.06 -7.19 -0.95
C THR A 62 -6.91 -6.62 0.17
N GLU A 63 -7.16 -7.39 1.23
CA GLU A 63 -7.92 -6.84 2.35
C GLU A 63 -7.16 -5.67 2.96
N ALA A 64 -5.83 -5.77 3.08
CA ALA A 64 -5.04 -4.70 3.68
C ALA A 64 -5.34 -3.36 3.00
N LEU A 65 -5.35 -3.36 1.67
CA LEU A 65 -5.70 -2.17 0.91
C LEU A 65 -7.17 -1.80 1.11
N LYS A 66 -8.05 -2.79 1.13
CA LYS A 66 -9.49 -2.54 1.29
C LYS A 66 -9.82 -1.99 2.68
N LYS A 67 -8.92 -2.15 3.65
CA LYS A 67 -9.02 -1.51 4.96
C LYS A 67 -7.92 -0.44 5.08
N SER A 68 -7.56 0.27 4.00
CA SER A 68 -6.47 1.22 4.05
C SER A 68 -6.75 2.35 5.03
N THR A 69 -5.73 2.68 5.83
CA THR A 69 -5.79 3.71 6.85
C THR A 69 -5.36 5.07 6.25
N ARG A 70 -4.12 5.19 5.79
CA ARG A 70 -3.61 6.46 5.28
C ARG A 70 -3.98 6.63 3.80
N LEU A 71 -4.31 5.54 3.09
CA LEU A 71 -4.60 5.61 1.69
C LEU A 71 -6.05 5.16 1.53
N GLN A 72 -6.58 5.18 0.31
CA GLN A 72 -7.93 4.74 -0.01
C GLN A 72 -7.82 3.97 -1.31
N VAL A 73 -8.18 2.68 -1.30
CA VAL A 73 -8.19 1.87 -2.50
C VAL A 73 -9.53 2.09 -3.17
N SER A 74 -9.52 2.03 -4.50
CA SER A 74 -10.73 2.09 -5.28
C SER A 74 -11.50 0.79 -5.12
N GLU A 75 -12.79 0.82 -5.45
CA GLU A 75 -13.60 -0.39 -5.48
C GLU A 75 -13.08 -1.38 -6.52
N ASP A 76 -12.28 -0.89 -7.48
CA ASP A 76 -11.66 -1.72 -8.50
C ASP A 76 -10.67 -2.67 -7.84
N GLY A 77 -10.05 -2.25 -6.74
CA GLY A 77 -8.91 -2.95 -6.17
C GLY A 77 -7.80 -3.10 -7.20
N LYS A 78 -7.63 -2.09 -8.06
CA LYS A 78 -6.51 -2.00 -8.99
C LYS A 78 -5.81 -0.66 -8.87
N MET A 79 -6.29 0.27 -8.04
CA MET A 79 -5.52 1.45 -7.71
C MET A 79 -5.86 1.94 -6.32
N VAL A 80 -5.00 2.78 -5.75
CA VAL A 80 -5.15 3.36 -4.43
C VAL A 80 -4.54 4.76 -4.49
N ARG A 81 -5.05 5.67 -3.67
CA ARG A 81 -4.63 7.06 -3.63
C ARG A 81 -4.29 7.43 -2.19
N ARG A 82 -3.37 8.35 -1.98
CA ARG A 82 -2.85 8.63 -0.64
C ARG A 82 -3.22 10.01 -0.17
N LEU A 83 -2.83 10.34 1.05
CA LEU A 83 -3.18 11.60 1.67
C LEU A 83 -2.13 12.60 1.19
N ASP A 84 -2.59 13.67 0.54
CA ASP A 84 -1.71 14.60 -0.15
C ASP A 84 -0.70 15.29 0.78
N PRO A 85 -1.11 15.87 1.92
CA PRO A 85 -0.14 16.38 2.87
C PRO A 85 0.65 15.22 3.47
N LEU A 86 1.95 15.46 3.69
CA LEU A 86 2.89 14.40 4.03
C LEU A 86 2.53 13.75 5.38
N PRO A 87 2.91 12.48 5.60
CA PRO A 87 2.58 11.79 6.82
C PRO A 87 3.36 12.34 8.01
N GLU A 88 2.64 12.78 9.03
CA GLU A 88 3.26 13.25 10.26
C GLU A 88 3.51 12.04 11.16
N ASN A 89 4.62 11.34 10.93
CA ASN A 89 5.07 10.15 11.65
C ASN A 89 3.98 9.09 11.73
N ILE A 90 3.84 8.31 10.65
CA ILE A 90 2.78 7.32 10.58
C ILE A 90 3.40 5.95 10.27
N ASP A 91 3.15 4.95 11.12
CA ASP A 91 3.64 3.58 11.01
C ASP A 91 2.85 2.67 11.95
N MET A 1 -4.88 -13.64 12.64
CA MET A 1 -5.73 -13.07 11.58
C MET A 1 -6.40 -11.83 12.14
N SER A 2 -7.66 -11.56 11.83
CA SER A 2 -8.39 -10.45 12.42
C SER A 2 -7.72 -9.12 12.06
N GLU A 3 -8.09 -8.05 12.77
CA GLU A 3 -7.56 -6.73 12.51
C GLU A 3 -6.09 -6.62 12.91
N GLU A 4 -5.58 -7.56 13.72
CA GLU A 4 -4.16 -7.64 14.02
C GLU A 4 -3.38 -7.93 12.74
N THR A 5 -3.66 -9.06 12.08
CA THR A 5 -2.95 -9.41 10.87
C THR A 5 -3.23 -8.37 9.79
N SER A 6 -4.47 -7.90 9.66
CA SER A 6 -4.80 -6.87 8.70
C SER A 6 -3.86 -5.67 8.90
N THR A 7 -3.77 -5.19 10.13
CA THR A 7 -2.96 -4.03 10.52
C THR A 7 -1.46 -4.31 10.48
N GLN A 8 -0.99 -5.55 10.63
CA GLN A 8 0.41 -5.85 10.39
C GLN A 8 0.75 -5.49 8.97
N ILE A 9 -0.13 -5.87 8.05
CA ILE A 9 0.10 -5.65 6.65
C ILE A 9 -0.07 -4.16 6.39
N LEU A 10 -1.12 -3.55 6.96
CA LEU A 10 -1.52 -2.23 6.59
C LEU A 10 -0.54 -1.18 7.08
N LYS A 11 0.02 -1.38 8.27
CA LYS A 11 1.14 -0.55 8.73
C LYS A 11 2.29 -0.70 7.73
N GLN A 12 2.53 -1.92 7.24
CA GLN A 12 3.57 -2.18 6.26
C GLN A 12 3.32 -1.44 4.95
N VAL A 13 2.08 -1.42 4.49
CA VAL A 13 1.72 -0.87 3.20
C VAL A 13 1.94 0.63 3.27
N GLU A 14 1.39 1.25 4.31
CA GLU A 14 1.58 2.66 4.52
C GLU A 14 3.04 2.99 4.72
N TYR A 15 3.80 2.11 5.37
CA TYR A 15 5.18 2.38 5.72
C TYR A 15 5.96 2.73 4.45
N TYR A 16 5.80 1.98 3.35
CA TYR A 16 6.52 2.27 2.12
C TYR A 16 6.31 3.72 1.64
N PHE A 17 5.12 4.28 1.87
CA PHE A 17 4.84 5.67 1.51
C PHE A 17 5.29 6.65 2.60
N SER A 18 5.18 6.24 3.87
CA SER A 18 5.33 7.07 5.05
C SER A 18 6.78 7.22 5.45
N ASP A 19 7.65 6.38 4.94
CA ASP A 19 9.07 6.33 5.20
C ASP A 19 9.81 7.17 4.16
N SER A 20 9.08 8.11 3.53
CA SER A 20 9.50 8.90 2.39
C SER A 20 10.22 8.06 1.31
N ASN A 21 9.88 6.78 1.20
CA ASN A 21 10.56 5.88 0.27
C ASN A 21 9.85 5.88 -1.08
N PHE A 22 8.58 6.28 -1.15
CA PHE A 22 7.83 6.29 -2.40
C PHE A 22 8.53 7.11 -3.49
N PRO A 23 8.98 8.36 -3.24
CA PRO A 23 9.57 9.15 -4.30
C PRO A 23 10.94 8.62 -4.73
N ARG A 24 11.61 7.89 -3.83
CA ARG A 24 12.95 7.38 -4.02
C ARG A 24 12.92 6.14 -4.89
N ASP A 25 12.00 5.23 -4.58
CA ASP A 25 12.00 3.91 -5.17
C ASP A 25 11.29 4.00 -6.51
N LYS A 26 12.06 3.93 -7.60
CA LYS A 26 11.52 3.99 -8.96
C LYS A 26 10.44 2.93 -9.16
N PHE A 27 10.49 1.84 -8.41
CA PHE A 27 9.48 0.78 -8.40
C PHE A 27 8.11 1.37 -8.06
N LEU A 28 7.99 2.05 -6.92
CA LEU A 28 6.71 2.67 -6.57
C LEU A 28 6.40 3.71 -7.63
N ARG A 29 7.34 4.63 -7.83
CA ARG A 29 7.17 5.81 -8.64
C ARG A 29 6.74 5.48 -10.07
N SER A 30 7.10 4.31 -10.59
CA SER A 30 6.65 3.87 -11.90
C SER A 30 5.13 3.70 -11.92
N GLU A 31 4.57 3.02 -10.92
CA GLU A 31 3.12 2.83 -10.89
C GLU A 31 2.43 4.13 -10.50
N ALA A 32 2.98 4.84 -9.52
CA ALA A 32 2.45 6.12 -9.07
C ALA A 32 2.31 7.08 -10.25
N ALA A 33 3.34 7.11 -11.12
CA ALA A 33 3.44 8.01 -12.25
C ALA A 33 2.29 7.88 -13.24
N LYS A 34 1.48 6.83 -13.17
CA LYS A 34 0.39 6.67 -14.10
C LYS A 34 -0.78 7.56 -13.70
N ASN A 35 -0.85 8.00 -12.43
CA ASN A 35 -1.75 9.07 -12.01
C ASN A 35 -1.21 9.75 -10.77
N VAL A 36 -0.06 10.42 -10.87
CA VAL A 36 0.60 11.12 -9.77
C VAL A 36 1.04 10.14 -8.68
N ASP A 37 0.11 9.65 -7.87
CA ASP A 37 0.27 8.54 -6.93
C ASP A 37 -1.10 8.07 -6.46
N ASN A 38 -2.02 7.99 -7.44
CA ASN A 38 -3.39 7.48 -7.33
C ASN A 38 -3.51 6.13 -8.03
N TYR A 39 -2.49 5.73 -8.80
CA TYR A 39 -2.45 4.42 -9.41
C TYR A 39 -1.31 3.67 -8.73
N ILE A 40 -1.66 2.60 -8.03
CA ILE A 40 -0.70 1.68 -7.46
C ILE A 40 -1.35 0.32 -7.70
N SER A 41 -0.88 -0.44 -8.69
CA SER A 41 -1.48 -1.73 -8.98
C SER A 41 -1.15 -2.66 -7.82
N ILE A 42 -2.12 -3.47 -7.41
CA ILE A 42 -1.90 -4.53 -6.43
C ILE A 42 -0.71 -5.38 -6.84
N ASP A 43 -0.41 -5.49 -8.13
CA ASP A 43 0.68 -6.28 -8.68
C ASP A 43 2.02 -5.85 -8.09
N VAL A 44 2.27 -4.54 -8.00
CA VAL A 44 3.49 -3.98 -7.42
C VAL A 44 3.56 -4.39 -5.96
N ILE A 45 2.44 -4.32 -5.25
CA ILE A 45 2.40 -4.57 -3.82
C ILE A 45 2.68 -6.06 -3.56
N ALA A 46 2.07 -6.92 -4.38
CA ALA A 46 2.28 -8.34 -4.32
C ALA A 46 3.65 -8.72 -4.88
N SER A 47 4.33 -7.79 -5.56
CA SER A 47 5.69 -7.96 -6.04
C SER A 47 6.71 -7.20 -5.19
N PHE A 48 6.30 -6.55 -4.10
CA PHE A 48 7.24 -5.84 -3.22
C PHE A 48 8.14 -6.80 -2.44
N ASN A 49 7.91 -8.10 -2.54
CA ASN A 49 8.51 -9.12 -1.69
C ASN A 49 7.96 -8.98 -0.28
N ARG A 50 8.44 -8.01 0.51
CA ARG A 50 8.10 -7.83 1.91
C ARG A 50 6.59 -7.84 2.13
N MET A 51 5.84 -7.11 1.32
CA MET A 51 4.39 -7.03 1.49
C MET A 51 3.77 -8.40 1.22
N LYS A 52 4.23 -9.07 0.15
CA LYS A 52 3.75 -10.39 -0.20
C LYS A 52 3.92 -11.33 0.99
N THR A 53 5.09 -11.32 1.60
CA THR A 53 5.43 -12.23 2.68
C THR A 53 4.66 -11.88 3.95
N ILE A 54 4.52 -10.58 4.26
CA ILE A 54 3.82 -10.13 5.44
C ILE A 54 2.33 -10.47 5.32
N SER A 55 1.81 -10.44 4.10
CA SER A 55 0.41 -10.74 3.82
C SER A 55 0.17 -12.24 3.81
N THR A 56 1.13 -12.99 3.28
CA THR A 56 1.09 -14.42 3.05
C THR A 56 0.13 -14.83 1.92
N ASP A 57 -0.96 -14.11 1.69
CA ASP A 57 -1.97 -14.41 0.71
C ASP A 57 -2.41 -13.08 0.10
N LEU A 58 -2.62 -13.08 -1.21
CA LEU A 58 -3.11 -11.94 -1.97
C LEU A 58 -4.49 -11.52 -1.49
N GLN A 59 -5.27 -12.44 -0.93
CA GLN A 59 -6.57 -12.19 -0.36
C GLN A 59 -6.43 -11.18 0.77
N LEU A 60 -5.52 -11.45 1.70
CA LEU A 60 -5.22 -10.56 2.81
C LEU A 60 -4.64 -9.24 2.30
N ILE A 61 -3.90 -9.24 1.19
CA ILE A 61 -3.37 -7.99 0.65
C ILE A 61 -4.53 -7.18 0.09
N THR A 62 -5.50 -7.86 -0.52
CA THR A 62 -6.63 -7.18 -1.11
C THR A 62 -7.50 -6.60 0.01
N GLU A 63 -7.72 -7.34 1.09
CA GLU A 63 -8.51 -6.80 2.19
C GLU A 63 -7.74 -5.68 2.91
N ALA A 64 -6.42 -5.80 3.01
CA ALA A 64 -5.61 -4.75 3.60
C ALA A 64 -5.91 -3.43 2.89
N LEU A 65 -5.85 -3.44 1.55
CA LEU A 65 -6.21 -2.28 0.76
C LEU A 65 -7.66 -1.87 1.02
N LYS A 66 -8.59 -2.83 1.03
CA LYS A 66 -10.01 -2.57 1.23
C LYS A 66 -10.26 -1.80 2.54
N LYS A 67 -9.46 -2.09 3.56
CA LYS A 67 -9.65 -1.57 4.90
C LYS A 67 -8.57 -0.55 5.25
N SER A 68 -8.01 0.14 4.25
CA SER A 68 -6.81 0.94 4.45
C SER A 68 -6.97 2.01 5.54
N THR A 69 -5.87 2.25 6.25
CA THR A 69 -5.74 3.21 7.33
C THR A 69 -5.38 4.58 6.73
N ARG A 70 -4.17 4.76 6.19
CA ARG A 70 -3.73 6.04 5.64
C ARG A 70 -4.02 6.18 4.15
N LEU A 71 -4.35 5.09 3.45
CA LEU A 71 -4.54 5.11 2.02
C LEU A 71 -6.01 4.78 1.74
N GLN A 72 -6.42 4.91 0.48
CA GLN A 72 -7.77 4.61 0.05
C GLN A 72 -7.67 3.87 -1.29
N VAL A 73 -8.23 2.68 -1.37
CA VAL A 73 -8.22 1.86 -2.56
C VAL A 73 -9.46 2.20 -3.37
N SER A 74 -9.38 2.14 -4.69
CA SER A 74 -10.56 2.18 -5.51
C SER A 74 -11.37 0.90 -5.33
N GLU A 75 -12.61 0.91 -5.83
CA GLU A 75 -13.45 -0.27 -5.91
C GLU A 75 -12.79 -1.34 -6.80
N ASP A 76 -11.85 -0.95 -7.66
CA ASP A 76 -11.08 -1.88 -8.46
C ASP A 76 -10.27 -2.81 -7.57
N GLY A 77 -9.71 -2.28 -6.48
CA GLY A 77 -8.63 -2.98 -5.78
C GLY A 77 -7.29 -2.90 -6.52
N LYS A 78 -7.27 -2.36 -7.75
CA LYS A 78 -6.08 -2.29 -8.57
C LYS A 78 -5.53 -0.87 -8.61
N MET A 79 -6.04 0.04 -7.78
CA MET A 79 -5.38 1.32 -7.59
C MET A 79 -5.62 1.84 -6.19
N VAL A 80 -4.74 2.71 -5.69
CA VAL A 80 -4.75 3.21 -4.32
C VAL A 80 -4.22 4.62 -4.35
N ARG A 81 -4.64 5.46 -3.40
CA ARG A 81 -4.17 6.84 -3.26
C ARG A 81 -3.86 7.10 -1.80
N ARG A 82 -2.72 7.72 -1.52
CA ARG A 82 -2.39 8.17 -0.17
C ARG A 82 -3.12 9.46 0.17
N LEU A 83 -2.82 10.03 1.33
CA LEU A 83 -3.25 11.37 1.70
C LEU A 83 -2.20 12.38 1.20
N ASP A 84 -2.58 13.65 1.07
CA ASP A 84 -1.68 14.65 0.52
C ASP A 84 -0.70 15.24 1.53
N PRO A 85 -1.11 15.68 2.73
CA PRO A 85 -0.12 16.03 3.75
C PRO A 85 0.62 14.76 4.19
N LEU A 86 1.77 14.92 4.83
CA LEU A 86 2.60 13.78 5.17
C LEU A 86 1.90 12.88 6.19
N PRO A 87 2.12 11.55 6.11
CA PRO A 87 1.54 10.61 7.06
C PRO A 87 2.26 10.72 8.40
N GLU A 88 1.55 11.19 9.43
CA GLU A 88 2.03 11.16 10.79
C GLU A 88 0.85 10.75 11.67
N ASN A 89 0.81 9.47 12.07
CA ASN A 89 -0.28 8.87 12.83
C ASN A 89 -1.66 9.21 12.29
N ILE A 90 -1.80 9.23 10.97
CA ILE A 90 -3.11 9.45 10.42
C ILE A 90 -3.83 8.10 10.45
N ASP A 91 -5.15 8.13 10.53
CA ASP A 91 -6.05 6.99 10.45
C ASP A 91 -7.40 7.50 9.96
N MET A 1 -4.53 -12.98 14.91
CA MET A 1 -4.47 -13.58 13.57
C MET A 1 -4.98 -12.58 12.55
N SER A 2 -6.26 -12.58 12.19
CA SER A 2 -6.77 -11.78 11.07
C SER A 2 -6.41 -10.30 11.17
N GLU A 3 -6.94 -9.59 12.17
CA GLU A 3 -6.72 -8.15 12.29
C GLU A 3 -5.26 -7.83 12.57
N GLU A 4 -4.52 -8.72 13.24
CA GLU A 4 -3.10 -8.50 13.47
C GLU A 4 -2.36 -8.47 12.14
N THR A 5 -2.63 -9.42 11.26
CA THR A 5 -1.91 -9.53 10.00
C THR A 5 -2.34 -8.39 9.09
N SER A 6 -3.65 -8.19 8.95
CA SER A 6 -4.19 -7.14 8.11
C SER A 6 -3.64 -5.79 8.56
N THR A 7 -3.59 -5.50 9.85
CA THR A 7 -3.05 -4.25 10.35
C THR A 7 -1.54 -4.19 10.24
N GLN A 8 -0.84 -5.31 10.41
CA GLN A 8 0.61 -5.34 10.25
C GLN A 8 0.97 -4.99 8.83
N ILE A 9 0.17 -5.49 7.88
CA ILE A 9 0.46 -5.24 6.49
C ILE A 9 0.03 -3.82 6.19
N LEU A 10 -1.05 -3.37 6.81
CA LEU A 10 -1.59 -2.06 6.53
C LEU A 10 -0.58 -0.99 6.89
N LYS A 11 -0.08 -1.02 8.11
CA LYS A 11 0.89 -0.04 8.55
C LYS A 11 2.15 -0.14 7.71
N GLN A 12 2.47 -1.34 7.22
CA GLN A 12 3.61 -1.54 6.35
C GLN A 12 3.33 -0.97 4.95
N VAL A 13 2.07 -0.93 4.50
CA VAL A 13 1.72 -0.36 3.21
C VAL A 13 1.85 1.16 3.31
N GLU A 14 1.27 1.75 4.37
CA GLU A 14 1.34 3.18 4.56
C GLU A 14 2.77 3.60 4.88
N TYR A 15 3.57 2.73 5.50
CA TYR A 15 4.98 2.94 5.75
C TYR A 15 5.70 3.19 4.43
N TYR A 16 5.50 2.35 3.41
CA TYR A 16 6.16 2.57 2.12
C TYR A 16 5.88 3.97 1.56
N PHE A 17 4.69 4.52 1.86
CA PHE A 17 4.30 5.82 1.34
C PHE A 17 4.60 6.94 2.33
N SER A 18 4.93 6.61 3.57
CA SER A 18 5.09 7.51 4.71
C SER A 18 6.57 7.79 4.97
N ASP A 19 7.43 6.82 4.68
CA ASP A 19 8.87 6.80 4.93
C ASP A 19 9.62 7.60 3.86
N SER A 20 8.89 8.41 3.09
CA SER A 20 9.38 9.09 1.90
C SER A 20 10.17 8.16 0.96
N ASN A 21 9.88 6.85 1.00
CA ASN A 21 10.54 5.94 0.08
C ASN A 21 9.89 6.02 -1.29
N PHE A 22 8.65 6.52 -1.40
CA PHE A 22 7.94 6.67 -2.67
C PHE A 22 8.78 7.40 -3.72
N PRO A 23 9.26 8.64 -3.49
CA PRO A 23 10.07 9.34 -4.47
C PRO A 23 11.40 8.63 -4.75
N ARG A 24 11.92 7.87 -3.78
CA ARG A 24 13.24 7.26 -3.84
C ARG A 24 13.20 5.91 -4.57
N ASP A 25 12.05 5.23 -4.58
CA ASP A 25 11.90 3.90 -5.13
C ASP A 25 11.28 4.01 -6.51
N LYS A 26 12.10 3.89 -7.55
CA LYS A 26 11.63 3.91 -8.94
C LYS A 26 10.51 2.89 -9.20
N PHE A 27 10.52 1.79 -8.45
CA PHE A 27 9.48 0.76 -8.45
C PHE A 27 8.13 1.39 -8.16
N LEU A 28 8.02 2.03 -6.99
CA LEU A 28 6.78 2.65 -6.54
C LEU A 28 6.41 3.75 -7.52
N ARG A 29 7.35 4.65 -7.79
CA ARG A 29 7.19 5.78 -8.70
C ARG A 29 6.67 5.35 -10.06
N SER A 30 7.10 4.19 -10.57
CA SER A 30 6.66 3.74 -11.89
C SER A 30 5.15 3.53 -11.88
N GLU A 31 4.63 2.99 -10.78
CA GLU A 31 3.20 2.75 -10.72
C GLU A 31 2.46 4.04 -10.42
N ALA A 32 2.97 4.82 -9.47
CA ALA A 32 2.41 6.12 -9.12
C ALA A 32 2.32 7.05 -10.33
N ALA A 33 3.27 6.93 -11.27
CA ALA A 33 3.34 7.73 -12.49
C ALA A 33 2.11 7.58 -13.38
N LYS A 34 1.20 6.64 -13.10
CA LYS A 34 -0.03 6.53 -13.87
C LYS A 34 -1.04 7.58 -13.39
N ASN A 35 -0.98 8.02 -12.12
CA ASN A 35 -1.75 9.18 -11.63
C ASN A 35 -1.04 9.87 -10.47
N VAL A 36 0.10 10.51 -10.71
CA VAL A 36 0.89 11.25 -9.73
C VAL A 36 1.40 10.36 -8.59
N ASP A 37 0.53 10.01 -7.65
CA ASP A 37 0.80 9.11 -6.51
C ASP A 37 -0.50 8.44 -6.04
N ASN A 38 -1.49 8.36 -6.95
CA ASN A 38 -2.86 7.90 -6.70
C ASN A 38 -3.15 6.56 -7.37
N TYR A 39 -2.15 5.94 -8.00
CA TYR A 39 -2.33 4.68 -8.69
C TYR A 39 -1.20 3.77 -8.26
N ILE A 40 -1.53 2.66 -7.63
CA ILE A 40 -0.55 1.68 -7.18
C ILE A 40 -1.20 0.34 -7.48
N SER A 41 -0.78 -0.33 -8.55
CA SER A 41 -1.32 -1.61 -8.92
C SER A 41 -1.04 -2.57 -7.78
N ILE A 42 -2.03 -3.36 -7.40
CA ILE A 42 -1.86 -4.40 -6.40
C ILE A 42 -0.82 -5.43 -6.85
N ASP A 43 -0.38 -5.41 -8.11
CA ASP A 43 0.75 -6.24 -8.52
C ASP A 43 2.04 -5.76 -7.84
N VAL A 44 2.28 -4.45 -7.80
CA VAL A 44 3.43 -3.84 -7.18
C VAL A 44 3.40 -4.13 -5.68
N ILE A 45 2.28 -3.88 -5.00
CA ILE A 45 2.21 -4.15 -3.57
C ILE A 45 2.35 -5.65 -3.32
N ALA A 46 1.71 -6.50 -4.14
CA ALA A 46 1.88 -7.93 -3.99
C ALA A 46 3.32 -8.35 -4.27
N SER A 47 4.06 -7.55 -5.05
CA SER A 47 5.43 -7.83 -5.44
C SER A 47 6.42 -7.17 -4.47
N PHE A 48 5.96 -6.47 -3.44
CA PHE A 48 6.83 -5.74 -2.50
C PHE A 48 7.63 -6.65 -1.54
N ASN A 49 7.72 -7.94 -1.82
CA ASN A 49 8.39 -8.99 -1.04
C ASN A 49 7.84 -9.10 0.38
N ARG A 50 8.21 -8.19 1.28
CA ARG A 50 7.72 -8.12 2.65
C ARG A 50 6.20 -8.19 2.68
N MET A 51 5.55 -7.51 1.74
CA MET A 51 4.11 -7.59 1.52
C MET A 51 3.72 -9.02 1.27
N LYS A 52 4.27 -9.67 0.23
CA LYS A 52 3.87 -11.02 -0.09
C LYS A 52 4.01 -11.95 1.11
N THR A 53 5.05 -11.77 1.91
CA THR A 53 5.28 -12.63 3.06
C THR A 53 4.26 -12.35 4.16
N ILE A 54 4.04 -11.09 4.51
CA ILE A 54 3.15 -10.75 5.63
C ILE A 54 1.73 -11.15 5.27
N SER A 55 1.35 -10.94 4.00
CA SER A 55 0.01 -11.26 3.52
C SER A 55 -0.14 -12.76 3.36
N THR A 56 0.90 -13.38 2.81
CA THR A 56 0.91 -14.76 2.38
C THR A 56 0.00 -15.01 1.16
N ASP A 57 -1.11 -14.29 0.99
CA ASP A 57 -2.06 -14.49 -0.09
C ASP A 57 -2.55 -13.10 -0.54
N LEU A 58 -2.84 -12.98 -1.84
CA LEU A 58 -3.38 -11.79 -2.48
C LEU A 58 -4.75 -11.41 -1.92
N GLN A 59 -5.43 -12.33 -1.26
CA GLN A 59 -6.69 -12.11 -0.58
C GLN A 59 -6.46 -11.18 0.60
N LEU A 60 -5.46 -11.46 1.42
CA LEU A 60 -5.15 -10.60 2.56
C LEU A 60 -4.59 -9.27 2.07
N ILE A 61 -3.90 -9.26 0.92
CA ILE A 61 -3.34 -8.04 0.37
C ILE A 61 -4.47 -7.14 -0.12
N THR A 62 -5.45 -7.72 -0.82
CA THR A 62 -6.52 -6.92 -1.40
C THR A 62 -7.45 -6.46 -0.29
N GLU A 63 -7.71 -7.31 0.70
CA GLU A 63 -8.57 -6.94 1.80
C GLU A 63 -7.91 -5.86 2.65
N ALA A 64 -6.60 -5.95 2.86
CA ALA A 64 -5.88 -4.95 3.63
C ALA A 64 -6.06 -3.58 2.99
N LEU A 65 -5.91 -3.51 1.66
CA LEU A 65 -6.12 -2.27 0.94
C LEU A 65 -7.58 -1.84 1.07
N LYS A 66 -8.52 -2.78 0.95
CA LYS A 66 -9.95 -2.50 1.07
C LYS A 66 -10.31 -1.93 2.44
N LYS A 67 -9.55 -2.26 3.48
CA LYS A 67 -9.71 -1.68 4.80
C LYS A 67 -8.59 -0.69 5.12
N SER A 68 -8.13 0.11 4.16
CA SER A 68 -6.99 0.96 4.42
C SER A 68 -7.24 2.00 5.52
N THR A 69 -6.13 2.39 6.17
CA THR A 69 -6.09 3.35 7.27
C THR A 69 -5.97 4.75 6.66
N ARG A 70 -4.76 5.23 6.39
CA ARG A 70 -4.59 6.61 5.93
C ARG A 70 -4.75 6.76 4.42
N LEU A 71 -5.05 5.68 3.70
CA LEU A 71 -5.01 5.59 2.25
C LEU A 71 -6.37 5.04 1.82
N GLN A 72 -6.70 5.11 0.53
CA GLN A 72 -8.02 4.66 0.09
C GLN A 72 -7.90 3.89 -1.22
N VAL A 73 -8.30 2.62 -1.24
CA VAL A 73 -8.26 1.82 -2.45
C VAL A 73 -9.56 2.04 -3.21
N SER A 74 -9.49 1.83 -4.51
CA SER A 74 -10.65 1.62 -5.36
C SER A 74 -11.32 0.30 -5.00
N GLU A 75 -12.61 0.18 -5.28
CA GLU A 75 -13.32 -1.08 -5.17
C GLU A 75 -12.73 -2.14 -6.12
N ASP A 76 -11.99 -1.73 -7.16
CA ASP A 76 -11.40 -2.71 -8.07
C ASP A 76 -10.19 -3.38 -7.42
N GLY A 77 -9.63 -2.79 -6.35
CA GLY A 77 -8.46 -3.34 -5.70
C GLY A 77 -7.25 -3.34 -6.62
N LYS A 78 -7.22 -2.41 -7.58
CA LYS A 78 -6.13 -2.28 -8.53
C LYS A 78 -5.50 -0.89 -8.46
N MET A 79 -6.04 0.02 -7.65
CA MET A 79 -5.32 1.25 -7.38
C MET A 79 -5.71 1.79 -6.02
N VAL A 80 -4.83 2.57 -5.40
CA VAL A 80 -5.04 3.16 -4.10
C VAL A 80 -4.36 4.52 -4.11
N ARG A 81 -4.88 5.46 -3.33
CA ARG A 81 -4.27 6.77 -3.19
C ARG A 81 -3.73 6.92 -1.78
N ARG A 82 -2.51 7.46 -1.68
CA ARG A 82 -1.85 7.77 -0.43
C ARG A 82 -2.33 9.13 0.10
N LEU A 83 -1.70 9.62 1.18
CA LEU A 83 -1.99 10.93 1.74
C LEU A 83 -1.09 11.99 1.09
N ASP A 84 -1.70 13.01 0.51
CA ASP A 84 -1.00 14.11 -0.14
C ASP A 84 -0.04 14.83 0.83
N PRO A 85 -0.50 15.33 1.99
CA PRO A 85 0.39 15.95 2.95
C PRO A 85 1.29 14.89 3.59
N LEU A 86 2.44 15.30 4.11
CA LEU A 86 3.32 14.37 4.79
C LEU A 86 2.62 13.83 6.04
N PRO A 87 2.86 12.55 6.38
CA PRO A 87 2.35 11.96 7.60
C PRO A 87 3.12 12.51 8.80
N GLU A 88 2.58 12.27 10.00
CA GLU A 88 3.12 12.81 11.23
C GLU A 88 3.31 11.62 12.17
N ASN A 89 4.46 10.94 12.03
CA ASN A 89 4.82 9.71 12.75
C ASN A 89 3.68 8.70 12.69
N ILE A 90 3.43 8.16 11.51
CA ILE A 90 2.39 7.17 11.35
C ILE A 90 3.06 5.85 11.01
N ASP A 91 2.80 4.83 11.83
CA ASP A 91 3.23 3.45 11.72
C ASP A 91 2.32 2.60 12.61
N MET A 1 -2.82 -13.38 8.90
CA MET A 1 -4.28 -13.52 9.02
C MET A 1 -4.81 -12.58 10.10
N SER A 2 -6.13 -12.42 10.20
CA SER A 2 -6.77 -11.62 11.23
C SER A 2 -6.39 -10.14 11.10
N GLU A 3 -6.98 -9.30 11.96
CA GLU A 3 -6.70 -7.87 11.97
C GLU A 3 -5.29 -7.61 12.50
N GLU A 4 -4.65 -8.57 13.18
CA GLU A 4 -3.23 -8.47 13.49
C GLU A 4 -2.42 -8.33 12.20
N THR A 5 -2.47 -9.32 11.31
CA THR A 5 -1.63 -9.23 10.12
C THR A 5 -2.15 -8.13 9.21
N SER A 6 -3.46 -8.02 9.04
CA SER A 6 -4.01 -7.01 8.15
C SER A 6 -3.59 -5.61 8.58
N THR A 7 -3.54 -5.30 9.88
CA THR A 7 -3.08 -4.01 10.35
C THR A 7 -1.56 -3.93 10.32
N GLN A 8 -0.82 -5.01 10.55
CA GLN A 8 0.62 -4.95 10.39
C GLN A 8 0.96 -4.55 8.96
N ILE A 9 0.26 -5.15 7.99
CA ILE A 9 0.57 -4.92 6.61
C ILE A 9 0.10 -3.53 6.27
N LEU A 10 -1.06 -3.12 6.77
CA LEU A 10 -1.63 -1.83 6.44
C LEU A 10 -0.72 -0.69 6.89
N LYS A 11 -0.27 -0.76 8.15
CA LYS A 11 0.69 0.18 8.69
C LYS A 11 1.90 0.21 7.77
N GLN A 12 2.33 -0.96 7.30
CA GLN A 12 3.47 -1.09 6.43
C GLN A 12 3.18 -0.63 4.99
N VAL A 13 1.94 -0.64 4.52
CA VAL A 13 1.58 -0.11 3.21
C VAL A 13 1.76 1.39 3.27
N GLU A 14 1.12 2.01 4.26
CA GLU A 14 1.16 3.45 4.39
C GLU A 14 2.61 3.93 4.54
N TYR A 15 3.40 3.17 5.30
CA TYR A 15 4.81 3.42 5.53
C TYR A 15 5.57 3.52 4.21
N TYR A 16 5.29 2.68 3.21
CA TYR A 16 6.03 2.79 1.95
C TYR A 16 5.90 4.17 1.33
N PHE A 17 4.74 4.80 1.49
CA PHE A 17 4.49 6.11 0.93
C PHE A 17 5.07 7.18 1.86
N SER A 18 4.82 7.04 3.15
CA SER A 18 5.11 8.01 4.20
C SER A 18 6.61 8.10 4.50
N ASP A 19 7.35 7.01 4.31
CA ASP A 19 8.79 6.93 4.61
C ASP A 19 9.59 7.53 3.46
N SER A 20 8.92 8.25 2.56
CA SER A 20 9.47 8.76 1.32
C SER A 20 10.23 7.68 0.56
N ASN A 21 9.78 6.42 0.63
CA ASN A 21 10.34 5.39 -0.21
C ASN A 21 9.74 5.48 -1.61
N PHE A 22 8.58 6.10 -1.81
CA PHE A 22 8.02 6.23 -3.14
C PHE A 22 9.01 6.90 -4.08
N PRO A 23 9.54 8.10 -3.78
CA PRO A 23 10.46 8.73 -4.70
C PRO A 23 11.82 8.01 -4.74
N ARG A 24 12.16 7.24 -3.71
CA ARG A 24 13.47 6.59 -3.62
C ARG A 24 13.47 5.21 -4.26
N ASP A 25 12.31 4.64 -4.56
CA ASP A 25 12.25 3.33 -5.18
C ASP A 25 11.56 3.48 -6.54
N LYS A 26 12.34 3.34 -7.60
CA LYS A 26 11.86 3.43 -8.97
C LYS A 26 10.71 2.45 -9.25
N PHE A 27 10.61 1.37 -8.50
CA PHE A 27 9.49 0.44 -8.53
C PHE A 27 8.20 1.20 -8.27
N LEU A 28 8.13 1.88 -7.12
CA LEU A 28 6.96 2.68 -6.75
C LEU A 28 6.73 3.72 -7.84
N ARG A 29 7.75 4.49 -8.20
CA ARG A 29 7.66 5.52 -9.22
C ARG A 29 7.07 4.98 -10.51
N SER A 30 7.34 3.73 -10.87
CA SER A 30 6.82 3.17 -12.11
C SER A 30 5.30 3.15 -12.08
N GLU A 31 4.71 2.71 -10.96
CA GLU A 31 3.26 2.61 -10.86
C GLU A 31 2.68 3.99 -10.64
N ALA A 32 3.30 4.77 -9.76
CA ALA A 32 2.93 6.13 -9.44
C ALA A 32 2.90 6.98 -10.72
N ALA A 33 3.77 6.68 -11.69
CA ALA A 33 3.87 7.39 -12.96
C ALA A 33 2.67 7.13 -13.89
N LYS A 34 1.65 6.38 -13.47
CA LYS A 34 0.37 6.36 -14.19
C LYS A 34 -0.49 7.54 -13.72
N ASN A 35 -0.28 8.08 -12.53
CA ASN A 35 -1.04 9.22 -12.04
C ASN A 35 -0.30 9.97 -10.93
N VAL A 36 0.91 10.48 -11.22
CA VAL A 36 1.74 11.19 -10.25
C VAL A 36 2.18 10.28 -9.09
N ASP A 37 1.27 9.99 -8.15
CA ASP A 37 1.41 9.03 -7.05
C ASP A 37 0.02 8.72 -6.46
N ASN A 38 -1.02 8.76 -7.28
CA ASN A 38 -2.39 8.55 -6.84
C ASN A 38 -2.93 7.22 -7.32
N TYR A 39 -2.18 6.50 -8.15
CA TYR A 39 -2.60 5.25 -8.76
C TYR A 39 -1.46 4.29 -8.47
N ILE A 40 -1.73 3.26 -7.67
CA ILE A 40 -0.76 2.27 -7.27
C ILE A 40 -1.49 0.92 -7.31
N SER A 41 -1.13 0.03 -8.22
CA SER A 41 -1.80 -1.24 -8.40
C SER A 41 -1.44 -2.24 -7.31
N ILE A 42 -2.39 -3.12 -7.02
CA ILE A 42 -2.17 -4.25 -6.13
C ILE A 42 -1.12 -5.20 -6.67
N ASP A 43 -0.74 -5.12 -7.95
CA ASP A 43 0.33 -5.94 -8.49
C ASP A 43 1.65 -5.55 -7.83
N VAL A 44 1.92 -4.24 -7.75
CA VAL A 44 3.15 -3.71 -7.17
C VAL A 44 3.14 -3.99 -5.68
N ILE A 45 2.01 -3.72 -5.02
CA ILE A 45 1.91 -3.86 -3.57
C ILE A 45 2.00 -5.34 -3.20
N ALA A 46 1.43 -6.22 -4.01
CA ALA A 46 1.57 -7.65 -3.80
C ALA A 46 3.01 -8.07 -4.06
N SER A 47 3.67 -7.41 -5.00
CA SER A 47 5.04 -7.74 -5.40
C SER A 47 6.06 -6.93 -4.61
N PHE A 48 5.65 -6.24 -3.53
CA PHE A 48 6.57 -5.42 -2.73
C PHE A 48 7.55 -6.24 -1.88
N ASN A 49 7.51 -7.57 -2.00
CA ASN A 49 8.22 -8.53 -1.19
C ASN A 49 7.75 -8.50 0.27
N ARG A 50 8.09 -7.48 1.05
CA ARG A 50 7.73 -7.33 2.47
C ARG A 50 6.23 -7.55 2.67
N MET A 51 5.43 -6.99 1.77
CA MET A 51 4.00 -7.17 1.71
C MET A 51 3.68 -8.65 1.52
N LYS A 52 4.17 -9.25 0.43
CA LYS A 52 3.86 -10.63 0.08
C LYS A 52 4.18 -11.56 1.24
N THR A 53 5.25 -11.28 2.00
CA THR A 53 5.67 -12.11 3.10
C THR A 53 4.76 -11.89 4.30
N ILE A 54 4.47 -10.64 4.67
CA ILE A 54 3.66 -10.39 5.86
C ILE A 54 2.27 -10.98 5.65
N SER A 55 1.74 -10.86 4.44
CA SER A 55 0.40 -11.34 4.12
C SER A 55 0.41 -12.84 3.86
N THR A 56 1.47 -13.31 3.20
CA THR A 56 1.59 -14.67 2.69
C THR A 56 0.51 -15.02 1.63
N ASP A 57 -0.42 -14.11 1.30
CA ASP A 57 -1.49 -14.37 0.35
C ASP A 57 -1.95 -13.02 -0.23
N LEU A 58 -2.23 -12.99 -1.53
CA LEU A 58 -2.80 -11.84 -2.21
C LEU A 58 -4.22 -11.54 -1.71
N GLN A 59 -4.90 -12.51 -1.13
CA GLN A 59 -6.21 -12.31 -0.57
C GLN A 59 -6.10 -11.30 0.55
N LEU A 60 -5.27 -11.59 1.55
CA LEU A 60 -5.11 -10.70 2.69
C LEU A 60 -4.49 -9.37 2.25
N ILE A 61 -3.63 -9.37 1.23
CA ILE A 61 -3.08 -8.12 0.69
C ILE A 61 -4.22 -7.28 0.08
N THR A 62 -5.14 -7.92 -0.63
CA THR A 62 -6.22 -7.20 -1.30
C THR A 62 -7.18 -6.67 -0.25
N GLU A 63 -7.48 -7.47 0.77
CA GLU A 63 -8.40 -7.04 1.81
C GLU A 63 -7.77 -5.91 2.61
N ALA A 64 -6.47 -5.98 2.88
CA ALA A 64 -5.77 -4.95 3.63
C ALA A 64 -6.00 -3.59 2.95
N LEU A 65 -5.82 -3.55 1.63
CA LEU A 65 -6.08 -2.35 0.86
C LEU A 65 -7.55 -1.96 0.93
N LYS A 66 -8.45 -2.93 0.79
CA LYS A 66 -9.89 -2.69 0.86
C LYS A 66 -10.26 -1.99 2.16
N LYS A 67 -9.56 -2.32 3.25
CA LYS A 67 -9.88 -1.86 4.59
C LYS A 67 -8.88 -0.78 5.00
N SER A 68 -8.47 0.07 4.05
CA SER A 68 -7.36 0.99 4.23
C SER A 68 -7.53 1.95 5.40
N THR A 69 -6.40 2.40 5.97
CA THR A 69 -6.34 3.45 6.97
C THR A 69 -6.14 4.80 6.27
N ARG A 70 -4.89 5.25 6.09
CA ARG A 70 -4.60 6.57 5.54
C ARG A 70 -4.62 6.58 4.01
N LEU A 71 -5.12 5.50 3.39
CA LEU A 71 -5.26 5.39 1.96
C LEU A 71 -6.69 4.96 1.68
N GLN A 72 -7.04 4.88 0.40
CA GLN A 72 -8.36 4.51 -0.04
C GLN A 72 -8.15 3.82 -1.37
N VAL A 73 -8.55 2.54 -1.47
CA VAL A 73 -8.47 1.78 -2.69
C VAL A 73 -9.80 1.90 -3.41
N SER A 74 -9.76 2.06 -4.73
CA SER A 74 -10.94 1.96 -5.56
C SER A 74 -11.64 0.63 -5.30
N GLU A 75 -12.93 0.57 -5.58
CA GLU A 75 -13.73 -0.63 -5.47
C GLU A 75 -13.23 -1.70 -6.44
N ASP A 76 -12.43 -1.34 -7.45
CA ASP A 76 -11.85 -2.33 -8.35
C ASP A 76 -10.74 -3.10 -7.65
N GLY A 77 -10.13 -2.52 -6.60
CA GLY A 77 -8.98 -3.14 -5.95
C GLY A 77 -7.84 -3.26 -6.94
N LYS A 78 -7.65 -2.22 -7.75
CA LYS A 78 -6.58 -2.11 -8.72
C LYS A 78 -5.89 -0.77 -8.68
N MET A 79 -6.37 0.20 -7.89
CA MET A 79 -5.53 1.36 -7.56
C MET A 79 -5.87 1.85 -6.17
N VAL A 80 -4.87 2.39 -5.45
CA VAL A 80 -5.03 2.98 -4.14
C VAL A 80 -4.31 4.33 -4.11
N ARG A 81 -4.80 5.24 -3.26
CA ARG A 81 -4.19 6.55 -3.08
C ARG A 81 -4.23 6.95 -1.62
N ARG A 82 -3.24 7.71 -1.15
CA ARG A 82 -3.16 8.24 0.21
C ARG A 82 -3.23 9.75 0.17
N LEU A 83 -3.64 10.37 1.28
CA LEU A 83 -3.65 11.80 1.48
C LEU A 83 -2.83 12.04 2.73
N ASP A 84 -1.76 12.83 2.61
CA ASP A 84 -0.78 13.17 3.64
C ASP A 84 -0.64 12.10 4.73
N PRO A 85 -0.09 10.93 4.37
CA PRO A 85 0.10 9.81 5.27
C PRO A 85 1.16 10.15 6.32
N LEU A 86 0.89 9.86 7.58
CA LEU A 86 1.73 10.26 8.70
C LEU A 86 2.41 9.02 9.29
N PRO A 87 3.74 8.94 9.33
CA PRO A 87 4.42 7.69 9.60
C PRO A 87 4.35 7.36 11.10
N GLU A 88 3.95 6.12 11.40
CA GLU A 88 3.76 5.57 12.73
C GLU A 88 2.54 6.19 13.43
N ASN A 89 1.99 5.50 14.44
CA ASN A 89 0.70 5.84 15.04
C ASN A 89 -0.37 6.09 13.99
N ILE A 90 -0.36 5.28 12.94
CA ILE A 90 -1.31 5.47 11.87
C ILE A 90 -2.61 4.82 12.34
N ASP A 91 -3.75 5.27 11.81
CA ASP A 91 -5.07 4.74 12.16
C ASP A 91 -5.03 3.21 12.03
N MET A 1 -4.45 -12.85 14.37
CA MET A 1 -5.30 -13.88 13.75
C MET A 1 -5.91 -13.35 12.47
N SER A 2 -6.84 -12.39 12.55
CA SER A 2 -7.42 -11.79 11.35
C SER A 2 -7.05 -10.30 11.34
N GLU A 3 -7.58 -9.56 12.29
CA GLU A 3 -7.25 -8.19 12.66
C GLU A 3 -5.76 -7.91 12.80
N GLU A 4 -5.00 -8.73 13.54
CA GLU A 4 -3.58 -8.53 13.72
C GLU A 4 -2.89 -8.58 12.37
N THR A 5 -3.24 -9.58 11.56
CA THR A 5 -2.57 -9.86 10.31
C THR A 5 -2.86 -8.73 9.33
N SER A 6 -4.14 -8.45 9.11
CA SER A 6 -4.60 -7.39 8.23
C SER A 6 -3.92 -6.10 8.67
N THR A 7 -3.98 -5.76 9.95
CA THR A 7 -3.42 -4.53 10.48
C THR A 7 -1.91 -4.46 10.37
N GLN A 8 -1.19 -5.57 10.51
CA GLN A 8 0.24 -5.60 10.30
C GLN A 8 0.52 -5.13 8.89
N ILE A 9 -0.24 -5.66 7.94
CA ILE A 9 0.00 -5.38 6.55
C ILE A 9 -0.45 -3.96 6.27
N LEU A 10 -1.51 -3.52 6.95
CA LEU A 10 -2.13 -2.23 6.71
C LEU A 10 -1.13 -1.13 7.00
N LYS A 11 -0.50 -1.23 8.16
CA LYS A 11 0.56 -0.32 8.53
C LYS A 11 1.70 -0.50 7.56
N GLN A 12 2.06 -1.74 7.23
CA GLN A 12 3.25 -1.99 6.42
C GLN A 12 3.12 -1.39 5.01
N VAL A 13 1.91 -1.35 4.45
CA VAL A 13 1.65 -0.76 3.15
C VAL A 13 1.92 0.73 3.28
N GLU A 14 1.32 1.34 4.30
CA GLU A 14 1.43 2.76 4.55
C GLU A 14 2.89 3.16 4.76
N TYR A 15 3.67 2.31 5.44
CA TYR A 15 5.05 2.50 5.83
C TYR A 15 5.94 2.78 4.62
N TYR A 16 5.70 2.11 3.48
CA TYR A 16 6.46 2.38 2.27
C TYR A 16 6.40 3.87 1.91
N PHE A 17 5.24 4.47 2.16
CA PHE A 17 5.05 5.90 1.99
C PHE A 17 5.57 6.70 3.18
N SER A 18 5.37 6.22 4.41
CA SER A 18 5.71 6.98 5.61
C SER A 18 7.20 7.16 5.81
N ASP A 19 8.02 6.31 5.20
CA ASP A 19 9.46 6.43 5.24
C ASP A 19 9.96 7.32 4.09
N SER A 20 9.04 8.02 3.42
CA SER A 20 9.25 8.66 2.13
C SER A 20 10.01 7.73 1.18
N ASN A 21 9.73 6.43 1.22
CA ASN A 21 10.39 5.50 0.32
C ASN A 21 9.58 5.31 -0.96
N PHE A 22 8.33 5.80 -1.03
CA PHE A 22 7.56 5.80 -2.27
C PHE A 22 8.29 6.55 -3.38
N PRO A 23 8.71 7.81 -3.18
CA PRO A 23 9.33 8.56 -4.26
C PRO A 23 10.72 8.02 -4.59
N ARG A 24 11.36 7.37 -3.61
CA ARG A 24 12.71 6.84 -3.72
C ARG A 24 12.72 5.54 -4.51
N ASP A 25 11.72 4.68 -4.27
CA ASP A 25 11.62 3.38 -4.90
C ASP A 25 11.06 3.63 -6.28
N LYS A 26 11.89 3.49 -7.31
CA LYS A 26 11.41 3.61 -8.68
C LYS A 26 10.25 2.66 -8.94
N PHE A 27 10.17 1.54 -8.22
CA PHE A 27 9.08 0.61 -8.35
C PHE A 27 7.76 1.28 -7.99
N LEU A 28 7.66 1.89 -6.79
CA LEU A 28 6.43 2.56 -6.41
C LEU A 28 6.20 3.74 -7.34
N ARG A 29 7.20 4.61 -7.48
CA ARG A 29 7.12 5.84 -8.24
C ARG A 29 6.75 5.59 -9.71
N SER A 30 7.11 4.44 -10.29
CA SER A 30 6.67 4.09 -11.63
C SER A 30 5.16 3.95 -11.66
N GLU A 31 4.62 3.18 -10.71
CA GLU A 31 3.19 2.93 -10.72
C GLU A 31 2.46 4.24 -10.45
N ALA A 32 2.94 4.99 -9.46
CA ALA A 32 2.39 6.29 -9.10
C ALA A 32 2.39 7.21 -10.32
N ALA A 33 3.45 7.18 -11.12
CA ALA A 33 3.63 8.03 -12.30
C ALA A 33 2.71 7.65 -13.46
N LYS A 34 1.75 6.74 -13.29
CA LYS A 34 0.66 6.62 -14.24
C LYS A 34 -0.38 7.69 -13.90
N ASN A 35 -0.54 8.07 -12.63
CA ASN A 35 -1.48 9.13 -12.28
C ASN A 35 -1.10 9.84 -10.99
N VAL A 36 0.00 10.59 -11.00
CA VAL A 36 0.51 11.32 -9.84
C VAL A 36 0.92 10.35 -8.73
N ASP A 37 -0.05 9.85 -7.97
CA ASP A 37 0.03 8.76 -7.02
C ASP A 37 -1.39 8.37 -6.59
N ASN A 38 -2.31 8.31 -7.56
CA ASN A 38 -3.64 7.74 -7.38
C ASN A 38 -3.78 6.41 -8.10
N TYR A 39 -2.71 5.93 -8.74
CA TYR A 39 -2.74 4.74 -9.54
C TYR A 39 -1.62 3.85 -9.05
N ILE A 40 -1.95 2.76 -8.36
CA ILE A 40 -0.97 1.85 -7.80
C ILE A 40 -1.55 0.44 -7.97
N SER A 41 -1.06 -0.35 -8.92
CA SER A 41 -1.64 -1.66 -9.18
C SER A 41 -1.32 -2.55 -8.00
N ILE A 42 -2.30 -3.33 -7.54
CA ILE A 42 -2.08 -4.28 -6.47
C ILE A 42 -1.03 -5.33 -6.83
N ASP A 43 -0.67 -5.45 -8.10
CA ASP A 43 0.39 -6.34 -8.55
C ASP A 43 1.72 -5.92 -7.94
N VAL A 44 2.00 -4.62 -7.95
CA VAL A 44 3.24 -4.06 -7.45
C VAL A 44 3.34 -4.29 -5.95
N ILE A 45 2.25 -4.05 -5.22
CA ILE A 45 2.20 -4.18 -3.77
C ILE A 45 2.28 -5.66 -3.39
N ALA A 46 1.64 -6.54 -4.15
CA ALA A 46 1.85 -7.96 -3.95
C ALA A 46 3.33 -8.30 -4.21
N SER A 47 3.94 -7.62 -5.18
CA SER A 47 5.31 -7.83 -5.59
C SER A 47 6.29 -6.97 -4.78
N PHE A 48 5.87 -6.30 -3.70
CA PHE A 48 6.75 -5.52 -2.82
C PHE A 48 7.71 -6.41 -2.02
N ASN A 49 7.72 -7.73 -2.27
CA ASN A 49 8.46 -8.76 -1.55
C ASN A 49 8.00 -8.84 -0.09
N ARG A 50 8.37 -7.85 0.73
CA ARG A 50 7.98 -7.72 2.13
C ARG A 50 6.48 -7.90 2.33
N MET A 51 5.66 -7.36 1.44
CA MET A 51 4.21 -7.51 1.58
C MET A 51 3.79 -8.93 1.22
N LYS A 52 4.38 -9.54 0.19
CA LYS A 52 4.08 -10.92 -0.16
C LYS A 52 4.40 -11.82 1.04
N THR A 53 5.49 -11.57 1.75
CA THR A 53 5.91 -12.41 2.85
C THR A 53 5.04 -12.15 4.09
N ILE A 54 4.91 -10.90 4.51
CA ILE A 54 4.18 -10.54 5.72
C ILE A 54 2.72 -10.96 5.57
N SER A 55 2.16 -10.82 4.37
CA SER A 55 0.80 -11.25 4.11
C SER A 55 0.72 -12.74 3.88
N THR A 56 1.75 -13.30 3.24
CA THR A 56 1.79 -14.66 2.72
C THR A 56 0.81 -14.87 1.55
N ASP A 57 -0.35 -14.22 1.53
CA ASP A 57 -1.46 -14.48 0.65
C ASP A 57 -1.97 -13.14 0.12
N LEU A 58 -2.28 -13.11 -1.17
CA LEU A 58 -2.83 -11.96 -1.86
C LEU A 58 -4.23 -11.61 -1.36
N GLN A 59 -4.91 -12.52 -0.68
CA GLN A 59 -6.20 -12.27 -0.08
C GLN A 59 -6.03 -11.20 1.00
N LEU A 60 -5.06 -11.41 1.90
CA LEU A 60 -4.78 -10.47 2.98
C LEU A 60 -4.18 -9.19 2.42
N ILE A 61 -3.44 -9.25 1.31
CA ILE A 61 -2.94 -8.02 0.70
C ILE A 61 -4.12 -7.22 0.13
N THR A 62 -5.07 -7.90 -0.48
CA THR A 62 -6.21 -7.22 -1.10
C THR A 62 -7.07 -6.61 0.00
N GLU A 63 -7.28 -7.35 1.11
CA GLU A 63 -8.06 -6.80 2.20
C GLU A 63 -7.32 -5.61 2.81
N ALA A 64 -6.00 -5.69 2.92
CA ALA A 64 -5.23 -4.61 3.51
C ALA A 64 -5.52 -3.30 2.79
N LEU A 65 -5.53 -3.34 1.46
CA LEU A 65 -5.90 -2.19 0.67
C LEU A 65 -7.33 -1.77 0.99
N LYS A 66 -8.26 -2.73 0.98
CA LYS A 66 -9.68 -2.45 1.18
C LYS A 66 -9.98 -1.85 2.56
N LYS A 67 -9.13 -2.07 3.56
CA LYS A 67 -9.29 -1.49 4.89
C LYS A 67 -8.27 -0.38 5.16
N SER A 68 -7.67 0.23 4.13
CA SER A 68 -6.50 1.08 4.32
C SER A 68 -6.74 2.29 5.22
N THR A 69 -5.63 2.80 5.77
CA THR A 69 -5.64 3.69 6.92
C THR A 69 -5.34 5.12 6.49
N ARG A 70 -4.21 5.37 5.82
CA ARG A 70 -3.82 6.69 5.31
C ARG A 70 -3.88 6.72 3.78
N LEU A 71 -4.32 5.63 3.15
CA LEU A 71 -4.44 5.51 1.71
C LEU A 71 -5.87 5.04 1.46
N GLN A 72 -6.39 5.27 0.26
CA GLN A 72 -7.76 4.94 -0.08
C GLN A 72 -7.71 4.16 -1.39
N VAL A 73 -8.24 2.94 -1.40
CA VAL A 73 -8.25 2.09 -2.58
C VAL A 73 -9.56 2.36 -3.32
N SER A 74 -9.50 2.35 -4.64
CA SER A 74 -10.69 2.33 -5.47
C SER A 74 -11.49 1.06 -5.19
N GLU A 75 -12.77 1.08 -5.55
CA GLU A 75 -13.63 -0.07 -5.39
C GLU A 75 -13.04 -1.27 -6.15
N ASP A 76 -12.35 -0.98 -7.25
CA ASP A 76 -11.80 -1.97 -8.17
C ASP A 76 -10.69 -2.76 -7.48
N GLY A 77 -10.00 -2.14 -6.51
CA GLY A 77 -8.84 -2.80 -5.91
C GLY A 77 -7.76 -3.06 -6.94
N LYS A 78 -7.58 -2.12 -7.87
CA LYS A 78 -6.43 -2.06 -8.75
C LYS A 78 -5.76 -0.70 -8.70
N MET A 79 -6.29 0.26 -7.93
CA MET A 79 -5.59 1.52 -7.74
C MET A 79 -5.85 2.07 -6.35
N VAL A 80 -4.91 2.86 -5.84
CA VAL A 80 -4.91 3.37 -4.47
C VAL A 80 -4.35 4.79 -4.51
N ARG A 81 -4.72 5.63 -3.55
CA ARG A 81 -4.27 7.02 -3.46
C ARG A 81 -3.77 7.28 -2.04
N ARG A 82 -2.54 7.78 -1.90
CA ARG A 82 -2.06 8.18 -0.58
C ARG A 82 -2.74 9.47 -0.12
N LEU A 83 -2.42 9.93 1.09
CA LEU A 83 -2.90 11.20 1.61
C LEU A 83 -1.93 12.29 1.16
N ASP A 84 -2.45 13.32 0.49
CA ASP A 84 -1.59 14.39 -0.03
C ASP A 84 -0.69 15.05 1.01
N PRO A 85 -1.15 15.41 2.23
CA PRO A 85 -0.25 15.90 3.26
C PRO A 85 0.65 14.77 3.75
N LEU A 86 1.91 15.09 4.05
CA LEU A 86 2.91 14.09 4.38
C LEU A 86 2.54 13.29 5.63
N PRO A 87 2.97 12.03 5.70
CA PRO A 87 2.72 11.17 6.84
C PRO A 87 3.56 11.65 8.03
N GLU A 88 3.08 11.38 9.25
CA GLU A 88 3.68 11.90 10.47
C GLU A 88 4.12 10.73 11.33
N ASN A 89 5.28 10.15 10.98
CA ASN A 89 5.87 9.00 11.66
C ASN A 89 4.86 7.89 11.87
N ILE A 90 4.33 7.32 10.78
CA ILE A 90 3.27 6.34 10.90
C ILE A 90 3.86 4.97 10.56
N ASP A 91 3.51 3.97 11.38
CA ASP A 91 3.73 2.55 11.13
C ASP A 91 2.76 1.82 12.07
N MET A 1 -7.10 -10.38 16.74
CA MET A 1 -6.86 -11.66 16.05
C MET A 1 -6.72 -11.42 14.55
N SER A 2 -7.82 -11.53 13.77
CA SER A 2 -7.80 -11.27 12.34
C SER A 2 -7.23 -9.88 12.07
N GLU A 3 -7.82 -8.87 12.72
CA GLU A 3 -7.42 -7.48 12.55
C GLU A 3 -5.96 -7.23 12.93
N GLU A 4 -5.34 -8.01 13.82
CA GLU A 4 -3.92 -7.82 14.09
C GLU A 4 -3.12 -8.16 12.84
N THR A 5 -3.51 -9.25 12.18
CA THR A 5 -2.84 -9.70 10.98
C THR A 5 -3.05 -8.68 9.87
N SER A 6 -4.31 -8.35 9.55
CA SER A 6 -4.62 -7.40 8.49
C SER A 6 -3.87 -6.08 8.76
N THR A 7 -3.90 -5.59 10.01
CA THR A 7 -3.28 -4.34 10.41
C THR A 7 -1.76 -4.39 10.41
N GLN A 8 -1.13 -5.56 10.62
CA GLN A 8 0.30 -5.69 10.40
C GLN A 8 0.62 -5.29 8.98
N ILE A 9 -0.15 -5.81 8.03
CA ILE A 9 0.13 -5.56 6.63
C ILE A 9 -0.24 -4.11 6.34
N LEU A 10 -1.33 -3.64 6.92
CA LEU A 10 -1.90 -2.34 6.65
C LEU A 10 -0.87 -1.26 6.96
N LYS A 11 -0.33 -1.30 8.18
CA LYS A 11 0.67 -0.33 8.57
C LYS A 11 1.94 -0.54 7.77
N GLN A 12 2.21 -1.78 7.35
CA GLN A 12 3.32 -2.06 6.45
C GLN A 12 3.10 -1.41 5.07
N VAL A 13 1.85 -1.27 4.64
CA VAL A 13 1.55 -0.73 3.31
C VAL A 13 1.77 0.77 3.38
N GLU A 14 1.17 1.41 4.37
CA GLU A 14 1.31 2.84 4.50
C GLU A 14 2.74 3.23 4.85
N TYR A 15 3.49 2.35 5.50
CA TYR A 15 4.90 2.52 5.81
C TYR A 15 5.65 2.80 4.51
N TYR A 16 5.41 2.04 3.45
CA TYR A 16 6.08 2.28 2.17
C TYR A 16 5.81 3.69 1.63
N PHE A 17 4.64 4.27 1.94
CA PHE A 17 4.29 5.62 1.50
C PHE A 17 4.62 6.69 2.55
N SER A 18 4.93 6.28 3.78
CA SER A 18 5.12 7.14 4.94
C SER A 18 6.61 7.39 5.18
N ASP A 19 7.45 6.43 4.83
CA ASP A 19 8.89 6.41 5.06
C ASP A 19 9.60 7.22 3.98
N SER A 20 8.86 8.13 3.31
CA SER A 20 9.27 8.81 2.10
C SER A 20 9.98 7.90 1.11
N ASN A 21 9.59 6.61 1.07
CA ASN A 21 10.25 5.67 0.20
C ASN A 21 9.54 5.58 -1.15
N PHE A 22 8.32 6.13 -1.30
CA PHE A 22 7.64 6.15 -2.59
C PHE A 22 8.49 6.83 -3.67
N PRO A 23 8.99 8.06 -3.46
CA PRO A 23 9.72 8.74 -4.51
C PRO A 23 11.10 8.11 -4.72
N ARG A 24 11.62 7.39 -3.71
CA ARG A 24 12.97 6.87 -3.70
C ARG A 24 13.03 5.46 -4.28
N ASP A 25 11.93 4.70 -4.21
CA ASP A 25 11.84 3.37 -4.75
C ASP A 25 11.31 3.50 -6.16
N LYS A 26 12.19 3.28 -7.14
CA LYS A 26 11.79 3.39 -8.54
C LYS A 26 10.63 2.46 -8.89
N PHE A 27 10.41 1.38 -8.13
CA PHE A 27 9.27 0.51 -8.26
C PHE A 27 8.00 1.28 -7.96
N LEU A 28 7.90 1.84 -6.75
CA LEU A 28 6.71 2.58 -6.32
C LEU A 28 6.42 3.69 -7.30
N ARG A 29 7.39 4.58 -7.49
CA ARG A 29 7.26 5.77 -8.32
C ARG A 29 6.88 5.42 -9.75
N SER A 30 7.27 4.25 -10.28
CA SER A 30 6.81 3.88 -11.62
C SER A 30 5.30 3.71 -11.64
N GLU A 31 4.73 3.02 -10.65
CA GLU A 31 3.29 2.78 -10.71
C GLU A 31 2.57 4.08 -10.36
N ALA A 32 3.03 4.76 -9.32
CA ALA A 32 2.47 6.02 -8.87
C ALA A 32 2.45 7.05 -10.01
N ALA A 33 3.46 7.02 -10.89
CA ALA A 33 3.56 7.91 -12.04
C ALA A 33 2.41 7.77 -13.05
N LYS A 34 1.47 6.85 -12.86
CA LYS A 34 0.30 6.78 -13.74
C LYS A 34 -0.74 7.82 -13.32
N ASN A 35 -0.65 8.37 -12.11
CA ASN A 35 -1.32 9.63 -11.72
C ASN A 35 -0.75 10.11 -10.39
N VAL A 36 0.45 10.69 -10.41
CA VAL A 36 1.15 11.26 -9.27
C VAL A 36 1.49 10.15 -8.26
N ASP A 37 0.49 9.68 -7.52
CA ASP A 37 0.48 8.63 -6.55
C ASP A 37 -0.96 8.21 -6.22
N ASN A 38 -1.82 8.23 -7.24
CA ASN A 38 -3.22 7.83 -7.18
C ASN A 38 -3.47 6.47 -7.83
N TYR A 39 -2.53 5.98 -8.63
CA TYR A 39 -2.69 4.78 -9.42
C TYR A 39 -1.57 3.85 -8.97
N ILE A 40 -1.91 2.78 -8.26
CA ILE A 40 -0.92 1.83 -7.76
C ILE A 40 -1.57 0.45 -7.89
N SER A 41 -1.19 -0.33 -8.90
CA SER A 41 -1.68 -1.68 -9.11
C SER A 41 -1.42 -2.53 -7.88
N ILE A 42 -2.43 -3.27 -7.42
CA ILE A 42 -2.24 -4.25 -6.36
C ILE A 42 -1.18 -5.28 -6.73
N ASP A 43 -0.80 -5.35 -8.00
CA ASP A 43 0.25 -6.22 -8.49
C ASP A 43 1.60 -5.79 -7.91
N VAL A 44 1.87 -4.48 -7.88
CA VAL A 44 3.08 -3.92 -7.32
C VAL A 44 3.12 -4.22 -5.83
N ILE A 45 2.07 -3.91 -5.09
CA ILE A 45 2.06 -4.11 -3.66
C ILE A 45 2.11 -5.60 -3.34
N ALA A 46 1.45 -6.44 -4.14
CA ALA A 46 1.53 -7.88 -3.99
C ALA A 46 2.93 -8.38 -4.33
N SER A 47 3.64 -7.65 -5.18
CA SER A 47 4.99 -8.01 -5.62
C SER A 47 6.04 -7.20 -4.87
N PHE A 48 5.71 -6.57 -3.75
CA PHE A 48 6.67 -5.78 -2.97
C PHE A 48 7.78 -6.62 -2.32
N ASN A 49 7.74 -7.95 -2.46
CA ASN A 49 8.55 -8.89 -1.69
C ASN A 49 8.12 -8.88 -0.23
N ARG A 50 8.46 -7.84 0.54
CA ARG A 50 8.12 -7.71 1.95
C ARG A 50 6.63 -7.87 2.19
N MET A 51 5.78 -7.34 1.32
CA MET A 51 4.34 -7.47 1.50
C MET A 51 3.90 -8.88 1.12
N LYS A 52 4.48 -9.47 0.07
CA LYS A 52 4.08 -10.80 -0.35
C LYS A 52 4.37 -11.81 0.75
N THR A 53 5.48 -11.62 1.45
CA THR A 53 5.92 -12.48 2.53
C THR A 53 5.09 -12.21 3.77
N ILE A 54 5.03 -10.96 4.23
CA ILE A 54 4.28 -10.61 5.44
C ILE A 54 2.81 -11.00 5.30
N SER A 55 2.24 -10.90 4.09
CA SER A 55 0.86 -11.32 3.86
C SER A 55 0.77 -12.81 3.65
N THR A 56 1.78 -13.39 3.00
CA THR A 56 1.79 -14.77 2.52
C THR A 56 0.77 -15.03 1.40
N ASP A 57 -0.30 -14.24 1.27
CA ASP A 57 -1.44 -14.48 0.43
C ASP A 57 -1.92 -13.14 -0.12
N LEU A 58 -2.29 -13.12 -1.41
CA LEU A 58 -2.84 -11.95 -2.07
C LEU A 58 -4.22 -11.60 -1.55
N GLN A 59 -4.90 -12.51 -0.87
CA GLN A 59 -6.19 -12.26 -0.25
C GLN A 59 -5.99 -11.24 0.86
N LEU A 60 -5.01 -11.48 1.74
CA LEU A 60 -4.70 -10.58 2.83
C LEU A 60 -4.13 -9.28 2.29
N ILE A 61 -3.38 -9.31 1.19
CA ILE A 61 -2.85 -8.06 0.64
C ILE A 61 -4.00 -7.23 0.06
N THR A 62 -4.91 -7.88 -0.64
CA THR A 62 -6.03 -7.18 -1.27
C THR A 62 -6.93 -6.60 -0.19
N GLU A 63 -7.18 -7.39 0.86
CA GLU A 63 -7.98 -6.92 1.97
C GLU A 63 -7.28 -5.76 2.66
N ALA A 64 -5.96 -5.84 2.84
CA ALA A 64 -5.23 -4.78 3.54
C ALA A 64 -5.50 -3.43 2.89
N LEU A 65 -5.46 -3.38 1.56
CA LEU A 65 -5.76 -2.17 0.82
C LEU A 65 -7.23 -1.81 0.97
N LYS A 66 -8.12 -2.80 0.89
CA LYS A 66 -9.56 -2.57 1.05
C LYS A 66 -9.85 -1.93 2.41
N LYS A 67 -9.03 -2.23 3.41
CA LYS A 67 -9.18 -1.77 4.77
C LYS A 67 -8.12 -0.71 5.08
N SER A 68 -7.76 0.15 4.11
CA SER A 68 -6.65 1.06 4.28
C SER A 68 -6.88 2.06 5.42
N THR A 69 -5.79 2.72 5.85
CA THR A 69 -5.81 3.62 7.00
C THR A 69 -5.28 4.99 6.56
N ARG A 70 -4.01 5.14 6.15
CA ARG A 70 -3.59 6.41 5.55
C ARG A 70 -3.96 6.53 4.08
N LEU A 71 -4.28 5.44 3.37
CA LEU A 71 -4.49 5.49 1.93
C LEU A 71 -5.95 5.12 1.65
N GLN A 72 -6.38 5.18 0.40
CA GLN A 72 -7.75 4.89 0.00
C GLN A 72 -7.72 4.11 -1.31
N VAL A 73 -8.18 2.87 -1.30
CA VAL A 73 -8.22 2.04 -2.50
C VAL A 73 -9.55 2.28 -3.20
N SER A 74 -9.53 2.19 -4.53
CA SER A 74 -10.74 2.17 -5.32
C SER A 74 -11.54 0.92 -5.00
N GLU A 75 -12.83 0.95 -5.31
CA GLU A 75 -13.68 -0.22 -5.30
C GLU A 75 -13.15 -1.29 -6.26
N ASP A 76 -12.33 -0.91 -7.23
CA ASP A 76 -11.76 -1.85 -8.17
C ASP A 76 -10.71 -2.73 -7.50
N GLY A 77 -10.09 -2.24 -6.40
CA GLY A 77 -8.95 -2.93 -5.80
C GLY A 77 -7.86 -3.15 -6.84
N LYS A 78 -7.67 -2.14 -7.70
CA LYS A 78 -6.64 -2.10 -8.72
C LYS A 78 -5.84 -0.80 -8.64
N MET A 79 -6.31 0.21 -7.88
CA MET A 79 -5.50 1.38 -7.60
C MET A 79 -5.79 1.87 -6.19
N VAL A 80 -4.83 2.55 -5.58
CA VAL A 80 -4.96 3.20 -4.29
C VAL A 80 -4.32 4.58 -4.43
N ARG A 81 -4.81 5.54 -3.66
CA ARG A 81 -4.23 6.87 -3.60
C ARG A 81 -3.81 7.17 -2.17
N ARG A 82 -2.76 7.96 -2.02
CA ARG A 82 -2.29 8.36 -0.70
C ARG A 82 -2.86 9.74 -0.35
N LEU A 83 -2.37 10.35 0.72
CA LEU A 83 -2.86 11.61 1.21
C LEU A 83 -2.05 12.76 0.60
N ASP A 84 -2.71 13.85 0.22
CA ASP A 84 -2.06 15.02 -0.36
C ASP A 84 -0.92 15.57 0.52
N PRO A 85 -1.19 15.98 1.77
CA PRO A 85 -0.14 16.48 2.64
C PRO A 85 0.76 15.32 3.08
N LEU A 86 2.00 15.65 3.48
CA LEU A 86 2.99 14.63 3.80
C LEU A 86 2.55 13.80 5.01
N PRO A 87 3.03 12.56 5.13
CA PRO A 87 2.66 11.66 6.21
C PRO A 87 3.40 12.05 7.48
N GLU A 88 2.71 12.01 8.63
CA GLU A 88 3.24 12.49 9.90
C GLU A 88 3.97 11.35 10.63
N ASN A 89 4.84 10.62 9.92
CA ASN A 89 5.59 9.49 10.45
C ASN A 89 4.69 8.37 10.99
N ILE A 90 3.68 7.93 10.23
CA ILE A 90 2.84 6.85 10.70
C ILE A 90 3.48 5.51 10.32
N ASP A 91 3.48 4.53 11.23
CA ASP A 91 3.98 3.17 11.01
C ASP A 91 3.34 2.25 12.05
N MET A 1 -3.79 -14.57 10.67
CA MET A 1 -4.84 -14.25 9.69
C MET A 1 -6.09 -13.73 10.39
N SER A 2 -6.01 -12.53 10.94
CA SER A 2 -7.18 -11.85 11.49
C SER A 2 -6.86 -10.37 11.49
N GLU A 3 -7.62 -9.55 12.22
CA GLU A 3 -7.44 -8.10 12.19
C GLU A 3 -6.08 -7.69 12.73
N GLU A 4 -5.43 -8.53 13.54
CA GLU A 4 -4.02 -8.37 13.88
C GLU A 4 -3.18 -8.32 12.61
N THR A 5 -3.27 -9.36 11.77
CA THR A 5 -2.51 -9.44 10.54
C THR A 5 -2.90 -8.29 9.62
N SER A 6 -4.19 -8.05 9.43
CA SER A 6 -4.69 -7.06 8.50
C SER A 6 -4.18 -5.68 8.91
N THR A 7 -4.15 -5.37 10.19
CA THR A 7 -3.68 -4.07 10.67
C THR A 7 -2.17 -3.99 10.62
N GLN A 8 -1.47 -5.07 10.93
CA GLN A 8 -0.02 -5.10 10.85
C GLN A 8 0.39 -4.77 9.43
N ILE A 9 -0.33 -5.33 8.46
CA ILE A 9 0.06 -5.25 7.07
C ILE A 9 -0.45 -3.98 6.45
N LEU A 10 -1.60 -3.49 6.94
CA LEU A 10 -2.12 -2.19 6.54
C LEU A 10 -1.12 -1.10 6.90
N LYS A 11 -0.66 -1.06 8.15
CA LYS A 11 0.44 -0.17 8.53
C LYS A 11 1.61 -0.38 7.60
N GLN A 12 1.95 -1.65 7.37
CA GLN A 12 3.04 -1.97 6.48
C GLN A 12 2.79 -1.42 5.07
N VAL A 13 1.54 -1.26 4.65
CA VAL A 13 1.23 -0.75 3.32
C VAL A 13 1.52 0.75 3.31
N GLU A 14 1.13 1.46 4.36
CA GLU A 14 1.34 2.89 4.44
C GLU A 14 2.83 3.21 4.64
N TYR A 15 3.61 2.28 5.21
CA TYR A 15 5.03 2.42 5.42
C TYR A 15 5.73 2.76 4.11
N TYR A 16 5.41 2.08 3.00
CA TYR A 16 6.09 2.35 1.72
C TYR A 16 5.96 3.82 1.29
N PHE A 17 4.85 4.47 1.63
CA PHE A 17 4.61 5.87 1.27
C PHE A 17 4.91 6.82 2.43
N SER A 18 5.13 6.30 3.64
CA SER A 18 5.36 7.05 4.87
C SER A 18 6.84 7.26 5.11
N ASP A 19 7.64 6.25 4.77
CA ASP A 19 9.08 6.15 5.00
C ASP A 19 9.86 6.91 3.93
N SER A 20 9.16 7.75 3.16
CA SER A 20 9.67 8.39 1.95
C SER A 20 10.38 7.40 1.01
N ASN A 21 10.02 6.12 1.04
CA ASN A 21 10.63 5.15 0.13
C ASN A 21 9.96 5.18 -1.23
N PHE A 22 8.73 5.69 -1.34
CA PHE A 22 8.06 5.84 -2.62
C PHE A 22 8.89 6.69 -3.57
N PRO A 23 9.27 7.93 -3.24
CA PRO A 23 10.05 8.71 -4.17
C PRO A 23 11.47 8.13 -4.37
N ARG A 24 11.89 7.19 -3.53
CA ARG A 24 13.21 6.60 -3.64
C ARG A 24 13.21 5.30 -4.42
N ASP A 25 12.05 4.67 -4.64
CA ASP A 25 11.99 3.44 -5.42
C ASP A 25 11.23 3.65 -6.72
N LYS A 26 11.98 3.59 -7.83
CA LYS A 26 11.46 3.63 -9.19
C LYS A 26 10.29 2.66 -9.41
N PHE A 27 10.25 1.56 -8.68
CA PHE A 27 9.18 0.57 -8.74
C PHE A 27 7.86 1.23 -8.40
N LEU A 28 7.81 1.93 -7.26
CA LEU A 28 6.60 2.61 -6.87
C LEU A 28 6.31 3.74 -7.83
N ARG A 29 7.33 4.51 -8.19
CA ARG A 29 7.20 5.68 -9.05
C ARG A 29 6.66 5.30 -10.43
N SER A 30 6.91 4.08 -10.91
CA SER A 30 6.31 3.61 -12.14
C SER A 30 4.80 3.65 -12.03
N GLU A 31 4.25 3.02 -11.00
CA GLU A 31 2.81 2.87 -10.94
C GLU A 31 2.19 4.21 -10.51
N ALA A 32 2.85 4.90 -9.58
CA ALA A 32 2.46 6.21 -9.11
C ALA A 32 2.44 7.20 -10.27
N ALA A 33 3.34 7.06 -11.25
CA ALA A 33 3.41 7.91 -12.42
C ALA A 33 2.15 7.85 -13.28
N LYS A 34 1.21 6.93 -13.02
CA LYS A 34 -0.04 6.91 -13.75
C LYS A 34 -1.05 7.90 -13.17
N ASN A 35 -0.78 8.52 -12.02
CA ASN A 35 -1.46 9.72 -11.51
C ASN A 35 -0.79 10.22 -10.24
N VAL A 36 0.42 10.79 -10.36
CA VAL A 36 1.23 11.36 -9.28
C VAL A 36 1.62 10.28 -8.27
N ASP A 37 0.68 9.84 -7.44
CA ASP A 37 0.72 8.75 -6.51
C ASP A 37 -0.70 8.34 -6.06
N ASN A 38 -1.63 8.40 -7.01
CA ASN A 38 -3.02 7.98 -6.86
C ASN A 38 -3.29 6.64 -7.53
N TYR A 39 -2.28 6.09 -8.21
CA TYR A 39 -2.37 4.82 -8.91
C TYR A 39 -1.24 3.97 -8.36
N ILE A 40 -1.58 2.85 -7.74
CA ILE A 40 -0.59 1.90 -7.26
C ILE A 40 -1.21 0.53 -7.53
N SER A 41 -0.67 -0.24 -8.47
CA SER A 41 -1.28 -1.51 -8.78
C SER A 41 -1.04 -2.45 -7.61
N ILE A 42 -2.05 -3.25 -7.26
CA ILE A 42 -1.88 -4.33 -6.30
C ILE A 42 -0.79 -5.31 -6.76
N ASP A 43 -0.37 -5.27 -8.01
CA ASP A 43 0.75 -6.06 -8.50
C ASP A 43 2.05 -5.61 -7.86
N VAL A 44 2.29 -4.30 -7.77
CA VAL A 44 3.48 -3.73 -7.20
C VAL A 44 3.52 -4.09 -5.72
N ILE A 45 2.43 -3.82 -5.01
CA ILE A 45 2.39 -4.02 -3.57
C ILE A 45 2.44 -5.51 -3.26
N ALA A 46 1.74 -6.35 -4.01
CA ALA A 46 1.83 -7.79 -3.83
C ALA A 46 3.23 -8.29 -4.17
N SER A 47 3.95 -7.58 -5.05
CA SER A 47 5.28 -7.98 -5.47
C SER A 47 6.37 -7.19 -4.72
N PHE A 48 6.03 -6.54 -3.60
CA PHE A 48 7.02 -5.81 -2.79
C PHE A 48 8.01 -6.74 -2.05
N ASN A 49 8.13 -8.02 -2.39
CA ASN A 49 8.86 -9.04 -1.66
C ASN A 49 8.40 -9.13 -0.20
N ARG A 50 8.91 -8.27 0.68
CA ARG A 50 8.58 -8.29 2.11
C ARG A 50 7.06 -8.29 2.31
N MET A 51 6.32 -7.56 1.48
CA MET A 51 4.85 -7.59 1.53
C MET A 51 4.36 -8.97 1.19
N LYS A 52 4.83 -9.56 0.08
CA LYS A 52 4.37 -10.87 -0.37
C LYS A 52 4.55 -11.90 0.74
N THR A 53 5.63 -11.78 1.52
CA THR A 53 5.91 -12.69 2.61
C THR A 53 5.05 -12.38 3.84
N ILE A 54 4.89 -11.11 4.21
CA ILE A 54 4.13 -10.75 5.40
C ILE A 54 2.66 -11.13 5.19
N SER A 55 2.18 -11.01 3.96
CA SER A 55 0.81 -11.33 3.60
C SER A 55 0.67 -12.82 3.40
N THR A 56 1.64 -13.42 2.71
CA THR A 56 1.61 -14.80 2.23
C THR A 56 0.47 -15.10 1.24
N ASP A 57 -0.54 -14.24 1.11
CA ASP A 57 -1.71 -14.46 0.29
C ASP A 57 -2.14 -13.10 -0.25
N LEU A 58 -2.59 -13.06 -1.50
CA LEU A 58 -3.13 -11.87 -2.14
C LEU A 58 -4.41 -11.42 -1.45
N GLN A 59 -5.13 -12.30 -0.80
CA GLN A 59 -6.39 -12.03 -0.14
C GLN A 59 -6.17 -11.04 0.99
N LEU A 60 -5.20 -11.29 1.87
CA LEU A 60 -4.89 -10.35 2.94
C LEU A 60 -4.36 -9.05 2.36
N ILE A 61 -3.68 -9.09 1.21
CA ILE A 61 -3.16 -7.86 0.61
C ILE A 61 -4.33 -7.04 0.06
N THR A 62 -5.33 -7.71 -0.52
CA THR A 62 -6.47 -7.04 -1.09
C THR A 62 -7.29 -6.44 0.04
N GLU A 63 -7.51 -7.20 1.11
CA GLU A 63 -8.31 -6.68 2.21
C GLU A 63 -7.57 -5.56 2.91
N ALA A 64 -6.25 -5.64 3.02
CA ALA A 64 -5.48 -4.57 3.66
C ALA A 64 -5.78 -3.25 2.96
N LEU A 65 -5.69 -3.25 1.63
CA LEU A 65 -6.00 -2.07 0.84
C LEU A 65 -7.46 -1.67 1.01
N LYS A 66 -8.38 -2.64 0.96
CA LYS A 66 -9.82 -2.39 1.11
C LYS A 66 -10.11 -1.70 2.44
N LYS A 67 -9.35 -2.04 3.47
CA LYS A 67 -9.53 -1.60 4.84
C LYS A 67 -8.41 -0.61 5.19
N SER A 68 -7.97 0.22 4.22
CA SER A 68 -6.84 1.10 4.43
C SER A 68 -7.10 2.15 5.52
N THR A 69 -6.04 2.85 5.92
CA THR A 69 -6.04 3.78 7.04
C THR A 69 -5.61 5.15 6.52
N ARG A 70 -4.34 5.39 6.20
CA ARG A 70 -3.96 6.69 5.62
C ARG A 70 -4.14 6.74 4.10
N LEU A 71 -4.65 5.67 3.46
CA LEU A 71 -4.81 5.58 2.01
C LEU A 71 -6.24 5.13 1.75
N GLN A 72 -6.71 5.15 0.49
CA GLN A 72 -7.98 4.56 0.09
C GLN A 72 -7.81 3.86 -1.25
N VAL A 73 -8.20 2.59 -1.33
CA VAL A 73 -8.21 1.84 -2.58
C VAL A 73 -9.57 2.02 -3.24
N SER A 74 -9.58 1.95 -4.56
CA SER A 74 -10.81 1.85 -5.33
C SER A 74 -11.41 0.47 -5.18
N GLU A 75 -12.66 0.34 -5.60
CA GLU A 75 -13.38 -0.92 -5.61
C GLU A 75 -12.69 -1.94 -6.52
N ASP A 76 -11.86 -1.46 -7.46
CA ASP A 76 -11.07 -2.33 -8.31
C ASP A 76 -10.04 -3.11 -7.51
N GLY A 77 -9.53 -2.51 -6.42
CA GLY A 77 -8.36 -3.03 -5.74
C GLY A 77 -7.06 -2.72 -6.48
N LYS A 78 -7.13 -2.29 -7.75
CA LYS A 78 -5.99 -2.13 -8.62
C LYS A 78 -5.44 -0.70 -8.58
N MET A 79 -6.06 0.21 -7.83
CA MET A 79 -5.40 1.48 -7.59
C MET A 79 -5.82 2.01 -6.24
N VAL A 80 -4.90 2.69 -5.56
CA VAL A 80 -5.09 3.27 -4.25
C VAL A 80 -4.41 4.63 -4.28
N ARG A 81 -4.99 5.58 -3.54
CA ARG A 81 -4.46 6.91 -3.44
C ARG A 81 -4.06 7.15 -2.00
N ARG A 82 -2.95 7.88 -1.82
CA ARG A 82 -2.45 8.22 -0.50
C ARG A 82 -3.10 9.52 -0.03
N LEU A 83 -2.64 10.04 1.11
CA LEU A 83 -3.18 11.26 1.69
C LEU A 83 -2.42 12.45 1.11
N ASP A 84 -3.16 13.50 0.76
CA ASP A 84 -2.62 14.74 0.20
C ASP A 84 -1.44 15.28 1.03
N PRO A 85 -1.60 15.52 2.34
CA PRO A 85 -0.50 15.99 3.16
C PRO A 85 0.53 14.88 3.37
N LEU A 86 1.81 15.26 3.37
CA LEU A 86 2.89 14.31 3.54
C LEU A 86 2.79 13.63 4.92
N PRO A 87 3.23 12.37 5.02
CA PRO A 87 3.15 11.61 6.26
C PRO A 87 4.10 12.15 7.31
N GLU A 88 3.82 11.84 8.57
CA GLU A 88 4.49 12.40 9.73
C GLU A 88 4.94 11.26 10.64
N ASN A 89 5.93 10.48 10.15
CA ASN A 89 6.44 9.26 10.81
C ASN A 89 5.32 8.31 11.19
N ILE A 90 4.39 8.04 10.27
CA ILE A 90 3.26 7.20 10.62
C ILE A 90 3.64 5.74 10.41
N ASP A 91 3.24 4.90 11.36
CA ASP A 91 3.27 3.44 11.30
C ASP A 91 2.17 2.97 12.25
N MET A 1 -5.96 -12.30 8.44
CA MET A 1 -5.91 -13.24 9.58
C MET A 1 -6.10 -12.43 10.85
N SER A 2 -7.37 -12.16 11.18
CA SER A 2 -7.75 -11.15 12.17
C SER A 2 -7.19 -9.76 11.84
N GLU A 3 -7.71 -8.76 12.54
CA GLU A 3 -7.26 -7.39 12.36
C GLU A 3 -5.86 -7.18 12.91
N GLU A 4 -5.33 -8.10 13.72
CA GLU A 4 -3.91 -8.09 14.03
C GLU A 4 -3.09 -8.15 12.74
N THR A 5 -3.30 -9.17 11.92
CA THR A 5 -2.49 -9.29 10.72
C THR A 5 -2.86 -8.20 9.73
N SER A 6 -4.16 -7.96 9.54
CA SER A 6 -4.61 -7.00 8.55
C SER A 6 -4.00 -5.62 8.86
N THR A 7 -4.03 -5.17 10.11
CA THR A 7 -3.43 -3.91 10.52
C THR A 7 -1.91 -3.96 10.49
N GLN A 8 -1.29 -5.10 10.81
CA GLN A 8 0.17 -5.22 10.75
C GLN A 8 0.67 -5.05 9.33
N ILE A 9 -0.14 -5.42 8.34
CA ILE A 9 0.24 -5.24 6.96
C ILE A 9 -0.16 -3.84 6.53
N LEU A 10 -1.26 -3.33 7.07
CA LEU A 10 -1.80 -2.04 6.67
C LEU A 10 -0.83 -0.92 7.00
N LYS A 11 -0.33 -0.90 8.23
CA LYS A 11 0.69 0.06 8.62
C LYS A 11 1.88 -0.04 7.67
N GLN A 12 2.20 -1.27 7.27
CA GLN A 12 3.27 -1.54 6.34
C GLN A 12 2.96 -1.03 4.94
N VAL A 13 1.69 -0.98 4.52
CA VAL A 13 1.33 -0.39 3.24
C VAL A 13 1.69 1.08 3.27
N GLU A 14 1.26 1.82 4.31
CA GLU A 14 1.56 3.25 4.37
C GLU A 14 3.05 3.47 4.53
N TYR A 15 3.77 2.59 5.21
CA TYR A 15 5.19 2.71 5.48
C TYR A 15 5.96 2.88 4.17
N TYR A 16 5.60 2.14 3.12
CA TYR A 16 6.25 2.24 1.81
C TYR A 16 6.12 3.61 1.14
N PHE A 17 5.25 4.46 1.65
CA PHE A 17 5.13 5.86 1.25
C PHE A 17 5.52 6.81 2.41
N SER A 18 5.62 6.27 3.63
CA SER A 18 5.83 7.04 4.85
C SER A 18 7.30 7.39 5.01
N ASP A 19 8.18 6.46 4.62
CA ASP A 19 9.61 6.57 4.82
C ASP A 19 10.24 7.48 3.74
N SER A 20 9.41 8.29 3.07
CA SER A 20 9.81 9.13 1.95
C SER A 20 10.60 8.31 0.93
N ASN A 21 10.30 7.02 0.81
CA ASN A 21 10.93 6.12 -0.15
C ASN A 21 10.11 6.07 -1.44
N PHE A 22 8.84 6.47 -1.44
CA PHE A 22 8.07 6.48 -2.67
C PHE A 22 8.76 7.33 -3.74
N PRO A 23 9.22 8.56 -3.46
CA PRO A 23 9.80 9.38 -4.51
C PRO A 23 11.16 8.88 -4.99
N ARG A 24 11.85 8.05 -4.22
CA ARG A 24 13.20 7.60 -4.57
C ARG A 24 13.15 6.26 -5.29
N ASP A 25 12.17 5.42 -4.93
CA ASP A 25 12.08 4.05 -5.40
C ASP A 25 11.43 4.08 -6.77
N LYS A 26 12.21 3.89 -7.83
CA LYS A 26 11.68 3.83 -9.20
C LYS A 26 10.53 2.83 -9.32
N PHE A 27 10.54 1.75 -8.53
CA PHE A 27 9.48 0.76 -8.48
C PHE A 27 8.16 1.44 -8.15
N LEU A 28 8.10 2.14 -7.02
CA LEU A 28 6.88 2.81 -6.60
C LEU A 28 6.54 3.87 -7.63
N ARG A 29 7.48 4.76 -7.94
CA ARG A 29 7.28 5.83 -8.91
C ARG A 29 6.75 5.32 -10.23
N SER A 30 7.09 4.11 -10.68
CA SER A 30 6.56 3.63 -11.95
C SER A 30 5.05 3.44 -11.88
N GLU A 31 4.54 2.89 -10.79
CA GLU A 31 3.10 2.74 -10.69
C GLU A 31 2.47 4.10 -10.38
N ALA A 32 3.02 4.81 -9.38
CA ALA A 32 2.52 6.09 -8.92
C ALA A 32 2.44 7.10 -10.08
N ALA A 33 3.38 7.03 -11.03
CA ALA A 33 3.46 7.90 -12.18
C ALA A 33 2.26 7.78 -13.13
N LYS A 34 1.34 6.83 -12.91
CA LYS A 34 0.13 6.77 -13.71
C LYS A 34 -0.85 7.82 -13.20
N ASN A 35 -0.77 8.22 -11.92
CA ASN A 35 -1.63 9.28 -11.41
C ASN A 35 -1.05 9.94 -10.17
N VAL A 36 0.17 10.48 -10.25
CA VAL A 36 0.87 11.15 -9.15
C VAL A 36 1.25 10.14 -8.06
N ASP A 37 0.28 9.69 -7.27
CA ASP A 37 0.40 8.55 -6.34
C ASP A 37 -0.99 8.02 -5.98
N ASN A 38 -1.91 8.10 -6.93
CA ASN A 38 -3.28 7.68 -6.73
C ASN A 38 -3.54 6.34 -7.42
N TYR A 39 -2.56 5.83 -8.16
CA TYR A 39 -2.64 4.62 -8.94
C TYR A 39 -1.45 3.79 -8.48
N ILE A 40 -1.72 2.67 -7.81
CA ILE A 40 -0.69 1.77 -7.33
C ILE A 40 -1.24 0.37 -7.54
N SER A 41 -0.74 -0.38 -8.53
CA SER A 41 -1.25 -1.70 -8.80
C SER A 41 -1.04 -2.61 -7.60
N ILE A 42 -2.04 -3.45 -7.35
CA ILE A 42 -1.93 -4.57 -6.45
C ILE A 42 -0.82 -5.53 -6.92
N ASP A 43 -0.36 -5.43 -8.17
CA ASP A 43 0.80 -6.19 -8.62
C ASP A 43 2.06 -5.71 -7.90
N VAL A 44 2.28 -4.40 -7.82
CA VAL A 44 3.45 -3.82 -7.20
C VAL A 44 3.40 -4.16 -5.71
N ILE A 45 2.26 -3.92 -5.07
CA ILE A 45 2.15 -4.10 -3.63
C ILE A 45 2.24 -5.58 -3.29
N ALA A 46 1.62 -6.46 -4.09
CA ALA A 46 1.75 -7.89 -3.87
C ALA A 46 3.20 -8.32 -4.12
N SER A 47 3.88 -7.67 -5.05
CA SER A 47 5.24 -8.02 -5.43
C SER A 47 6.26 -7.29 -4.55
N PHE A 48 5.84 -6.58 -3.50
CA PHE A 48 6.76 -5.81 -2.66
C PHE A 48 7.70 -6.68 -1.80
N ASN A 49 7.72 -8.00 -1.99
CA ASN A 49 8.46 -8.96 -1.18
C ASN A 49 7.87 -9.04 0.23
N ARG A 50 8.13 -8.06 1.08
CA ARG A 50 7.63 -7.97 2.45
C ARG A 50 6.12 -8.19 2.51
N MET A 51 5.39 -7.67 1.52
CA MET A 51 3.96 -7.86 1.48
C MET A 51 3.64 -9.30 1.09
N LYS A 52 4.32 -9.84 0.09
CA LYS A 52 4.10 -11.22 -0.32
C LYS A 52 4.30 -12.16 0.87
N THR A 53 5.25 -11.86 1.75
CA THR A 53 5.57 -12.69 2.89
C THR A 53 4.56 -12.48 4.02
N ILE A 54 4.36 -11.24 4.47
CA ILE A 54 3.51 -10.94 5.62
C ILE A 54 2.06 -11.29 5.28
N SER A 55 1.67 -11.04 4.03
CA SER A 55 0.33 -11.32 3.52
C SER A 55 0.21 -12.79 3.23
N THR A 56 1.27 -13.37 2.68
CA THR A 56 1.33 -14.77 2.28
C THR A 56 0.51 -15.04 1.00
N ASP A 57 -0.61 -14.33 0.78
CA ASP A 57 -1.51 -14.49 -0.33
C ASP A 57 -2.16 -13.14 -0.64
N LEU A 58 -2.59 -12.94 -1.88
CA LEU A 58 -3.20 -11.70 -2.37
C LEU A 58 -4.58 -11.44 -1.75
N GLN A 59 -5.17 -12.39 -1.06
CA GLN A 59 -6.42 -12.22 -0.35
C GLN A 59 -6.20 -11.26 0.81
N LEU A 60 -5.13 -11.47 1.58
CA LEU A 60 -4.84 -10.58 2.69
C LEU A 60 -4.42 -9.22 2.17
N ILE A 61 -3.76 -9.16 1.01
CA ILE A 61 -3.34 -7.88 0.44
C ILE A 61 -4.57 -7.10 -0.01
N THR A 62 -5.50 -7.77 -0.69
CA THR A 62 -6.62 -7.07 -1.28
C THR A 62 -7.57 -6.65 -0.16
N GLU A 63 -7.70 -7.48 0.87
CA GLU A 63 -8.47 -7.12 2.05
C GLU A 63 -7.84 -5.92 2.73
N ALA A 64 -6.52 -5.96 2.94
CA ALA A 64 -5.83 -4.90 3.65
C ALA A 64 -6.08 -3.57 2.96
N LEU A 65 -5.99 -3.55 1.63
CA LEU A 65 -6.22 -2.37 0.84
C LEU A 65 -7.68 -1.95 0.95
N LYS A 66 -8.61 -2.91 0.93
CA LYS A 66 -10.03 -2.63 1.05
C LYS A 66 -10.35 -1.98 2.40
N LYS A 67 -9.61 -2.34 3.45
CA LYS A 67 -9.70 -1.72 4.76
C LYS A 67 -8.51 -0.79 4.99
N SER A 68 -8.09 0.01 3.99
CA SER A 68 -6.98 0.91 4.20
C SER A 68 -7.26 1.95 5.30
N THR A 69 -6.20 2.57 5.82
CA THR A 69 -6.23 3.46 6.98
C THR A 69 -5.89 4.89 6.54
N ARG A 70 -4.67 5.10 6.05
CA ARG A 70 -4.21 6.40 5.58
C ARG A 70 -4.06 6.39 4.05
N LEU A 71 -4.62 5.37 3.39
CA LEU A 71 -4.75 5.32 1.96
C LEU A 71 -6.19 4.90 1.67
N GLN A 72 -6.60 4.91 0.42
CA GLN A 72 -7.95 4.51 0.03
C GLN A 72 -7.83 3.76 -1.29
N VAL A 73 -8.33 2.53 -1.35
CA VAL A 73 -8.27 1.72 -2.55
C VAL A 73 -9.55 1.98 -3.34
N SER A 74 -9.43 2.00 -4.66
CA SER A 74 -10.57 1.97 -5.55
C SER A 74 -11.32 0.66 -5.38
N GLU A 75 -12.57 0.61 -5.87
CA GLU A 75 -13.38 -0.59 -5.86
C GLU A 75 -12.77 -1.67 -6.76
N ASP A 76 -11.88 -1.31 -7.69
CA ASP A 76 -11.15 -2.30 -8.48
C ASP A 76 -10.21 -3.09 -7.58
N GLY A 77 -9.70 -2.49 -6.50
CA GLY A 77 -8.63 -3.07 -5.71
C GLY A 77 -7.27 -2.93 -6.39
N LYS A 78 -7.22 -2.43 -7.64
CA LYS A 78 -6.01 -2.38 -8.44
C LYS A 78 -5.39 -1.00 -8.40
N MET A 79 -5.96 -0.05 -7.64
CA MET A 79 -5.28 1.21 -7.39
C MET A 79 -5.61 1.68 -5.99
N VAL A 80 -4.69 2.41 -5.36
CA VAL A 80 -4.89 3.00 -4.04
C VAL A 80 -4.23 4.37 -4.04
N ARG A 81 -4.67 5.27 -3.16
CA ARG A 81 -4.09 6.61 -3.03
C ARG A 81 -3.71 6.85 -1.58
N ARG A 82 -2.53 7.43 -1.34
CA ARG A 82 -2.16 7.90 0.00
C ARG A 82 -2.86 9.21 0.35
N LEU A 83 -2.39 9.86 1.42
CA LEU A 83 -2.80 11.18 1.86
C LEU A 83 -1.93 12.23 1.18
N ASP A 84 -2.53 13.38 0.85
CA ASP A 84 -1.84 14.55 0.31
C ASP A 84 -0.72 15.02 1.23
N PRO A 85 -0.99 15.39 2.49
CA PRO A 85 0.04 15.85 3.40
C PRO A 85 0.97 14.71 3.79
N LEU A 86 2.17 15.05 4.27
CA LEU A 86 3.15 14.06 4.69
C LEU A 86 2.62 13.27 5.89
N PRO A 87 3.09 12.03 6.08
CA PRO A 87 2.68 11.22 7.22
C PRO A 87 3.44 11.70 8.46
N GLU A 88 2.71 11.95 9.55
CA GLU A 88 3.29 12.41 10.79
C GLU A 88 3.20 11.25 11.78
N ASN A 89 4.30 10.52 11.96
CA ASN A 89 4.38 9.33 12.83
C ASN A 89 3.24 8.35 12.58
N ILE A 90 3.01 7.98 11.33
CA ILE A 90 1.91 7.08 11.03
C ILE A 90 2.45 5.65 11.06
N ASP A 91 1.82 4.79 11.87
CA ASP A 91 2.03 3.35 11.90
C ASP A 91 0.73 2.74 12.44
N MET A 1 -6.95 -10.68 8.30
CA MET A 1 -8.35 -10.90 8.67
C MET A 1 -8.73 -10.08 9.90
N SER A 2 -8.15 -10.38 11.07
CA SER A 2 -8.43 -9.60 12.26
C SER A 2 -7.75 -8.24 12.14
N GLU A 3 -8.04 -7.35 13.08
CA GLU A 3 -7.54 -5.98 13.05
C GLU A 3 -6.04 -5.97 13.26
N GLU A 4 -5.48 -6.81 14.13
CA GLU A 4 -4.04 -6.89 14.30
C GLU A 4 -3.37 -7.30 12.99
N THR A 5 -3.85 -8.37 12.36
CA THR A 5 -3.27 -8.87 11.13
C THR A 5 -3.34 -7.80 10.05
N SER A 6 -4.55 -7.34 9.76
CA SER A 6 -4.82 -6.38 8.72
C SER A 6 -3.92 -5.16 8.96
N THR A 7 -3.87 -4.67 10.19
CA THR A 7 -3.09 -3.51 10.59
C THR A 7 -1.58 -3.73 10.52
N GLN A 8 -1.07 -4.95 10.67
CA GLN A 8 0.32 -5.19 10.35
C GLN A 8 0.57 -4.85 8.88
N ILE A 9 -0.31 -5.32 8.01
CA ILE A 9 -0.12 -5.14 6.58
C ILE A 9 -0.33 -3.67 6.26
N LEU A 10 -1.29 -3.04 6.94
CA LEU A 10 -1.72 -1.71 6.64
C LEU A 10 -0.64 -0.71 7.03
N LYS A 11 -0.09 -0.85 8.24
CA LYS A 11 1.02 0.01 8.65
C LYS A 11 2.24 -0.26 7.77
N GLN A 12 2.32 -1.42 7.13
CA GLN A 12 3.41 -1.68 6.20
C GLN A 12 3.14 -0.92 4.90
N VAL A 13 1.88 -0.90 4.45
CA VAL A 13 1.43 -0.27 3.23
C VAL A 13 1.66 1.24 3.30
N GLU A 14 1.28 1.87 4.41
CA GLU A 14 1.52 3.29 4.60
C GLU A 14 3.01 3.56 4.69
N TYR A 15 3.73 2.69 5.41
CA TYR A 15 5.12 2.87 5.76
C TYR A 15 5.95 3.06 4.50
N TYR A 16 5.70 2.26 3.45
CA TYR A 16 6.44 2.34 2.18
C TYR A 16 6.45 3.73 1.56
N PHE A 17 5.51 4.58 1.96
CA PHE A 17 5.34 5.91 1.47
C PHE A 17 5.81 6.92 2.50
N SER A 18 5.42 6.69 3.75
CA SER A 18 5.60 7.60 4.86
C SER A 18 7.07 7.69 5.26
N ASP A 19 7.87 6.64 5.01
CA ASP A 19 9.31 6.69 5.25
C ASP A 19 10.03 7.34 4.08
N SER A 20 9.27 7.92 3.15
CA SER A 20 9.76 8.52 1.92
C SER A 20 10.60 7.54 1.10
N ASN A 21 10.26 6.25 1.14
CA ASN A 21 10.79 5.31 0.16
C ASN A 21 10.08 5.49 -1.18
N PHE A 22 8.91 6.14 -1.26
CA PHE A 22 8.22 6.33 -2.52
C PHE A 22 9.09 7.03 -3.56
N PRO A 23 9.64 8.23 -3.29
CA PRO A 23 10.44 8.90 -4.29
C PRO A 23 11.76 8.16 -4.53
N ARG A 24 12.24 7.44 -3.52
CA ARG A 24 13.52 6.76 -3.55
C ARG A 24 13.45 5.46 -4.34
N ASP A 25 12.26 4.88 -4.48
CA ASP A 25 12.10 3.57 -5.05
C ASP A 25 11.39 3.70 -6.38
N LYS A 26 12.17 3.58 -7.46
CA LYS A 26 11.62 3.68 -8.81
C LYS A 26 10.49 2.69 -9.03
N PHE A 27 10.41 1.59 -8.26
CA PHE A 27 9.31 0.65 -8.34
C PHE A 27 8.00 1.36 -8.04
N LEU A 28 7.95 2.06 -6.90
CA LEU A 28 6.76 2.82 -6.50
C LEU A 28 6.47 3.85 -7.56
N ARG A 29 7.44 4.73 -7.83
CA ARG A 29 7.29 5.81 -8.80
C ARG A 29 6.81 5.31 -10.15
N SER A 30 7.19 4.10 -10.58
CA SER A 30 6.78 3.60 -11.87
C SER A 30 5.27 3.42 -11.93
N GLU A 31 4.66 2.89 -10.85
CA GLU A 31 3.21 2.75 -10.88
C GLU A 31 2.55 4.08 -10.58
N ALA A 32 3.08 4.85 -9.63
CA ALA A 32 2.52 6.14 -9.27
C ALA A 32 2.45 7.04 -10.51
N ALA A 33 3.43 6.92 -11.42
CA ALA A 33 3.53 7.67 -12.65
C ALA A 33 2.37 7.44 -13.64
N LYS A 34 1.42 6.55 -13.35
CA LYS A 34 0.23 6.41 -14.17
C LYS A 34 -0.79 7.50 -13.80
N ASN A 35 -0.73 8.03 -12.58
CA ASN A 35 -1.66 9.08 -12.16
C ASN A 35 -1.12 9.85 -10.97
N VAL A 36 0.10 10.38 -11.07
CA VAL A 36 0.80 11.07 -10.00
C VAL A 36 1.10 10.13 -8.82
N ASP A 37 0.08 9.76 -8.05
CA ASP A 37 0.13 8.79 -6.96
C ASP A 37 -1.30 8.37 -6.57
N ASN A 38 -2.22 8.31 -7.53
CA ASN A 38 -3.58 7.83 -7.26
C ASN A 38 -3.79 6.41 -7.78
N TYR A 39 -2.87 5.91 -8.59
CA TYR A 39 -2.98 4.62 -9.26
C TYR A 39 -1.75 3.85 -8.83
N ILE A 40 -1.93 2.76 -8.10
CA ILE A 40 -0.84 1.91 -7.66
C ILE A 40 -1.38 0.48 -7.74
N SER A 41 -0.88 -0.33 -8.68
CA SER A 41 -1.42 -1.64 -8.95
C SER A 41 -1.20 -2.56 -7.76
N ILE A 42 -2.24 -3.34 -7.43
CA ILE A 42 -2.10 -4.49 -6.55
C ILE A 42 -1.02 -5.45 -7.05
N ASP A 43 -0.63 -5.40 -8.33
CA ASP A 43 0.48 -6.22 -8.79
C ASP A 43 1.79 -5.73 -8.18
N VAL A 44 2.03 -4.42 -8.17
CA VAL A 44 3.24 -3.84 -7.62
C VAL A 44 3.24 -4.07 -6.11
N ILE A 45 2.12 -3.78 -5.45
CA ILE A 45 2.04 -3.86 -3.99
C ILE A 45 2.12 -5.33 -3.56
N ALA A 46 1.52 -6.25 -4.31
CA ALA A 46 1.67 -7.66 -4.02
C ALA A 46 3.10 -8.10 -4.29
N SER A 47 3.75 -7.48 -5.28
CA SER A 47 5.11 -7.82 -5.67
C SER A 47 6.14 -6.94 -4.93
N PHE A 48 5.73 -6.26 -3.85
CA PHE A 48 6.64 -5.43 -3.05
C PHE A 48 7.62 -6.25 -2.19
N ASN A 49 7.76 -7.56 -2.46
CA ASN A 49 8.50 -8.54 -1.69
C ASN A 49 8.06 -8.60 -0.23
N ARG A 50 8.48 -7.63 0.59
CA ARG A 50 8.14 -7.52 2.01
C ARG A 50 6.63 -7.61 2.24
N MET A 51 5.84 -7.01 1.35
CA MET A 51 4.39 -7.13 1.40
C MET A 51 3.95 -8.54 1.11
N LYS A 52 4.51 -9.18 0.08
CA LYS A 52 4.18 -10.53 -0.32
C LYS A 52 4.39 -11.45 0.86
N THR A 53 5.47 -11.27 1.62
CA THR A 53 5.78 -12.09 2.76
C THR A 53 4.80 -11.79 3.91
N ILE A 54 4.61 -10.51 4.25
CA ILE A 54 3.78 -10.11 5.38
C ILE A 54 2.35 -10.58 5.18
N SER A 55 1.87 -10.58 3.94
CA SER A 55 0.52 -11.02 3.63
C SER A 55 0.49 -12.52 3.42
N THR A 56 1.56 -13.05 2.80
CA THR A 56 1.67 -14.39 2.27
C THR A 56 0.73 -14.64 1.07
N ASP A 57 -0.46 -14.05 1.05
CA ASP A 57 -1.57 -14.35 0.18
C ASP A 57 -2.17 -13.02 -0.30
N LEU A 58 -2.59 -13.01 -1.56
CA LEU A 58 -3.28 -11.93 -2.24
C LEU A 58 -4.62 -11.59 -1.57
N GLN A 59 -5.17 -12.53 -0.81
CA GLN A 59 -6.36 -12.37 -0.01
C GLN A 59 -6.09 -11.32 1.07
N LEU A 60 -4.97 -11.45 1.78
CA LEU A 60 -4.60 -10.53 2.84
C LEU A 60 -4.12 -9.22 2.24
N ILE A 61 -3.48 -9.25 1.07
CA ILE A 61 -3.05 -8.00 0.44
C ILE A 61 -4.29 -7.21 0.02
N THR A 62 -5.27 -7.88 -0.57
CA THR A 62 -6.41 -7.17 -1.11
C THR A 62 -7.29 -6.70 0.05
N GLU A 63 -7.40 -7.51 1.10
CA GLU A 63 -8.07 -7.11 2.33
C GLU A 63 -7.43 -5.86 2.89
N ALA A 64 -6.10 -5.84 2.96
CA ALA A 64 -5.38 -4.72 3.55
C ALA A 64 -5.76 -3.41 2.84
N LEU A 65 -5.79 -3.44 1.51
CA LEU A 65 -6.10 -2.26 0.73
C LEU A 65 -7.57 -1.91 0.87
N LYS A 66 -8.44 -2.91 0.84
CA LYS A 66 -9.89 -2.70 0.95
C LYS A 66 -10.22 -2.07 2.29
N LYS A 67 -9.40 -2.31 3.30
CA LYS A 67 -9.53 -1.75 4.64
C LYS A 67 -8.40 -0.74 4.89
N SER A 68 -8.06 0.11 3.92
CA SER A 68 -6.95 1.05 4.09
C SER A 68 -7.23 2.10 5.17
N THR A 69 -6.15 2.82 5.52
CA THR A 69 -6.07 3.79 6.60
C THR A 69 -6.03 5.20 6.00
N ARG A 70 -4.84 5.78 5.85
CA ARG A 70 -4.67 7.10 5.24
C ARG A 70 -4.63 6.98 3.71
N LEU A 71 -5.12 5.87 3.17
CA LEU A 71 -5.27 5.68 1.76
C LEU A 71 -6.62 5.04 1.50
N GLN A 72 -7.08 5.10 0.25
CA GLN A 72 -8.35 4.53 -0.16
C GLN A 72 -8.10 3.81 -1.47
N VAL A 73 -8.50 2.54 -1.53
CA VAL A 73 -8.42 1.73 -2.73
C VAL A 73 -9.75 1.89 -3.47
N SER A 74 -9.69 1.89 -4.79
CA SER A 74 -10.86 1.70 -5.63
C SER A 74 -11.51 0.36 -5.32
N GLU A 75 -12.80 0.26 -5.64
CA GLU A 75 -13.54 -0.98 -5.57
C GLU A 75 -12.94 -2.04 -6.50
N ASP A 76 -12.16 -1.65 -7.51
CA ASP A 76 -11.51 -2.64 -8.38
C ASP A 76 -10.39 -3.36 -7.63
N GLY A 77 -9.84 -2.69 -6.61
CA GLY A 77 -8.66 -3.18 -5.88
C GLY A 77 -7.36 -2.93 -6.64
N LYS A 78 -7.40 -2.41 -7.87
CA LYS A 78 -6.21 -2.25 -8.69
C LYS A 78 -5.57 -0.88 -8.49
N MET A 79 -6.22 0.05 -7.79
CA MET A 79 -5.57 1.33 -7.56
C MET A 79 -5.87 1.81 -6.16
N VAL A 80 -4.95 2.53 -5.56
CA VAL A 80 -5.10 3.10 -4.25
C VAL A 80 -4.42 4.46 -4.26
N ARG A 81 -4.93 5.38 -3.45
CA ARG A 81 -4.41 6.73 -3.35
C ARG A 81 -4.13 7.03 -1.90
N ARG A 82 -3.16 7.88 -1.60
CA ARG A 82 -2.88 8.31 -0.22
C ARG A 82 -2.94 9.82 -0.18
N LEU A 83 -3.27 10.36 0.99
CA LEU A 83 -3.19 11.78 1.27
C LEU A 83 -2.34 11.88 2.53
N ASP A 84 -1.22 12.61 2.45
CA ASP A 84 -0.22 12.87 3.48
C ASP A 84 -0.22 11.79 4.58
N PRO A 85 0.21 10.56 4.26
CA PRO A 85 0.18 9.46 5.20
C PRO A 85 1.21 9.70 6.29
N LEU A 86 0.80 9.59 7.55
CA LEU A 86 1.60 9.94 8.72
C LEU A 86 2.11 8.64 9.33
N PRO A 87 3.39 8.52 9.66
CA PRO A 87 3.99 7.23 9.95
C PRO A 87 3.58 6.73 11.35
N GLU A 88 3.15 5.47 11.42
CA GLU A 88 2.70 4.80 12.63
C GLU A 88 1.48 5.52 13.25
N ASN A 89 0.97 5.01 14.37
CA ASN A 89 -0.24 5.52 15.03
C ASN A 89 -1.39 5.68 14.05
N ILE A 90 -1.50 4.75 13.10
CA ILE A 90 -2.38 4.94 11.96
C ILE A 90 -3.63 4.07 12.15
N ASP A 91 -4.77 4.61 11.76
CA ASP A 91 -6.10 4.05 11.93
C ASP A 91 -7.03 4.62 10.86
N MET A 1 -8.93 -8.71 16.37
CA MET A 1 -8.93 -10.12 15.92
C MET A 1 -8.30 -10.15 14.54
N SER A 2 -9.01 -10.52 13.48
CA SER A 2 -8.47 -10.52 12.13
C SER A 2 -7.91 -9.16 11.72
N GLU A 3 -8.50 -8.06 12.21
CA GLU A 3 -7.99 -6.73 11.93
C GLU A 3 -6.56 -6.55 12.40
N GLU A 4 -6.13 -7.19 13.49
CA GLU A 4 -4.71 -7.12 13.88
C GLU A 4 -3.85 -7.69 12.76
N THR A 5 -4.28 -8.79 12.14
CA THR A 5 -3.55 -9.39 11.04
C THR A 5 -3.53 -8.46 9.83
N SER A 6 -4.71 -8.09 9.34
CA SER A 6 -4.88 -7.28 8.15
C SER A 6 -4.10 -5.97 8.29
N THR A 7 -4.16 -5.36 9.47
CA THR A 7 -3.53 -4.10 9.80
C THR A 7 -2.04 -4.23 10.01
N GLN A 8 -1.49 -5.39 10.39
CA GLN A 8 -0.04 -5.57 10.30
C GLN A 8 0.42 -5.36 8.87
N ILE A 9 -0.31 -5.95 7.93
CA ILE A 9 0.09 -5.90 6.54
C ILE A 9 -0.14 -4.48 6.05
N LEU A 10 -1.25 -3.87 6.43
CA LEU A 10 -1.63 -2.58 5.90
C LEU A 10 -0.67 -1.51 6.38
N LYS A 11 -0.28 -1.55 7.64
CA LYS A 11 0.79 -0.69 8.12
C LYS A 11 2.03 -0.92 7.28
N GLN A 12 2.32 -2.17 6.97
CA GLN A 12 3.45 -2.51 6.12
C GLN A 12 3.34 -1.86 4.74
N VAL A 13 2.13 -1.67 4.21
CA VAL A 13 1.95 -1.08 2.90
C VAL A 13 2.16 0.42 3.03
N GLU A 14 1.47 1.05 3.98
CA GLU A 14 1.52 2.48 4.14
C GLU A 14 2.94 2.93 4.46
N TYR A 15 3.74 2.09 5.13
CA TYR A 15 5.10 2.40 5.52
C TYR A 15 5.89 2.80 4.28
N TYR A 16 5.80 2.04 3.19
CA TYR A 16 6.55 2.38 1.99
C TYR A 16 6.21 3.78 1.49
N PHE A 17 4.97 4.23 1.69
CA PHE A 17 4.56 5.58 1.38
C PHE A 17 4.97 6.57 2.46
N SER A 18 4.97 6.18 3.74
CA SER A 18 5.09 7.09 4.87
C SER A 18 6.53 7.27 5.32
N ASP A 19 7.46 6.46 4.81
CA ASP A 19 8.90 6.56 5.04
C ASP A 19 9.53 7.47 4.00
N SER A 20 8.69 8.22 3.26
CA SER A 20 9.06 8.93 2.05
C SER A 20 9.93 8.07 1.12
N ASN A 21 9.70 6.75 1.11
CA ASN A 21 10.46 5.88 0.23
C ASN A 21 9.77 5.71 -1.11
N PHE A 22 8.52 6.16 -1.28
CA PHE A 22 7.83 6.21 -2.56
C PHE A 22 8.62 7.03 -3.58
N PRO A 23 8.99 8.30 -3.30
CA PRO A 23 9.68 9.10 -4.29
C PRO A 23 11.12 8.62 -4.51
N ARG A 24 11.65 7.83 -3.58
CA ARG A 24 12.99 7.27 -3.66
C ARG A 24 13.01 6.10 -4.62
N ASP A 25 12.12 5.13 -4.38
CA ASP A 25 12.10 3.85 -5.07
C ASP A 25 11.42 4.05 -6.41
N LYS A 26 12.22 4.05 -7.46
CA LYS A 26 11.70 4.12 -8.83
C LYS A 26 10.69 3.00 -9.11
N PHE A 27 10.74 1.90 -8.37
CA PHE A 27 9.71 0.88 -8.37
C PHE A 27 8.35 1.48 -8.03
N LEU A 28 8.19 2.06 -6.84
CA LEU A 28 6.92 2.65 -6.46
C LEU A 28 6.57 3.73 -7.47
N ARG A 29 7.52 4.63 -7.70
CA ARG A 29 7.39 5.79 -8.56
C ARG A 29 6.93 5.41 -9.97
N SER A 30 7.28 4.23 -10.48
CA SER A 30 6.79 3.81 -11.78
C SER A 30 5.27 3.67 -11.76
N GLU A 31 4.74 3.02 -10.72
CA GLU A 31 3.30 2.82 -10.63
C GLU A 31 2.63 4.15 -10.35
N ALA A 32 3.15 4.89 -9.37
CA ALA A 32 2.61 6.18 -8.95
C ALA A 32 2.54 7.14 -10.15
N ALA A 33 3.55 7.10 -11.02
CA ALA A 33 3.65 7.93 -12.22
C ALA A 33 2.54 7.69 -13.23
N LYS A 34 1.61 6.77 -13.00
CA LYS A 34 0.44 6.64 -13.85
C LYS A 34 -0.58 7.71 -13.48
N ASN A 35 -0.64 8.13 -12.21
CA ASN A 35 -1.51 9.23 -11.83
C ASN A 35 -1.00 9.94 -10.58
N VAL A 36 0.20 10.53 -10.65
CA VAL A 36 0.88 11.20 -9.54
C VAL A 36 1.22 10.20 -8.44
N ASP A 37 0.22 9.75 -7.67
CA ASP A 37 0.34 8.75 -6.61
C ASP A 37 -1.05 8.21 -6.23
N ASN A 38 -1.96 8.20 -7.22
CA ASN A 38 -3.36 7.83 -7.03
C ASN A 38 -3.68 6.49 -7.70
N TYR A 39 -2.74 5.91 -8.44
CA TYR A 39 -2.96 4.71 -9.22
C TYR A 39 -1.76 3.82 -8.94
N ILE A 40 -1.98 2.72 -8.21
CA ILE A 40 -0.92 1.81 -7.78
C ILE A 40 -1.48 0.39 -7.91
N SER A 41 -1.07 -0.35 -8.94
CA SER A 41 -1.47 -1.73 -9.16
C SER A 41 -1.14 -2.58 -7.94
N ILE A 42 -2.09 -3.41 -7.51
CA ILE A 42 -1.82 -4.40 -6.49
C ILE A 42 -0.75 -5.39 -6.93
N ASP A 43 -0.35 -5.40 -8.20
CA ASP A 43 0.75 -6.23 -8.67
C ASP A 43 2.06 -5.73 -8.06
N VAL A 44 2.27 -4.42 -8.00
CA VAL A 44 3.46 -3.83 -7.40
C VAL A 44 3.49 -4.19 -5.93
N ILE A 45 2.35 -4.08 -5.25
CA ILE A 45 2.28 -4.34 -3.82
C ILE A 45 2.47 -5.84 -3.56
N ALA A 46 1.95 -6.68 -4.44
CA ALA A 46 2.16 -8.12 -4.38
C ALA A 46 3.59 -8.48 -4.79
N SER A 47 4.29 -7.57 -5.48
CA SER A 47 5.65 -7.76 -5.95
C SER A 47 6.65 -7.02 -5.06
N PHE A 48 6.19 -6.34 -4.00
CA PHE A 48 7.05 -5.65 -3.04
C PHE A 48 8.00 -6.59 -2.29
N ASN A 49 7.83 -7.91 -2.44
CA ASN A 49 8.46 -8.95 -1.65
C ASN A 49 7.94 -8.89 -0.22
N ARG A 50 8.38 -7.91 0.58
CA ARG A 50 8.02 -7.76 1.99
C ARG A 50 6.51 -7.81 2.22
N MET A 51 5.68 -7.26 1.32
CA MET A 51 4.23 -7.35 1.48
C MET A 51 3.78 -8.77 1.22
N LYS A 52 4.29 -9.40 0.17
CA LYS A 52 3.93 -10.76 -0.21
C LYS A 52 4.26 -11.73 0.91
N THR A 53 5.38 -11.52 1.61
CA THR A 53 5.82 -12.40 2.67
C THR A 53 5.00 -12.11 3.93
N ILE A 54 4.83 -10.84 4.30
CA ILE A 54 4.07 -10.49 5.50
C ILE A 54 2.60 -10.88 5.39
N SER A 55 2.05 -10.87 4.17
CA SER A 55 0.67 -11.30 3.95
C SER A 55 0.59 -12.81 3.79
N THR A 56 1.54 -13.36 3.05
CA THR A 56 1.52 -14.72 2.54
C THR A 56 0.29 -15.05 1.68
N ASP A 57 -0.66 -14.13 1.46
CA ASP A 57 -1.90 -14.44 0.77
C ASP A 57 -2.46 -13.16 0.15
N LEU A 58 -2.84 -13.24 -1.12
CA LEU A 58 -3.47 -12.14 -1.85
C LEU A 58 -4.81 -11.75 -1.23
N GLN A 59 -5.44 -12.65 -0.49
CA GLN A 59 -6.69 -12.42 0.18
C GLN A 59 -6.50 -11.40 1.29
N LEU A 60 -5.46 -11.60 2.10
CA LEU A 60 -5.15 -10.70 3.20
C LEU A 60 -4.49 -9.43 2.67
N ILE A 61 -3.80 -9.48 1.54
CA ILE A 61 -3.23 -8.28 0.93
C ILE A 61 -4.37 -7.40 0.40
N THR A 62 -5.37 -8.02 -0.23
CA THR A 62 -6.43 -7.23 -0.83
C THR A 62 -7.32 -6.67 0.27
N GLU A 63 -7.59 -7.44 1.34
CA GLU A 63 -8.31 -6.84 2.46
C GLU A 63 -7.46 -5.74 3.08
N ALA A 64 -6.15 -5.92 3.19
CA ALA A 64 -5.31 -4.91 3.82
C ALA A 64 -5.59 -3.55 3.17
N LEU A 65 -5.58 -3.50 1.83
CA LEU A 65 -5.92 -2.28 1.11
C LEU A 65 -7.32 -1.81 1.45
N LYS A 66 -8.28 -2.73 1.51
CA LYS A 66 -9.67 -2.43 1.86
C LYS A 66 -9.76 -1.76 3.24
N LYS A 67 -8.85 -2.10 4.15
CA LYS A 67 -8.76 -1.51 5.49
C LYS A 67 -7.58 -0.53 5.52
N SER A 68 -7.40 0.29 4.48
CA SER A 68 -6.32 1.25 4.45
C SER A 68 -6.38 2.22 5.63
N THR A 69 -5.23 2.80 5.96
CA THR A 69 -5.06 3.70 7.08
C THR A 69 -4.72 5.08 6.51
N ARG A 70 -3.54 5.24 5.91
CA ARG A 70 -3.14 6.52 5.33
C ARG A 70 -3.44 6.60 3.84
N LEU A 71 -3.96 5.52 3.23
CA LEU A 71 -4.23 5.47 1.81
C LEU A 71 -5.74 5.20 1.66
N GLN A 72 -6.25 5.15 0.44
CA GLN A 72 -7.61 4.78 0.13
C GLN A 72 -7.58 3.87 -1.07
N VAL A 73 -8.34 2.79 -1.07
CA VAL A 73 -8.44 1.89 -2.19
C VAL A 73 -9.60 2.34 -3.07
N SER A 74 -9.44 2.17 -4.38
CA SER A 74 -10.51 2.35 -5.34
C SER A 74 -11.46 1.16 -5.26
N GLU A 75 -12.68 1.29 -5.76
CA GLU A 75 -13.61 0.16 -5.81
C GLU A 75 -13.05 -0.98 -6.66
N ASP A 76 -12.12 -0.68 -7.56
CA ASP A 76 -11.50 -1.70 -8.40
C ASP A 76 -10.57 -2.60 -7.58
N GLY A 77 -9.96 -2.04 -6.51
CA GLY A 77 -8.91 -2.73 -5.77
C GLY A 77 -7.71 -3.07 -6.65
N LYS A 78 -7.52 -2.35 -7.76
CA LYS A 78 -6.32 -2.38 -8.58
C LYS A 78 -5.62 -1.03 -8.49
N MET A 79 -6.14 -0.07 -7.72
CA MET A 79 -5.44 1.16 -7.46
C MET A 79 -5.79 1.66 -6.07
N VAL A 80 -4.85 2.35 -5.44
CA VAL A 80 -5.01 3.05 -4.19
C VAL A 80 -4.39 4.43 -4.35
N ARG A 81 -4.71 5.35 -3.43
CA ARG A 81 -4.11 6.67 -3.40
C ARG A 81 -3.60 6.93 -2.00
N ARG A 82 -2.50 7.66 -1.85
CA ARG A 82 -2.15 8.17 -0.54
C ARG A 82 -3.12 9.24 -0.08
N LEU A 83 -2.80 9.87 1.06
CA LEU A 83 -3.44 11.08 1.52
C LEU A 83 -2.72 12.28 0.93
N ASP A 84 -3.42 13.40 0.82
CA ASP A 84 -2.89 14.68 0.34
C ASP A 84 -1.71 15.16 1.19
N PRO A 85 -1.90 15.45 2.48
CA PRO A 85 -0.83 15.96 3.33
C PRO A 85 0.24 14.90 3.49
N LEU A 86 1.50 15.33 3.52
CA LEU A 86 2.64 14.44 3.52
C LEU A 86 2.66 13.56 4.78
N PRO A 87 3.35 12.42 4.72
CA PRO A 87 3.53 11.55 5.86
C PRO A 87 4.52 12.12 6.88
N GLU A 88 4.25 11.81 8.15
CA GLU A 88 5.08 12.14 9.29
C GLU A 88 5.01 10.95 10.24
N ASN A 89 5.74 9.89 9.94
CA ASN A 89 5.86 8.69 10.78
C ASN A 89 4.50 8.17 11.26
N ILE A 90 3.56 7.94 10.35
CA ILE A 90 2.34 7.28 10.76
C ILE A 90 2.60 5.78 10.71
N ASP A 91 1.86 5.00 11.50
CA ASP A 91 1.98 3.56 11.60
C ASP A 91 0.72 3.05 12.29
#